data_7CAK
#
_entry.id   7CAK
#
loop_
_entity.id
_entity.type
_entity.pdbx_description
1 polymer 'Spike glycoprotein'
2 polymer 'Light chain of H014 Fab'
3 polymer 'Heavy chain of H014 Fab'
4 branched 2-acetamido-2-deoxy-beta-D-glucopyranose-(1-4)-2-acetamido-2-deoxy-beta-D-glucopyranose
5 non-polymer 2-acetamido-2-deoxy-beta-D-glucopyranose
#
loop_
_entity_poly.entity_id
_entity_poly.type
_entity_poly.pdbx_seq_one_letter_code
_entity_poly.pdbx_strand_id
1 'polypeptide(L)'
;MFVFLVLLPLVSSQCVNLTTRTQLPPAYTNSFTRGVYYPDKVFRSSVLHSTQDLFLPFFSNVTWFHAIHVSGTNGTKRFD
NPVLPFNDGVYFASTEKSNIIRGWIFGTTLDSKTQSLLIVNNATNVVIKVCEFQFCNDPFLGVYYHKNNKSWMESEFRVY
SSANNCTFEYVSQPFLMDLEGKQGNFKNLREFVFKNIDGYFKIYSKHTPINLVRDLPQGFSALEPLVDLPIGINITRFQT
LLALHRSYLTPGDSSSGWTAGAAAYYVGYLQPRTFLLKYNENGTITDAVDCALDPLSETKCTLKSFTVEKGIYQTSNFRV
QPTESIVRFPNITNLCPFGEVFNATRFASVYAWNRKRISNCVADYSVLYNSASFSTFKCYGVSPTKLNDLCFTNVYADSF
VIRGDEVRQIAPGQTGKIADYNYKLPDDFTGCVIAWNSNNLDSKVGGNYNYLYRLFRKSNLKPFERDISTEIYQAGSTPC
NGVEGFNCYFPLQSYGFQPTNGVGYQPYRVVVLSFELLHAPATVCGPKKSTNLVKNKCVNFNFNGLTGTGVLTESNKKFL
PFQQFGRDIADTTDAVRDPQTLEILDITPCSFGGVSVITPGTNTSNQVAVLYQDVNCTEVPVAIHADQLTPTWRVYSTGS
NVFQTRAGCLIGAEHVNNSYECDIPIGAGICASYQTQTNSPGSASSVASQSIIAYTMSLGAENSVAYSNNSIAIPTNFTI
SVTTEILPVSMTKTSVDCTMYICGDSTECSNLLLQYGSFCTQLNRALTGIAVEQDKNTQEVFAQVKQIYKTPPIKDFGGF
NFSQILPDPSKPSKRSFIEDLLFNKVTLADAGFIMQYGDCLGDMAYRDLICAQKFNGLTVLPPLLTDEMIAQYTSALLAG
TITSGWTFGAGAALQIPFAMQMAYRFNGIGVTQNVLYENQKLIANQFNSAIGKIQDSLSSTASALGKLQDVVNQNAQALN
TLVKQLSSNFGAISSVLNDILSRLDPPEAEVQIDRLITGRLQSLQTYVTQQLIRAAEIRASANLAATKMSECVLGQSKRV
DFCGKGYHLMSFPQSAPHGVVFLHVTYVPAQEKNFTTAPAICHDGKAHFPREGVFVSNGTHWFVTQRNFYEPQIITTDNT
FVSGNCDVVIGIVNNTVYDPLQPELDSFKEELDKYFKNHTSPDVDLGDISGINASVVNIQKEIDRLNEVAKNLNESLIDL
QELGKYEQ
;
A,B,C
2 'polypeptide(L)'
;IVLTQSPFQSVSPKEKVTITCRASQSISSNLHWYQQKPDQSPKLLIKYASQSISGIPSRFSGSGSGTDFTLTINSLEAED
FGIYFCQQTNFWPYIFGQGTKLEILKRTVAAPSVFIFPPSDEQLKSGTASVVCLLNNFYPREAKVQWKVDNALQSGNSES
VTEQDSKDSTYSLSSTLTLSKADYEKHKVYACEVTHQGLSSTKSFNRGEC
;
D,F,H
3 'polypeptide(L)'
;EVQLVQSGAEVKKPGATVKISCKVSGYSFSNYYIHWVKQAPGKSLEWIGYIDPFNGGTSDNLKFKGAATLTADTSTDTAY
MELSSLRSEDTAVYYCARSEYDPYYVMDYWGQGTTVTVSSASTKGPSVFPLAPSSKSTSGGTAALGCLVKDYFPEPVTVS
WNSGALTSGVHTFPAVLQSSGLYSLSSVVTVPSSSLGTQTYICNVNHKPSNTKVDKKVEPKSC
;
E,G,I
#
loop_
_chem_comp.id
_chem_comp.type
_chem_comp.name
_chem_comp.formula
NAG D-saccharide, beta linking 2-acetamido-2-deoxy-beta-D-glucopyranose 'C8 H15 N O6'
#
# COMPACT_ATOMS: atom_id res chain seq x y z
N PRO A 25 -21.24 -49.86 27.24
CA PRO A 25 -21.72 -48.50 26.95
C PRO A 25 -20.81 -47.44 27.54
N PRO A 26 -20.49 -46.40 26.77
CA PRO A 26 -19.60 -45.36 27.29
C PRO A 26 -20.29 -44.58 28.39
N ALA A 27 -19.62 -44.45 29.52
CA ALA A 27 -20.15 -43.69 30.63
C ALA A 27 -19.47 -42.35 30.62
N TYR A 28 -20.20 -41.30 30.23
CA TYR A 28 -19.50 -40.05 30.15
C TYR A 28 -19.24 -39.50 31.52
N THR A 29 -18.52 -38.39 31.56
CA THR A 29 -18.34 -37.61 32.77
C THR A 29 -17.67 -36.30 32.38
N ASN A 30 -17.46 -35.47 33.38
CA ASN A 30 -17.27 -34.05 33.16
C ASN A 30 -15.81 -33.70 33.26
N SER A 31 -15.22 -33.38 32.12
CA SER A 31 -13.80 -33.14 32.03
C SER A 31 -13.30 -32.15 33.05
N PHE A 32 -14.13 -31.24 33.51
CA PHE A 32 -13.64 -30.12 34.28
C PHE A 32 -12.51 -29.49 33.51
N THR A 33 -11.45 -29.09 34.21
CA THR A 33 -10.45 -28.22 33.62
C THR A 33 -9.26 -28.95 33.07
N ARG A 34 -9.26 -30.27 33.07
CA ARG A 34 -8.01 -30.95 32.75
C ARG A 34 -7.62 -30.72 31.31
N GLY A 35 -6.39 -31.04 31.01
CA GLY A 35 -5.98 -31.12 29.64
C GLY A 35 -5.28 -29.92 29.09
N VAL A 36 -4.69 -29.12 29.94
CA VAL A 36 -3.90 -27.98 29.53
C VAL A 36 -2.43 -28.36 29.52
N TYR A 37 -1.69 -27.84 28.56
CA TYR A 37 -0.33 -28.32 28.46
C TYR A 37 0.52 -27.25 27.82
N TYR A 38 1.78 -27.22 28.20
CA TYR A 38 2.59 -26.14 27.73
C TYR A 38 2.69 -26.21 26.23
N PRO A 39 2.07 -25.27 25.55
CA PRO A 39 1.91 -25.38 24.11
C PRO A 39 3.19 -25.31 23.35
N ASP A 40 4.26 -24.92 24.01
CA ASP A 40 5.54 -24.69 23.36
C ASP A 40 6.62 -24.92 24.40
N LYS A 41 7.86 -24.62 24.07
CA LYS A 41 8.88 -24.67 25.09
C LYS A 41 9.23 -23.32 25.66
N VAL A 42 8.56 -22.26 25.21
CA VAL A 42 8.87 -20.92 25.67
C VAL A 42 8.65 -20.81 27.16
N PHE A 43 9.38 -19.91 27.78
CA PHE A 43 9.17 -19.57 29.16
C PHE A 43 8.56 -18.20 29.21
N ARG A 44 7.76 -17.95 30.23
CA ARG A 44 7.18 -16.67 30.42
C ARG A 44 7.12 -16.42 31.91
N SER A 45 6.57 -15.29 32.32
CA SER A 45 6.26 -15.20 33.73
C SER A 45 5.14 -14.21 33.95
N SER A 46 4.26 -14.55 34.89
CA SER A 46 3.22 -13.65 35.35
C SER A 46 2.48 -13.01 34.19
N VAL A 47 2.39 -13.69 33.08
CA VAL A 47 1.90 -13.05 31.89
C VAL A 47 0.76 -13.84 31.31
N LEU A 48 -0.45 -13.31 31.42
CA LEU A 48 -1.60 -13.89 30.76
C LEU A 48 -1.24 -13.92 29.31
N HIS A 49 -1.23 -15.05 28.71
CA HIS A 49 -0.84 -15.11 27.34
C HIS A 49 -1.83 -15.90 26.55
N SER A 50 -2.57 -15.22 25.69
CA SER A 50 -3.48 -15.95 24.84
C SER A 50 -2.74 -16.95 24.01
N THR A 51 -3.43 -18.02 23.69
CA THR A 51 -2.91 -18.95 22.71
C THR A 51 -4.04 -19.68 22.04
N GLN A 52 -3.87 -19.95 20.79
CA GLN A 52 -4.90 -20.61 20.04
C GLN A 52 -4.36 -21.97 19.68
N ASP A 53 -4.79 -22.99 20.40
CA ASP A 53 -4.10 -24.23 20.19
C ASP A 53 -4.98 -25.39 20.58
N LEU A 54 -4.83 -26.49 19.85
CA LEU A 54 -5.70 -27.62 20.03
C LEU A 54 -5.67 -28.05 21.46
N PHE A 55 -6.82 -28.03 22.10
CA PHE A 55 -6.89 -28.38 23.50
C PHE A 55 -8.10 -29.23 23.71
N LEU A 56 -8.30 -29.56 24.97
CA LEU A 56 -9.52 -30.22 25.40
C LEU A 56 -10.38 -29.19 26.09
N PRO A 57 -11.49 -28.78 25.52
CA PRO A 57 -12.24 -27.66 26.09
C PRO A 57 -12.67 -27.95 27.51
N PHE A 58 -13.02 -26.91 28.22
CA PHE A 58 -13.41 -27.18 29.57
C PHE A 58 -14.81 -27.76 29.62
N PHE A 59 -15.02 -28.60 30.62
CA PHE A 59 -16.32 -29.12 30.95
C PHE A 59 -16.91 -29.90 29.82
N SER A 60 -16.08 -30.39 28.91
CA SER A 60 -16.58 -31.29 27.91
C SER A 60 -16.76 -32.69 28.47
N ASN A 61 -17.50 -33.50 27.74
CA ASN A 61 -17.64 -34.90 28.09
C ASN A 61 -16.44 -35.70 27.70
N VAL A 62 -16.08 -36.62 28.56
CA VAL A 62 -15.04 -37.58 28.28
C VAL A 62 -15.62 -38.97 28.28
N THR A 63 -15.14 -39.80 27.38
CA THR A 63 -15.71 -41.11 27.15
C THR A 63 -14.98 -42.07 28.06
N TRP A 64 -15.61 -42.43 29.14
CA TRP A 64 -14.88 -43.05 30.22
C TRP A 64 -15.05 -44.54 30.22
N PHE A 65 -13.98 -45.23 30.57
CA PHE A 65 -13.88 -46.66 30.42
C PHE A 65 -13.55 -47.28 31.76
N HIS A 66 -13.35 -48.59 31.76
CA HIS A 66 -12.98 -49.34 32.95
C HIS A 66 -11.91 -50.36 32.60
N ALA A 67 -11.52 -51.12 33.61
CA ALA A 67 -10.97 -52.46 33.40
C ALA A 67 -11.73 -53.41 34.30
N ILE A 68 -12.63 -54.20 33.70
CA ILE A 68 -13.39 -55.22 34.40
C ILE A 68 -13.90 -56.19 33.34
N HIS A 69 -14.26 -57.40 33.81
CA HIS A 69 -15.14 -58.36 33.13
C HIS A 69 -15.32 -58.18 31.62
N ASP A 80 -11.69 -54.26 28.32
CA ASP A 80 -12.24 -52.93 28.15
C ASP A 80 -11.24 -52.00 27.49
N ASN A 81 -10.87 -52.27 26.24
CA ASN A 81 -9.97 -51.39 25.54
C ASN A 81 -10.31 -51.28 24.06
N PRO A 82 -11.48 -50.80 23.72
CA PRO A 82 -11.87 -50.79 22.30
C PRO A 82 -10.98 -49.90 21.48
N VAL A 83 -11.10 -50.05 20.19
CA VAL A 83 -10.42 -49.18 19.25
C VAL A 83 -11.20 -47.90 19.09
N LEU A 84 -10.51 -46.78 19.26
CA LEU A 84 -11.14 -45.46 19.31
C LEU A 84 -10.62 -44.60 18.18
N PRO A 85 -11.33 -43.55 17.84
CA PRO A 85 -10.83 -42.63 16.83
C PRO A 85 -9.72 -41.80 17.43
N PHE A 86 -8.70 -41.53 16.64
CA PHE A 86 -7.67 -40.62 17.10
C PHE A 86 -8.09 -39.17 16.96
N ASN A 87 -8.97 -38.89 16.00
CA ASN A 87 -9.42 -37.54 15.74
C ASN A 87 -8.19 -36.68 15.48
N ASP A 88 -8.15 -35.45 15.99
CA ASP A 88 -6.99 -34.59 15.80
C ASP A 88 -5.92 -34.90 16.82
N GLY A 89 -6.36 -35.14 18.03
CA GLY A 89 -5.48 -35.54 19.10
C GLY A 89 -6.34 -36.26 20.10
N VAL A 90 -5.76 -36.56 21.24
CA VAL A 90 -6.51 -37.30 22.22
C VAL A 90 -6.02 -36.89 23.58
N TYR A 91 -6.92 -36.78 24.50
CA TYR A 91 -6.50 -36.70 25.88
C TYR A 91 -6.26 -38.12 26.34
N PHE A 92 -6.11 -38.33 27.64
CA PHE A 92 -6.08 -39.68 28.18
C PHE A 92 -5.80 -39.54 29.65
N ALA A 93 -6.13 -40.56 30.40
CA ALA A 93 -5.69 -40.60 31.78
C ALA A 93 -5.78 -42.03 32.26
N SER A 94 -5.49 -42.24 33.53
CA SER A 94 -6.00 -43.41 34.21
C SER A 94 -5.85 -43.18 35.69
N THR A 95 -6.64 -43.87 36.47
CA THR A 95 -6.49 -43.83 37.91
C THR A 95 -5.76 -45.09 38.29
N GLU A 96 -4.49 -44.96 38.59
CA GLU A 96 -3.68 -46.12 38.86
C GLU A 96 -3.21 -46.08 40.30
N LYS A 97 -3.78 -46.95 41.10
CA LYS A 97 -3.05 -47.56 42.20
C LYS A 97 -2.22 -48.74 41.71
N SER A 98 -2.69 -49.40 40.65
CA SER A 98 -2.12 -50.67 40.18
C SER A 98 -1.22 -50.57 38.97
N ASN A 99 -1.06 -49.40 38.36
CA ASN A 99 -0.09 -49.23 37.28
C ASN A 99 -0.38 -50.15 36.09
N ILE A 100 -1.63 -50.49 35.84
CA ILE A 100 -1.92 -51.53 34.87
C ILE A 100 -1.85 -51.04 33.43
N ILE A 101 -2.19 -49.79 33.14
CA ILE A 101 -2.44 -49.42 31.76
C ILE A 101 -1.11 -48.98 31.17
N ARG A 102 -0.48 -49.89 30.48
CA ARG A 102 0.89 -49.72 30.09
C ARG A 102 1.10 -49.49 28.61
N GLY A 103 0.05 -49.43 27.82
CA GLY A 103 0.30 -49.57 26.41
C GLY A 103 -0.59 -48.72 25.56
N TRP A 104 -0.10 -48.46 24.37
CA TRP A 104 -0.73 -47.57 23.43
C TRP A 104 -0.39 -48.07 22.05
N ILE A 105 -1.36 -48.10 21.15
CA ILE A 105 -1.08 -48.51 19.79
C ILE A 105 -1.80 -47.58 18.87
N PHE A 106 -1.07 -46.85 18.06
CA PHE A 106 -1.72 -45.80 17.31
C PHE A 106 -1.55 -46.07 15.84
N GLY A 107 -2.36 -45.43 15.04
CA GLY A 107 -2.18 -45.51 13.60
C GLY A 107 -3.52 -45.34 12.92
N THR A 108 -3.56 -45.85 11.69
CA THR A 108 -4.79 -45.82 10.94
C THR A 108 -5.29 -47.22 10.64
N THR A 109 -4.68 -47.87 9.66
CA THR A 109 -5.00 -49.25 9.36
C THR A 109 -4.67 -50.15 10.55
N LEU A 110 -3.49 -49.95 11.14
CA LEU A 110 -2.94 -50.88 12.12
C LEU A 110 -2.69 -52.23 11.45
N ASP A 111 -2.35 -52.17 10.17
CA ASP A 111 -2.19 -53.35 9.31
C ASP A 111 -0.78 -53.91 9.35
N SER A 112 0.07 -53.41 10.23
CA SER A 112 1.43 -53.86 10.40
C SER A 112 2.26 -53.32 9.25
N LYS A 113 1.58 -52.88 8.19
CA LYS A 113 2.25 -52.37 7.01
C LYS A 113 2.73 -50.95 7.23
N THR A 114 1.86 -50.09 7.77
CA THR A 114 2.32 -48.80 8.26
C THR A 114 3.01 -48.97 9.59
N GLN A 115 3.57 -47.88 10.06
CA GLN A 115 4.13 -47.88 11.39
C GLN A 115 3.02 -47.70 12.41
N SER A 116 3.29 -48.17 13.61
CA SER A 116 2.44 -47.86 14.73
C SER A 116 3.30 -47.63 15.94
N LEU A 117 3.00 -46.58 16.67
CA LEU A 117 3.66 -46.42 17.94
C LEU A 117 3.34 -47.62 18.82
N LEU A 118 4.22 -47.84 19.78
CA LEU A 118 3.96 -48.77 20.85
C LEU A 118 4.66 -48.21 22.07
N ILE A 119 4.04 -48.36 23.22
CA ILE A 119 4.62 -47.84 24.45
C ILE A 119 4.38 -48.85 25.55
N VAL A 120 5.41 -49.15 26.32
CA VAL A 120 5.29 -50.10 27.41
C VAL A 120 6.11 -49.62 28.60
N ASN A 121 5.47 -49.55 29.76
CA ASN A 121 6.07 -49.02 30.98
C ASN A 121 6.14 -50.19 31.95
N ASN A 122 7.33 -50.79 32.11
CA ASN A 122 7.46 -52.06 32.82
C ASN A 122 8.73 -52.10 33.66
N ALA A 123 8.58 -52.48 34.94
CA ALA A 123 9.64 -52.49 35.93
C ALA A 123 10.45 -51.20 35.87
N THR A 124 9.73 -50.07 35.88
CA THR A 124 10.24 -48.71 35.79
C THR A 124 10.95 -48.43 34.47
N ASN A 125 11.18 -49.44 33.64
CA ASN A 125 11.89 -49.25 32.39
C ASN A 125 10.87 -49.05 31.28
N VAL A 126 10.77 -47.84 30.79
CA VAL A 126 9.89 -47.50 29.69
C VAL A 126 10.47 -48.14 28.44
N VAL A 127 9.62 -48.71 27.61
CA VAL A 127 10.08 -49.41 26.41
C VAL A 127 9.17 -49.01 25.26
N ILE A 128 9.74 -48.39 24.24
CA ILE A 128 8.99 -47.63 23.26
C ILE A 128 9.43 -48.05 21.87
N LYS A 129 8.48 -48.11 20.94
CA LYS A 129 8.78 -48.51 19.60
C LYS A 129 7.79 -47.89 18.64
N VAL A 130 8.25 -47.54 17.44
CA VAL A 130 7.35 -47.33 16.31
C VAL A 130 7.29 -48.55 15.42
N CYS A 131 7.92 -49.64 15.83
CA CYS A 131 8.07 -50.81 15.00
C CYS A 131 6.72 -51.28 14.47
N GLU A 132 6.75 -51.87 13.28
CA GLU A 132 5.54 -52.32 12.63
C GLU A 132 5.31 -53.79 12.93
N PHE A 133 4.08 -54.14 13.32
CA PHE A 133 3.73 -55.51 13.65
C PHE A 133 2.22 -55.64 13.58
N GLN A 134 1.74 -56.87 13.49
CA GLN A 134 0.31 -57.07 13.33
C GLN A 134 -0.30 -57.58 14.62
N PHE A 135 -1.56 -57.23 14.84
CA PHE A 135 -2.15 -57.10 16.16
C PHE A 135 -3.19 -58.15 16.46
N CYS A 136 -3.37 -58.41 17.75
CA CYS A 136 -4.32 -59.39 18.24
C CYS A 136 -5.75 -58.88 18.15
N ASN A 137 -6.69 -59.83 18.22
CA ASN A 137 -8.07 -59.49 18.57
C ASN A 137 -8.07 -58.65 19.83
N ASP A 138 -7.44 -59.15 20.89
CA ASP A 138 -7.18 -58.37 22.10
C ASP A 138 -5.69 -58.42 22.38
N PRO A 139 -4.94 -57.48 21.83
CA PRO A 139 -3.56 -57.29 22.26
C PRO A 139 -3.51 -56.88 23.72
N PHE A 140 -2.53 -57.39 24.46
CA PHE A 140 -2.43 -57.02 25.86
C PHE A 140 -1.16 -57.58 26.48
N LEU A 141 -1.04 -57.37 27.79
CA LEU A 141 -0.03 -57.96 28.65
C LEU A 141 -0.71 -58.90 29.65
N GLY A 142 0.00 -59.93 30.06
CA GLY A 142 -0.57 -60.90 30.96
C GLY A 142 -0.24 -60.68 32.42
N VAL A 143 -1.13 -61.19 33.27
CA VAL A 143 -0.93 -61.25 34.71
C VAL A 143 -1.23 -62.67 35.15
N TYR A 144 -0.21 -63.39 35.62
CA TYR A 144 -0.42 -64.61 36.39
C TYR A 144 -0.38 -64.23 37.86
N TYR A 145 -1.54 -64.29 38.50
CA TYR A 145 -1.76 -63.57 39.74
C TYR A 145 -0.89 -64.13 40.87
N HIS A 146 -0.13 -63.23 41.49
CA HIS A 146 0.46 -63.40 42.81
C HIS A 146 1.37 -64.61 43.00
N LYS A 147 2.59 -64.51 42.49
CA LYS A 147 3.69 -65.38 42.90
C LYS A 147 4.93 -64.52 43.01
N ASN A 148 6.11 -65.16 43.09
CA ASN A 148 7.35 -64.42 43.30
C ASN A 148 7.48 -63.24 42.34
N ASN A 149 7.16 -63.45 41.06
CA ASN A 149 6.96 -62.37 40.11
C ASN A 149 5.48 -62.01 40.16
N LYS A 150 5.17 -60.86 40.72
CA LYS A 150 3.77 -60.48 40.80
C LYS A 150 3.25 -60.27 39.39
N SER A 151 2.11 -60.90 39.11
CA SER A 151 1.48 -60.93 37.79
C SER A 151 2.29 -61.75 36.79
N TRP A 152 3.55 -62.01 37.10
CA TRP A 152 4.44 -62.69 36.15
C TRP A 152 4.32 -62.07 34.77
N MET A 153 4.28 -62.95 33.77
CA MET A 153 3.70 -62.71 32.46
C MET A 153 4.11 -61.35 31.93
N GLU A 154 5.31 -60.91 32.27
CA GLU A 154 5.97 -59.93 31.45
C GLU A 154 6.05 -60.43 30.03
N SER A 155 6.49 -61.66 29.86
CA SER A 155 6.69 -62.25 28.55
C SER A 155 5.39 -62.73 27.94
N GLU A 156 4.27 -62.40 28.59
CA GLU A 156 2.98 -62.57 27.93
C GLU A 156 3.06 -62.10 26.49
N PHE A 157 3.23 -60.79 26.30
CA PHE A 157 3.63 -60.22 25.02
C PHE A 157 2.80 -60.72 23.86
N ARG A 158 1.55 -61.08 24.12
CA ARG A 158 0.65 -61.32 23.00
C ARG A 158 -0.11 -60.00 22.92
N VAL A 159 0.49 -59.09 22.17
CA VAL A 159 -0.11 -57.86 21.73
C VAL A 159 -0.36 -57.88 20.24
N TYR A 160 0.10 -58.92 19.58
CA TYR A 160 0.41 -58.74 18.18
C TYR A 160 1.05 -59.99 17.63
N SER A 161 1.09 -60.12 16.32
CA SER A 161 1.86 -61.19 15.71
C SER A 161 3.34 -61.09 16.03
N SER A 162 4.04 -60.26 15.25
CA SER A 162 5.49 -60.14 15.33
C SER A 162 5.88 -58.86 14.61
N ALA A 163 7.06 -58.35 14.91
CA ALA A 163 7.41 -57.08 14.28
C ALA A 163 7.76 -57.27 12.81
N ASN A 164 7.88 -56.15 12.11
CA ASN A 164 8.16 -56.15 10.68
C ASN A 164 9.23 -55.14 10.34
N ASN A 165 8.91 -53.86 10.45
CA ASN A 165 9.82 -52.78 10.11
C ASN A 165 9.81 -51.77 11.25
N CYS A 166 10.97 -51.20 11.55
CA CYS A 166 11.14 -50.32 12.70
C CYS A 166 11.75 -49.00 12.26
N THR A 167 11.01 -47.92 12.39
CA THR A 167 11.57 -46.61 12.09
C THR A 167 12.01 -45.82 13.32
N PHE A 168 11.93 -46.38 14.52
CA PHE A 168 12.42 -45.67 15.68
C PHE A 168 12.65 -46.66 16.81
N GLU A 169 13.42 -46.21 17.79
CA GLU A 169 13.47 -46.87 19.08
C GLU A 169 13.85 -45.86 20.16
N TYR A 170 13.32 -46.10 21.35
CA TYR A 170 13.86 -45.51 22.56
C TYR A 170 13.52 -46.43 23.71
N VAL A 171 14.30 -46.39 24.77
CA VAL A 171 14.04 -47.20 25.95
C VAL A 171 14.32 -46.37 27.20
N SER A 172 13.56 -46.65 28.24
CA SER A 172 13.95 -46.24 29.57
C SER A 172 13.90 -47.48 30.43
N PHE A 186 -8.12 -45.01 44.65
CA PHE A 186 -7.33 -44.47 43.55
C PHE A 186 -6.43 -43.32 43.97
N LYS A 187 -5.15 -43.62 44.10
CA LYS A 187 -4.20 -42.60 44.52
C LYS A 187 -3.70 -41.75 43.36
N ASN A 188 -3.39 -42.35 42.24
CA ASN A 188 -2.54 -41.68 41.27
C ASN A 188 -3.16 -41.60 39.90
N LEU A 189 -2.61 -40.69 39.10
CA LEU A 189 -3.22 -40.29 37.86
C LEU A 189 -2.16 -39.96 36.84
N ARG A 190 -2.33 -40.44 35.62
CA ARG A 190 -1.34 -40.23 34.59
C ARG A 190 -2.03 -39.65 33.37
N GLU A 191 -1.77 -38.39 33.07
CA GLU A 191 -2.50 -37.66 32.03
C GLU A 191 -1.60 -37.51 30.83
N PHE A 192 -1.97 -38.07 29.69
CA PHE A 192 -1.03 -38.10 28.58
C PHE A 192 -1.69 -37.58 27.33
N VAL A 193 -1.31 -36.45 26.91
CA VAL A 193 -1.91 -35.88 25.72
C VAL A 193 -1.14 -36.31 24.51
N PHE A 194 -1.81 -36.66 23.45
CA PHE A 194 -1.12 -37.16 22.28
C PHE A 194 -1.57 -36.36 21.09
N LYS A 195 -0.66 -35.82 20.31
CA LYS A 195 -1.15 -35.19 19.11
C LYS A 195 -0.13 -35.25 18.01
N ASN A 196 -0.61 -35.37 16.79
CA ASN A 196 0.23 -35.49 15.62
C ASN A 196 0.15 -34.22 14.82
N ILE A 197 1.28 -33.57 14.66
CA ILE A 197 1.42 -32.43 13.76
C ILE A 197 2.80 -32.52 13.14
N ASP A 198 2.85 -32.36 11.83
CA ASP A 198 4.09 -32.16 11.10
C ASP A 198 5.16 -33.16 11.54
N GLY A 199 4.90 -34.42 11.19
CA GLY A 199 5.85 -35.48 11.47
C GLY A 199 5.98 -35.72 12.95
N TYR A 200 5.28 -34.95 13.75
CA TYR A 200 5.42 -35.06 15.18
C TYR A 200 4.13 -35.52 15.81
N PHE A 201 4.13 -36.77 16.17
CA PHE A 201 3.44 -37.19 17.36
C PHE A 201 4.07 -36.46 18.53
N LYS A 202 3.29 -36.25 19.58
CA LYS A 202 3.81 -35.47 20.70
C LYS A 202 3.16 -35.98 21.96
N ILE A 203 3.86 -35.91 23.06
CA ILE A 203 3.30 -36.40 24.31
C ILE A 203 3.45 -35.33 25.35
N TYR A 204 2.59 -35.36 26.35
CA TYR A 204 2.77 -34.54 27.53
C TYR A 204 2.39 -35.41 28.69
N SER A 205 2.68 -34.98 29.91
CA SER A 205 2.32 -35.87 30.98
C SER A 205 2.27 -35.15 32.30
N LYS A 206 1.60 -35.77 33.25
CA LYS A 206 1.70 -35.43 34.64
C LYS A 206 1.46 -36.69 35.42
N HIS A 207 2.14 -36.83 36.52
CA HIS A 207 1.87 -37.94 37.42
C HIS A 207 1.46 -37.30 38.73
N THR A 208 0.20 -37.45 39.09
CA THR A 208 -0.20 -36.75 40.29
C THR A 208 -0.90 -37.67 41.27
N PRO A 209 -0.67 -37.44 42.56
CA PRO A 209 -1.45 -38.12 43.58
C PRO A 209 -2.83 -37.51 43.71
N ILE A 210 -3.82 -38.37 43.90
CA ILE A 210 -5.19 -37.95 44.14
C ILE A 210 -5.76 -38.92 45.17
N ASN A 211 -6.91 -38.60 45.73
CA ASN A 211 -7.81 -39.66 46.16
C ASN A 211 -9.23 -39.34 45.72
N LEU A 212 -9.65 -40.00 44.66
CA LEU A 212 -11.05 -40.16 44.28
C LEU A 212 -11.14 -41.45 43.50
N VAL A 213 -12.15 -42.26 43.81
CA VAL A 213 -12.29 -43.50 43.07
C VAL A 213 -13.03 -43.29 41.76
N ARG A 214 -13.92 -42.31 41.72
CA ARG A 214 -14.90 -42.25 40.65
C ARG A 214 -14.39 -41.55 39.40
N ASP A 215 -13.72 -40.42 39.55
CA ASP A 215 -13.71 -39.49 38.44
C ASP A 215 -12.46 -38.62 38.46
N LEU A 216 -12.31 -37.80 37.43
CA LEU A 216 -11.21 -36.89 37.27
C LEU A 216 -11.27 -35.83 38.35
N PRO A 217 -10.31 -35.76 39.25
CA PRO A 217 -10.38 -34.76 40.30
C PRO A 217 -10.51 -33.39 39.70
N GLN A 218 -11.16 -32.52 40.43
CA GLN A 218 -11.39 -31.16 39.98
C GLN A 218 -10.28 -30.31 40.57
N GLY A 219 -9.39 -29.85 39.71
CA GLY A 219 -8.26 -29.05 40.10
C GLY A 219 -7.39 -28.89 38.88
N PHE A 220 -6.51 -27.89 38.87
CA PHE A 220 -5.82 -27.57 37.65
C PHE A 220 -4.34 -27.84 37.76
N SER A 221 -3.82 -28.60 36.81
CA SER A 221 -2.40 -28.66 36.56
C SER A 221 -2.19 -29.06 35.12
N ALA A 222 -1.07 -28.64 34.55
CA ALA A 222 -0.94 -28.67 33.12
C ALA A 222 0.30 -29.44 32.75
N LEU A 223 0.39 -29.75 31.49
CA LEU A 223 1.18 -30.89 31.06
C LEU A 223 2.39 -30.50 30.25
N GLU A 224 3.56 -30.56 30.83
CA GLU A 224 4.78 -30.38 30.07
C GLU A 224 4.92 -31.47 29.05
N PRO A 225 5.69 -31.24 28.01
CA PRO A 225 6.02 -32.34 27.13
C PRO A 225 7.02 -33.23 27.80
N LEU A 226 6.89 -34.51 27.51
CA LEU A 226 8.01 -35.42 27.63
C LEU A 226 8.76 -35.44 26.33
N VAL A 227 8.07 -35.77 25.26
CA VAL A 227 8.71 -36.29 24.07
C VAL A 227 8.31 -35.45 22.87
N ASP A 228 9.04 -35.64 21.79
CA ASP A 228 8.53 -35.48 20.44
C ASP A 228 9.12 -36.59 19.59
N LEU A 229 8.30 -37.20 18.76
CA LEU A 229 8.77 -38.25 17.90
C LEU A 229 8.59 -37.84 16.44
N PRO A 230 9.61 -37.71 15.74
CA PRO A 230 9.54 -37.23 14.35
C PRO A 230 9.17 -38.31 13.35
N ILE A 231 8.10 -39.03 13.65
CA ILE A 231 7.89 -40.31 12.98
C ILE A 231 7.34 -40.13 11.57
N GLY A 232 6.28 -39.36 11.41
CA GLY A 232 5.68 -39.20 10.10
C GLY A 232 4.54 -40.15 9.80
N ILE A 233 4.09 -40.95 10.77
CA ILE A 233 2.91 -41.76 10.55
C ILE A 233 1.72 -40.84 10.34
N ASN A 234 0.69 -41.35 9.70
CA ASN A 234 -0.64 -40.80 9.93
C ASN A 234 -1.39 -41.71 10.88
N ILE A 235 -2.11 -41.13 11.81
CA ILE A 235 -2.81 -41.88 12.84
C ILE A 235 -4.25 -41.43 12.87
N THR A 236 -5.16 -42.31 12.50
CA THR A 236 -6.57 -42.01 12.68
C THR A 236 -7.21 -42.75 13.84
N ARG A 237 -6.50 -43.66 14.48
CA ARG A 237 -7.12 -44.48 15.51
C ARG A 237 -6.05 -44.92 16.48
N PHE A 238 -6.49 -45.42 17.61
CA PHE A 238 -5.52 -45.95 18.53
C PHE A 238 -6.19 -46.87 19.53
N GLN A 239 -5.38 -47.65 20.22
CA GLN A 239 -5.90 -48.51 21.26
C GLN A 239 -4.94 -48.59 22.41
N THR A 240 -5.45 -48.48 23.62
CA THR A 240 -4.61 -48.76 24.77
C THR A 240 -4.36 -50.25 24.89
N LEU A 241 -3.58 -50.62 25.90
CA LEU A 241 -3.12 -51.99 26.07
C LEU A 241 -2.98 -52.27 27.54
N LEU A 242 -3.17 -53.51 27.93
CA LEU A 242 -3.30 -53.77 29.36
C LEU A 242 -2.64 -55.08 29.77
N ALA A 243 -2.38 -55.16 31.08
CA ALA A 243 -1.89 -56.38 31.73
C ALA A 243 -3.09 -57.14 32.29
N LEU A 244 -3.40 -58.30 31.70
CA LEU A 244 -4.61 -59.03 32.01
C LEU A 244 -4.32 -60.13 33.00
N HIS A 245 -5.22 -60.29 33.96
CA HIS A 245 -5.11 -61.37 34.95
C HIS A 245 -5.29 -62.75 34.33
N ALA A 263 -9.93 -50.45 37.40
CA ALA A 263 -8.87 -49.66 36.77
C ALA A 263 -9.45 -48.77 35.68
N ALA A 264 -9.77 -47.55 36.08
CA ALA A 264 -10.40 -46.59 35.19
C ALA A 264 -9.41 -45.90 34.29
N TYR A 265 -9.91 -45.43 33.17
CA TYR A 265 -9.19 -44.41 32.42
C TYR A 265 -10.17 -43.75 31.49
N TYR A 266 -9.71 -42.73 30.79
CA TYR A 266 -10.62 -41.80 30.14
C TYR A 266 -10.10 -41.43 28.77
N VAL A 267 -10.93 -40.76 28.01
CA VAL A 267 -10.52 -40.20 26.74
C VAL A 267 -11.25 -38.89 26.51
N GLY A 268 -10.52 -37.87 26.07
CA GLY A 268 -11.12 -36.69 25.50
C GLY A 268 -10.86 -36.64 24.01
N TYR A 269 -11.17 -35.50 23.43
CA TYR A 269 -10.68 -35.24 22.09
C TYR A 269 -10.34 -33.78 21.94
N LEU A 270 -9.19 -33.51 21.35
CA LEU A 270 -8.66 -32.18 21.32
C LEU A 270 -9.38 -31.36 20.30
N GLN A 271 -9.60 -30.10 20.61
CA GLN A 271 -10.31 -29.23 19.69
C GLN A 271 -9.55 -27.94 19.57
N PRO A 272 -9.75 -27.22 18.52
CA PRO A 272 -9.01 -25.97 18.27
C PRO A 272 -9.52 -24.78 19.05
N ARG A 273 -9.63 -24.96 20.35
CA ARG A 273 -9.97 -23.86 21.20
C ARG A 273 -8.84 -22.87 21.30
N THR A 274 -9.20 -21.69 21.78
CA THR A 274 -8.23 -20.66 22.11
C THR A 274 -8.34 -20.38 23.60
N PHE A 275 -7.24 -20.54 24.32
CA PHE A 275 -7.31 -20.33 25.74
C PHE A 275 -6.51 -19.13 26.15
N LEU A 276 -6.80 -18.66 27.32
CA LEU A 276 -6.00 -17.65 27.95
C LEU A 276 -5.24 -18.31 29.07
N LEU A 277 -3.97 -18.56 28.87
CA LEU A 277 -3.15 -19.17 29.89
C LEU A 277 -2.85 -18.16 30.95
N LYS A 278 -2.40 -18.60 32.09
CA LYS A 278 -1.73 -17.68 32.99
C LYS A 278 -0.50 -18.32 33.54
N TYR A 279 0.64 -17.86 33.10
CA TYR A 279 1.86 -18.37 33.68
C TYR A 279 2.07 -17.75 35.03
N ASN A 280 2.92 -18.35 35.82
CA ASN A 280 3.27 -17.81 37.11
C ASN A 280 4.74 -17.44 37.11
N GLU A 281 5.17 -16.85 38.22
CA GLU A 281 6.54 -16.36 38.30
C GLU A 281 7.51 -17.45 37.94
N ASN A 282 7.38 -18.61 38.57
CA ASN A 282 8.27 -19.67 38.18
C ASN A 282 8.06 -20.12 36.76
N GLY A 283 6.98 -19.72 36.12
CA GLY A 283 6.78 -20.11 34.76
C GLY A 283 5.93 -21.32 34.57
N THR A 284 5.13 -21.69 35.56
CA THR A 284 4.26 -22.83 35.49
C THR A 284 2.84 -22.36 35.28
N ILE A 285 2.13 -23.01 34.36
CA ILE A 285 0.80 -22.50 34.07
C ILE A 285 -0.05 -22.71 35.30
N THR A 286 -0.51 -21.65 35.93
CA THR A 286 -1.31 -21.90 37.10
C THR A 286 -2.77 -21.80 36.85
N ASP A 287 -3.18 -21.40 35.65
CA ASP A 287 -4.60 -21.33 35.42
C ASP A 287 -4.81 -21.16 33.93
N ALA A 288 -6.06 -21.23 33.53
CA ALA A 288 -6.36 -21.03 32.14
C ALA A 288 -7.83 -20.69 32.07
N VAL A 289 -8.22 -20.10 30.96
CA VAL A 289 -9.59 -19.77 30.72
C VAL A 289 -9.89 -20.09 29.29
N ASP A 290 -10.94 -20.83 29.06
CA ASP A 290 -11.32 -21.11 27.71
C ASP A 290 -12.00 -19.88 27.19
N CYS A 291 -11.71 -19.51 25.96
CA CYS A 291 -12.41 -18.37 25.40
C CYS A 291 -13.84 -18.74 25.12
N ALA A 292 -14.05 -19.77 24.35
CA ALA A 292 -15.38 -20.04 23.83
C ALA A 292 -16.32 -20.65 24.84
N LEU A 293 -15.87 -20.95 26.05
CA LEU A 293 -16.73 -21.66 26.98
C LEU A 293 -18.05 -20.95 27.20
N ASP A 294 -18.02 -19.69 27.49
CA ASP A 294 -19.25 -19.02 27.89
C ASP A 294 -18.98 -17.54 28.07
N PRO A 295 -20.00 -16.70 28.12
CA PRO A 295 -19.74 -15.28 27.99
C PRO A 295 -18.69 -14.79 28.93
N LEU A 296 -18.81 -15.05 30.21
CA LEU A 296 -17.83 -14.52 31.13
C LEU A 296 -16.44 -14.88 30.69
N SER A 297 -16.29 -15.98 29.99
CA SER A 297 -14.99 -16.35 29.50
C SER A 297 -14.77 -15.90 28.09
N GLU A 298 -15.76 -15.31 27.46
CA GLU A 298 -15.44 -14.65 26.22
C GLU A 298 -14.89 -13.28 26.53
N THR A 299 -15.36 -12.67 27.61
CA THR A 299 -14.76 -11.47 28.11
C THR A 299 -13.31 -11.69 28.41
N LYS A 300 -13.01 -12.49 29.43
CA LYS A 300 -11.65 -12.57 29.92
C LYS A 300 -10.67 -12.79 28.81
N CYS A 301 -11.10 -13.31 27.68
CA CYS A 301 -10.18 -13.35 26.57
C CYS A 301 -10.07 -12.00 25.90
N THR A 302 -11.07 -11.16 26.03
CA THR A 302 -10.94 -9.80 25.51
C THR A 302 -9.96 -8.99 26.30
N LEU A 303 -10.14 -8.93 27.60
CA LEU A 303 -9.29 -8.05 28.37
C LEU A 303 -7.87 -8.55 28.45
N LYS A 304 -7.64 -9.85 28.28
CA LYS A 304 -6.44 -10.49 28.79
C LYS A 304 -6.38 -10.33 30.29
N SER A 305 -7.41 -10.77 30.98
CA SER A 305 -7.39 -10.65 32.43
C SER A 305 -8.20 -11.74 33.06
N PHE A 306 -7.78 -12.16 34.24
CA PHE A 306 -8.74 -12.95 34.98
C PHE A 306 -9.72 -12.11 35.72
N THR A 307 -9.23 -11.09 36.38
CA THR A 307 -10.15 -10.15 36.95
C THR A 307 -10.90 -9.49 35.82
N VAL A 308 -12.21 -9.51 35.92
CA VAL A 308 -13.04 -8.72 35.04
C VAL A 308 -13.93 -7.92 35.93
N GLU A 309 -13.79 -6.63 35.87
CA GLU A 309 -14.43 -5.74 36.79
C GLU A 309 -15.65 -5.17 36.14
N LYS A 310 -16.35 -4.35 36.89
CA LYS A 310 -17.73 -4.08 36.61
C LYS A 310 -17.86 -3.43 35.25
N GLY A 311 -19.05 -3.49 34.68
CA GLY A 311 -19.31 -2.76 33.45
C GLY A 311 -19.46 -3.68 32.26
N ILE A 312 -19.77 -3.06 31.14
CA ILE A 312 -20.23 -3.77 29.96
C ILE A 312 -19.13 -3.84 28.94
N TYR A 313 -18.62 -5.00 28.73
CA TYR A 313 -17.53 -5.19 27.79
C TYR A 313 -18.13 -5.70 26.51
N GLN A 314 -17.57 -5.30 25.42
CA GLN A 314 -18.07 -5.78 24.15
C GLN A 314 -17.17 -6.86 23.65
N THR A 315 -17.65 -8.09 23.66
CA THR A 315 -16.80 -9.17 23.23
C THR A 315 -16.82 -9.34 21.73
N SER A 316 -17.96 -9.66 21.16
CA SER A 316 -17.95 -10.23 19.85
C SER A 316 -19.14 -9.77 19.05
N ASN A 317 -19.35 -10.44 17.94
CA ASN A 317 -20.39 -10.10 17.01
C ASN A 317 -21.20 -11.34 16.76
N PHE A 318 -22.39 -11.17 16.17
CA PHE A 318 -23.29 -12.31 15.87
C PHE A 318 -24.04 -12.03 14.56
N ARG A 319 -23.77 -12.84 13.54
CA ARG A 319 -24.43 -12.69 12.21
C ARG A 319 -25.37 -13.88 11.96
N VAL A 320 -26.67 -13.63 11.98
CA VAL A 320 -27.69 -14.70 11.75
C VAL A 320 -27.33 -15.44 10.45
N GLN A 321 -27.08 -16.75 10.55
CA GLN A 321 -26.72 -17.57 9.37
C GLN A 321 -27.95 -17.69 8.44
N PRO A 322 -27.77 -17.76 7.11
CA PRO A 322 -28.90 -17.86 6.19
C PRO A 322 -29.57 -19.24 6.26
N THR A 323 -30.86 -19.31 5.89
CA THR A 323 -31.62 -20.59 5.91
C THR A 323 -30.98 -21.58 4.93
N GLU A 324 -31.12 -21.34 3.63
CA GLU A 324 -30.54 -22.21 2.62
C GLU A 324 -30.01 -21.45 1.40
N SER A 325 -30.91 -20.99 0.54
CA SER A 325 -30.64 -20.25 -0.68
C SER A 325 -31.95 -20.12 -1.43
N ILE A 326 -32.03 -19.16 -2.34
CA ILE A 326 -33.17 -19.01 -3.21
C ILE A 326 -32.64 -18.69 -4.58
N VAL A 327 -32.92 -19.53 -5.55
CA VAL A 327 -32.55 -19.26 -6.92
C VAL A 327 -33.83 -19.08 -7.71
N ARG A 328 -33.89 -18.00 -8.45
CA ARG A 328 -35.13 -17.62 -9.11
C ARG A 328 -34.82 -17.06 -10.47
N PHE A 329 -35.45 -17.61 -11.50
CA PHE A 329 -35.21 -17.23 -12.87
C PHE A 329 -36.51 -17.03 -13.62
N PRO A 330 -36.56 -16.09 -14.54
CA PRO A 330 -37.84 -15.57 -15.02
C PRO A 330 -38.66 -16.69 -15.62
N ASN A 331 -39.93 -16.74 -15.25
CA ASN A 331 -40.74 -17.88 -15.66
C ASN A 331 -40.71 -18.01 -17.16
N ILE A 332 -40.80 -19.26 -17.59
CA ILE A 332 -40.92 -19.67 -18.97
C ILE A 332 -39.58 -19.58 -19.68
N THR A 333 -38.72 -18.64 -19.30
CA THR A 333 -37.40 -18.50 -19.91
C THR A 333 -37.44 -18.70 -21.43
N ASN A 334 -38.55 -18.31 -22.04
CA ASN A 334 -38.93 -18.49 -23.45
C ASN A 334 -38.86 -19.98 -23.86
N LEU A 335 -38.64 -20.28 -25.14
CA LEU A 335 -38.74 -21.66 -25.60
C LEU A 335 -38.02 -21.82 -26.93
N CYS A 336 -37.63 -23.19 -27.27
CA CYS A 336 -36.95 -23.75 -28.43
C CYS A 336 -37.87 -24.70 -29.19
N PRO A 337 -38.28 -24.38 -30.60
CA PRO A 337 -39.42 -25.05 -31.24
C PRO A 337 -39.08 -26.32 -32.01
N PHE A 338 -38.79 -27.40 -31.30
CA PHE A 338 -38.47 -28.65 -31.98
C PHE A 338 -39.71 -29.27 -32.60
N GLY A 339 -40.89 -28.77 -32.23
CA GLY A 339 -42.11 -29.29 -32.81
C GLY A 339 -42.22 -28.97 -34.28
N GLU A 340 -42.16 -27.69 -34.62
CA GLU A 340 -42.23 -27.29 -36.02
C GLU A 340 -41.03 -27.81 -36.80
N VAL A 341 -40.07 -28.43 -36.12
CA VAL A 341 -39.10 -29.36 -36.70
C VAL A 341 -39.73 -30.75 -36.77
N PHE A 342 -40.12 -31.29 -35.61
CA PHE A 342 -40.57 -32.67 -35.54
C PHE A 342 -42.00 -32.84 -36.03
N ASN A 343 -42.91 -31.97 -35.59
CA ASN A 343 -44.32 -32.01 -35.98
C ASN A 343 -44.68 -31.14 -37.18
N ALA A 344 -43.68 -30.57 -37.87
CA ALA A 344 -43.92 -29.92 -39.15
C ALA A 344 -44.68 -30.84 -40.10
N THR A 345 -45.69 -30.29 -40.78
CA THR A 345 -46.62 -31.13 -41.53
C THR A 345 -45.97 -31.73 -42.76
N ARG A 346 -45.41 -30.89 -43.62
CA ARG A 346 -44.71 -31.33 -44.82
C ARG A 346 -43.22 -31.22 -44.52
N PHE A 347 -42.58 -32.35 -44.28
CA PHE A 347 -41.13 -32.30 -44.21
C PHE A 347 -40.54 -32.10 -45.60
N ALA A 348 -39.52 -31.24 -45.68
CA ALA A 348 -38.58 -31.36 -46.76
C ALA A 348 -38.04 -32.79 -46.75
N SER A 349 -37.80 -33.33 -47.94
CA SER A 349 -37.36 -34.71 -48.04
C SER A 349 -35.91 -34.85 -47.59
N VAL A 350 -35.48 -36.10 -47.39
CA VAL A 350 -34.07 -36.34 -47.04
C VAL A 350 -33.14 -35.64 -48.01
N TYR A 351 -33.43 -35.70 -49.31
CA TYR A 351 -32.47 -35.23 -50.30
C TYR A 351 -32.21 -33.73 -50.18
N ALA A 352 -33.19 -32.98 -49.69
CA ALA A 352 -32.99 -31.59 -49.29
C ALA A 352 -33.51 -31.44 -47.87
N TRP A 353 -32.60 -31.30 -46.93
CA TRP A 353 -32.92 -31.33 -45.50
C TRP A 353 -33.01 -29.93 -44.95
N ASN A 354 -33.94 -29.72 -44.01
CA ASN A 354 -34.03 -28.42 -43.37
C ASN A 354 -32.85 -28.20 -42.44
N ARG A 355 -32.47 -26.94 -42.30
CA ARG A 355 -31.48 -26.50 -41.33
C ARG A 355 -32.09 -25.29 -40.63
N LYS A 356 -32.40 -25.40 -39.34
CA LYS A 356 -33.37 -24.51 -38.71
C LYS A 356 -32.85 -23.91 -37.41
N ARG A 357 -32.71 -22.58 -37.40
CA ARG A 357 -32.04 -21.86 -36.31
C ARG A 357 -32.98 -21.66 -35.13
N ILE A 358 -32.46 -21.93 -33.93
CA ILE A 358 -33.24 -21.91 -32.69
C ILE A 358 -32.36 -21.27 -31.61
N SER A 359 -32.91 -20.28 -30.91
CA SER A 359 -32.05 -19.35 -30.18
C SER A 359 -32.75 -18.71 -29.00
N ASN A 360 -31.93 -18.11 -28.12
CA ASN A 360 -32.34 -17.31 -26.95
C ASN A 360 -33.32 -18.06 -26.08
N CYS A 361 -33.17 -19.36 -26.02
CA CYS A 361 -34.23 -20.17 -25.49
C CYS A 361 -33.63 -21.33 -24.72
N VAL A 362 -34.48 -22.28 -24.38
CA VAL A 362 -34.21 -23.21 -23.30
C VAL A 362 -34.52 -24.62 -23.80
N ALA A 363 -33.63 -25.57 -23.51
CA ALA A 363 -33.77 -26.89 -24.08
C ALA A 363 -35.13 -27.45 -23.74
N ASP A 364 -35.91 -27.70 -24.78
CA ASP A 364 -37.35 -27.81 -24.71
C ASP A 364 -37.81 -29.25 -24.56
N TYR A 365 -36.90 -30.16 -24.24
CA TYR A 365 -37.15 -31.59 -24.41
C TYR A 365 -38.40 -32.07 -23.67
N SER A 366 -39.02 -31.23 -22.83
CA SER A 366 -40.24 -31.59 -22.13
C SER A 366 -41.48 -31.73 -23.02
N VAL A 367 -41.41 -31.33 -24.30
CA VAL A 367 -42.51 -31.68 -25.19
C VAL A 367 -42.34 -33.11 -25.68
N LEU A 368 -41.09 -33.59 -25.72
CA LEU A 368 -40.71 -34.84 -26.33
C LEU A 368 -40.95 -36.05 -25.42
N TYR A 369 -41.47 -35.81 -24.22
CA TYR A 369 -41.84 -36.89 -23.32
C TYR A 369 -43.17 -37.50 -23.69
N ASN A 370 -44.15 -36.70 -24.12
CA ASN A 370 -45.50 -37.17 -24.42
C ASN A 370 -45.71 -37.18 -25.94
N SER A 371 -45.75 -38.39 -26.51
CA SER A 371 -46.02 -38.63 -27.92
C SER A 371 -45.82 -40.11 -28.21
N ALA A 372 -46.11 -40.54 -29.43
CA ALA A 372 -45.61 -41.84 -29.88
C ALA A 372 -44.10 -41.85 -29.95
N SER A 373 -43.47 -40.70 -29.73
CA SER A 373 -42.03 -40.45 -29.71
C SER A 373 -41.45 -40.85 -31.06
N PHE A 374 -40.25 -41.43 -31.08
CA PHE A 374 -39.37 -41.37 -32.25
C PHE A 374 -38.72 -42.74 -32.42
N SER A 375 -38.86 -43.32 -33.61
CA SER A 375 -38.43 -44.70 -33.83
C SER A 375 -37.00 -44.95 -33.39
N THR A 376 -36.15 -43.92 -33.44
CA THR A 376 -34.93 -43.95 -32.65
C THR A 376 -34.73 -42.58 -32.07
N PHE A 377 -33.84 -42.51 -31.09
CA PHE A 377 -33.34 -41.24 -30.60
C PHE A 377 -31.84 -41.43 -30.49
N LYS A 378 -31.10 -40.71 -31.32
CA LYS A 378 -29.66 -40.61 -31.13
C LYS A 378 -29.27 -39.16 -31.30
N CYS A 379 -28.69 -38.61 -30.25
CA CYS A 379 -28.10 -37.28 -30.29
C CYS A 379 -26.69 -37.44 -29.77
N TYR A 380 -25.72 -37.09 -30.60
CA TYR A 380 -24.36 -37.57 -30.42
C TYR A 380 -23.70 -37.00 -29.18
N GLY A 381 -23.59 -35.68 -29.10
CA GLY A 381 -22.49 -35.10 -28.39
C GLY A 381 -22.30 -35.45 -26.94
N VAL A 382 -23.32 -35.16 -26.12
CA VAL A 382 -23.21 -35.22 -24.67
C VAL A 382 -24.50 -35.81 -24.10
N SER A 383 -24.47 -36.09 -22.79
CA SER A 383 -25.52 -36.86 -22.14
C SER A 383 -26.91 -36.23 -22.38
N PRO A 384 -27.94 -37.05 -22.63
CA PRO A 384 -29.27 -36.49 -22.89
C PRO A 384 -29.88 -35.76 -21.70
N THR A 385 -29.36 -35.92 -20.50
CA THR A 385 -29.75 -35.00 -19.43
C THR A 385 -28.86 -33.78 -19.37
N LYS A 386 -27.95 -33.63 -20.33
CA LYS A 386 -27.34 -32.35 -20.62
C LYS A 386 -28.00 -31.64 -21.79
N LEU A 387 -29.01 -32.26 -22.43
CA LEU A 387 -29.97 -31.48 -23.20
C LEU A 387 -30.37 -30.26 -22.41
N ASN A 388 -31.04 -30.52 -21.31
CA ASN A 388 -31.65 -29.52 -20.48
C ASN A 388 -30.70 -28.96 -19.43
N ASP A 389 -29.53 -29.58 -19.24
CA ASP A 389 -28.53 -29.01 -18.37
C ASP A 389 -27.45 -28.22 -19.10
N LEU A 390 -27.39 -28.29 -20.43
CA LEU A 390 -26.29 -27.67 -21.17
C LEU A 390 -26.83 -26.85 -22.33
N CYS A 391 -26.42 -25.60 -22.41
CA CYS A 391 -26.84 -24.70 -23.47
C CYS A 391 -26.02 -24.93 -24.73
N PHE A 392 -26.61 -24.62 -25.88
CA PHE A 392 -25.97 -24.79 -27.18
C PHE A 392 -25.93 -23.46 -27.93
N THR A 393 -25.39 -23.50 -29.15
CA THR A 393 -25.00 -22.27 -29.82
C THR A 393 -25.76 -22.04 -31.11
N ASN A 394 -25.36 -22.72 -32.18
CA ASN A 394 -26.06 -22.65 -33.47
C ASN A 394 -26.88 -23.92 -33.56
N VAL A 395 -28.19 -23.81 -33.37
CA VAL A 395 -29.03 -24.99 -33.17
C VAL A 395 -29.90 -25.17 -34.40
N TYR A 396 -29.57 -26.18 -35.21
CA TYR A 396 -30.35 -26.50 -36.40
C TYR A 396 -30.84 -27.92 -36.30
N ALA A 397 -32.13 -28.07 -36.03
CA ALA A 397 -32.77 -29.37 -36.02
C ALA A 397 -33.23 -29.65 -37.45
N ASP A 398 -32.71 -30.72 -38.03
CA ASP A 398 -32.75 -30.90 -39.48
C ASP A 398 -34.01 -31.67 -39.84
N SER A 399 -34.94 -31.02 -40.53
CA SER A 399 -36.25 -31.60 -40.79
C SER A 399 -36.24 -32.25 -42.16
N PHE A 400 -36.36 -33.58 -42.19
CA PHE A 400 -36.34 -34.33 -43.44
C PHE A 400 -37.00 -35.70 -43.23
N VAL A 401 -37.34 -36.33 -44.36
CA VAL A 401 -37.93 -37.67 -44.40
C VAL A 401 -36.97 -38.62 -45.09
N ILE A 402 -36.64 -39.73 -44.44
CA ILE A 402 -35.78 -40.73 -45.05
C ILE A 402 -36.52 -42.07 -45.09
N ARG A 403 -36.06 -42.95 -45.98
CA ARG A 403 -36.56 -44.32 -46.01
C ARG A 403 -36.03 -45.06 -44.78
N GLY A 404 -36.70 -46.17 -44.44
CA GLY A 404 -36.48 -46.83 -43.17
C GLY A 404 -35.06 -47.21 -42.80
N ASP A 405 -34.39 -48.02 -43.60
CA ASP A 405 -33.04 -48.45 -43.24
C ASP A 405 -32.05 -47.29 -43.19
N GLU A 406 -32.47 -46.10 -43.60
CA GLU A 406 -31.53 -45.04 -43.89
C GLU A 406 -31.08 -44.29 -42.64
N VAL A 407 -31.52 -44.71 -41.46
CA VAL A 407 -31.07 -44.07 -40.23
C VAL A 407 -29.61 -44.43 -39.97
N ARG A 408 -29.23 -45.68 -40.24
CA ARG A 408 -27.81 -46.00 -40.34
C ARG A 408 -27.11 -45.00 -41.24
N GLN A 409 -27.63 -44.84 -42.45
CA GLN A 409 -26.97 -44.02 -43.47
C GLN A 409 -26.91 -42.55 -43.09
N ILE A 410 -27.55 -42.15 -42.00
CA ILE A 410 -27.37 -40.81 -41.42
C ILE A 410 -26.60 -40.99 -40.13
N ALA A 411 -25.30 -40.64 -40.18
CA ALA A 411 -24.34 -40.76 -39.10
C ALA A 411 -22.94 -40.43 -39.63
N PRO A 412 -22.04 -39.92 -38.79
CA PRO A 412 -20.68 -39.66 -39.25
C PRO A 412 -19.96 -40.94 -39.64
N GLY A 413 -19.12 -40.83 -40.66
CA GLY A 413 -18.35 -41.97 -41.12
C GLY A 413 -19.16 -43.02 -41.82
N GLN A 414 -20.39 -42.71 -42.21
CA GLN A 414 -21.25 -43.67 -42.90
C GLN A 414 -20.88 -43.72 -44.37
N THR A 415 -20.52 -44.91 -44.84
CA THR A 415 -20.65 -45.24 -46.24
C THR A 415 -22.08 -45.66 -46.47
N GLY A 416 -22.72 -45.05 -47.47
CA GLY A 416 -24.12 -45.35 -47.71
C GLY A 416 -24.68 -44.40 -48.74
N LYS A 417 -25.93 -44.70 -49.14
CA LYS A 417 -26.61 -43.88 -50.13
C LYS A 417 -27.01 -42.52 -49.56
N ILE A 418 -27.72 -42.51 -48.44
CA ILE A 418 -28.02 -41.22 -47.79
C ILE A 418 -26.74 -40.46 -47.54
N ALA A 419 -25.88 -41.00 -46.67
CA ALA A 419 -24.62 -40.36 -46.35
C ALA A 419 -23.91 -39.87 -47.60
N ASP A 420 -23.43 -40.79 -48.43
CA ASP A 420 -22.55 -40.38 -49.52
C ASP A 420 -23.22 -39.49 -50.55
N TYR A 421 -24.55 -39.42 -50.57
CA TYR A 421 -25.15 -38.65 -51.65
C TYR A 421 -26.11 -37.55 -51.19
N ASN A 422 -27.35 -37.89 -50.83
CA ASN A 422 -28.37 -36.85 -50.69
C ASN A 422 -28.32 -36.13 -49.35
N TYR A 423 -28.13 -36.87 -48.26
CA TYR A 423 -28.03 -36.27 -46.94
C TYR A 423 -26.74 -36.78 -46.30
N LYS A 424 -25.77 -35.89 -46.12
CA LYS A 424 -24.47 -36.27 -45.60
C LYS A 424 -24.16 -35.43 -44.38
N LEU A 425 -23.74 -36.09 -43.30
CA LEU A 425 -23.39 -35.41 -42.06
C LEU A 425 -21.90 -35.52 -41.76
N PRO A 426 -21.36 -34.57 -41.01
CA PRO A 426 -19.92 -34.54 -40.77
C PRO A 426 -19.47 -35.66 -39.83
N ASP A 427 -18.16 -35.90 -39.82
CA ASP A 427 -17.57 -36.69 -38.75
C ASP A 427 -17.47 -35.89 -37.45
N ASP A 428 -17.49 -34.55 -37.54
CA ASP A 428 -17.38 -33.65 -36.39
C ASP A 428 -18.74 -33.12 -35.91
N PHE A 429 -19.86 -33.64 -36.44
CA PHE A 429 -21.17 -33.15 -36.05
C PHE A 429 -21.56 -33.57 -34.63
N THR A 430 -21.93 -32.60 -33.81
CA THR A 430 -22.39 -32.85 -32.45
C THR A 430 -23.89 -32.59 -32.36
N GLY A 431 -24.66 -33.64 -32.19
CA GLY A 431 -26.10 -33.49 -32.28
C GLY A 431 -26.79 -34.80 -32.62
N CYS A 432 -27.93 -34.69 -33.29
CA CYS A 432 -28.92 -35.74 -33.30
C CYS A 432 -28.96 -36.48 -34.62
N VAL A 433 -29.40 -37.73 -34.54
CA VAL A 433 -30.09 -38.42 -35.62
C VAL A 433 -31.25 -39.18 -34.98
N ILE A 434 -32.47 -38.92 -35.44
CA ILE A 434 -33.67 -39.42 -34.78
C ILE A 434 -34.66 -39.89 -35.84
N ALA A 435 -35.18 -41.11 -35.66
CA ALA A 435 -36.08 -41.72 -36.63
C ALA A 435 -37.47 -41.86 -36.06
N TRP A 436 -38.47 -41.84 -36.94
CA TRP A 436 -39.80 -42.37 -36.65
C TRP A 436 -40.50 -42.67 -37.97
N ASN A 437 -41.47 -43.58 -37.91
CA ASN A 437 -42.17 -43.98 -39.13
C ASN A 437 -43.16 -42.90 -39.55
N SER A 438 -43.00 -42.41 -40.77
CA SER A 438 -44.01 -41.58 -41.40
C SER A 438 -44.87 -42.37 -42.38
N ASN A 439 -44.63 -43.68 -42.51
CA ASN A 439 -45.54 -44.54 -43.26
C ASN A 439 -46.97 -44.34 -42.76
N ASN A 440 -47.12 -44.10 -41.46
CA ASN A 440 -48.42 -43.74 -40.91
C ASN A 440 -48.94 -42.42 -41.47
N LEU A 441 -48.08 -41.58 -42.04
CA LEU A 441 -48.54 -40.32 -42.62
C LEU A 441 -48.00 -40.09 -44.03
N ASP A 442 -46.68 -39.92 -44.17
CA ASP A 442 -46.09 -39.51 -45.45
C ASP A 442 -46.43 -40.47 -46.57
N SER A 443 -46.77 -41.71 -46.27
CA SER A 443 -47.12 -42.66 -47.31
C SER A 443 -48.38 -42.23 -48.05
N LYS A 444 -48.46 -42.59 -49.32
CA LYS A 444 -49.65 -42.32 -50.11
C LYS A 444 -49.99 -43.48 -51.02
N GLY A 447 -50.14 -42.47 -53.87
CA GLY A 447 -48.74 -42.71 -54.20
C GLY A 447 -47.92 -41.46 -54.28
N ASN A 448 -46.98 -41.31 -53.35
CA ASN A 448 -46.14 -40.10 -53.26
C ASN A 448 -44.78 -40.43 -53.88
N TYR A 449 -44.55 -39.93 -55.09
CA TYR A 449 -43.24 -39.96 -55.72
C TYR A 449 -42.52 -38.63 -55.62
N ASN A 450 -43.16 -37.61 -55.03
CA ASN A 450 -42.49 -36.35 -54.77
C ASN A 450 -41.28 -36.55 -53.86
N TYR A 451 -41.40 -37.46 -52.90
CA TYR A 451 -40.25 -37.89 -52.14
C TYR A 451 -39.20 -38.46 -53.08
N LEU A 452 -37.95 -38.15 -52.79
CA LEU A 452 -36.87 -38.28 -53.73
C LEU A 452 -35.59 -38.47 -52.93
N TYR A 453 -34.54 -38.90 -53.61
CA TYR A 453 -33.26 -39.11 -52.98
C TYR A 453 -32.18 -39.01 -54.04
N ARG A 454 -30.95 -38.77 -53.60
CA ARG A 454 -29.82 -38.80 -54.51
C ARG A 454 -29.27 -40.21 -54.48
N LEU A 455 -29.52 -40.94 -55.55
CA LEU A 455 -29.02 -42.31 -55.62
C LEU A 455 -27.55 -42.31 -55.96
N PHE A 456 -27.08 -41.31 -56.72
CA PHE A 456 -25.67 -41.21 -57.06
C PHE A 456 -25.22 -39.77 -57.24
N ARG A 457 -23.97 -39.54 -56.84
CA ARG A 457 -23.27 -38.27 -56.78
C ARG A 457 -21.80 -38.63 -56.80
N LYS A 458 -20.95 -37.69 -57.19
CA LYS A 458 -19.56 -38.03 -57.47
C LYS A 458 -18.62 -37.80 -56.29
N SER A 459 -19.14 -37.42 -55.12
CA SER A 459 -18.33 -37.27 -53.92
C SER A 459 -19.27 -37.28 -52.72
N ASN A 460 -18.68 -37.13 -51.53
CA ASN A 460 -19.45 -36.90 -50.32
C ASN A 460 -19.70 -35.41 -50.15
N LEU A 461 -20.87 -35.07 -49.61
CA LEU A 461 -21.18 -33.69 -49.30
C LEU A 461 -20.26 -33.18 -48.19
N LYS A 462 -19.88 -31.91 -48.30
CA LYS A 462 -19.08 -31.26 -47.28
C LYS A 462 -19.92 -31.15 -46.01
N PRO A 463 -19.31 -30.87 -44.85
CA PRO A 463 -20.10 -30.85 -43.61
C PRO A 463 -21.30 -29.92 -43.68
N PHE A 464 -22.46 -30.51 -43.42
CA PHE A 464 -23.78 -29.88 -43.54
C PHE A 464 -24.06 -29.32 -44.93
N GLU A 465 -23.32 -29.72 -45.96
CA GLU A 465 -23.65 -29.23 -47.29
C GLU A 465 -24.73 -30.10 -47.91
N ARG A 466 -25.47 -29.51 -48.83
CA ARG A 466 -26.50 -30.19 -49.60
C ARG A 466 -26.09 -30.21 -51.07
N ASP A 467 -26.62 -31.19 -51.81
CA ASP A 467 -26.45 -31.23 -53.27
C ASP A 467 -27.83 -31.14 -53.90
N ILE A 468 -28.07 -30.05 -54.63
CA ILE A 468 -29.37 -29.78 -55.21
C ILE A 468 -29.48 -30.25 -56.66
N SER A 469 -28.45 -30.92 -57.18
CA SER A 469 -28.29 -31.00 -58.63
C SER A 469 -29.39 -31.81 -59.28
N THR A 470 -30.09 -31.19 -60.22
CA THR A 470 -30.92 -31.86 -61.19
C THR A 470 -30.15 -32.14 -62.47
N GLU A 471 -28.86 -31.81 -62.48
CA GLU A 471 -28.00 -31.97 -63.64
C GLU A 471 -27.93 -33.44 -64.05
N ILE A 472 -27.69 -33.67 -65.34
CA ILE A 472 -27.53 -35.03 -65.82
C ILE A 472 -26.35 -35.69 -65.12
N TYR A 473 -26.56 -36.91 -64.64
CA TYR A 473 -25.46 -37.78 -64.22
C TYR A 473 -24.85 -38.39 -65.47
N GLN A 474 -23.58 -38.10 -65.72
CA GLN A 474 -22.94 -38.36 -67.01
C GLN A 474 -22.04 -39.58 -66.84
N ALA A 475 -22.47 -40.71 -67.38
CA ALA A 475 -21.73 -41.95 -67.20
C ALA A 475 -20.57 -42.05 -68.19
N GLY A 476 -20.82 -41.76 -69.47
CA GLY A 476 -19.79 -41.80 -70.48
C GLY A 476 -19.33 -40.42 -70.92
N SER A 477 -18.21 -40.41 -71.64
CA SER A 477 -17.68 -39.17 -72.20
C SER A 477 -18.59 -38.59 -73.28
N THR A 478 -19.65 -39.31 -73.67
CA THR A 478 -20.65 -38.81 -74.60
C THR A 478 -21.59 -37.85 -73.88
N PRO A 479 -21.55 -36.56 -74.19
CA PRO A 479 -22.36 -35.60 -73.44
C PRO A 479 -23.83 -35.81 -73.72
N CYS A 480 -24.63 -35.80 -72.66
CA CYS A 480 -26.06 -36.06 -72.80
C CYS A 480 -26.81 -34.81 -73.25
N ASN A 481 -26.35 -33.62 -72.81
CA ASN A 481 -26.85 -32.33 -73.27
C ASN A 481 -28.32 -32.07 -72.90
N GLY A 482 -28.77 -32.56 -71.76
CA GLY A 482 -30.12 -32.30 -71.31
C GLY A 482 -31.20 -33.21 -71.86
N VAL A 483 -30.82 -34.33 -72.49
CA VAL A 483 -31.74 -35.37 -72.91
C VAL A 483 -31.18 -36.71 -72.49
N GLU A 484 -32.04 -37.74 -72.54
CA GLU A 484 -31.64 -39.08 -72.19
C GLU A 484 -30.97 -39.79 -73.36
N GLY A 485 -30.14 -40.77 -73.03
CA GLY A 485 -29.31 -41.43 -74.01
C GLY A 485 -28.70 -42.68 -73.40
N PHE A 486 -27.66 -43.20 -74.04
CA PHE A 486 -27.02 -44.40 -73.52
C PHE A 486 -26.31 -44.07 -72.21
N ASN A 487 -26.71 -44.75 -71.14
CA ASN A 487 -26.22 -44.46 -69.78
C ASN A 487 -26.26 -42.97 -69.47
N CYS A 488 -27.28 -42.28 -69.96
CA CYS A 488 -27.58 -40.92 -69.54
C CYS A 488 -28.55 -40.97 -68.37
N TYR A 489 -28.11 -40.48 -67.22
CA TYR A 489 -28.84 -40.60 -65.97
C TYR A 489 -29.19 -39.24 -65.40
N PHE A 490 -30.37 -39.16 -64.81
CA PHE A 490 -30.74 -38.14 -63.84
C PHE A 490 -30.43 -38.73 -62.47
N PRO A 491 -29.41 -38.22 -61.77
CA PRO A 491 -28.91 -38.93 -60.58
C PRO A 491 -29.91 -39.03 -59.44
N LEU A 492 -30.66 -37.96 -59.16
CA LEU A 492 -31.69 -38.01 -58.14
C LEU A 492 -32.77 -39.03 -58.55
N GLN A 493 -33.32 -39.73 -57.58
CA GLN A 493 -34.39 -40.68 -57.84
C GLN A 493 -35.41 -40.60 -56.70
N SER A 494 -36.57 -41.22 -56.88
CA SER A 494 -37.69 -41.13 -55.97
C SER A 494 -37.97 -42.48 -55.32
N TYR A 495 -38.58 -42.43 -54.13
CA TYR A 495 -39.09 -43.61 -53.44
C TYR A 495 -40.60 -43.67 -53.68
N GLY A 496 -41.05 -44.67 -54.43
CA GLY A 496 -42.46 -44.98 -54.46
C GLY A 496 -42.90 -45.51 -53.10
N PHE A 497 -43.91 -44.88 -52.51
CA PHE A 497 -44.40 -45.30 -51.20
C PHE A 497 -45.69 -46.09 -51.37
N GLN A 498 -45.64 -47.36 -50.99
CA GLN A 498 -46.71 -48.30 -51.23
C GLN A 498 -47.48 -48.47 -49.93
N PRO A 499 -48.73 -48.02 -49.84
CA PRO A 499 -49.42 -47.97 -48.54
C PRO A 499 -49.45 -49.29 -47.80
N THR A 500 -49.02 -50.38 -48.43
CA THR A 500 -48.75 -51.63 -47.73
C THR A 500 -47.32 -51.70 -47.17
N ASN A 501 -46.59 -50.58 -47.21
CA ASN A 501 -45.18 -50.55 -46.80
C ASN A 501 -44.98 -51.26 -45.45
N GLY A 502 -43.91 -52.04 -45.37
CA GLY A 502 -43.50 -52.70 -44.15
C GLY A 502 -42.27 -52.06 -43.53
N VAL A 503 -41.84 -52.65 -42.41
CA VAL A 503 -40.84 -52.02 -41.54
C VAL A 503 -39.57 -51.67 -42.30
N GLY A 504 -39.19 -52.47 -43.30
CA GLY A 504 -38.06 -52.10 -44.15
C GLY A 504 -38.39 -51.03 -45.17
N TYR A 505 -39.64 -50.97 -45.61
CA TYR A 505 -40.07 -50.05 -46.65
C TYR A 505 -40.72 -48.78 -46.12
N GLN A 506 -40.87 -48.64 -44.81
CA GLN A 506 -41.51 -47.46 -44.26
C GLN A 506 -40.55 -46.27 -44.29
N PRO A 507 -41.03 -45.09 -44.68
CA PRO A 507 -40.19 -43.90 -44.54
C PRO A 507 -39.99 -43.57 -43.08
N TYR A 508 -38.81 -43.08 -42.75
CA TYR A 508 -38.59 -42.48 -41.44
C TYR A 508 -38.25 -41.02 -41.63
N ARG A 509 -39.15 -40.16 -41.20
CA ARG A 509 -38.78 -38.78 -40.96
C ARG A 509 -37.62 -38.77 -39.96
N VAL A 510 -36.54 -38.06 -40.28
CA VAL A 510 -35.36 -38.11 -39.41
C VAL A 510 -34.83 -36.69 -39.20
N VAL A 511 -34.45 -36.38 -37.96
CA VAL A 511 -34.02 -35.04 -37.60
C VAL A 511 -32.67 -35.09 -36.89
N VAL A 512 -31.94 -33.99 -37.07
CA VAL A 512 -30.54 -33.82 -36.72
C VAL A 512 -30.37 -32.43 -36.13
N LEU A 513 -29.94 -32.33 -34.86
CA LEU A 513 -29.69 -31.04 -34.21
C LEU A 513 -28.25 -30.60 -34.43
N SER A 514 -28.06 -29.55 -35.22
CA SER A 514 -26.76 -28.93 -35.34
C SER A 514 -26.49 -28.10 -34.10
N PHE A 515 -25.31 -28.27 -33.51
CA PHE A 515 -24.81 -27.30 -32.55
C PHE A 515 -23.32 -27.52 -32.37
N GLU A 516 -22.67 -26.50 -31.82
CA GLU A 516 -21.23 -26.54 -31.57
C GLU A 516 -20.84 -27.38 -30.36
N LEU A 517 -21.82 -27.81 -29.56
CA LEU A 517 -21.69 -27.90 -28.11
C LEU A 517 -21.59 -26.49 -27.54
N LEU A 518 -20.58 -26.23 -26.73
CA LEU A 518 -20.40 -24.96 -26.05
C LEU A 518 -19.77 -23.92 -26.96
N HIS A 519 -19.21 -22.89 -26.33
CA HIS A 519 -18.19 -21.97 -26.84
C HIS A 519 -18.79 -20.75 -27.52
N ALA A 520 -20.10 -20.74 -27.77
CA ALA A 520 -20.78 -19.58 -28.32
C ALA A 520 -22.03 -19.36 -27.49
N PRO A 521 -22.67 -18.19 -27.57
CA PRO A 521 -23.71 -17.85 -26.60
C PRO A 521 -24.81 -18.89 -26.51
N ALA A 522 -25.51 -18.86 -25.39
CA ALA A 522 -26.60 -19.81 -25.18
C ALA A 522 -27.78 -19.33 -26.00
N THR A 523 -28.15 -20.12 -27.00
CA THR A 523 -29.31 -19.85 -27.81
C THR A 523 -30.44 -20.79 -27.43
N VAL A 524 -30.26 -22.08 -27.68
CA VAL A 524 -30.93 -23.10 -26.89
C VAL A 524 -30.12 -23.23 -25.60
N CYS A 525 -30.75 -22.92 -24.49
CA CYS A 525 -30.07 -23.08 -23.21
C CYS A 525 -30.59 -24.34 -22.54
N GLY A 526 -30.13 -24.58 -21.32
CA GLY A 526 -30.79 -25.52 -20.47
C GLY A 526 -31.81 -24.79 -19.62
N PRO A 527 -32.91 -25.45 -19.27
CA PRO A 527 -33.80 -24.88 -18.27
C PRO A 527 -33.06 -24.76 -16.95
N LYS A 528 -33.10 -23.57 -16.38
CA LYS A 528 -32.26 -23.27 -15.25
C LYS A 528 -33.13 -23.28 -14.00
N LYS A 529 -32.62 -23.92 -12.96
CA LYS A 529 -33.48 -24.32 -11.86
C LYS A 529 -33.77 -23.13 -10.99
N SER A 530 -35.04 -22.80 -10.87
CA SER A 530 -35.48 -21.70 -10.04
C SER A 530 -36.20 -22.30 -8.85
N THR A 531 -35.68 -22.05 -7.66
CA THR A 531 -36.18 -22.69 -6.47
C THR A 531 -37.51 -22.03 -6.10
N ASN A 532 -38.00 -22.34 -4.92
CA ASN A 532 -39.17 -21.63 -4.48
C ASN A 532 -38.74 -20.47 -3.63
N LEU A 533 -39.71 -19.71 -3.14
CA LEU A 533 -39.48 -18.44 -2.48
C LEU A 533 -39.87 -18.54 -1.02
N VAL A 534 -39.05 -17.97 -0.17
CA VAL A 534 -39.30 -18.00 1.26
C VAL A 534 -39.33 -16.56 1.73
N LYS A 535 -40.03 -16.31 2.82
CA LYS A 535 -40.16 -14.94 3.28
C LYS A 535 -39.79 -14.82 4.74
N ASN A 536 -39.53 -13.59 5.11
CA ASN A 536 -39.33 -13.18 6.48
C ASN A 536 -38.25 -13.98 7.15
N LYS A 537 -37.40 -14.62 6.36
CA LYS A 537 -36.44 -15.54 6.93
C LYS A 537 -35.13 -15.39 6.20
N CYS A 538 -34.05 -15.19 6.96
CA CYS A 538 -32.76 -14.95 6.35
C CYS A 538 -32.38 -16.08 5.43
N VAL A 539 -32.10 -15.74 4.19
CA VAL A 539 -31.72 -16.74 3.22
C VAL A 539 -30.63 -16.18 2.35
N ASN A 540 -29.77 -17.05 1.89
CA ASN A 540 -29.04 -16.69 0.71
C ASN A 540 -30.03 -16.58 -0.42
N PHE A 541 -29.63 -15.90 -1.49
CA PHE A 541 -30.47 -15.90 -2.67
C PHE A 541 -29.65 -15.58 -3.90
N ASN A 542 -30.23 -15.90 -5.05
CA ASN A 542 -29.90 -15.32 -6.33
C ASN A 542 -31.19 -15.06 -7.07
N PHE A 543 -31.32 -13.87 -7.62
CA PHE A 543 -32.37 -13.55 -8.57
C PHE A 543 -31.73 -13.16 -9.87
N ASN A 544 -32.00 -13.91 -10.92
CA ASN A 544 -31.63 -13.49 -12.27
C ASN A 544 -30.15 -13.19 -12.37
N GLY A 545 -29.34 -13.79 -11.52
CA GLY A 545 -27.94 -13.46 -11.44
C GLY A 545 -27.62 -12.36 -10.46
N LEU A 546 -28.56 -11.49 -10.15
CA LEU A 546 -28.43 -10.71 -8.94
C LEU A 546 -28.36 -11.65 -7.76
N THR A 547 -27.33 -11.51 -6.95
CA THR A 547 -27.25 -12.31 -5.75
C THR A 547 -27.25 -11.40 -4.54
N GLY A 548 -27.10 -12.02 -3.41
CA GLY A 548 -26.97 -11.31 -2.15
C GLY A 548 -27.64 -12.17 -1.11
N THR A 549 -27.66 -11.66 0.10
CA THR A 549 -28.20 -12.46 1.18
C THR A 549 -29.00 -11.57 2.10
N GLY A 550 -30.23 -11.96 2.38
CA GLY A 550 -31.08 -11.01 3.04
C GLY A 550 -32.30 -11.64 3.62
N VAL A 551 -33.24 -10.79 3.92
CA VAL A 551 -34.53 -11.20 4.42
C VAL A 551 -35.56 -10.69 3.43
N LEU A 552 -36.11 -11.56 2.64
CA LEU A 552 -36.98 -11.14 1.56
C LEU A 552 -38.37 -10.99 2.11
N THR A 553 -38.92 -9.79 2.03
CA THR A 553 -40.24 -9.59 2.59
C THR A 553 -41.15 -9.06 1.52
N GLU A 554 -42.33 -8.67 1.94
CA GLU A 554 -43.31 -8.12 1.02
C GLU A 554 -43.32 -6.62 1.19
N SER A 555 -43.19 -5.91 0.07
CA SER A 555 -42.90 -4.49 0.10
C SER A 555 -43.77 -3.76 -0.91
N ASN A 556 -44.27 -2.60 -0.50
CA ASN A 556 -45.16 -1.76 -1.36
C ASN A 556 -44.30 -0.99 -2.37
N LYS A 557 -42.98 -1.16 -2.33
CA LYS A 557 -42.07 -0.46 -3.27
C LYS A 557 -42.56 -0.71 -4.70
N LYS A 558 -43.33 0.23 -5.25
CA LYS A 558 -43.87 0.11 -6.63
C LYS A 558 -42.72 0.22 -7.65
N PHE A 559 -42.18 -0.93 -8.08
CA PHE A 559 -41.08 -0.96 -9.07
C PHE A 559 -41.64 -0.61 -10.45
N LEU A 560 -40.81 -0.06 -11.34
CA LEU A 560 -41.26 0.31 -12.70
C LEU A 560 -41.43 -0.96 -13.54
N PRO A 561 -42.31 -0.98 -14.56
CA PRO A 561 -42.52 -2.17 -15.39
C PRO A 561 -41.23 -2.83 -15.90
N PHE A 562 -40.28 -2.02 -16.38
CA PHE A 562 -39.00 -2.55 -16.93
C PHE A 562 -37.91 -2.54 -15.85
N GLN A 563 -38.16 -1.84 -14.74
CA GLN A 563 -37.16 -1.75 -13.64
C GLN A 563 -36.95 -3.13 -12.99
N GLN A 564 -35.68 -3.52 -12.82
CA GLN A 564 -35.31 -4.77 -12.22
C GLN A 564 -35.04 -4.62 -10.72
N PHE A 565 -33.92 -4.05 -10.36
CA PHE A 565 -33.61 -3.91 -8.96
C PHE A 565 -34.40 -2.79 -8.38
N GLY A 566 -34.21 -2.61 -7.08
CA GLY A 566 -34.23 -1.31 -6.46
C GLY A 566 -32.82 -0.98 -6.04
N ARG A 567 -32.65 0.21 -5.51
CA ARG A 567 -31.43 0.54 -4.80
C ARG A 567 -31.73 1.65 -3.84
N ASP A 568 -30.66 2.20 -3.29
CA ASP A 568 -30.78 3.00 -2.11
C ASP A 568 -29.61 3.95 -2.04
N ILE A 569 -29.82 5.03 -1.26
CA ILE A 569 -28.88 6.13 -1.21
C ILE A 569 -27.46 5.64 -1.09
N ALA A 570 -27.26 4.60 -0.33
CA ALA A 570 -25.93 4.09 -0.15
C ALA A 570 -25.47 3.27 -1.33
N ASP A 571 -26.28 3.13 -2.36
CA ASP A 571 -25.96 2.28 -3.48
C ASP A 571 -25.87 0.83 -3.08
N THR A 572 -26.88 0.34 -2.38
CA THR A 572 -26.90 -1.03 -1.89
C THR A 572 -28.20 -1.66 -2.31
N THR A 573 -28.12 -2.82 -2.97
CA THR A 573 -29.31 -3.44 -3.50
C THR A 573 -30.38 -3.49 -2.46
N ASP A 574 -31.57 -3.06 -2.83
CA ASP A 574 -32.62 -3.14 -1.84
C ASP A 574 -33.79 -3.95 -2.28
N ALA A 575 -34.72 -3.36 -2.99
CA ALA A 575 -35.87 -4.13 -3.39
C ALA A 575 -35.50 -4.93 -4.60
N VAL A 576 -36.21 -6.03 -4.81
CA VAL A 576 -36.11 -6.71 -6.09
C VAL A 576 -37.50 -7.13 -6.51
N ARG A 577 -37.59 -7.57 -7.73
CA ARG A 577 -38.86 -8.04 -8.21
C ARG A 577 -38.69 -9.46 -8.67
N ASP A 578 -39.56 -10.32 -8.20
CA ASP A 578 -39.39 -11.73 -8.46
C ASP A 578 -39.54 -11.98 -9.94
N PRO A 579 -38.48 -12.42 -10.62
CA PRO A 579 -38.55 -12.53 -12.07
C PRO A 579 -39.76 -13.30 -12.57
N GLN A 580 -40.04 -14.45 -11.99
CA GLN A 580 -41.20 -15.19 -12.43
C GLN A 580 -42.46 -14.39 -12.17
N THR A 581 -42.87 -14.29 -10.93
CA THR A 581 -44.07 -13.54 -10.61
C THR A 581 -43.68 -12.18 -10.09
N LEU A 582 -44.29 -11.15 -10.63
CA LEU A 582 -43.71 -9.83 -10.58
C LEU A 582 -44.20 -9.13 -9.34
N GLU A 583 -43.29 -8.89 -8.41
CA GLU A 583 -43.68 -8.39 -7.12
C GLU A 583 -42.47 -7.80 -6.44
N ILE A 584 -42.72 -6.91 -5.51
CA ILE A 584 -41.67 -6.09 -4.97
C ILE A 584 -41.28 -6.67 -3.63
N LEU A 585 -40.13 -7.31 -3.61
CA LEU A 585 -39.59 -7.88 -2.40
C LEU A 585 -38.62 -6.87 -1.82
N ASP A 586 -38.72 -6.63 -0.53
CA ASP A 586 -37.59 -5.95 0.06
C ASP A 586 -36.40 -6.86 0.14
N ILE A 587 -35.33 -6.30 0.63
CA ILE A 587 -34.24 -7.01 1.17
C ILE A 587 -33.88 -6.28 2.45
N THR A 588 -32.97 -6.79 3.18
CA THR A 588 -32.76 -6.37 4.54
C THR A 588 -31.54 -7.11 4.98
N PRO A 589 -30.66 -6.48 5.63
CA PRO A 589 -29.43 -7.17 6.00
C PRO A 589 -29.76 -8.27 6.97
N CYS A 590 -28.78 -9.03 7.39
CA CYS A 590 -29.15 -10.17 8.20
C CYS A 590 -29.40 -9.76 9.63
N SER A 591 -28.36 -9.59 10.43
CA SER A 591 -28.58 -9.06 11.76
C SER A 591 -27.48 -8.17 12.30
N PHE A 592 -26.27 -8.69 12.38
CA PHE A 592 -25.19 -7.99 13.04
C PHE A 592 -25.51 -7.86 14.52
N GLY A 593 -25.35 -6.70 15.10
CA GLY A 593 -25.39 -6.56 16.52
C GLY A 593 -24.02 -6.87 17.04
N GLY A 594 -23.62 -6.21 18.10
CA GLY A 594 -22.49 -6.65 18.86
C GLY A 594 -22.98 -7.64 19.85
N VAL A 595 -22.09 -8.09 20.70
CA VAL A 595 -22.51 -8.89 21.81
C VAL A 595 -21.86 -8.30 23.02
N SER A 596 -22.61 -7.69 23.85
CA SER A 596 -21.97 -7.07 24.98
C SER A 596 -22.21 -7.94 26.16
N VAL A 597 -21.28 -7.98 27.07
CA VAL A 597 -21.41 -8.89 28.18
C VAL A 597 -21.50 -8.07 29.43
N ILE A 598 -22.67 -7.95 29.98
CA ILE A 598 -22.79 -7.17 31.18
C ILE A 598 -22.27 -7.98 32.33
N THR A 599 -21.37 -7.41 33.10
CA THR A 599 -21.05 -8.11 34.28
C THR A 599 -20.85 -7.25 35.50
N PRO A 600 -21.35 -7.66 36.64
CA PRO A 600 -20.82 -7.14 37.87
C PRO A 600 -19.44 -7.71 37.98
N GLY A 601 -18.53 -6.98 38.61
CA GLY A 601 -17.14 -7.39 38.57
C GLY A 601 -17.00 -8.83 39.01
N THR A 602 -16.11 -9.56 38.36
CA THR A 602 -15.93 -10.95 38.77
C THR A 602 -15.67 -11.05 40.25
N ASN A 603 -15.17 -9.99 40.84
CA ASN A 603 -15.03 -10.00 42.28
C ASN A 603 -16.34 -10.29 42.95
N THR A 604 -17.43 -9.75 42.43
CA THR A 604 -18.72 -10.06 43.01
C THR A 604 -19.25 -11.39 42.53
N SER A 605 -19.68 -11.49 41.29
CA SER A 605 -20.28 -12.71 40.82
C SER A 605 -19.45 -13.31 39.72
N ASN A 606 -19.90 -14.46 39.28
CA ASN A 606 -19.60 -15.01 37.98
C ASN A 606 -20.73 -14.89 37.01
N GLN A 607 -21.82 -14.28 37.41
CA GLN A 607 -23.02 -14.29 36.61
C GLN A 607 -22.99 -13.11 35.65
N VAL A 608 -23.11 -13.38 34.36
CA VAL A 608 -23.10 -12.31 33.39
C VAL A 608 -24.43 -12.30 32.72
N ALA A 609 -24.80 -11.15 32.19
CA ALA A 609 -26.00 -11.05 31.40
C ALA A 609 -25.63 -10.55 30.03
N VAL A 610 -25.68 -11.41 29.02
CA VAL A 610 -25.33 -10.95 27.71
C VAL A 610 -26.34 -9.95 27.25
N LEU A 611 -25.92 -9.07 26.36
CA LEU A 611 -26.76 -8.13 25.68
C LEU A 611 -26.50 -8.24 24.21
N TYR A 612 -27.47 -8.64 23.43
CA TYR A 612 -27.31 -8.65 22.00
C TYR A 612 -27.81 -7.34 21.49
N GLN A 613 -26.91 -6.52 20.98
CA GLN A 613 -27.32 -5.19 20.59
C GLN A 613 -28.10 -5.25 19.32
N ASP A 614 -29.19 -4.51 19.27
CA ASP A 614 -29.81 -4.20 18.00
C ASP A 614 -30.27 -5.45 17.28
N VAL A 615 -31.05 -6.28 17.96
CA VAL A 615 -31.83 -7.28 17.27
C VAL A 615 -33.16 -7.37 17.97
N ASN A 616 -34.08 -8.03 17.30
CA ASN A 616 -35.36 -8.37 17.88
C ASN A 616 -35.24 -9.75 18.46
N CYS A 617 -35.84 -10.01 19.62
CA CYS A 617 -35.38 -11.22 20.29
C CYS A 617 -36.12 -12.36 19.66
N THR A 618 -35.49 -12.94 18.66
CA THR A 618 -35.83 -14.27 18.19
C THR A 618 -34.52 -14.96 17.89
N GLU A 619 -33.84 -14.42 16.88
CA GLU A 619 -32.74 -15.08 16.20
C GLU A 619 -31.68 -15.57 17.16
N VAL A 620 -31.67 -15.04 18.35
CA VAL A 620 -30.95 -15.65 19.42
C VAL A 620 -31.04 -17.17 19.39
N ASN A 641 -37.00 -15.67 30.36
CA ASN A 641 -35.99 -14.76 30.87
C ASN A 641 -35.20 -14.09 29.79
N VAL A 642 -35.89 -13.27 29.03
CA VAL A 642 -35.33 -12.43 28.00
C VAL A 642 -36.12 -11.15 28.01
N PHE A 643 -35.44 -10.05 27.91
CA PHE A 643 -36.10 -8.77 28.02
C PHE A 643 -35.72 -7.94 26.82
N GLN A 644 -36.63 -7.77 25.87
CA GLN A 644 -36.30 -7.01 24.68
C GLN A 644 -36.25 -5.54 25.02
N THR A 645 -35.20 -4.87 24.58
CA THR A 645 -34.95 -3.53 25.02
C THR A 645 -35.08 -2.58 23.86
N ARG A 646 -34.95 -1.30 24.18
CA ARG A 646 -34.67 -0.35 23.14
C ARG A 646 -33.28 -0.53 22.57
N ALA A 647 -32.37 -1.07 23.36
CA ALA A 647 -30.99 -1.23 22.94
C ALA A 647 -30.82 -2.47 22.09
N GLY A 648 -31.47 -3.55 22.48
CA GLY A 648 -31.20 -4.82 21.88
C GLY A 648 -31.79 -5.90 22.76
N CYS A 649 -31.42 -7.12 22.46
CA CYS A 649 -32.02 -8.26 23.11
C CYS A 649 -31.20 -8.60 24.31
N LEU A 650 -31.74 -8.40 25.48
CA LEU A 650 -30.97 -8.57 26.69
C LEU A 650 -31.28 -9.91 27.31
N ILE A 651 -30.26 -10.72 27.48
CA ILE A 651 -30.45 -12.10 27.90
C ILE A 651 -29.77 -12.32 29.21
N GLY A 652 -30.53 -12.73 30.20
CA GLY A 652 -29.92 -13.06 31.43
C GLY A 652 -30.07 -12.03 32.49
N ALA A 653 -30.98 -11.10 32.33
CA ALA A 653 -31.25 -10.23 33.44
C ALA A 653 -32.74 -10.02 33.56
N GLU A 654 -33.12 -9.49 34.68
CA GLU A 654 -34.50 -9.56 35.12
C GLU A 654 -35.05 -8.16 35.12
N HIS A 655 -35.97 -7.89 34.21
CA HIS A 655 -36.51 -6.56 34.16
C HIS A 655 -37.05 -6.16 35.50
N VAL A 656 -36.96 -4.88 35.80
CA VAL A 656 -37.46 -4.43 37.08
C VAL A 656 -38.25 -3.17 36.88
N ASN A 657 -39.53 -3.23 37.16
CA ASN A 657 -40.31 -2.03 37.18
C ASN A 657 -39.67 -0.92 37.95
N ASN A 658 -39.03 -1.20 39.08
CA ASN A 658 -38.43 -0.14 39.87
C ASN A 658 -37.35 0.55 39.07
N SER A 659 -36.95 1.72 39.53
CA SER A 659 -35.95 2.50 38.82
C SER A 659 -34.98 3.09 39.82
N TYR A 660 -33.71 2.78 39.66
CA TYR A 660 -32.68 3.18 40.59
C TYR A 660 -31.62 3.95 39.83
N GLU A 661 -30.63 4.47 40.54
CA GLU A 661 -29.62 5.23 39.82
C GLU A 661 -28.82 4.32 38.92
N CYS A 662 -28.18 4.92 37.95
CA CYS A 662 -27.56 4.12 36.92
C CYS A 662 -26.32 3.46 37.45
N ASP A 663 -26.03 2.30 36.89
CA ASP A 663 -24.95 1.52 37.46
C ASP A 663 -24.02 1.02 36.37
N ILE A 664 -24.54 0.26 35.41
CA ILE A 664 -23.74 -0.25 34.32
C ILE A 664 -24.40 0.14 33.02
N PRO A 665 -24.49 1.42 32.74
CA PRO A 665 -25.38 1.88 31.69
C PRO A 665 -25.21 1.11 30.41
N ILE A 666 -26.34 0.73 29.84
CA ILE A 666 -26.40 -0.16 28.71
C ILE A 666 -26.75 0.58 27.46
N GLY A 667 -27.91 1.20 27.45
CA GLY A 667 -28.34 1.91 26.28
C GLY A 667 -29.70 2.46 26.57
N ALA A 668 -30.04 3.48 25.84
CA ALA A 668 -31.39 3.95 25.85
C ALA A 668 -31.99 4.03 27.24
N GLY A 669 -31.20 4.32 28.25
CA GLY A 669 -31.75 4.50 29.56
C GLY A 669 -31.88 3.26 30.41
N ILE A 670 -31.32 2.16 29.97
CA ILE A 670 -31.43 0.89 30.65
C ILE A 670 -30.15 0.62 31.39
N CYS A 671 -30.15 0.70 32.69
CA CYS A 671 -28.92 0.53 33.44
C CYS A 671 -29.00 -0.73 34.25
N ALA A 672 -28.24 -1.74 33.87
CA ALA A 672 -28.19 -2.98 34.62
C ALA A 672 -27.57 -2.74 35.97
N SER A 673 -27.83 -3.63 36.93
CA SER A 673 -27.05 -3.67 38.15
C SER A 673 -27.21 -5.03 38.80
N TYR A 674 -26.31 -5.33 39.72
CA TYR A 674 -26.15 -6.71 40.15
C TYR A 674 -27.10 -7.15 41.23
N GLN A 675 -27.46 -6.27 42.14
CA GLN A 675 -28.05 -6.74 43.38
C GLN A 675 -29.40 -7.36 43.16
N THR A 676 -29.84 -8.13 44.15
CA THR A 676 -31.27 -8.28 44.39
C THR A 676 -31.89 -6.89 44.49
N SER A 689 -29.55 -15.80 45.68
CA SER A 689 -30.71 -14.96 45.45
C SER A 689 -30.46 -14.01 44.29
N GLN A 690 -29.41 -13.20 44.45
CA GLN A 690 -29.18 -12.06 43.59
C GLN A 690 -29.00 -12.45 42.14
N SER A 691 -29.38 -11.53 41.27
CA SER A 691 -29.13 -11.66 39.85
C SER A 691 -29.02 -10.28 39.27
N ILE A 692 -28.70 -10.21 38.00
CA ILE A 692 -28.50 -8.95 37.32
C ILE A 692 -29.86 -8.39 36.94
N ILE A 693 -30.15 -7.18 37.37
CA ILE A 693 -31.41 -6.58 37.01
C ILE A 693 -31.15 -5.45 36.06
N ALA A 694 -32.09 -5.24 35.16
CA ALA A 694 -31.94 -4.23 34.13
C ALA A 694 -33.16 -3.36 34.16
N TYR A 695 -32.99 -2.12 34.52
CA TYR A 695 -34.14 -1.33 34.85
C TYR A 695 -33.95 0.05 34.30
N THR A 696 -35.00 0.64 33.78
CA THR A 696 -34.90 1.99 33.30
C THR A 696 -34.36 2.90 34.36
N MET A 697 -33.33 3.64 34.01
CA MET A 697 -32.59 4.39 35.00
C MET A 697 -33.38 5.60 35.44
N SER A 698 -33.09 6.05 36.64
CA SER A 698 -33.76 7.20 37.18
C SER A 698 -32.83 8.35 36.97
N LEU A 699 -33.17 9.22 36.03
CA LEU A 699 -32.40 10.43 35.99
C LEU A 699 -32.55 11.00 37.37
N GLY A 700 -31.45 11.10 38.06
CA GLY A 700 -31.54 11.68 39.34
C GLY A 700 -32.53 11.00 40.27
N ALA A 701 -32.79 11.70 41.36
CA ALA A 701 -33.69 11.28 42.41
C ALA A 701 -34.59 12.44 42.76
N GLU A 702 -35.88 12.29 42.52
CA GLU A 702 -36.73 13.45 42.31
C GLU A 702 -36.77 14.35 43.53
N ASN A 703 -37.11 15.60 43.28
CA ASN A 703 -37.35 16.62 44.29
C ASN A 703 -38.23 17.66 43.65
N SER A 704 -38.85 18.48 44.47
CA SER A 704 -39.51 19.67 43.94
C SER A 704 -39.40 20.69 45.03
N VAL A 705 -39.15 21.92 44.67
CA VAL A 705 -38.87 22.92 45.67
C VAL A 705 -40.16 23.62 45.96
N ALA A 706 -40.43 23.87 47.21
CA ALA A 706 -41.64 24.62 47.45
C ALA A 706 -41.31 26.05 47.12
N TYR A 707 -41.82 26.50 46.00
CA TYR A 707 -41.67 27.87 45.61
C TYR A 707 -42.84 28.58 46.21
N SER A 708 -42.62 29.76 46.74
CA SER A 708 -43.78 30.62 46.73
C SER A 708 -43.31 32.04 46.81
N ASN A 709 -44.04 32.88 46.12
CA ASN A 709 -43.54 34.16 45.76
C ASN A 709 -43.13 35.00 46.93
N ASN A 710 -43.47 34.64 48.14
CA ASN A 710 -42.88 35.37 49.24
C ASN A 710 -41.93 34.54 50.07
N SER A 711 -41.58 33.34 49.67
CA SER A 711 -40.95 32.43 50.59
C SER A 711 -39.51 32.17 50.26
N ILE A 712 -38.59 32.65 51.10
CA ILE A 712 -37.17 32.50 50.87
C ILE A 712 -36.59 31.57 51.89
N ALA A 713 -35.52 30.90 51.53
CA ALA A 713 -34.91 29.92 52.40
C ALA A 713 -33.42 30.13 52.45
N ILE A 714 -32.90 30.51 53.62
CA ILE A 714 -31.55 31.03 53.80
C ILE A 714 -30.74 30.06 54.65
N PRO A 715 -29.67 29.48 54.15
CA PRO A 715 -28.93 28.54 54.97
C PRO A 715 -28.44 29.21 56.22
N THR A 716 -28.52 28.49 57.33
CA THR A 716 -28.03 28.96 58.59
C THR A 716 -26.65 28.49 58.91
N ASN A 717 -26.13 27.55 58.17
CA ASN A 717 -24.93 26.91 58.62
C ASN A 717 -24.34 26.21 57.43
N PHE A 718 -23.06 25.95 57.51
CA PHE A 718 -22.40 25.60 56.29
C PHE A 718 -21.56 24.40 56.49
N THR A 719 -20.78 24.14 55.49
CA THR A 719 -19.83 23.09 55.63
C THR A 719 -18.55 23.62 55.06
N ILE A 720 -17.53 22.81 54.95
CA ILE A 720 -16.40 23.08 54.11
C ILE A 720 -16.10 21.76 53.47
N SER A 721 -16.32 21.63 52.19
CA SER A 721 -15.96 20.33 51.75
C SER A 721 -14.50 20.35 51.45
N VAL A 722 -14.02 19.31 50.83
CA VAL A 722 -12.79 19.29 50.08
C VAL A 722 -12.99 18.29 49.01
N THR A 723 -12.65 18.59 47.80
CA THR A 723 -12.90 17.59 46.81
C THR A 723 -11.59 17.33 46.16
N THR A 724 -11.64 16.71 45.04
CA THR A 724 -10.43 16.43 44.35
C THR A 724 -10.69 16.59 42.89
N GLU A 725 -9.68 16.96 42.15
CA GLU A 725 -9.85 17.09 40.74
C GLU A 725 -8.56 16.71 40.13
N ILE A 726 -8.58 15.90 39.12
CA ILE A 726 -7.37 15.21 38.77
C ILE A 726 -7.16 15.34 37.31
N LEU A 727 -6.14 16.03 36.92
CA LEU A 727 -6.06 16.32 35.53
C LEU A 727 -4.84 15.65 35.00
N PRO A 728 -4.84 15.11 33.82
CA PRO A 728 -3.59 14.74 33.24
C PRO A 728 -2.88 16.03 33.00
N VAL A 729 -1.60 15.97 32.81
CA VAL A 729 -0.88 17.17 32.46
C VAL A 729 0.09 16.87 31.37
N SER A 730 1.01 16.00 31.62
CA SER A 730 1.84 15.65 30.52
C SER A 730 1.54 14.24 30.17
N MET A 731 2.29 13.71 29.25
CA MET A 731 2.15 12.32 28.96
C MET A 731 3.54 11.84 28.67
N THR A 732 3.73 10.55 28.69
CA THR A 732 5.09 10.07 28.63
C THR A 732 5.68 10.36 27.29
N LYS A 733 6.85 10.96 27.28
CA LYS A 733 7.37 11.53 26.05
C LYS A 733 8.08 10.42 25.36
N THR A 734 7.55 9.87 24.34
CA THR A 734 8.43 8.87 23.82
C THR A 734 9.17 9.51 22.71
N SER A 735 9.93 8.72 22.02
CA SER A 735 10.45 9.11 20.74
C SER A 735 10.79 7.84 20.06
N VAL A 736 10.78 7.85 18.75
CA VAL A 736 10.93 6.61 18.04
C VAL A 736 11.84 6.83 16.86
N ASP A 737 12.93 6.12 16.85
CA ASP A 737 13.65 5.92 15.61
C ASP A 737 12.70 5.44 14.58
N CYS A 738 12.62 6.14 13.48
CA CYS A 738 11.91 5.57 12.36
C CYS A 738 12.66 4.38 11.82
N THR A 739 13.94 4.55 11.56
CA THR A 739 14.64 3.53 10.80
C THR A 739 14.63 2.19 11.49
N MET A 740 15.37 2.04 12.57
CA MET A 740 15.58 0.68 13.04
C MET A 740 14.28 0.05 13.44
N TYR A 741 13.33 0.85 13.88
CA TYR A 741 12.01 0.29 14.01
C TYR A 741 11.67 -0.41 12.75
N ILE A 742 11.72 0.29 11.66
CA ILE A 742 11.31 -0.32 10.42
C ILE A 742 12.34 -1.32 10.00
N CYS A 743 13.52 -0.84 9.65
CA CYS A 743 14.57 -1.73 9.18
C CYS A 743 15.43 -2.14 10.36
N GLY A 744 15.32 -3.37 10.78
CA GLY A 744 16.37 -3.95 11.59
C GLY A 744 17.57 -4.17 10.71
N ASP A 745 18.70 -3.55 11.03
CA ASP A 745 20.01 -4.03 10.60
C ASP A 745 20.04 -4.45 9.14
N SER A 746 19.29 -3.80 8.30
CA SER A 746 19.42 -4.07 6.88
C SER A 746 19.57 -2.75 6.15
N THR A 747 20.76 -2.50 5.65
CA THR A 747 20.87 -1.43 4.69
C THR A 747 19.94 -1.69 3.54
N GLU A 748 19.93 -2.93 3.07
CA GLU A 748 19.04 -3.35 1.99
C GLU A 748 17.63 -2.87 2.27
N CYS A 749 17.15 -3.16 3.46
CA CYS A 749 15.95 -2.49 3.92
C CYS A 749 16.14 -1.00 3.90
N SER A 750 17.03 -0.50 4.75
CA SER A 750 17.19 0.94 4.88
C SER A 750 17.34 1.61 3.54
N ASN A 751 17.97 0.94 2.58
CA ASN A 751 18.03 1.47 1.24
C ASN A 751 16.63 1.65 0.67
N LEU A 752 15.84 0.59 0.66
CA LEU A 752 14.45 0.73 0.26
C LEU A 752 13.82 1.90 0.98
N LEU A 753 14.00 1.95 2.29
CA LEU A 753 13.42 3.03 3.06
C LEU A 753 13.87 4.39 2.58
N LEU A 754 15.04 4.47 1.95
CA LEU A 754 15.47 5.76 1.40
C LEU A 754 14.43 6.29 0.45
N GLN A 755 13.74 5.39 -0.25
CA GLN A 755 12.86 5.82 -1.30
C GLN A 755 11.75 6.70 -0.76
N TYR A 756 10.97 6.19 0.17
CA TYR A 756 9.91 7.00 0.73
C TYR A 756 10.42 8.32 1.24
N GLY A 757 11.69 8.39 1.57
CA GLY A 757 12.27 9.67 1.88
C GLY A 757 11.78 10.24 3.18
N SER A 758 11.17 11.41 3.08
CA SER A 758 10.94 12.28 4.20
C SER A 758 10.20 11.63 5.35
N PHE A 759 9.43 10.57 5.09
CA PHE A 759 8.69 9.92 6.16
C PHE A 759 9.55 9.74 7.37
N CYS A 760 10.53 8.87 7.24
CA CYS A 760 11.38 8.57 8.36
C CYS A 760 11.77 9.83 9.09
N THR A 761 12.01 10.90 8.37
CA THR A 761 12.42 12.08 9.10
C THR A 761 11.30 13.01 9.43
N GLN A 762 10.10 12.78 8.95
CA GLN A 762 9.07 13.62 9.46
C GLN A 762 8.27 12.96 10.54
N LEU A 763 8.47 11.70 10.80
CA LEU A 763 7.94 11.22 12.04
C LEU A 763 8.69 11.97 13.11
N ASN A 764 9.97 11.69 13.21
CA ASN A 764 10.75 12.27 14.27
C ASN A 764 10.47 13.74 14.43
N ARG A 765 10.16 14.42 13.35
CA ARG A 765 9.74 15.79 13.55
C ARG A 765 8.45 15.83 14.33
N ALA A 766 7.48 15.00 13.99
CA ALA A 766 6.27 14.99 14.76
C ALA A 766 6.57 14.62 16.17
N LEU A 767 6.96 13.38 16.40
CA LEU A 767 7.16 12.89 17.75
C LEU A 767 8.08 13.74 18.56
N THR A 768 8.88 14.56 17.93
CA THR A 768 9.52 15.54 18.76
C THR A 768 8.57 16.65 19.10
N GLY A 769 7.85 17.15 18.13
CA GLY A 769 6.98 18.26 18.39
C GLY A 769 6.13 18.02 19.61
N ILE A 770 5.63 16.82 19.75
CA ILE A 770 4.99 16.41 20.99
C ILE A 770 6.00 16.56 22.09
N ALA A 771 6.96 15.67 22.08
CA ALA A 771 7.83 15.51 23.21
C ALA A 771 8.43 16.81 23.64
N VAL A 772 8.52 17.78 22.77
CA VAL A 772 8.93 19.08 23.23
C VAL A 772 7.88 19.66 24.14
N GLU A 773 6.67 19.76 23.65
CA GLU A 773 5.73 20.50 24.44
C GLU A 773 5.42 19.78 25.71
N GLN A 774 5.47 18.46 25.72
CA GLN A 774 5.12 17.75 26.92
C GLN A 774 5.83 18.32 28.09
N ASP A 775 6.92 19.00 27.85
CA ASP A 775 7.62 19.72 28.88
C ASP A 775 7.34 21.18 28.86
N LYS A 776 6.54 21.62 27.92
CA LYS A 776 5.97 22.95 28.04
C LYS A 776 4.73 22.93 28.88
N ASN A 777 3.93 21.90 28.75
CA ASN A 777 2.80 21.74 29.63
C ASN A 777 3.26 21.85 31.05
N THR A 778 4.04 20.88 31.47
CA THR A 778 4.47 20.86 32.83
C THR A 778 5.15 22.14 33.22
N GLN A 779 5.66 22.85 32.25
CA GLN A 779 6.25 24.12 32.59
C GLN A 779 5.20 25.07 33.06
N GLU A 780 4.10 25.14 32.32
CA GLU A 780 3.08 26.14 32.54
C GLU A 780 2.22 25.82 33.70
N VAL A 781 1.88 24.56 33.83
CA VAL A 781 1.06 24.18 34.95
C VAL A 781 1.73 24.60 36.21
N PHE A 782 2.87 24.01 36.48
CA PHE A 782 3.54 24.20 37.76
C PHE A 782 4.32 25.48 37.81
N ALA A 783 5.15 25.77 36.83
CA ALA A 783 6.03 26.89 37.10
C ALA A 783 5.31 28.13 36.67
N GLN A 784 4.51 28.59 37.56
CA GLN A 784 3.97 29.92 37.50
C GLN A 784 4.57 30.77 38.56
N VAL A 785 5.40 30.18 39.37
CA VAL A 785 5.85 30.85 40.55
C VAL A 785 7.26 31.30 40.27
N LYS A 786 7.46 32.57 40.43
CA LYS A 786 8.76 33.19 40.45
C LYS A 786 9.77 32.40 41.28
N GLN A 787 9.60 32.38 42.59
CA GLN A 787 10.64 32.05 43.53
C GLN A 787 10.18 30.92 44.40
N ILE A 788 10.92 29.82 44.41
CA ILE A 788 10.49 28.74 45.27
C ILE A 788 10.35 29.27 46.67
N TYR A 789 9.18 29.16 47.24
CA TYR A 789 8.98 29.63 48.59
C TYR A 789 9.23 28.51 49.55
N LYS A 790 9.00 28.74 50.82
CA LYS A 790 8.78 27.63 51.70
C LYS A 790 8.13 28.14 52.95
N THR A 791 7.46 27.24 53.64
CA THR A 791 6.67 27.58 54.77
C THR A 791 7.58 28.12 55.82
N PRO A 792 7.05 28.78 56.83
CA PRO A 792 7.86 29.09 57.96
C PRO A 792 8.28 27.81 58.63
N PRO A 793 9.25 27.86 59.54
CA PRO A 793 9.58 26.66 60.29
C PRO A 793 8.40 26.12 61.04
N ILE A 794 7.69 26.98 61.74
CA ILE A 794 6.66 26.58 62.70
C ILE A 794 5.29 26.82 62.10
N LYS A 795 4.38 25.89 62.32
CA LYS A 795 3.07 25.97 61.71
C LYS A 795 2.09 26.53 62.73
N ASP A 796 1.78 27.80 62.60
CA ASP A 796 0.71 28.44 63.35
C ASP A 796 -0.26 28.99 62.34
N PHE A 797 -1.27 28.22 62.00
CA PHE A 797 -2.20 28.63 60.97
C PHE A 797 -3.54 29.02 61.52
N GLY A 798 -3.64 29.27 62.80
CA GLY A 798 -4.96 29.55 63.27
C GLY A 798 -5.78 28.31 63.36
N GLY A 799 -5.16 27.16 63.27
CA GLY A 799 -5.82 25.91 63.52
C GLY A 799 -6.00 25.03 62.33
N PHE A 800 -5.75 25.48 61.14
CA PHE A 800 -5.94 24.58 60.04
C PHE A 800 -4.70 23.76 60.09
N ASN A 801 -4.75 22.56 59.59
CA ASN A 801 -3.61 21.70 59.77
C ASN A 801 -3.22 21.13 58.43
N PHE A 802 -2.10 21.55 57.92
CA PHE A 802 -1.77 21.14 56.60
C PHE A 802 -0.79 20.01 56.56
N SER A 803 -0.34 19.52 57.70
CA SER A 803 0.77 18.60 57.69
C SER A 803 0.57 17.52 56.66
N GLN A 804 -0.66 17.20 56.37
CA GLN A 804 -0.93 16.28 55.30
C GLN A 804 -0.26 16.72 54.02
N ILE A 805 -0.58 17.93 53.58
CA ILE A 805 -0.12 18.42 52.29
C ILE A 805 1.25 19.09 52.28
N LEU A 806 1.64 19.73 53.31
CA LEU A 806 2.91 20.41 53.17
C LEU A 806 4.06 19.42 53.16
N PRO A 807 5.12 19.71 52.44
CA PRO A 807 6.09 18.66 52.11
C PRO A 807 6.55 17.96 53.35
N ASP A 808 6.88 16.71 53.18
CA ASP A 808 7.19 15.86 54.31
C ASP A 808 8.70 15.88 54.52
N PRO A 809 9.19 16.59 55.52
CA PRO A 809 10.63 16.84 55.57
C PRO A 809 11.43 15.58 55.74
N SER A 810 10.89 14.59 56.40
CA SER A 810 11.61 13.36 56.67
C SER A 810 11.52 12.35 55.54
N LYS A 811 10.73 12.62 54.51
CA LYS A 811 10.89 11.91 53.26
C LYS A 811 12.23 12.28 52.63
N PRO A 812 12.80 11.38 51.89
CA PRO A 812 14.03 11.72 51.16
C PRO A 812 13.77 12.74 50.08
N SER A 813 12.83 12.43 49.19
CA SER A 813 12.24 13.39 48.28
C SER A 813 11.02 13.92 48.95
N LYS A 814 10.91 15.21 49.07
CA LYS A 814 9.92 15.66 50.01
C LYS A 814 8.64 15.79 49.21
N ARG A 815 7.83 14.75 49.28
CA ARG A 815 6.54 14.72 48.66
C ARG A 815 5.59 14.52 49.80
N SER A 816 4.83 15.53 50.10
CA SER A 816 4.08 15.46 51.32
C SER A 816 3.09 14.33 51.25
N PHE A 817 2.61 13.98 52.42
CA PHE A 817 1.98 12.70 52.59
C PHE A 817 1.05 12.38 51.46
N ILE A 818 0.00 13.17 51.30
CA ILE A 818 -0.98 12.89 50.27
C ILE A 818 -0.32 12.61 48.95
N GLU A 819 0.69 13.37 48.61
CA GLU A 819 1.21 13.12 47.28
C GLU A 819 1.70 11.71 47.19
N ASP A 820 2.10 11.12 48.30
CA ASP A 820 2.63 9.77 48.22
C ASP A 820 1.55 8.74 48.06
N LEU A 821 0.38 8.96 48.63
CA LEU A 821 -0.68 8.04 48.31
C LEU A 821 -0.80 7.97 46.82
N LEU A 822 -0.69 9.10 46.17
CA LEU A 822 -0.87 9.16 44.74
C LEU A 822 0.18 8.35 44.04
N PHE A 823 1.45 8.61 44.32
CA PHE A 823 2.46 7.89 43.58
C PHE A 823 2.37 6.40 43.78
N ASN A 824 1.71 5.95 44.81
CA ASN A 824 1.46 4.53 44.90
C ASN A 824 0.24 4.15 44.09
N LYS A 825 -0.83 4.93 44.17
CA LYS A 825 -2.06 4.53 43.52
C LYS A 825 -1.92 4.46 42.02
N VAL A 826 -0.79 4.87 41.49
CA VAL A 826 -0.57 4.82 40.06
C VAL A 826 0.64 3.96 39.79
N THR A 827 0.65 3.34 38.60
CA THR A 827 1.77 2.51 38.19
C THR A 827 2.58 3.18 37.09
N LEU A 849 7.96 -2.42 33.21
CA LEU A 849 7.11 -1.61 32.30
C LEU A 849 7.82 -0.30 31.98
N ILE A 850 9.12 -0.21 32.31
CA ILE A 850 9.92 1.02 32.05
C ILE A 850 10.78 0.78 30.79
N CYS A 851 11.76 -0.12 30.88
CA CYS A 851 12.64 -0.44 29.73
C CYS A 851 12.02 -1.57 28.91
N ALA A 852 10.93 -2.15 29.41
CA ALA A 852 10.23 -3.25 28.69
C ALA A 852 9.80 -2.78 27.31
N GLN A 853 9.16 -1.61 27.23
CA GLN A 853 8.69 -1.05 25.93
C GLN A 853 9.87 -0.38 25.22
N LYS A 854 10.86 0.08 25.99
CA LYS A 854 12.06 0.75 25.41
C LYS A 854 13.04 -0.31 24.91
N PHE A 855 12.72 -0.96 23.79
CA PHE A 855 13.60 -2.02 23.21
C PHE A 855 13.73 -1.81 21.70
N ASN A 856 12.60 -1.60 21.02
CA ASN A 856 12.59 -1.39 19.55
C ASN A 856 12.65 0.11 19.23
N GLY A 857 13.88 0.64 19.11
CA GLY A 857 14.08 2.01 18.80
C GLY A 857 13.11 2.90 19.46
N LEU A 858 12.37 2.36 20.44
CA LEU A 858 11.33 3.15 21.16
C LEU A 858 11.90 3.72 22.46
N THR A 859 12.88 4.63 22.35
CA THR A 859 13.50 5.26 23.55
C THR A 859 12.45 6.15 24.22
N VAL A 860 12.47 6.21 25.56
CA VAL A 860 11.50 7.06 26.32
C VAL A 860 12.27 8.16 27.05
N LEU A 861 12.45 9.32 26.41
CA LEU A 861 13.19 10.45 27.02
C LEU A 861 12.57 10.82 28.37
N PRO A 862 13.38 11.07 29.42
CA PRO A 862 12.84 11.41 30.75
C PRO A 862 12.21 12.83 30.73
N PRO A 863 11.21 13.11 31.58
CA PRO A 863 10.57 14.43 31.62
C PRO A 863 11.54 15.50 32.15
N LEU A 864 11.88 16.48 31.31
CA LEU A 864 12.79 17.54 31.71
C LEU A 864 12.64 17.90 33.16
N LEU A 865 11.45 18.26 33.60
CA LEU A 865 11.39 18.38 35.04
C LEU A 865 11.36 16.99 35.63
N THR A 866 11.75 16.89 36.88
CA THR A 866 11.80 15.61 37.53
C THR A 866 10.85 15.57 38.68
N ASP A 867 10.24 14.42 38.86
CA ASP A 867 9.22 14.29 39.87
C ASP A 867 9.70 14.80 41.19
N GLU A 868 10.99 14.97 41.35
CA GLU A 868 11.46 15.66 42.54
C GLU A 868 11.27 17.15 42.43
N MET A 869 11.45 17.73 41.26
CA MET A 869 11.30 19.16 41.19
C MET A 869 9.85 19.52 41.27
N ILE A 870 9.04 18.85 40.48
CA ILE A 870 7.63 19.10 40.37
C ILE A 870 7.14 19.30 41.76
N ALA A 871 7.63 18.48 42.65
CA ALA A 871 7.20 18.59 44.01
C ALA A 871 7.93 19.65 44.76
N GLN A 872 8.86 20.37 44.17
CA GLN A 872 9.22 21.60 44.87
C GLN A 872 8.26 22.69 44.51
N TYR A 873 7.95 22.83 43.24
CA TYR A 873 7.00 23.84 42.86
C TYR A 873 5.76 23.70 43.69
N THR A 874 5.06 22.61 43.54
CA THR A 874 3.82 22.49 44.24
C THR A 874 4.07 22.56 45.71
N SER A 875 5.30 22.62 46.13
CA SER A 875 5.49 23.09 47.48
C SER A 875 5.52 24.59 47.56
N ALA A 876 6.06 25.26 46.56
CA ALA A 876 5.93 26.70 46.56
C ALA A 876 4.48 27.11 46.54
N LEU A 877 3.82 26.81 45.43
CA LEU A 877 2.47 27.24 45.17
C LEU A 877 1.69 27.04 46.41
N LEU A 878 1.96 25.96 47.04
CA LEU A 878 1.26 25.61 48.23
C LEU A 878 1.84 26.26 49.44
N ALA A 879 3.03 26.78 49.39
CA ALA A 879 3.43 27.55 50.53
C ALA A 879 3.27 29.02 50.31
N GLY A 880 2.97 29.45 49.12
CA GLY A 880 2.71 30.85 49.02
C GLY A 880 1.26 31.03 49.22
N THR A 881 0.49 30.02 48.83
CA THR A 881 -0.94 30.10 49.01
C THR A 881 -1.24 30.27 50.45
N ILE A 882 -0.48 29.62 51.28
CA ILE A 882 -0.79 29.56 52.67
C ILE A 882 -0.41 30.85 53.35
N THR A 883 0.82 31.27 53.22
CA THR A 883 1.24 32.46 53.91
C THR A 883 0.80 33.72 53.21
N SER A 884 1.11 33.81 51.95
CA SER A 884 1.07 35.06 51.22
C SER A 884 -0.28 35.40 50.68
N GLY A 885 -1.29 34.65 50.98
CA GLY A 885 -2.54 34.90 50.34
C GLY A 885 -2.45 34.51 48.88
N TRP A 886 -3.26 35.13 48.07
CA TRP A 886 -3.11 34.93 46.66
C TRP A 886 -2.04 35.79 46.05
N THR A 887 -1.70 36.88 46.70
CA THR A 887 -0.99 37.91 45.99
C THR A 887 0.28 37.42 45.43
N PHE A 888 0.68 36.23 45.74
CA PHE A 888 1.97 35.98 45.17
C PHE A 888 1.89 35.74 43.70
N GLY A 889 0.72 35.73 43.14
CA GLY A 889 0.66 35.58 41.70
C GLY A 889 0.72 36.93 41.04
N ALA A 890 0.28 37.93 41.76
CA ALA A 890 0.19 39.30 41.30
C ALA A 890 1.39 40.12 41.66
N GLY A 891 2.45 39.53 42.16
CA GLY A 891 3.50 40.43 42.57
C GLY A 891 4.35 39.81 43.65
N ALA A 892 4.94 40.67 44.45
CA ALA A 892 5.74 40.18 45.55
C ALA A 892 4.86 39.50 46.57
N ALA A 893 5.19 38.29 46.93
CA ALA A 893 4.39 37.61 47.93
C ALA A 893 4.30 38.48 49.15
N LEU A 894 3.17 38.46 49.80
CA LEU A 894 2.95 39.31 50.96
C LEU A 894 2.47 38.47 52.10
N GLN A 895 3.24 38.34 53.15
CA GLN A 895 2.70 37.58 54.24
C GLN A 895 1.43 38.21 54.71
N ILE A 896 0.46 37.36 54.98
CA ILE A 896 -0.76 37.77 55.63
C ILE A 896 -1.21 36.59 56.46
N PRO A 897 -1.72 36.78 57.66
CA PRO A 897 -1.92 35.66 58.52
C PRO A 897 -3.07 34.87 58.02
N PHE A 898 -2.92 33.56 57.95
CA PHE A 898 -3.92 32.76 57.27
C PHE A 898 -5.33 33.14 57.66
N ALA A 899 -5.72 32.92 58.87
CA ALA A 899 -7.10 33.24 59.17
C ALA A 899 -7.45 34.68 58.93
N MET A 900 -6.52 35.53 58.59
CA MET A 900 -6.91 36.78 57.98
C MET A 900 -6.87 36.70 56.51
N GLN A 901 -6.62 35.54 55.97
CA GLN A 901 -6.88 35.30 54.58
C GLN A 901 -8.23 34.66 54.42
N MET A 902 -8.45 33.50 54.99
CA MET A 902 -9.75 32.91 54.86
C MET A 902 -10.81 33.88 55.30
N ALA A 903 -10.45 35.03 55.80
CA ALA A 903 -11.49 36.01 55.92
C ALA A 903 -11.73 36.65 54.60
N TYR A 904 -10.72 36.77 53.76
CA TYR A 904 -11.03 37.32 52.44
C TYR A 904 -11.58 36.27 51.57
N ARG A 905 -10.96 35.14 51.51
CA ARG A 905 -11.52 34.20 50.61
C ARG A 905 -12.94 33.90 50.98
N PHE A 906 -13.46 34.43 52.06
CA PHE A 906 -14.92 34.45 52.19
C PHE A 906 -15.52 35.57 51.37
N ASN A 907 -15.26 36.81 51.68
CA ASN A 907 -16.03 37.83 50.99
C ASN A 907 -16.15 37.50 49.55
N GLY A 908 -15.10 36.96 49.00
CA GLY A 908 -15.17 36.51 47.64
C GLY A 908 -16.39 35.67 47.34
N ILE A 909 -16.88 34.92 48.31
CA ILE A 909 -18.14 34.22 48.12
C ILE A 909 -19.29 34.91 48.78
N GLY A 910 -19.11 36.12 49.21
CA GLY A 910 -20.28 36.84 49.64
C GLY A 910 -20.80 36.43 50.99
N VAL A 911 -19.97 35.83 51.82
CA VAL A 911 -20.24 35.71 53.23
C VAL A 911 -19.44 36.77 53.93
N THR A 912 -20.09 37.61 54.68
CA THR A 912 -19.33 38.55 55.47
C THR A 912 -18.33 37.81 56.31
N GLN A 913 -17.20 38.44 56.57
CA GLN A 913 -16.11 37.79 57.26
C GLN A 913 -16.41 37.56 58.72
N ASN A 914 -17.20 38.41 59.35
CA ASN A 914 -17.42 38.18 60.75
C ASN A 914 -17.95 36.81 60.98
N VAL A 915 -18.49 36.17 59.97
CA VAL A 915 -18.65 34.74 60.08
C VAL A 915 -17.36 34.12 60.54
N LEU A 916 -16.36 34.14 59.69
CA LEU A 916 -15.19 33.35 59.92
C LEU A 916 -14.69 33.44 61.35
N TYR A 917 -14.14 34.59 61.71
CA TYR A 917 -13.59 34.73 63.05
C TYR A 917 -14.54 34.21 64.09
N GLU A 918 -15.79 34.48 63.92
CA GLU A 918 -16.65 33.99 64.96
C GLU A 918 -16.78 32.50 64.92
N ASN A 919 -16.55 31.87 63.81
CA ASN A 919 -16.61 30.43 63.77
C ASN A 919 -15.28 29.76 63.69
N GLN A 920 -14.19 30.48 63.81
CA GLN A 920 -12.94 29.97 63.31
C GLN A 920 -12.70 28.55 63.74
N LYS A 921 -12.81 28.27 65.04
CA LYS A 921 -12.51 26.95 65.56
C LYS A 921 -13.21 25.89 64.75
N LEU A 922 -14.52 26.00 64.68
CA LEU A 922 -15.31 25.06 63.93
C LEU A 922 -14.72 24.82 62.57
N ILE A 923 -14.52 25.88 61.81
CA ILE A 923 -14.09 25.72 60.44
C ILE A 923 -12.83 24.91 60.40
N ALA A 924 -11.87 25.27 61.23
CA ALA A 924 -10.64 24.53 61.25
C ALA A 924 -10.93 23.05 61.33
N ASN A 925 -11.75 22.65 62.29
CA ASN A 925 -12.06 21.24 62.41
C ASN A 925 -12.66 20.73 61.12
N GLN A 926 -13.74 21.34 60.67
CA GLN A 926 -14.29 20.95 59.40
C GLN A 926 -13.21 20.85 58.37
N PHE A 927 -12.31 21.78 58.37
CA PHE A 927 -11.33 21.62 57.33
C PHE A 927 -10.36 20.54 57.68
N ASN A 928 -9.86 20.52 58.91
CA ASN A 928 -8.92 19.47 59.27
C ASN A 928 -9.50 18.10 59.02
N SER A 929 -10.69 17.86 59.54
CA SER A 929 -11.38 16.62 59.24
C SER A 929 -11.44 16.40 57.74
N ALA A 930 -11.97 17.37 57.02
CA ALA A 930 -12.19 17.21 55.60
C ALA A 930 -10.96 16.73 54.91
N ILE A 931 -9.80 17.30 55.25
CA ILE A 931 -8.57 16.77 54.68
C ILE A 931 -8.52 15.29 54.87
N GLY A 932 -8.76 14.86 56.10
CA GLY A 932 -8.50 13.47 56.43
C GLY A 932 -9.12 12.53 55.43
N LYS A 933 -10.41 12.70 55.19
CA LYS A 933 -11.12 11.77 54.34
C LYS A 933 -10.42 11.59 53.03
N ILE A 934 -9.67 12.58 52.58
CA ILE A 934 -9.07 12.45 51.27
C ILE A 934 -8.15 11.26 51.27
N GLN A 935 -7.30 11.19 52.29
CA GLN A 935 -6.42 10.04 52.43
C GLN A 935 -7.19 8.76 52.22
N ASP A 936 -8.34 8.69 52.85
CA ASP A 936 -9.14 7.49 52.80
C ASP A 936 -9.76 7.35 51.44
N SER A 937 -10.36 8.42 50.93
CA SER A 937 -10.85 8.40 49.57
C SER A 937 -9.79 7.89 48.63
N LEU A 938 -8.55 8.28 48.85
CA LEU A 938 -7.48 7.82 47.98
C LEU A 938 -6.99 6.45 48.38
N SER A 939 -6.85 6.18 49.68
CA SER A 939 -6.27 4.92 50.12
C SER A 939 -7.14 3.74 49.73
N SER A 940 -8.42 3.84 50.03
CA SER A 940 -9.35 2.73 49.90
C SER A 940 -9.89 2.56 48.50
N THR A 941 -9.42 3.35 47.55
CA THR A 941 -10.03 3.39 46.24
C THR A 941 -8.95 3.54 45.19
N ALA A 942 -9.00 2.69 44.17
CA ALA A 942 -8.17 2.87 42.99
C ALA A 942 -8.88 3.64 41.88
N SER A 943 -10.18 3.89 42.04
CA SER A 943 -11.01 4.46 41.00
C SER A 943 -11.12 5.98 41.08
N ALA A 944 -10.42 6.62 42.00
CA ALA A 944 -10.34 8.07 41.96
C ALA A 944 -9.43 8.53 40.81
N LEU A 945 -8.29 7.88 40.65
CA LEU A 945 -7.28 8.35 39.73
C LEU A 945 -7.46 7.81 38.34
N GLY A 946 -8.63 7.32 38.03
CA GLY A 946 -8.79 6.70 36.75
C GLY A 946 -8.17 7.50 35.64
N LYS A 947 -8.40 8.81 35.65
CA LYS A 947 -7.91 9.63 34.56
C LYS A 947 -6.43 9.43 34.36
N LEU A 948 -5.65 9.91 35.31
CA LEU A 948 -4.22 9.68 35.28
C LEU A 948 -3.96 8.25 34.95
N GLN A 949 -4.57 7.36 35.70
CA GLN A 949 -4.31 5.96 35.47
C GLN A 949 -4.59 5.60 34.05
N ASP A 950 -5.53 6.28 33.43
CA ASP A 950 -5.83 5.87 32.07
C ASP A 950 -4.77 6.30 31.11
N VAL A 951 -4.44 7.58 31.11
CA VAL A 951 -3.47 8.09 30.17
C VAL A 951 -2.31 7.15 30.14
N VAL A 952 -1.84 6.79 31.33
CA VAL A 952 -0.68 5.94 31.39
C VAL A 952 -0.92 4.65 30.66
N ASN A 953 -2.14 4.14 30.71
CA ASN A 953 -2.42 2.97 29.90
C ASN A 953 -2.33 3.30 28.44
N GLN A 954 -3.18 4.19 27.97
CA GLN A 954 -3.38 4.32 26.55
C GLN A 954 -2.08 4.48 25.84
N ASN A 955 -1.16 5.20 26.45
CA ASN A 955 0.16 5.25 25.89
C ASN A 955 0.69 3.86 25.78
N ALA A 956 1.01 3.28 26.93
CA ALA A 956 1.58 1.95 26.95
C ALA A 956 0.74 1.02 26.13
N GLN A 957 -0.55 1.09 26.31
CA GLN A 957 -1.43 0.38 25.42
C GLN A 957 -1.06 0.58 23.98
N ALA A 958 -0.72 1.80 23.60
CA ALA A 958 -0.48 2.01 22.20
C ALA A 958 0.90 1.61 21.79
N LEU A 959 1.83 1.55 22.73
CA LEU A 959 3.12 1.01 22.37
C LEU A 959 3.01 -0.44 22.03
N ASN A 960 2.51 -1.25 22.95
CA ASN A 960 2.52 -2.67 22.70
C ASN A 960 1.99 -2.93 21.33
N THR A 961 0.84 -2.35 21.03
CA THR A 961 0.35 -2.44 19.68
C THR A 961 1.43 -2.13 18.69
N LEU A 962 2.08 -1.01 18.87
CA LEU A 962 3.11 -0.66 17.92
C LEU A 962 4.14 -1.75 17.83
N VAL A 963 4.53 -2.31 18.97
CA VAL A 963 5.53 -3.36 18.93
C VAL A 963 5.00 -4.57 18.22
N LYS A 964 3.87 -5.09 18.68
CA LYS A 964 3.35 -6.30 18.09
C LYS A 964 3.35 -6.22 16.60
N GLN A 965 3.10 -5.04 16.07
CA GLN A 965 3.15 -4.90 14.64
C GLN A 965 4.44 -5.41 14.07
N LEU A 966 5.51 -5.43 14.84
CA LEU A 966 6.72 -6.00 14.29
C LEU A 966 6.53 -7.44 13.92
N SER A 967 5.72 -8.16 14.66
CA SER A 967 5.64 -9.58 14.43
C SER A 967 4.66 -9.96 13.34
N SER A 968 4.10 -9.00 12.64
CA SER A 968 3.04 -9.33 11.72
C SER A 968 3.53 -9.29 10.29
N ASN A 969 2.94 -10.13 9.48
CA ASN A 969 3.48 -10.36 8.15
C ASN A 969 3.15 -9.25 7.21
N PHE A 970 2.01 -8.62 7.38
CA PHE A 970 1.54 -7.69 6.39
C PHE A 970 1.58 -8.29 5.01
N GLY A 971 1.38 -9.60 4.94
CA GLY A 971 1.48 -10.27 3.69
C GLY A 971 2.88 -10.55 3.25
N ALA A 972 3.86 -10.25 4.07
CA ALA A 972 5.18 -10.74 3.75
C ALA A 972 5.25 -12.21 4.10
N ILE A 973 6.26 -12.88 3.53
CA ILE A 973 6.43 -14.29 3.80
C ILE A 973 6.77 -14.52 5.26
N SER A 974 7.38 -13.56 5.90
CA SER A 974 7.64 -13.68 7.33
C SER A 974 7.87 -12.31 7.91
N SER A 975 7.64 -12.20 9.21
CA SER A 975 7.74 -10.94 9.89
C SER A 975 9.10 -10.70 10.50
N VAL A 976 10.03 -11.59 10.25
CA VAL A 976 11.43 -11.31 10.54
C VAL A 976 12.04 -10.72 9.31
N LEU A 977 12.75 -9.62 9.48
CA LEU A 977 13.32 -9.03 8.29
C LEU A 977 14.40 -9.91 7.71
N ASN A 978 15.27 -10.43 8.57
CA ASN A 978 16.46 -11.10 8.09
C ASN A 978 16.14 -12.43 7.44
N ASP A 979 14.98 -13.01 7.72
CA ASP A 979 14.63 -14.28 7.11
C ASP A 979 14.46 -14.13 5.61
N ILE A 980 13.57 -13.23 5.22
CA ILE A 980 13.44 -12.91 3.82
C ILE A 980 14.81 -12.68 3.23
N LEU A 981 15.57 -11.84 3.91
CA LEU A 981 16.94 -11.61 3.53
C LEU A 981 17.68 -12.92 3.39
N SER A 982 17.63 -13.75 4.43
CA SER A 982 18.35 -15.01 4.38
C SER A 982 17.87 -15.85 3.21
N ARG A 983 16.58 -16.17 3.19
CA ARG A 983 16.16 -17.23 2.31
C ARG A 983 16.14 -16.82 0.86
N LEU A 984 15.92 -15.54 0.54
CA LEU A 984 15.58 -15.20 -0.82
C LEU A 984 16.66 -14.39 -1.49
N ASP A 985 16.65 -14.42 -2.79
CA ASP A 985 17.58 -13.50 -3.41
C ASP A 985 16.90 -12.16 -3.66
N PRO A 986 17.65 -11.10 -3.41
CA PRO A 986 17.04 -9.81 -3.05
C PRO A 986 15.90 -9.41 -3.98
N PRO A 987 16.05 -9.51 -5.31
CA PRO A 987 14.94 -9.11 -6.18
C PRO A 987 13.63 -9.75 -5.78
N GLU A 988 13.71 -10.87 -5.07
CA GLU A 988 12.58 -11.42 -4.35
C GLU A 988 12.30 -10.56 -3.12
N ALA A 989 13.24 -10.55 -2.19
CA ALA A 989 13.08 -9.78 -0.96
C ALA A 989 12.62 -8.36 -1.26
N GLU A 990 13.12 -7.76 -2.34
CA GLU A 990 12.69 -6.44 -2.71
C GLU A 990 11.19 -6.34 -2.63
N VAL A 991 10.51 -7.27 -3.28
CA VAL A 991 9.07 -7.17 -3.35
C VAL A 991 8.46 -7.42 -1.98
N GLN A 992 8.92 -8.44 -1.29
CA GLN A 992 8.48 -8.65 0.07
C GLN A 992 8.74 -7.42 0.92
N ILE A 993 10.02 -7.12 1.13
CA ILE A 993 10.39 -6.12 2.12
C ILE A 993 9.67 -4.82 1.91
N ASP A 994 9.21 -4.57 0.69
CA ASP A 994 8.19 -3.55 0.59
C ASP A 994 7.16 -3.78 1.65
N ARG A 995 6.41 -4.85 1.47
CA ARG A 995 5.23 -5.02 2.31
C ARG A 995 5.58 -4.81 3.75
N LEU A 996 6.68 -5.38 4.21
CA LEU A 996 7.08 -5.07 5.57
C LEU A 996 7.24 -3.58 5.74
N ILE A 997 8.10 -2.97 4.96
CA ILE A 997 8.26 -1.54 5.11
C ILE A 997 6.93 -0.85 4.93
N THR A 998 6.32 -1.03 3.78
CA THR A 998 5.01 -0.45 3.59
C THR A 998 4.15 -0.73 4.79
N GLY A 999 4.18 -1.95 5.25
CA GLY A 999 3.35 -2.23 6.37
C GLY A 999 3.81 -1.49 7.58
N ARG A 1000 5.03 -1.72 8.04
CA ARG A 1000 5.42 -1.08 9.28
C ARG A 1000 5.31 0.41 9.16
N LEU A 1001 5.90 0.97 8.11
CA LEU A 1001 5.87 2.40 7.93
C LEU A 1001 4.48 2.93 8.14
N GLN A 1002 3.50 2.34 7.50
CA GLN A 1002 2.15 2.69 7.83
C GLN A 1002 1.95 2.61 9.32
N SER A 1003 2.26 1.47 9.89
CA SER A 1003 1.92 1.28 11.26
C SER A 1003 2.59 2.25 12.18
N LEU A 1004 3.62 2.94 11.73
CA LEU A 1004 4.03 4.09 12.51
C LEU A 1004 3.04 5.21 12.41
N GLN A 1005 2.75 5.63 11.19
CA GLN A 1005 1.90 6.79 11.07
C GLN A 1005 0.68 6.62 11.90
N THR A 1006 0.06 5.45 11.84
CA THR A 1006 -1.00 5.21 12.77
C THR A 1006 -0.56 5.51 14.18
N TYR A 1007 0.57 4.98 14.59
CA TYR A 1007 0.96 5.27 15.96
C TYR A 1007 1.26 6.72 16.13
N VAL A 1008 1.93 7.31 15.18
CA VAL A 1008 2.20 8.72 15.36
C VAL A 1008 0.89 9.43 15.52
N THR A 1009 0.10 9.44 14.47
CA THR A 1009 -1.10 10.24 14.49
C THR A 1009 -1.84 10.08 15.78
N GLN A 1010 -2.04 8.84 16.20
CA GLN A 1010 -2.72 8.66 17.46
C GLN A 1010 -2.12 9.50 18.52
N GLN A 1011 -0.80 9.62 18.56
CA GLN A 1011 -0.25 10.47 19.58
C GLN A 1011 -0.67 11.90 19.35
N LEU A 1012 -0.41 12.40 18.16
CA LEU A 1012 -0.68 13.80 17.91
C LEU A 1012 -2.05 14.16 18.38
N ILE A 1013 -3.01 13.30 18.11
CA ILE A 1013 -4.34 13.58 18.58
C ILE A 1013 -4.38 13.50 20.08
N ARG A 1014 -4.01 12.36 20.61
CA ARG A 1014 -4.01 12.23 22.04
C ARG A 1014 -3.22 13.34 22.66
N ALA A 1015 -2.02 13.55 22.17
CA ALA A 1015 -1.21 14.59 22.74
C ALA A 1015 -1.87 15.93 22.68
N ALA A 1016 -2.83 16.11 21.84
CA ALA A 1016 -3.53 17.36 21.88
C ALA A 1016 -4.77 17.28 22.70
N GLU A 1017 -5.07 16.12 23.20
CA GLU A 1017 -6.08 16.02 24.22
C GLU A 1017 -5.52 16.28 25.58
N ILE A 1018 -4.22 16.12 25.73
CA ILE A 1018 -3.56 16.56 26.95
C ILE A 1018 -3.34 18.04 26.91
N ARG A 1019 -2.76 18.52 25.83
CA ARG A 1019 -2.51 19.93 25.70
C ARG A 1019 -3.74 20.70 25.98
N ALA A 1020 -4.87 20.11 25.76
CA ALA A 1020 -6.07 20.78 26.12
C ALA A 1020 -6.49 20.47 27.51
N SER A 1021 -5.90 19.47 28.11
CA SER A 1021 -6.11 19.37 29.53
C SER A 1021 -4.99 19.89 30.35
N ALA A 1022 -3.85 20.21 29.78
CA ALA A 1022 -2.95 21.03 30.55
C ALA A 1022 -3.57 22.36 30.79
N ASN A 1023 -3.93 23.07 29.72
CA ASN A 1023 -4.46 24.40 29.86
C ASN A 1023 -5.62 24.46 30.81
N LEU A 1024 -6.38 23.40 30.87
CA LEU A 1024 -7.38 23.42 31.90
C LEU A 1024 -6.75 23.32 33.25
N ALA A 1025 -5.59 22.72 33.37
CA ALA A 1025 -4.93 22.78 34.65
C ALA A 1025 -4.25 24.10 34.81
N ALA A 1026 -3.50 24.49 33.81
CA ALA A 1026 -2.79 25.73 33.86
C ALA A 1026 -3.68 26.86 34.17
N THR A 1027 -4.96 26.66 33.96
CA THR A 1027 -5.92 27.63 34.40
C THR A 1027 -6.28 27.43 35.85
N LYS A 1028 -6.85 26.30 36.19
CA LYS A 1028 -7.20 26.10 37.58
C LYS A 1028 -6.03 26.48 38.43
N MET A 1029 -4.86 26.06 38.05
CA MET A 1029 -3.71 26.45 38.82
C MET A 1029 -3.62 27.93 38.92
N SER A 1030 -3.98 28.65 37.88
CA SER A 1030 -3.84 30.07 37.99
C SER A 1030 -5.01 30.69 38.67
N GLU A 1031 -6.20 30.36 38.25
CA GLU A 1031 -7.32 31.09 38.79
C GLU A 1031 -7.70 30.56 40.12
N CYS A 1032 -7.70 29.25 40.22
CA CYS A 1032 -8.24 28.60 41.38
C CYS A 1032 -7.24 28.70 42.51
N VAL A 1033 -6.06 28.12 42.37
CA VAL A 1033 -5.01 28.28 43.35
C VAL A 1033 -4.63 29.71 43.60
N LEU A 1034 -3.93 30.31 42.65
CA LEU A 1034 -3.37 31.62 42.86
C LEU A 1034 -4.40 32.66 43.11
N GLY A 1035 -5.61 32.46 42.72
CA GLY A 1035 -6.62 33.44 43.01
C GLY A 1035 -7.67 32.87 43.91
N GLN A 1036 -8.86 33.42 43.83
CA GLN A 1036 -10.07 32.77 44.26
C GLN A 1036 -11.05 32.86 43.14
N SER A 1037 -11.56 31.73 42.69
CA SER A 1037 -12.32 31.71 41.47
C SER A 1037 -13.77 32.04 41.71
N LYS A 1038 -14.30 32.88 40.87
CA LYS A 1038 -15.71 33.18 40.87
C LYS A 1038 -16.47 32.31 39.90
N ARG A 1039 -15.82 31.58 39.05
CA ARG A 1039 -16.54 30.89 38.01
C ARG A 1039 -17.19 29.69 38.63
N VAL A 1040 -18.49 29.65 38.64
CA VAL A 1040 -19.16 28.61 39.39
C VAL A 1040 -18.77 27.24 38.90
N ASP A 1041 -18.62 26.31 39.82
CA ASP A 1041 -18.36 24.93 39.51
C ASP A 1041 -17.23 24.76 38.57
N PHE A 1042 -16.35 25.72 38.49
CA PHE A 1042 -15.08 25.44 37.86
C PHE A 1042 -14.17 24.76 38.83
N CYS A 1043 -14.11 25.33 39.99
CA CYS A 1043 -13.30 24.91 41.11
C CYS A 1043 -14.04 23.98 42.04
N GLY A 1044 -15.02 23.29 41.55
CA GLY A 1044 -15.58 22.24 42.36
C GLY A 1044 -16.85 22.71 43.01
N LYS A 1045 -17.79 21.80 43.17
CA LYS A 1045 -19.12 22.19 43.55
C LYS A 1045 -19.11 23.01 44.81
N GLY A 1046 -19.83 24.10 44.79
CA GLY A 1046 -19.89 24.98 45.92
C GLY A 1046 -19.19 26.28 45.62
N TYR A 1047 -19.39 27.23 46.48
CA TYR A 1047 -18.56 28.39 46.43
C TYR A 1047 -17.17 27.95 46.72
N HIS A 1048 -16.20 28.75 46.37
CA HIS A 1048 -14.85 28.25 46.35
C HIS A 1048 -13.96 29.03 47.27
N LEU A 1049 -13.21 28.36 48.10
CA LEU A 1049 -12.34 29.04 49.03
C LEU A 1049 -10.89 29.01 48.59
N MET A 1050 -10.28 27.88 48.38
CA MET A 1050 -8.90 27.98 47.97
C MET A 1050 -8.51 26.70 47.31
N SER A 1051 -7.25 26.53 47.01
CA SER A 1051 -6.99 25.21 46.55
C SER A 1051 -5.55 24.89 46.75
N PHE A 1052 -5.28 23.61 46.82
CA PHE A 1052 -3.97 23.13 47.09
C PHE A 1052 -3.62 22.21 45.98
N PRO A 1053 -2.65 22.46 45.16
CA PRO A 1053 -2.29 21.48 44.17
C PRO A 1053 -1.50 20.39 44.83
N GLN A 1054 -1.46 19.25 44.20
CA GLN A 1054 -0.55 18.23 44.64
C GLN A 1054 -0.11 17.54 43.40
N SER A 1055 1.16 17.42 43.14
CA SER A 1055 1.42 16.74 41.90
C SER A 1055 1.05 15.31 42.05
N ALA A 1056 0.90 14.65 40.93
CA ALA A 1056 0.76 13.21 40.88
C ALA A 1056 1.34 12.79 39.56
N PRO A 1057 1.73 11.55 39.40
CA PRO A 1057 2.61 11.22 38.30
C PRO A 1057 1.97 11.49 36.95
N HIS A 1058 2.61 12.32 36.16
CA HIS A 1058 2.03 12.79 34.93
C HIS A 1058 0.67 13.36 35.17
N GLY A 1059 0.56 14.24 36.13
CA GLY A 1059 -0.77 14.68 36.39
C GLY A 1059 -0.68 15.80 37.35
N VAL A 1060 -1.81 16.17 37.92
CA VAL A 1060 -1.79 17.09 39.02
C VAL A 1060 -3.11 16.90 39.69
N VAL A 1061 -3.20 17.29 40.92
CA VAL A 1061 -4.37 17.00 41.70
C VAL A 1061 -4.68 18.18 42.55
N PHE A 1062 -5.86 18.67 42.48
CA PHE A 1062 -6.17 19.84 43.23
C PHE A 1062 -7.00 19.40 44.39
N LEU A 1063 -6.94 20.11 45.46
CA LEU A 1063 -7.89 19.84 46.50
C LEU A 1063 -8.70 21.10 46.62
N HIS A 1064 -9.90 21.16 46.16
CA HIS A 1064 -10.53 22.44 46.12
C HIS A 1064 -11.25 22.61 47.41
N VAL A 1065 -10.78 23.43 48.30
CA VAL A 1065 -11.55 23.61 49.50
C VAL A 1065 -12.69 24.54 49.20
N THR A 1066 -13.89 24.07 49.29
CA THR A 1066 -15.04 24.84 48.91
C THR A 1066 -15.99 24.93 50.06
N TYR A 1067 -16.91 25.84 49.99
CA TYR A 1067 -17.78 26.15 51.09
C TYR A 1067 -19.19 25.89 50.67
N VAL A 1068 -19.83 24.88 51.22
CA VAL A 1068 -21.16 24.47 50.79
C VAL A 1068 -22.15 24.75 51.91
N PRO A 1069 -23.22 25.46 51.69
CA PRO A 1069 -24.11 25.77 52.80
C PRO A 1069 -24.95 24.58 53.17
N ALA A 1070 -25.55 24.65 54.37
CA ALA A 1070 -26.19 23.44 54.84
C ALA A 1070 -27.62 23.54 55.32
N GLN A 1071 -27.89 24.15 56.45
CA GLN A 1071 -29.16 23.96 57.12
C GLN A 1071 -30.04 25.17 56.92
N GLU A 1072 -31.18 24.97 56.30
CA GLU A 1072 -32.01 26.01 55.77
C GLU A 1072 -33.12 26.31 56.71
N LYS A 1073 -33.58 27.53 56.69
CA LYS A 1073 -34.78 27.87 57.39
C LYS A 1073 -35.64 28.70 56.49
N ASN A 1074 -36.85 28.23 56.23
CA ASN A 1074 -37.76 29.02 55.45
C ASN A 1074 -37.89 30.39 56.06
N PHE A 1075 -38.16 31.37 55.26
CA PHE A 1075 -38.63 32.58 55.85
C PHE A 1075 -39.57 33.26 54.90
N THR A 1076 -40.07 34.37 55.32
CA THR A 1076 -41.00 35.14 54.56
C THR A 1076 -40.29 36.41 54.17
N THR A 1077 -40.02 36.54 52.91
CA THR A 1077 -39.24 37.65 52.39
C THR A 1077 -40.09 38.70 51.77
N ALA A 1078 -39.66 39.93 51.84
CA ALA A 1078 -40.32 40.86 51.05
C ALA A 1078 -39.37 41.86 50.45
N PRO A 1079 -39.51 42.14 49.16
CA PRO A 1079 -38.50 42.87 48.46
C PRO A 1079 -38.32 44.26 48.89
N ALA A 1080 -39.18 44.81 49.69
CA ALA A 1080 -38.90 46.16 50.02
C ALA A 1080 -39.37 46.38 51.43
N ILE A 1081 -39.46 47.62 51.82
CA ILE A 1081 -40.28 47.99 52.95
C ILE A 1081 -40.82 49.38 52.75
N CYS A 1082 -42.11 49.59 52.87
CA CYS A 1082 -42.57 50.96 52.91
C CYS A 1082 -42.22 51.48 54.26
N HIS A 1083 -41.42 52.50 54.35
CA HIS A 1083 -41.34 53.00 55.70
C HIS A 1083 -42.40 54.05 55.89
N ASP A 1084 -42.13 55.23 55.39
CA ASP A 1084 -43.09 56.31 55.49
C ASP A 1084 -43.89 56.45 54.21
N GLY A 1085 -43.74 55.50 53.32
CA GLY A 1085 -44.12 55.63 51.94
C GLY A 1085 -42.93 55.68 51.03
N LYS A 1086 -41.79 56.07 51.57
CA LYS A 1086 -40.57 55.71 50.90
C LYS A 1086 -40.46 54.22 50.92
N ALA A 1087 -39.72 53.68 49.99
CA ALA A 1087 -39.37 52.29 50.10
C ALA A 1087 -38.14 52.17 50.97
N HIS A 1088 -37.67 50.96 51.14
CA HIS A 1088 -36.30 50.73 51.52
C HIS A 1088 -35.89 49.46 50.88
N PHE A 1089 -34.79 49.44 50.26
CA PHE A 1089 -34.47 48.11 49.87
C PHE A 1089 -33.23 47.74 50.60
N PRO A 1090 -32.95 46.48 50.77
CA PRO A 1090 -31.80 46.12 51.57
C PRO A 1090 -30.59 46.60 50.89
N ARG A 1091 -29.59 47.03 51.62
CA ARG A 1091 -28.43 47.38 50.84
C ARG A 1091 -27.69 46.17 50.36
N GLU A 1092 -27.61 45.14 51.18
CA GLU A 1092 -26.98 43.88 50.80
C GLU A 1092 -27.81 42.73 51.30
N GLY A 1093 -28.36 41.95 50.39
CA GLY A 1093 -29.01 40.74 50.81
C GLY A 1093 -30.40 40.94 51.38
N VAL A 1094 -31.16 39.85 51.35
CA VAL A 1094 -32.57 39.90 51.36
C VAL A 1094 -33.05 40.54 52.60
N PHE A 1095 -34.28 41.00 52.57
CA PHE A 1095 -35.07 41.11 53.77
C PHE A 1095 -35.59 39.75 54.11
N VAL A 1096 -35.86 39.49 55.37
CA VAL A 1096 -36.54 38.28 55.76
C VAL A 1096 -37.27 38.58 57.02
N SER A 1097 -38.27 37.79 57.28
CA SER A 1097 -38.76 37.72 58.62
C SER A 1097 -39.03 36.29 58.97
N ASN A 1098 -38.97 36.01 60.24
CA ASN A 1098 -39.41 34.72 60.71
C ASN A 1098 -40.87 34.72 60.99
N GLY A 1099 -41.56 35.79 60.63
CA GLY A 1099 -42.99 35.88 60.79
C GLY A 1099 -43.44 36.92 61.76
N THR A 1100 -42.57 37.46 62.59
CA THR A 1100 -42.96 38.55 63.48
C THR A 1100 -42.17 39.79 63.12
N HIS A 1101 -40.86 39.74 63.28
CA HIS A 1101 -40.01 40.88 63.06
C HIS A 1101 -39.37 40.71 61.73
N TRP A 1102 -39.20 41.80 61.03
CA TRP A 1102 -38.46 41.76 59.82
C TRP A 1102 -36.99 41.95 60.05
N PHE A 1103 -36.20 41.25 59.28
CA PHE A 1103 -34.78 41.19 59.44
C PHE A 1103 -34.17 41.28 58.09
N VAL A 1104 -33.05 41.96 58.01
CA VAL A 1104 -32.29 42.01 56.79
C VAL A 1104 -31.07 41.17 56.97
N THR A 1105 -30.89 40.20 56.16
CA THR A 1105 -29.76 39.37 56.36
C THR A 1105 -28.93 39.37 55.12
N GLN A 1106 -27.72 38.88 55.25
CA GLN A 1106 -26.87 38.61 54.12
C GLN A 1106 -27.32 37.30 53.53
N ARG A 1107 -26.98 37.09 52.31
CA ARG A 1107 -27.78 36.10 51.63
C ARG A 1107 -27.34 34.69 51.81
N ASN A 1108 -26.09 34.44 52.11
CA ASN A 1108 -25.69 33.05 52.19
C ASN A 1108 -25.55 32.54 53.59
N PHE A 1109 -25.74 33.33 54.60
CA PHE A 1109 -25.62 32.73 55.89
C PHE A 1109 -26.56 33.43 56.82
N TYR A 1110 -27.59 32.77 57.27
CA TYR A 1110 -28.59 33.49 58.00
C TYR A 1110 -27.96 34.16 59.18
N GLU A 1111 -27.99 35.48 59.19
CA GLU A 1111 -27.49 36.26 60.31
C GLU A 1111 -28.31 37.51 60.41
N PRO A 1112 -29.47 37.43 60.99
CA PRO A 1112 -30.40 38.53 60.92
C PRO A 1112 -29.88 39.72 61.65
N GLN A 1113 -30.37 40.88 61.27
CA GLN A 1113 -29.94 42.11 61.88
C GLN A 1113 -31.11 43.06 61.85
N ILE A 1114 -31.26 43.86 62.88
CA ILE A 1114 -32.39 44.75 62.87
C ILE A 1114 -32.19 45.73 61.75
N ILE A 1115 -33.28 46.24 61.24
CA ILE A 1115 -33.27 46.98 59.98
C ILE A 1115 -33.16 48.44 60.30
N THR A 1116 -32.06 49.04 59.95
CA THR A 1116 -31.95 50.46 60.17
C THR A 1116 -31.48 51.05 58.87
N THR A 1117 -31.54 52.37 58.80
CA THR A 1117 -31.21 53.02 57.55
C THR A 1117 -29.85 52.64 57.00
N ASP A 1118 -28.97 52.08 57.81
CA ASP A 1118 -27.67 51.75 57.27
C ASP A 1118 -27.69 50.45 56.52
N ASN A 1119 -28.69 49.63 56.74
CA ASN A 1119 -28.81 48.40 56.00
C ASN A 1119 -29.44 48.63 54.66
N THR A 1120 -30.05 49.79 54.47
CA THR A 1120 -31.06 49.93 53.43
C THR A 1120 -30.91 51.27 52.76
N PHE A 1121 -31.15 51.29 51.47
CA PHE A 1121 -31.22 52.55 50.79
C PHE A 1121 -32.62 52.73 50.25
N VAL A 1122 -32.97 53.98 49.98
CA VAL A 1122 -34.33 54.37 49.73
C VAL A 1122 -34.49 54.73 48.29
N SER A 1123 -35.54 54.25 47.65
CA SER A 1123 -35.78 54.60 46.26
C SER A 1123 -37.23 54.93 46.00
N GLY A 1124 -37.51 56.19 45.71
CA GLY A 1124 -38.85 56.53 45.32
C GLY A 1124 -39.86 56.22 46.39
N ASN A 1125 -41.14 56.35 46.04
CA ASN A 1125 -42.21 56.07 46.97
C ASN A 1125 -42.61 54.61 46.81
N CYS A 1126 -43.55 54.18 47.63
CA CYS A 1126 -43.91 52.77 47.62
C CYS A 1126 -44.39 52.26 46.28
N ASP A 1127 -45.59 52.66 45.93
CA ASP A 1127 -46.56 51.80 45.26
C ASP A 1127 -46.04 50.97 44.11
N VAL A 1128 -45.14 51.53 43.31
CA VAL A 1128 -44.71 50.81 42.11
C VAL A 1128 -44.21 49.44 42.47
N VAL A 1129 -43.57 49.32 43.63
CA VAL A 1129 -43.03 48.04 44.03
C VAL A 1129 -44.13 47.02 44.04
N ILE A 1130 -43.79 45.79 43.74
CA ILE A 1130 -44.77 44.72 43.76
C ILE A 1130 -44.40 43.79 44.88
N GLY A 1131 -45.14 43.82 45.96
CA GLY A 1131 -44.85 42.96 47.07
C GLY A 1131 -44.23 43.63 48.23
N ILE A 1132 -44.12 44.94 48.22
CA ILE A 1132 -43.58 45.57 49.36
C ILE A 1132 -44.45 45.29 50.55
N VAL A 1133 -43.88 45.40 51.73
CA VAL A 1133 -44.63 45.18 52.96
C VAL A 1133 -44.34 46.28 53.92
N ASN A 1134 -45.16 46.39 54.94
CA ASN A 1134 -44.95 47.41 55.94
C ASN A 1134 -43.89 47.01 56.93
N ASN A 1135 -43.38 48.02 57.63
CA ASN A 1135 -42.57 47.88 58.82
C ASN A 1135 -42.06 49.25 59.20
N THR A 1136 -41.32 49.32 60.30
CA THR A 1136 -40.68 50.54 60.72
C THR A 1136 -39.20 50.28 60.67
N VAL A 1137 -38.46 51.16 60.03
CA VAL A 1137 -37.03 51.02 59.97
C VAL A 1137 -36.42 51.92 61.01
N TYR A 1138 -35.89 51.31 62.03
CA TYR A 1138 -35.30 52.04 63.13
C TYR A 1138 -34.22 52.99 62.63
N ASP A 1139 -34.10 54.13 63.30
CA ASP A 1139 -33.03 55.08 63.05
C ASP A 1139 -31.88 54.85 64.00
N PRO A 1140 -30.69 54.65 63.50
CA PRO A 1140 -29.54 54.67 64.39
C PRO A 1140 -29.44 55.97 65.12
N LEU A 1141 -29.66 57.08 64.42
CA LEU A 1141 -29.38 58.38 65.01
C LEU A 1141 -30.31 58.68 66.15
N GLN A 1142 -31.62 58.55 65.92
CA GLN A 1142 -32.64 59.10 66.80
C GLN A 1142 -32.36 58.93 68.28
N PRO A 1143 -31.97 57.77 68.77
CA PRO A 1143 -31.58 57.69 70.18
C PRO A 1143 -30.51 58.69 70.55
N GLU A 1144 -29.62 59.02 69.65
CA GLU A 1144 -28.65 60.04 69.96
C GLU A 1144 -29.33 61.38 70.09
N LEU A 1145 -30.10 61.72 69.07
CA LEU A 1145 -30.98 62.86 69.16
C LEU A 1145 -32.05 62.67 70.21
N ASP A 1146 -32.12 61.51 70.84
CA ASP A 1146 -33.08 61.37 71.91
C ASP A 1146 -32.76 62.29 73.08
N SER A 1147 -31.49 62.63 73.26
CA SER A 1147 -31.11 63.56 74.32
C SER A 1147 -30.92 64.96 73.77
N PRO B 25 59.86 10.12 1.67
CA PRO B 25 58.77 9.93 2.63
C PRO B 25 57.67 10.95 2.44
N PRO B 26 56.41 10.51 2.47
CA PRO B 26 55.30 11.45 2.28
C PRO B 26 55.21 12.40 3.45
N ALA B 27 55.16 13.68 3.15
CA ALA B 27 55.03 14.69 4.18
C ALA B 27 53.58 15.13 4.19
N TYR B 28 52.84 14.73 5.20
CA TYR B 28 51.44 15.09 5.16
C TYR B 28 51.26 16.55 5.46
N THR B 29 50.03 16.99 5.34
CA THR B 29 49.63 18.32 5.77
C THR B 29 48.12 18.40 5.70
N ASN B 30 47.60 19.55 6.09
CA ASN B 30 46.22 19.64 6.53
C ASN B 30 45.38 20.26 5.43
N SER B 31 44.54 19.43 4.83
CA SER B 31 43.75 19.83 3.69
C SER B 31 43.00 21.11 3.90
N PHE B 32 42.66 21.44 5.12
CA PHE B 32 41.70 22.51 5.36
C PHE B 32 40.49 22.25 4.50
N THR B 33 39.94 23.30 3.91
CA THR B 33 38.63 23.22 3.30
C THR B 33 38.65 22.94 1.83
N ARG B 34 39.80 22.71 1.23
CA ARG B 34 39.83 22.69 -0.22
C ARG B 34 39.05 21.50 -0.74
N GLY B 35 38.77 21.54 -2.03
CA GLY B 35 38.29 20.37 -2.70
C GLY B 35 36.81 20.30 -2.89
N VAL B 36 36.13 21.42 -2.86
CA VAL B 36 34.71 21.48 -3.12
C VAL B 36 34.48 21.86 -4.57
N TYR B 37 33.46 21.28 -5.19
CA TYR B 37 33.32 21.52 -6.59
C TYR B 37 31.88 21.38 -7.00
N TYR B 38 31.48 22.13 -7.99
CA TYR B 38 30.08 22.13 -8.31
C TYR B 38 29.67 20.75 -8.73
N PRO B 39 28.88 20.08 -7.92
CA PRO B 39 28.62 18.67 -8.11
C PRO B 39 27.85 18.38 -9.35
N ASP B 40 27.29 19.39 -9.99
CA ASP B 40 26.41 19.22 -11.12
C ASP B 40 26.50 20.49 -11.95
N LYS B 41 25.66 20.62 -12.95
CA LYS B 41 25.61 21.87 -13.65
C LYS B 41 24.46 22.76 -13.24
N VAL B 42 23.66 22.31 -12.28
CA VAL B 42 22.51 23.08 -11.84
C VAL B 42 22.92 24.42 -11.30
N PHE B 43 22.04 25.38 -11.40
CA PHE B 43 22.22 26.66 -10.79
C PHE B 43 21.27 26.76 -9.63
N ARG B 44 21.66 27.51 -8.63
CA ARG B 44 20.81 27.74 -7.49
C ARG B 44 21.05 29.15 -7.02
N SER B 45 20.39 29.56 -5.96
CA SER B 45 20.84 30.81 -5.37
C SER B 45 20.48 30.84 -3.90
N SER B 46 21.38 31.37 -3.09
CA SER B 46 21.13 31.64 -1.69
C SER B 46 20.51 30.44 -0.99
N VAL B 47 20.82 29.25 -1.44
CA VAL B 47 20.09 28.10 -0.97
C VAL B 47 21.06 27.06 -0.46
N LEU B 48 21.09 26.88 0.84
CA LEU B 48 21.85 25.81 1.45
C LEU B 48 21.30 24.57 0.82
N HIS B 49 22.12 23.81 0.20
CA HIS B 49 21.61 22.63 -0.46
C HIS B 49 22.46 21.45 -0.11
N SER B 50 21.89 20.54 0.66
CA SER B 50 22.64 19.33 0.96
C SER B 50 22.98 18.61 -0.31
N THR B 51 24.10 17.91 -0.26
CA THR B 51 24.42 17.00 -1.33
C THR B 51 25.30 15.89 -0.80
N GLN B 52 25.11 14.73 -1.33
CA GLN B 52 25.86 13.58 -0.89
C GLN B 52 26.74 13.18 -2.04
N ASP B 53 28.00 13.54 -1.98
CA ASP B 53 28.78 13.34 -3.18
C ASP B 53 30.24 13.22 -2.86
N LEU B 54 30.93 12.41 -3.63
CA LEU B 54 32.31 12.10 -3.35
C LEU B 54 33.09 13.37 -3.27
N PHE B 55 33.70 13.63 -2.13
CA PHE B 55 34.44 14.84 -1.94
C PHE B 55 35.72 14.51 -1.22
N LEU B 56 36.45 15.56 -0.94
CA LEU B 56 37.62 15.48 -0.09
C LEU B 56 37.25 16.04 1.27
N PRO B 57 37.15 15.22 2.30
CA PRO B 57 36.62 15.72 3.57
C PRO B 57 37.45 16.86 4.09
N PHE B 58 36.89 17.60 5.02
CA PHE B 58 37.66 18.70 5.52
C PHE B 58 38.72 18.21 6.48
N PHE B 59 39.83 18.93 6.49
CA PHE B 59 40.88 18.74 7.45
C PHE B 59 41.46 17.36 7.38
N SER B 60 41.30 16.69 6.26
CA SER B 60 42.00 15.44 6.10
C SER B 60 43.46 15.66 5.73
N ASN B 61 44.24 14.60 5.87
CA ASN B 61 45.62 14.64 5.43
C ASN B 61 45.75 14.52 3.94
N VAL B 62 46.66 15.27 3.39
CA VAL B 62 47.02 15.16 1.99
C VAL B 62 48.47 14.74 1.88
N THR B 63 48.74 13.89 0.91
CA THR B 63 50.05 13.27 0.77
C THR B 63 50.87 14.19 -0.12
N TRP B 64 51.74 14.94 0.49
CA TRP B 64 52.33 16.06 -0.19
C TRP B 64 53.70 15.74 -0.73
N PHE B 65 53.99 16.28 -1.90
CA PHE B 65 55.16 15.92 -2.65
C PHE B 65 55.97 17.17 -2.93
N HIS B 66 57.05 16.99 -3.70
CA HIS B 66 57.90 18.10 -4.12
C HIS B 66 58.28 17.92 -5.57
N ALA B 67 59.10 18.86 -6.06
CA ALA B 67 60.00 18.59 -7.18
C ALA B 67 61.38 19.03 -6.75
N ILE B 68 62.24 18.06 -6.45
CA ILE B 68 63.64 18.29 -6.10
C ILE B 68 64.38 16.98 -6.32
N HIS B 69 65.70 17.08 -6.45
CA HIS B 69 66.68 16.02 -6.25
C HIS B 69 66.16 14.57 -6.32
N ASP B 80 60.37 13.31 -8.41
CA ASP B 80 59.36 13.21 -7.37
C ASP B 80 57.96 13.07 -7.94
N ASN B 81 57.71 11.97 -8.63
CA ASN B 81 56.37 11.75 -9.17
C ASN B 81 55.99 10.28 -9.14
N PRO B 82 55.90 9.68 -7.97
CA PRO B 82 55.64 8.25 -7.91
C PRO B 82 54.28 7.91 -8.47
N VAL B 83 54.08 6.64 -8.68
CA VAL B 83 52.79 6.13 -9.08
C VAL B 83 51.91 5.96 -7.86
N LEU B 84 50.72 6.52 -7.92
CA LEU B 84 49.82 6.60 -6.78
C LEU B 84 48.53 5.87 -7.08
N PRO B 85 47.79 5.50 -6.06
CA PRO B 85 46.49 4.88 -6.28
C PRO B 85 45.53 5.94 -6.75
N PHE B 86 44.66 5.57 -7.68
CA PHE B 86 43.60 6.48 -8.07
C PHE B 86 42.45 6.46 -7.08
N ASN B 87 42.26 5.34 -6.39
CA ASN B 87 41.17 5.19 -5.45
C ASN B 87 39.86 5.48 -6.18
N ASP B 88 38.92 6.20 -5.57
CA ASP B 88 37.67 6.53 -6.21
C ASP B 88 37.83 7.75 -7.08
N GLY B 89 38.57 8.71 -6.56
CA GLY B 89 38.89 9.91 -7.28
C GLY B 89 40.14 10.45 -6.66
N VAL B 90 40.52 11.64 -7.05
CA VAL B 90 41.74 12.20 -6.54
C VAL B 90 41.59 13.69 -6.50
N TYR B 91 42.11 14.30 -5.47
CA TYR B 91 42.28 15.72 -5.52
C TYR B 91 43.57 15.97 -6.28
N PHE B 92 44.07 17.20 -6.23
CA PHE B 92 45.40 17.48 -6.75
C PHE B 92 45.60 18.97 -6.64
N ALA B 93 46.84 19.39 -6.66
CA ALA B 93 47.11 20.81 -6.77
C ALA B 93 48.54 20.97 -7.24
N SER B 94 48.97 22.22 -7.32
CA SER B 94 50.40 22.49 -7.27
C SER B 94 50.57 23.96 -6.99
N THR B 95 51.70 24.31 -6.45
CA THR B 95 52.04 25.71 -6.28
C THR B 95 52.97 26.08 -7.39
N GLU B 96 52.46 26.78 -8.37
CA GLU B 96 53.25 27.07 -9.55
C GLU B 96 53.44 28.57 -9.64
N LYS B 97 54.66 28.99 -9.38
CA LYS B 97 55.24 30.13 -10.05
C LYS B 97 55.81 29.72 -11.42
N SER B 98 56.27 28.48 -11.52
CA SER B 98 57.02 28.00 -12.67
C SER B 98 56.23 27.16 -13.66
N ASN B 99 54.96 26.85 -13.41
CA ASN B 99 54.12 26.17 -14.39
C ASN B 99 54.70 24.80 -14.80
N ILE B 100 55.40 24.12 -13.90
CA ILE B 100 56.14 22.94 -14.33
C ILE B 100 55.27 21.70 -14.46
N ILE B 101 54.21 21.55 -13.66
CA ILE B 101 53.58 20.24 -13.57
C ILE B 101 52.51 20.19 -14.64
N ARG B 102 52.87 19.57 -15.74
CA ARG B 102 52.08 19.68 -16.94
C ARG B 102 51.37 18.39 -17.31
N GLY B 103 51.49 17.34 -16.54
CA GLY B 103 51.10 16.07 -17.11
C GLY B 103 50.46 15.15 -16.13
N TRP B 104 49.68 14.24 -16.69
CA TRP B 104 48.87 13.32 -15.92
C TRP B 104 48.78 12.05 -16.74
N ILE B 105 48.91 10.91 -16.10
CA ILE B 105 48.77 9.64 -16.79
C ILE B 105 47.96 8.74 -15.93
N PHE B 106 46.80 8.32 -16.40
CA PHE B 106 45.92 7.61 -15.52
C PHE B 106 45.66 6.25 -16.10
N GLY B 107 45.17 5.36 -15.27
CA GLY B 107 44.75 4.05 -15.75
C GLY B 107 44.92 3.03 -14.66
N THR B 108 45.02 1.78 -15.10
CA THR B 108 45.24 0.69 -14.16
C THR B 108 46.58 0.02 -14.43
N THR B 109 46.63 -0.83 -15.45
CA THR B 109 47.88 -1.44 -15.86
C THR B 109 48.88 -0.39 -16.30
N LEU B 110 48.44 0.56 -17.11
CA LEU B 110 49.32 1.49 -17.82
C LEU B 110 50.21 0.70 -18.77
N ASP B 111 49.66 -0.38 -19.31
CA ASP B 111 50.37 -1.33 -20.14
C ASP B 111 50.33 -0.96 -21.61
N SER B 112 49.83 0.22 -21.94
CA SER B 112 49.74 0.72 -23.30
C SER B 112 48.62 0.00 -24.02
N LYS B 113 48.19 -1.12 -23.44
CA LYS B 113 47.14 -1.93 -24.04
C LYS B 113 45.77 -1.33 -23.77
N THR B 114 45.51 -0.94 -22.52
CA THR B 114 44.35 -0.12 -22.24
C THR B 114 44.61 1.31 -22.64
N GLN B 115 43.58 2.12 -22.54
CA GLN B 115 43.76 3.54 -22.77
C GLN B 115 44.33 4.17 -21.51
N SER B 116 44.99 5.29 -21.71
CA SER B 116 45.37 6.12 -20.59
C SER B 116 45.19 7.57 -21.00
N LEU B 117 44.61 8.34 -20.12
CA LEU B 117 44.58 9.76 -20.35
C LEU B 117 46.01 10.27 -20.43
N LEU B 118 46.15 11.40 -21.10
CA LEU B 118 47.37 12.16 -21.07
C LEU B 118 46.98 13.61 -21.18
N ILE B 119 47.68 14.47 -20.47
CA ILE B 119 47.35 15.89 -20.49
C ILE B 119 48.65 16.66 -20.50
N VAL B 120 48.75 17.66 -21.38
CA VAL B 120 49.94 18.47 -21.48
C VAL B 120 49.56 19.92 -21.74
N ASN B 121 50.08 20.81 -20.91
CA ASN B 121 49.75 22.23 -20.95
C ASN B 121 51.02 22.96 -21.34
N ASN B 122 51.14 23.37 -22.61
CA ASN B 122 52.41 23.85 -23.15
C ASN B 122 52.20 25.03 -24.10
N ALA B 123 52.97 26.10 -23.87
CA ALA B 123 52.86 27.36 -24.60
C ALA B 123 51.40 27.78 -24.73
N THR B 124 50.69 27.76 -23.59
CA THR B 124 49.28 28.08 -23.45
C THR B 124 48.38 27.12 -24.20
N ASN B 125 48.93 26.24 -25.04
CA ASN B 125 48.12 25.32 -25.81
C ASN B 125 48.02 24.00 -25.07
N VAL B 126 46.84 23.73 -24.54
CA VAL B 126 46.56 22.48 -23.85
C VAL B 126 46.54 21.38 -24.90
N VAL B 127 47.13 20.23 -24.58
CA VAL B 127 47.22 19.14 -25.54
C VAL B 127 46.88 17.86 -24.80
N ILE B 128 45.82 17.18 -25.23
CA ILE B 128 45.15 16.18 -24.45
C ILE B 128 44.94 14.94 -25.29
N LYS B 129 45.09 13.78 -24.69
CA LYS B 129 44.93 12.53 -25.41
C LYS B 129 44.48 11.44 -24.46
N VAL B 130 43.66 10.52 -24.96
CA VAL B 130 43.49 9.23 -24.31
C VAL B 130 44.32 8.17 -24.98
N CYS B 131 45.15 8.55 -25.94
CA CYS B 131 45.88 7.60 -26.76
C CYS B 131 46.65 6.61 -25.91
N GLU B 132 46.80 5.41 -26.44
CA GLU B 132 47.48 4.34 -25.72
C GLU B 132 48.95 4.30 -26.13
N PHE B 133 49.83 4.22 -25.13
CA PHE B 133 51.26 4.17 -25.38
C PHE B 133 51.93 3.62 -24.14
N GLN B 134 53.16 3.17 -24.29
CA GLN B 134 53.84 2.54 -23.17
C GLN B 134 54.91 3.47 -22.60
N PHE B 135 55.15 3.34 -21.30
CA PHE B 135 55.64 4.42 -20.45
C PHE B 135 57.05 4.19 -19.96
N CYS B 136 57.73 5.29 -19.67
CA CYS B 136 59.09 5.29 -19.18
C CYS B 136 59.17 4.84 -17.72
N ASN B 137 60.38 4.44 -17.31
CA ASN B 137 60.71 4.41 -15.89
C ASN B 137 60.35 5.74 -15.25
N ASP B 138 60.84 6.83 -15.81
CA ASP B 138 60.41 8.17 -15.44
C ASP B 138 59.98 8.89 -16.71
N PRO B 139 58.71 8.78 -17.05
CA PRO B 139 58.13 9.65 -18.07
C PRO B 139 58.18 11.10 -17.63
N PHE B 140 58.48 11.99 -18.57
CA PHE B 140 58.52 13.41 -18.19
C PHE B 140 58.70 14.28 -19.42
N LEU B 141 58.84 15.58 -19.17
CA LEU B 141 59.24 16.59 -20.13
C LEU B 141 60.60 17.16 -19.76
N GLY B 142 61.36 17.58 -20.75
CA GLY B 142 62.69 18.07 -20.51
C GLY B 142 62.80 19.57 -20.40
N VAL B 143 63.83 20.00 -19.68
CA VAL B 143 64.23 21.40 -19.58
C VAL B 143 65.73 21.47 -19.87
N TYR B 144 66.09 22.10 -20.99
CA TYR B 144 67.46 22.54 -21.19
C TYR B 144 67.55 23.98 -20.75
N TYR B 145 68.24 24.21 -19.64
CA TYR B 145 68.06 25.43 -18.87
C TYR B 145 68.54 26.66 -19.64
N HIS B 146 67.64 27.63 -19.78
CA HIS B 146 67.94 29.02 -20.10
C HIS B 146 68.71 29.27 -21.39
N LYS B 147 68.01 29.19 -22.52
CA LYS B 147 68.47 29.76 -23.78
C LYS B 147 67.28 30.40 -24.46
N ASN B 148 67.41 30.74 -25.74
CA ASN B 148 66.34 31.43 -26.45
C ASN B 148 64.97 30.78 -26.22
N ASN B 149 64.91 29.45 -26.30
CA ASN B 149 63.75 28.70 -25.84
C ASN B 149 64.03 28.35 -24.39
N LYS B 150 63.30 28.97 -23.48
CA LYS B 150 63.53 28.69 -22.07
C LYS B 150 63.14 27.24 -21.82
N SER B 151 64.04 26.51 -21.16
CA SER B 151 63.92 25.09 -20.91
C SER B 151 64.04 24.25 -22.18
N TRP B 152 63.87 24.89 -23.34
CA TRP B 152 63.85 24.16 -24.60
C TRP B 152 62.96 22.94 -24.50
N MET B 153 63.45 21.84 -25.07
CA MET B 153 63.07 20.48 -24.73
C MET B 153 61.58 20.35 -24.58
N GLU B 154 60.83 21.12 -25.36
CA GLU B 154 59.47 20.73 -25.65
C GLU B 154 59.47 19.34 -26.24
N SER B 155 60.33 19.10 -27.22
CA SER B 155 60.39 17.84 -27.93
C SER B 155 61.13 16.79 -27.13
N GLU B 156 61.45 17.09 -25.87
CA GLU B 156 61.91 16.05 -24.97
C GLU B 156 61.04 14.82 -25.12
N PHE B 157 59.78 14.92 -24.72
CA PHE B 157 58.74 13.94 -25.07
C PHE B 157 59.17 12.51 -24.81
N ARG B 158 60.04 12.30 -23.84
CA ARG B 158 60.26 10.94 -23.39
C ARG B 158 59.38 10.86 -22.15
N VAL B 159 58.13 10.50 -22.43
CA VAL B 159 57.15 10.12 -21.43
C VAL B 159 56.83 8.65 -21.54
N TYR B 160 57.37 7.99 -22.54
CA TYR B 160 56.69 6.81 -23.01
C TYR B 160 57.38 6.28 -24.24
N SER B 161 57.09 5.04 -24.60
CA SER B 161 57.56 4.53 -25.87
C SER B 161 56.99 5.29 -27.06
N SER B 162 55.78 4.95 -27.45
CA SER B 162 55.13 5.48 -28.64
C SER B 162 53.66 5.16 -28.54
N ALA B 163 52.84 5.89 -29.29
CA ALA B 163 51.42 5.64 -29.15
C ALA B 163 51.02 4.34 -29.83
N ASN B 164 49.77 3.93 -29.58
CA ASN B 164 49.26 2.67 -30.12
C ASN B 164 47.86 2.86 -30.68
N ASN B 165 46.89 3.09 -29.79
CA ASN B 165 45.50 3.25 -30.18
C ASN B 165 44.95 4.48 -29.47
N CYS B 166 44.10 5.23 -30.17
CA CYS B 166 43.60 6.50 -29.68
C CYS B 166 42.08 6.51 -29.73
N THR B 167 41.45 6.60 -28.57
CA THR B 167 40.00 6.72 -28.52
C THR B 167 39.50 8.14 -28.30
N PHE B 168 40.38 9.13 -28.23
CA PHE B 168 39.91 10.51 -28.10
C PHE B 168 41.01 11.46 -28.51
N GLU B 169 40.61 12.69 -28.77
CA GLU B 169 41.54 13.79 -28.85
C GLU B 169 40.83 15.09 -28.51
N TYR B 170 41.58 16.00 -27.92
CA TYR B 170 41.22 17.41 -27.87
C TYR B 170 42.49 18.20 -27.75
N VAL B 171 42.46 19.46 -28.19
CA VAL B 171 43.62 20.32 -28.09
C VAL B 171 43.15 21.72 -27.71
N SER B 172 43.99 22.42 -26.96
CA SER B 172 43.87 23.85 -26.85
C SER B 172 45.23 24.42 -27.17
N PHE B 186 55.67 31.30 -4.00
CA PHE B 186 54.57 30.61 -4.67
C PHE B 186 53.34 31.49 -4.84
N LYS B 187 53.15 31.95 -6.08
CA LYS B 187 52.01 32.81 -6.35
C LYS B 187 50.74 32.04 -6.65
N ASN B 188 50.82 30.97 -7.43
CA ASN B 188 49.61 30.47 -8.05
C ASN B 188 49.39 29.00 -7.77
N LEU B 189 48.15 28.58 -7.99
CA LEU B 189 47.66 27.30 -7.53
C LEU B 189 46.68 26.74 -8.52
N ARG B 190 46.81 25.47 -8.83
CA ARG B 190 45.94 24.84 -9.82
C ARG B 190 45.34 23.59 -9.20
N GLU B 191 44.05 23.61 -8.92
CA GLU B 191 43.39 22.54 -8.18
C GLU B 191 42.54 21.74 -9.14
N PHE B 192 42.85 20.45 -9.30
CA PHE B 192 42.20 19.70 -10.36
C PHE B 192 41.62 18.42 -9.80
N VAL B 193 40.37 18.34 -9.71
CA VAL B 193 39.75 17.14 -9.18
C VAL B 193 39.48 16.18 -10.30
N PHE B 194 39.73 14.91 -10.08
CA PHE B 194 39.56 13.95 -11.15
C PHE B 194 38.69 12.84 -10.63
N LYS B 195 37.64 12.49 -11.36
CA LYS B 195 36.93 11.33 -10.88
C LYS B 195 36.27 10.60 -12.04
N ASN B 196 36.19 9.29 -11.91
CA ASN B 196 35.64 8.44 -12.94
C ASN B 196 34.33 7.89 -12.46
N ILE B 197 33.27 8.21 -13.19
CA ILE B 197 31.96 7.61 -12.98
C ILE B 197 31.33 7.45 -14.34
N ASP B 198 30.78 6.26 -14.60
CA ASP B 198 29.92 6.01 -15.73
C ASP B 198 30.52 6.58 -17.01
N GLY B 199 31.61 5.95 -17.43
CA GLY B 199 32.27 6.31 -18.66
C GLY B 199 32.86 7.70 -18.59
N TYR B 200 32.68 8.36 -17.47
CA TYR B 200 33.14 9.72 -17.35
C TYR B 200 34.23 9.82 -16.31
N PHE B 201 35.43 9.95 -16.80
CA PHE B 201 36.41 10.77 -16.14
C PHE B 201 35.87 12.19 -16.12
N LYS B 202 36.28 12.96 -15.13
CA LYS B 202 35.73 14.30 -15.01
C LYS B 202 36.79 15.19 -14.40
N ILE B 203 36.80 16.45 -14.76
CA ILE B 203 37.79 17.36 -14.24
C ILE B 203 37.11 18.56 -13.67
N TYR B 204 37.76 19.22 -12.73
CA TYR B 204 37.30 20.52 -12.28
C TYR B 204 38.56 21.33 -12.10
N SER B 205 38.42 22.64 -11.92
CA SER B 205 39.65 23.37 -11.77
C SER B 205 39.43 24.72 -11.14
N LYS B 206 40.50 25.28 -10.64
CA LYS B 206 40.58 26.68 -10.29
C LYS B 206 42.00 27.11 -10.50
N HIS B 207 42.20 28.34 -10.92
CA HIS B 207 43.52 28.89 -11.00
C HIS B 207 43.51 30.10 -10.08
N THR B 208 44.23 30.02 -8.98
CA THR B 208 44.11 31.13 -8.08
C THR B 208 45.47 31.67 -7.68
N PRO B 209 45.56 32.99 -7.52
CA PRO B 209 46.76 33.58 -6.93
C PRO B 209 46.79 33.38 -5.43
N ILE B 210 47.98 33.09 -4.91
CA ILE B 210 48.21 32.97 -3.49
C ILE B 210 49.58 33.59 -3.22
N ASN B 211 49.90 33.82 -1.95
CA ASN B 211 51.30 33.74 -1.56
C ASN B 211 51.44 32.95 -0.27
N LEU B 212 51.86 31.70 -0.42
CA LEU B 212 52.43 30.89 0.65
C LEU B 212 53.36 29.91 -0.02
N VAL B 213 54.55 29.74 0.56
CA VAL B 213 55.48 28.79 -0.03
C VAL B 213 55.20 27.37 0.45
N ARG B 214 54.67 27.23 1.65
CA ARG B 214 54.68 25.94 2.32
C ARG B 214 53.50 25.05 1.92
N ASP B 215 52.29 25.60 1.89
CA ASP B 215 51.15 24.72 2.07
C ASP B 215 49.92 25.29 1.37
N LEU B 216 48.85 24.51 1.39
CA LEU B 216 47.57 24.87 0.82
C LEU B 216 46.99 26.04 1.56
N PRO B 217 46.83 27.19 0.95
CA PRO B 217 46.28 28.32 1.67
C PRO B 217 44.94 27.97 2.28
N GLN B 218 44.65 28.60 3.39
CA GLN B 218 43.43 28.35 4.10
C GLN B 218 42.43 29.39 3.64
N GLY B 219 41.43 28.94 2.89
CA GLY B 219 40.40 29.80 2.36
C GLY B 219 39.57 28.97 1.42
N PHE B 220 38.36 29.40 1.10
CA PHE B 220 37.45 28.53 0.40
C PHE B 220 37.16 29.05 -1.00
N SER B 221 37.35 28.19 -1.99
CA SER B 221 36.78 28.39 -3.30
C SER B 221 36.63 27.04 -3.95
N ALA B 222 35.66 26.93 -4.84
CA ALA B 222 35.22 25.63 -5.27
C ALA B 222 35.31 25.52 -6.77
N LEU B 223 35.18 24.32 -7.25
CA LEU B 223 35.76 23.97 -8.54
C LEU B 223 34.71 23.66 -9.57
N GLU B 224 34.49 24.55 -10.50
CA GLU B 224 33.63 24.25 -11.63
C GLU B 224 34.24 23.15 -12.46
N PRO B 225 33.44 22.46 -13.25
CA PRO B 225 34.02 21.54 -14.20
C PRO B 225 34.61 22.33 -15.33
N LEU B 226 35.70 21.80 -15.85
CA LEU B 226 36.11 22.10 -17.20
C LEU B 226 35.45 21.10 -18.13
N VAL B 227 35.70 19.84 -17.90
CA VAL B 227 35.56 18.84 -18.94
C VAL B 227 34.63 17.73 -18.46
N ASP B 228 34.20 16.92 -19.40
CA ASP B 228 33.86 15.53 -19.17
C ASP B 228 34.34 14.72 -20.35
N LEU B 229 34.96 13.59 -20.07
CA LEU B 229 35.44 12.74 -21.14
C LEU B 229 34.74 11.40 -21.10
N PRO B 230 34.02 11.08 -22.07
CA PRO B 230 33.22 9.85 -22.08
C PRO B 230 34.02 8.61 -22.43
N ILE B 231 35.15 8.43 -21.78
CA ILE B 231 36.15 7.51 -22.30
C ILE B 231 35.80 6.06 -22.04
N GLY B 232 35.48 5.70 -20.80
CA GLY B 232 35.19 4.33 -20.48
C GLY B 232 36.37 3.52 -19.98
N ILE B 233 37.52 4.15 -19.73
CA ILE B 233 38.63 3.44 -19.12
C ILE B 233 38.21 3.05 -17.72
N ASN B 234 38.87 2.04 -17.18
CA ASN B 234 38.96 1.93 -15.74
C ASN B 234 40.34 2.42 -15.30
N ILE B 235 40.37 3.17 -14.21
CA ILE B 235 41.59 3.79 -13.74
C ILE B 235 41.75 3.44 -12.28
N THR B 236 42.77 2.65 -11.96
CA THR B 236 43.09 2.43 -10.56
C THR B 236 44.33 3.20 -10.10
N ARG B 237 45.05 3.86 -10.99
CA ARG B 237 46.30 4.48 -10.61
C ARG B 237 46.56 5.64 -11.52
N PHE B 238 47.51 6.48 -11.14
CA PHE B 238 47.87 7.55 -12.04
C PHE B 238 49.22 8.10 -11.67
N GLN B 239 49.79 8.87 -12.57
CA GLN B 239 51.04 9.52 -12.29
C GLN B 239 51.09 10.88 -12.94
N THR B 240 51.54 11.88 -12.19
CA THR B 240 51.80 13.16 -12.82
C THR B 240 53.05 13.08 -13.68
N LEU B 241 53.36 14.20 -14.32
CA LEU B 241 54.44 14.26 -15.29
C LEU B 241 55.05 15.64 -15.24
N LEU B 242 56.34 15.72 -15.54
CA LEU B 242 57.02 16.96 -15.27
C LEU B 242 58.03 17.33 -16.34
N ALA B 243 58.40 18.62 -16.33
CA ALA B 243 59.46 19.16 -17.17
C ALA B 243 60.75 19.18 -16.35
N LEU B 244 61.71 18.34 -16.74
CA LEU B 244 62.91 18.12 -15.94
C LEU B 244 64.04 18.94 -16.48
N HIS B 245 64.82 19.54 -15.58
CA HIS B 245 66.00 20.30 -15.96
C HIS B 245 67.10 19.43 -16.55
N ALA B 263 59.00 23.01 -6.36
CA ALA B 263 57.72 22.88 -7.05
C ALA B 263 56.84 21.85 -6.38
N ALA B 264 56.02 22.33 -5.46
CA ALA B 264 55.16 21.48 -4.66
C ALA B 264 53.92 21.07 -5.41
N TYR B 265 53.36 19.95 -4.99
CA TYR B 265 51.98 19.65 -5.31
C TYR B 265 51.50 18.59 -4.35
N TYR B 266 50.22 18.25 -4.44
CA TYR B 266 49.57 17.53 -3.37
C TYR B 266 48.65 16.48 -3.93
N VAL B 267 48.15 15.62 -3.06
CA VAL B 267 47.13 14.66 -3.43
C VAL B 267 46.20 14.46 -2.26
N GLY B 268 44.90 14.44 -2.51
CA GLY B 268 43.93 13.93 -1.58
C GLY B 268 43.35 12.63 -2.08
N TYR B 269 42.30 12.19 -1.43
CA TYR B 269 41.49 11.14 -2.01
C TYR B 269 40.03 11.37 -1.68
N LEU B 270 39.19 11.21 -2.69
CA LEU B 270 37.81 11.59 -2.54
C LEU B 270 37.07 10.55 -1.77
N GLN B 271 36.15 10.99 -0.95
CA GLN B 271 35.39 10.08 -0.12
C GLN B 271 33.92 10.42 -0.23
N PRO B 272 33.06 9.50 0.05
CA PRO B 272 31.62 9.71 -0.09
C PRO B 272 30.99 10.50 1.05
N ARG B 273 31.58 11.64 1.34
CA ARG B 273 30.99 12.53 2.30
C ARG B 273 29.72 13.14 1.78
N THR B 274 28.97 13.68 2.71
CA THR B 274 27.79 14.48 2.41
C THR B 274 28.02 15.88 2.93
N PHE B 275 27.95 16.87 2.06
CA PHE B 275 28.21 18.22 2.50
C PHE B 275 26.97 19.05 2.42
N LEU B 276 27.00 20.14 3.13
CA LEU B 276 26.00 21.16 3.02
C LEU B 276 26.62 22.33 2.29
N LEU B 277 26.29 22.48 1.02
CA LEU B 277 26.81 23.59 0.25
C LEU B 277 26.12 24.85 0.66
N LYS B 278 26.66 25.98 0.30
CA LYS B 278 25.86 27.18 0.33
C LYS B 278 26.11 27.97 -0.92
N TYR B 279 25.15 28.00 -1.81
CA TYR B 279 25.29 28.83 -2.96
C TYR B 279 25.06 30.27 -2.59
N ASN B 280 25.49 31.16 -3.45
CA ASN B 280 25.26 32.57 -3.24
C ASN B 280 24.37 33.09 -4.34
N GLU B 281 24.01 34.36 -4.23
CA GLU B 281 23.09 34.94 -5.19
C GLU B 281 23.57 34.72 -6.60
N ASN B 282 24.80 35.06 -6.87
CA ASN B 282 25.29 34.80 -8.21
C ASN B 282 25.35 33.33 -8.51
N GLY B 283 25.22 32.46 -7.52
CA GLY B 283 25.24 31.06 -7.80
C GLY B 283 26.58 30.40 -7.65
N THR B 284 27.49 31.02 -6.92
CA THR B 284 28.81 30.48 -6.68
C THR B 284 28.89 29.92 -5.28
N ILE B 285 29.45 28.73 -5.14
CA ILE B 285 29.43 28.13 -3.82
C ILE B 285 30.29 28.98 -2.93
N THR B 286 29.73 29.60 -1.92
CA THR B 286 30.60 30.41 -1.10
C THR B 286 31.00 29.74 0.17
N ASP B 287 30.46 28.57 0.45
CA ASP B 287 30.87 27.92 1.67
C ASP B 287 30.37 26.50 1.63
N ALA B 288 30.80 25.72 2.59
CA ALA B 288 30.33 24.36 2.68
C ALA B 288 30.57 23.91 4.09
N VAL B 289 29.87 22.85 4.46
CA VAL B 289 30.04 22.26 5.76
C VAL B 289 30.02 20.77 5.58
N ASP B 290 31.01 20.10 6.11
CA ASP B 290 31.00 18.67 6.04
C ASP B 290 30.04 18.19 7.09
N CYS B 291 29.24 17.20 6.74
CA CYS B 291 28.35 16.66 7.75
C CYS B 291 29.14 15.88 8.78
N ALA B 292 29.91 14.91 8.32
CA ALA B 292 30.49 13.97 9.25
C ALA B 292 31.68 14.52 10.01
N LEU B 293 32.12 15.74 9.73
CA LEU B 293 33.36 16.22 10.35
C LEU B 293 33.30 16.12 11.86
N ASP B 294 32.26 16.63 12.47
CA ASP B 294 32.26 16.75 13.91
C ASP B 294 30.92 17.26 14.39
N PRO B 295 30.59 17.13 15.66
CA PRO B 295 29.21 17.34 16.04
C PRO B 295 28.64 18.63 15.54
N LEU B 296 29.30 19.74 15.80
CA LEU B 296 28.72 21.00 15.36
C LEU B 296 28.37 20.95 13.90
N SER B 297 29.07 20.16 13.13
CA SER B 297 28.77 20.04 11.74
C SER B 297 27.88 18.87 11.45
N GLU B 298 27.55 18.07 12.45
CA GLU B 298 26.48 17.14 12.21
C GLU B 298 25.18 17.84 12.42
N THR B 299 25.14 18.80 13.33
CA THR B 299 23.99 19.67 13.44
C THR B 299 23.73 20.37 12.14
N LYS B 300 24.60 21.26 11.73
CA LYS B 300 24.29 22.13 10.61
C LYS B 300 23.78 21.37 9.43
N CYS B 301 24.08 20.09 9.34
CA CYS B 301 23.44 19.32 8.31
C CYS B 301 22.02 18.97 8.68
N THR B 302 21.69 18.93 9.95
CA THR B 302 20.31 18.71 10.34
C THR B 302 19.44 19.91 10.01
N LEU B 303 19.84 21.07 10.46
CA LEU B 303 18.98 22.21 10.28
C LEU B 303 18.90 22.64 8.83
N LYS B 304 19.90 22.33 8.02
CA LYS B 304 20.15 23.06 6.80
C LYS B 304 20.42 24.52 7.11
N SER B 305 21.40 24.76 7.95
CA SER B 305 21.70 26.13 8.28
C SER B 305 23.16 26.28 8.63
N PHE B 306 23.71 27.44 8.32
CA PHE B 306 24.99 27.69 8.95
C PHE B 306 24.84 28.23 10.33
N THR B 307 23.95 29.18 10.50
CA THR B 307 23.64 29.59 11.84
C THR B 307 23.03 28.43 12.56
N VAL B 308 23.59 28.09 13.71
CA VAL B 308 22.96 27.16 14.59
C VAL B 308 22.86 27.85 15.92
N GLU B 309 21.65 28.06 16.36
CA GLU B 309 21.39 28.89 17.50
C GLU B 309 21.16 28.00 18.69
N LYS B 310 20.94 28.63 19.82
CA LYS B 310 21.13 27.98 21.09
C LYS B 310 20.22 26.78 21.22
N GLY B 311 20.57 25.87 22.09
CA GLY B 311 19.68 24.78 22.41
C GLY B 311 20.19 23.46 21.88
N ILE B 312 19.44 22.42 22.19
CA ILE B 312 19.88 21.05 22.04
C ILE B 312 19.22 20.42 20.84
N TYR B 313 19.98 20.18 19.82
CA TYR B 313 19.47 19.61 18.61
C TYR B 313 19.76 18.15 18.63
N GLN B 314 18.89 17.36 18.10
CA GLN B 314 19.13 15.94 18.07
C GLN B 314 19.58 15.56 16.69
N THR B 315 20.84 15.21 16.56
CA THR B 315 21.33 14.87 15.25
C THR B 315 21.05 13.44 14.88
N SER B 316 21.61 12.50 15.62
CA SER B 316 21.72 11.18 15.08
C SER B 316 21.54 10.15 16.16
N ASN B 317 21.88 8.93 15.82
CA ASN B 317 21.71 7.79 16.68
C ASN B 317 23.03 7.08 16.77
N PHE B 318 23.16 6.20 17.76
CA PHE B 318 24.40 5.41 17.98
C PHE B 318 24.02 4.01 18.46
N ARG B 319 24.29 3.00 17.63
CA ARG B 319 23.96 1.59 17.98
C ARG B 319 25.26 0.79 18.16
N VAL B 320 25.56 0.41 19.41
CA VAL B 320 26.79 -0.38 19.72
C VAL B 320 26.83 -1.60 18.80
N GLN B 321 27.81 -1.67 17.90
CA GLN B 321 27.94 -2.81 16.95
C GLN B 321 28.34 -4.07 17.73
N PRO B 322 27.92 -5.28 17.28
CA PRO B 322 28.26 -6.52 17.98
C PRO B 322 29.77 -6.78 18.00
N THR B 323 30.27 -7.38 19.09
CA THR B 323 31.71 -7.68 19.23
C THR B 323 32.15 -8.64 18.12
N GLU B 324 31.52 -9.82 18.05
CA GLU B 324 31.86 -10.83 17.01
C GLU B 324 30.65 -11.73 16.75
N SER B 325 30.48 -12.77 17.56
CA SER B 325 29.37 -13.69 17.41
C SER B 325 29.54 -14.79 18.46
N ILE B 326 28.47 -15.49 18.77
CA ILE B 326 28.51 -16.63 19.64
C ILE B 326 27.62 -17.69 19.05
N VAL B 327 28.19 -18.83 18.72
CA VAL B 327 27.41 -19.96 18.24
C VAL B 327 27.51 -21.05 19.28
N ARG B 328 26.36 -21.58 19.65
CA ARG B 328 26.33 -22.50 20.76
C ARG B 328 25.31 -23.59 20.48
N PHE B 329 25.74 -24.84 20.57
CA PHE B 329 24.90 -25.98 20.24
C PHE B 329 25.02 -27.05 21.30
N PRO B 330 23.94 -27.76 21.59
CA PRO B 330 23.84 -28.52 22.83
C PRO B 330 24.95 -29.53 22.92
N ASN B 331 25.61 -29.58 24.08
CA ASN B 331 26.79 -30.42 24.20
C ASN B 331 26.45 -31.83 23.79
N ILE B 332 27.45 -32.48 23.23
CA ILE B 332 27.46 -33.88 22.86
C ILE B 332 26.65 -34.11 21.59
N THR B 333 25.61 -33.32 21.35
CA THR B 333 24.81 -33.47 20.13
C THR B 333 24.55 -34.93 19.77
N ASN B 334 24.46 -35.77 20.78
CA ASN B 334 24.36 -37.24 20.74
C ASN B 334 25.51 -37.86 19.94
N LEU B 335 25.31 -39.03 19.33
CA LEU B 335 26.42 -39.75 18.71
C LEU B 335 25.91 -40.80 17.75
N CYS B 336 26.85 -41.22 16.72
CA CYS B 336 26.74 -42.20 15.64
C CYS B 336 27.72 -43.37 15.86
N PRO B 337 27.18 -44.75 16.07
CA PRO B 337 28.01 -45.82 16.63
C PRO B 337 28.77 -46.66 15.60
N PHE B 338 29.82 -46.09 15.02
CA PHE B 338 30.59 -46.85 14.04
C PHE B 338 31.43 -47.92 14.70
N GLY B 339 31.54 -47.85 16.02
CA GLY B 339 32.30 -48.87 16.74
C GLY B 339 31.64 -50.22 16.68
N GLU B 340 30.39 -50.30 17.13
CA GLU B 340 29.65 -51.55 17.08
C GLU B 340 29.42 -52.00 15.65
N VAL B 341 29.80 -51.17 14.67
CA VAL B 341 30.07 -51.58 13.30
C VAL B 341 31.50 -52.08 13.21
N PHE B 342 32.47 -51.21 13.54
CA PHE B 342 33.87 -51.53 13.32
C PHE B 342 34.42 -52.46 14.39
N ASN B 343 34.14 -52.19 15.67
CA ASN B 343 34.61 -53.00 16.79
C ASN B 343 33.62 -54.07 17.25
N ALA B 344 32.54 -54.30 16.50
CA ALA B 344 31.68 -55.47 16.74
C ALA B 344 32.52 -56.75 16.79
N THR B 345 32.22 -57.60 17.78
CA THR B 345 33.10 -58.73 18.06
C THR B 345 33.01 -59.79 16.97
N ARG B 346 31.80 -60.27 16.68
CA ARG B 346 31.58 -61.26 15.63
C ARG B 346 30.99 -60.50 14.44
N PHE B 347 31.80 -60.27 13.42
CA PHE B 347 31.23 -59.74 12.20
C PHE B 347 30.41 -60.81 11.49
N ALA B 348 29.26 -60.41 10.99
CA ALA B 348 28.69 -61.16 9.88
C ALA B 348 29.72 -61.23 8.77
N SER B 349 29.77 -62.37 8.08
CA SER B 349 30.77 -62.57 7.05
C SER B 349 30.48 -61.72 5.82
N VAL B 350 31.47 -61.61 4.94
CA VAL B 350 31.24 -60.90 3.67
C VAL B 350 29.98 -61.39 2.98
N TYR B 351 29.77 -62.71 2.94
CA TYR B 351 28.69 -63.25 2.10
C TYR B 351 27.32 -62.79 2.58
N ALA B 352 27.19 -62.51 3.86
CA ALA B 352 26.01 -61.83 4.39
C ALA B 352 26.49 -60.65 5.21
N TRP B 353 26.29 -59.45 4.69
CA TRP B 353 26.86 -58.24 5.23
C TRP B 353 25.83 -57.49 6.06
N ASN B 354 26.27 -56.87 7.15
CA ASN B 354 25.35 -56.08 7.94
C ASN B 354 24.98 -54.79 7.21
N ARG B 355 23.76 -54.32 7.47
CA ARG B 355 23.29 -53.03 7.01
C ARG B 355 22.66 -52.35 8.22
N LYS B 356 23.26 -51.26 8.71
CA LYS B 356 23.04 -50.82 10.08
C LYS B 356 22.69 -49.34 10.16
N ARG B 357 21.48 -49.06 10.63
CA ARG B 357 20.91 -47.71 10.60
C ARG B 357 21.43 -46.86 11.75
N ILE B 358 21.82 -45.62 11.43
CA ILE B 358 22.47 -44.70 12.36
C ILE B 358 21.88 -43.32 12.11
N SER B 359 21.44 -42.64 13.18
CA SER B 359 20.51 -41.54 12.99
C SER B 359 20.56 -40.53 14.14
N ASN B 360 19.96 -39.36 13.87
CA ASN B 360 19.77 -38.26 14.82
C ASN B 360 21.05 -37.87 15.52
N CYS B 361 22.16 -38.00 14.81
CA CYS B 361 23.43 -37.97 15.48
C CYS B 361 24.44 -37.27 14.61
N VAL B 362 25.69 -37.38 14.98
CA VAL B 362 26.72 -36.46 14.55
C VAL B 362 27.92 -37.27 14.10
N ALA B 363 28.50 -36.88 12.95
CA ALA B 363 29.54 -37.70 12.35
C ALA B 363 30.66 -37.90 13.35
N ASP B 364 30.87 -39.16 13.70
CA ASP B 364 31.54 -39.55 14.93
C ASP B 364 33.03 -39.82 14.72
N TYR B 365 33.57 -39.40 13.57
CA TYR B 365 34.86 -39.88 13.12
C TYR B 365 35.98 -39.67 14.13
N SER B 366 35.73 -38.93 15.22
CA SER B 366 36.71 -38.71 16.28
C SER B 366 37.06 -39.96 17.09
N VAL B 367 36.30 -41.06 16.96
CA VAL B 367 36.77 -42.29 17.57
C VAL B 367 37.81 -42.95 16.68
N LEU B 368 37.74 -42.67 15.38
CA LEU B 368 38.52 -43.36 14.36
C LEU B 368 39.93 -42.79 14.22
N TYR B 369 40.27 -41.78 15.01
CA TYR B 369 41.62 -41.24 15.03
C TYR B 369 42.58 -42.12 15.85
N ASN B 370 42.11 -42.68 16.97
CA ASN B 370 42.95 -43.47 17.86
C ASN B 370 42.60 -44.94 17.74
N SER B 371 43.51 -45.70 17.12
CA SER B 371 43.41 -47.15 16.95
C SER B 371 44.55 -47.62 16.05
N ALA B 372 44.68 -48.93 15.86
CA ALA B 372 45.49 -49.42 14.76
C ALA B 372 44.90 -49.02 13.41
N SER B 373 43.72 -48.42 13.44
CA SER B 373 42.95 -47.91 12.30
C SER B 373 42.68 -49.06 11.33
N PHE B 374 42.73 -48.81 10.03
CA PHE B 374 42.01 -49.60 9.05
C PHE B 374 42.89 -49.81 7.83
N SER B 375 43.11 -51.07 7.44
CA SER B 375 44.09 -51.38 6.41
C SER B 375 43.89 -50.56 5.14
N THR B 376 42.65 -50.17 4.86
CA THR B 376 42.44 -49.06 3.95
C THR B 376 41.32 -48.21 4.51
N PHE B 377 41.20 -47.01 3.97
CA PHE B 377 40.06 -46.17 4.20
C PHE B 377 39.66 -45.64 2.83
N LYS B 378 38.52 -46.06 2.34
CA LYS B 378 37.94 -45.42 1.19
C LYS B 378 36.47 -45.20 1.45
N CYS B 379 36.06 -43.94 1.41
CA CYS B 379 34.66 -43.56 1.48
C CYS B 379 34.41 -42.65 0.29
N TYR B 380 33.50 -43.08 -0.57
CA TYR B 380 33.44 -42.57 -1.92
C TYR B 380 33.05 -41.11 -1.99
N GLY B 381 31.87 -40.77 -1.47
CA GLY B 381 31.14 -39.66 -2.03
C GLY B 381 31.82 -38.31 -2.04
N VAL B 382 32.19 -37.81 -0.86
CA VAL B 382 32.62 -36.42 -0.69
C VAL B 382 33.80 -36.39 0.29
N SER B 383 34.41 -35.23 0.40
CA SER B 383 35.69 -35.07 1.11
C SER B 383 35.60 -35.61 2.53
N PRO B 384 36.63 -36.31 3.01
CA PRO B 384 36.58 -36.87 4.37
C PRO B 384 36.52 -35.82 5.48
N THR B 385 36.81 -34.56 5.20
CA THR B 385 36.47 -33.53 6.17
C THR B 385 35.07 -32.99 5.96
N LYS B 386 34.32 -33.57 5.04
CA LYS B 386 32.87 -33.43 5.01
C LYS B 386 32.16 -34.60 5.68
N LEU B 387 32.91 -35.62 6.14
CA LEU B 387 32.37 -36.50 7.17
C LEU B 387 31.69 -35.67 8.23
N ASN B 388 32.49 -34.90 8.91
CA ASN B 388 32.10 -34.14 10.08
C ASN B 388 31.55 -32.77 9.70
N ASP B 389 31.70 -32.34 8.45
CA ASP B 389 31.06 -31.10 8.01
C ASP B 389 29.73 -31.32 7.28
N LEU B 390 29.39 -32.55 6.92
CA LEU B 390 28.21 -32.79 6.10
C LEU B 390 27.37 -33.91 6.70
N CYS B 391 26.09 -33.62 6.90
CA CYS B 391 25.15 -34.59 7.44
C CYS B 391 24.67 -35.55 6.36
N PHE B 392 24.29 -36.76 6.79
CA PHE B 392 23.81 -37.80 5.88
C PHE B 392 22.41 -38.26 6.29
N THR B 393 21.89 -39.24 5.56
CA THR B 393 20.46 -39.52 5.63
C THR B 393 20.17 -40.93 6.13
N ASN B 394 20.29 -41.93 5.26
CA ASN B 394 20.14 -43.33 5.64
C ASN B 394 21.53 -43.89 5.75
N VAL B 395 22.00 -44.10 6.98
CA VAL B 395 23.41 -44.39 7.22
C VAL B 395 23.53 -45.83 7.64
N TYR B 396 24.06 -46.66 6.74
CA TYR B 396 24.29 -48.08 7.03
C TYR B 396 25.77 -48.38 6.83
N ALA B 397 26.46 -48.56 7.95
CA ALA B 397 27.85 -48.98 7.92
C ALA B 397 27.86 -50.50 7.91
N ASP B 398 28.42 -51.07 6.85
CA ASP B 398 28.18 -52.47 6.51
C ASP B 398 29.23 -53.33 7.19
N SER B 399 28.81 -54.15 8.16
CA SER B 399 29.75 -54.91 8.98
C SER B 399 29.91 -56.30 8.38
N PHE B 400 31.11 -56.60 7.89
CA PHE B 400 31.39 -57.88 7.29
C PHE B 400 32.90 -58.14 7.28
N VAL B 401 33.27 -59.41 7.06
CA VAL B 401 34.65 -59.87 6.98
C VAL B 401 34.91 -60.38 5.56
N ILE B 402 35.96 -59.86 4.92
CA ILE B 402 36.32 -60.34 3.58
C ILE B 402 37.77 -60.84 3.62
N ARG B 403 38.09 -61.69 2.65
CA ARG B 403 39.48 -62.10 2.46
C ARG B 403 40.29 -60.92 1.92
N GLY B 404 41.61 -61.01 2.07
CA GLY B 404 42.48 -59.86 1.85
C GLY B 404 42.38 -59.15 0.52
N ASP B 405 42.60 -59.84 -0.60
CA ASP B 405 42.56 -59.15 -1.89
C ASP B 405 41.19 -58.61 -2.22
N GLU B 406 40.18 -58.90 -1.41
CA GLU B 406 38.80 -58.69 -1.82
C GLU B 406 38.34 -57.26 -1.60
N VAL B 407 39.22 -56.36 -1.16
CA VAL B 407 38.85 -54.96 -1.02
C VAL B 407 38.68 -54.33 -2.39
N ARG B 408 39.56 -54.67 -3.35
CA ARG B 408 39.26 -54.38 -4.74
C ARG B 408 37.85 -54.83 -5.08
N GLN B 409 37.55 -56.11 -4.81
CA GLN B 409 36.29 -56.71 -5.22
C GLN B 409 35.08 -56.08 -4.54
N ILE B 410 35.30 -55.18 -3.58
CA ILE B 410 34.24 -54.36 -3.02
C ILE B 410 34.46 -52.94 -3.51
N ALA B 411 33.65 -52.52 -4.48
CA ALA B 411 33.69 -51.23 -5.16
C ALA B 411 32.72 -51.23 -6.33
N PRO B 412 32.16 -50.08 -6.71
CA PRO B 412 31.28 -50.03 -7.87
C PRO B 412 32.02 -50.41 -9.15
N GLY B 413 31.29 -51.09 -10.04
CA GLY B 413 31.87 -51.47 -11.32
C GLY B 413 32.90 -52.56 -11.23
N GLN B 414 32.98 -53.26 -10.10
CA GLN B 414 33.95 -54.33 -9.94
C GLN B 414 33.42 -55.61 -10.58
N THR B 415 34.19 -56.13 -11.51
CA THR B 415 34.11 -57.54 -11.84
C THR B 415 34.97 -58.27 -10.82
N GLY B 416 34.39 -59.29 -10.20
CA GLY B 416 35.12 -60.01 -9.17
C GLY B 416 34.20 -60.99 -8.47
N LYS B 417 34.83 -61.79 -7.60
CA LYS B 417 34.08 -62.79 -6.84
C LYS B 417 33.20 -62.15 -5.77
N ILE B 418 33.79 -61.31 -4.92
CA ILE B 418 32.98 -60.58 -3.94
C ILE B 418 31.89 -59.81 -4.66
N ALA B 419 32.29 -58.83 -5.47
CA ALA B 419 31.33 -58.02 -6.22
C ALA B 419 30.26 -58.89 -6.87
N ASP B 420 30.65 -59.66 -7.88
CA ASP B 420 29.64 -60.34 -8.68
C ASP B 420 28.81 -61.35 -7.90
N TYR B 421 29.25 -61.77 -6.71
CA TYR B 421 28.49 -62.83 -6.07
C TYR B 421 28.03 -62.51 -4.65
N ASN B 422 28.91 -62.62 -3.65
CA ASN B 422 28.43 -62.63 -2.27
C ASN B 422 28.18 -61.24 -1.72
N TYR B 423 29.07 -60.29 -1.98
CA TYR B 423 28.89 -58.91 -1.54
C TYR B 423 29.03 -58.00 -2.74
N LYS B 424 27.93 -57.38 -3.15
CA LYS B 424 27.92 -56.56 -4.36
C LYS B 424 27.42 -55.17 -3.98
N LEU B 425 28.15 -54.15 -4.44
CA LEU B 425 27.77 -52.77 -4.18
C LEU B 425 27.39 -52.05 -5.47
N PRO B 426 26.57 -51.00 -5.35
CA PRO B 426 26.07 -50.33 -6.56
C PRO B 426 27.14 -49.51 -7.25
N ASP B 427 26.85 -49.13 -8.49
CA ASP B 427 27.64 -48.08 -9.14
C ASP B 427 27.27 -46.70 -8.60
N ASP B 428 26.09 -46.56 -8.00
CA ASP B 428 25.60 -45.30 -7.45
C ASP B 428 25.79 -45.17 -5.94
N PHE B 429 26.51 -46.10 -5.32
CA PHE B 429 26.70 -46.06 -3.86
C PHE B 429 27.64 -44.93 -3.43
N THR B 430 27.16 -44.11 -2.50
CA THR B 430 27.96 -43.02 -1.93
C THR B 430 28.34 -43.36 -0.50
N GLY B 431 29.60 -43.63 -0.26
CA GLY B 431 29.99 -44.14 1.05
C GLY B 431 31.30 -44.90 0.98
N CYS B 432 31.45 -45.86 1.89
CA CYS B 432 32.75 -46.35 2.27
C CYS B 432 33.02 -47.73 1.70
N VAL B 433 34.31 -48.01 1.55
CA VAL B 433 34.87 -49.36 1.61
C VAL B 433 36.16 -49.26 2.42
N ILE B 434 36.26 -50.02 3.50
CA ILE B 434 37.36 -49.86 4.45
C ILE B 434 37.84 -51.23 4.88
N ALA B 435 39.16 -51.45 4.83
CA ALA B 435 39.76 -52.74 5.13
C ALA B 435 40.58 -52.66 6.41
N TRP B 436 40.70 -53.80 7.09
CA TRP B 436 41.74 -54.03 8.07
C TRP B 436 41.90 -55.52 8.28
N ASN B 437 43.08 -55.94 8.73
CA ASN B 437 43.35 -57.36 8.91
C ASN B 437 42.66 -57.87 10.16
N SER B 438 41.81 -58.88 10.00
CA SER B 438 41.30 -59.64 11.12
C SER B 438 42.02 -60.96 11.30
N ASN B 439 43.04 -61.23 10.48
CA ASN B 439 43.92 -62.37 10.74
C ASN B 439 44.44 -62.31 12.17
N ASN B 440 44.66 -61.10 12.68
CA ASN B 440 45.01 -60.92 14.09
C ASN B 440 43.89 -61.38 15.02
N LEU B 441 42.66 -61.50 14.52
CA LEU B 441 41.56 -61.96 15.37
C LEU B 441 40.75 -63.07 14.72
N ASP B 442 40.05 -62.76 13.61
CA ASP B 442 39.09 -63.70 13.02
C ASP B 442 39.73 -65.03 12.65
N SER B 443 41.04 -65.06 12.46
CA SER B 443 41.70 -66.32 12.12
C SER B 443 41.59 -67.32 13.26
N LYS B 444 41.57 -68.60 12.91
CA LYS B 444 41.55 -69.66 13.91
C LYS B 444 42.44 -70.82 13.48
N GLY B 447 40.77 -73.35 13.49
CA GLY B 447 40.36 -73.27 12.10
C GLY B 447 38.90 -72.86 11.93
N ASN B 448 38.69 -71.67 11.38
CA ASN B 448 37.35 -71.13 11.20
C ASN B 448 36.93 -71.33 9.75
N TYR B 449 36.05 -72.30 9.52
CA TYR B 449 35.39 -72.49 8.24
C TYR B 449 33.97 -71.94 8.23
N ASN B 450 33.51 -71.41 9.36
CA ASN B 450 32.20 -70.74 9.40
C ASN B 450 32.20 -69.56 8.45
N TYR B 451 33.32 -68.85 8.34
CA TYR B 451 33.47 -67.85 7.29
C TYR B 451 33.29 -68.50 5.95
N LEU B 452 32.63 -67.78 5.06
CA LEU B 452 32.05 -68.36 3.86
C LEU B 452 31.97 -67.25 2.83
N TYR B 453 31.74 -67.63 1.58
CA TYR B 453 31.61 -66.68 0.50
C TYR B 453 30.80 -67.32 -0.61
N ARG B 454 30.25 -66.49 -1.48
CA ARG B 454 29.58 -66.99 -2.65
C ARG B 454 30.61 -67.03 -3.77
N LEU B 455 31.04 -68.24 -4.10
CA LEU B 455 32.02 -68.39 -5.16
C LEU B 455 31.36 -68.24 -6.51
N PHE B 456 30.09 -68.64 -6.62
CA PHE B 456 29.35 -68.50 -7.88
C PHE B 456 27.87 -68.28 -7.66
N ARG B 457 27.30 -67.48 -8.56
CA ARG B 457 25.94 -66.98 -8.58
C ARG B 457 25.69 -66.61 -10.03
N LYS B 458 24.41 -66.54 -10.43
CA LYS B 458 24.11 -66.42 -11.85
C LYS B 458 23.89 -64.99 -12.32
N SER B 459 24.09 -64.00 -11.46
CA SER B 459 24.01 -62.60 -11.84
C SER B 459 24.73 -61.76 -10.80
N ASN B 460 24.71 -60.45 -10.98
CA ASN B 460 25.16 -59.52 -9.98
C ASN B 460 24.00 -59.18 -9.05
N LEU B 461 24.32 -58.98 -7.78
CA LEU B 461 23.30 -58.54 -6.82
C LEU B 461 22.84 -57.13 -7.16
N LYS B 462 21.54 -56.88 -6.95
CA LYS B 462 20.97 -55.56 -7.14
C LYS B 462 21.57 -54.63 -6.10
N PRO B 463 21.43 -53.30 -6.26
CA PRO B 463 22.07 -52.40 -5.31
C PRO B 463 21.70 -52.67 -3.87
N PHE B 464 22.74 -52.88 -3.06
CA PHE B 464 22.65 -53.29 -1.66
C PHE B 464 21.87 -54.58 -1.45
N GLU B 465 21.64 -55.39 -2.48
CA GLU B 465 20.93 -56.64 -2.26
C GLU B 465 21.93 -57.71 -1.84
N ARG B 466 21.43 -58.70 -1.11
CA ARG B 466 22.20 -59.86 -0.68
C ARG B 466 21.63 -61.11 -1.34
N ASP B 467 22.47 -62.13 -1.48
CA ASP B 467 22.01 -63.45 -1.94
C ASP B 467 22.28 -64.46 -0.84
N ILE B 468 21.21 -65.02 -0.29
CA ILE B 468 21.29 -65.93 0.86
C ILE B 468 21.33 -67.39 0.44
N SER B 469 21.37 -67.68 -0.86
CA SER B 469 20.95 -68.98 -1.34
C SER B 469 21.91 -70.08 -0.87
N THR B 470 21.34 -71.07 -0.17
CA THR B 470 21.98 -72.36 0.04
C THR B 470 21.54 -73.36 -1.01
N GLU B 471 20.75 -72.90 -1.99
CA GLU B 471 20.23 -73.75 -3.05
C GLU B 471 21.37 -74.36 -3.86
N ILE B 472 21.10 -75.54 -4.42
CA ILE B 472 22.09 -76.19 -5.28
C ILE B 472 22.42 -75.27 -6.47
N TYR B 473 23.72 -75.11 -6.73
CA TYR B 473 24.18 -74.53 -7.98
C TYR B 473 24.12 -75.61 -9.04
N GLN B 474 23.31 -75.39 -10.07
CA GLN B 474 22.91 -76.45 -11.01
C GLN B 474 23.66 -76.22 -12.31
N ALA B 475 24.68 -77.07 -12.55
CA ALA B 475 25.52 -76.88 -13.72
C ALA B 475 24.89 -77.47 -14.98
N GLY B 476 24.35 -78.69 -14.89
CA GLY B 476 23.70 -79.32 -16.01
C GLY B 476 22.19 -79.35 -15.87
N SER B 477 21.52 -79.67 -17.00
CA SER B 477 20.08 -79.80 -17.01
C SER B 477 19.60 -81.00 -16.20
N THR B 478 20.53 -81.81 -15.67
CA THR B 478 20.20 -82.91 -14.77
C THR B 478 19.94 -82.36 -13.37
N PRO B 479 18.70 -82.41 -12.89
CA PRO B 479 18.38 -81.79 -11.60
C PRO B 479 19.05 -82.55 -10.47
N CYS B 480 19.66 -81.79 -9.54
CA CYS B 480 20.39 -82.43 -8.45
C CYS B 480 19.46 -82.86 -7.33
N ASN B 481 18.37 -82.10 -7.10
CA ASN B 481 17.29 -82.47 -6.19
C ASN B 481 17.73 -82.52 -4.73
N GLY B 482 18.67 -81.68 -4.31
CA GLY B 482 19.08 -81.64 -2.92
C GLY B 482 20.14 -82.65 -2.51
N VAL B 483 20.79 -83.30 -3.47
CA VAL B 483 21.94 -84.18 -3.21
C VAL B 483 23.02 -83.84 -4.23
N GLU B 484 24.23 -84.32 -3.96
CA GLU B 484 25.36 -84.12 -4.84
C GLU B 484 25.39 -85.14 -5.97
N GLY B 485 26.01 -84.74 -7.07
CA GLY B 485 26.00 -85.51 -8.29
C GLY B 485 27.03 -84.97 -9.24
N PHE B 486 26.90 -85.34 -10.53
CA PHE B 486 27.86 -84.85 -11.51
C PHE B 486 27.67 -83.36 -11.71
N ASN B 487 28.74 -82.60 -11.45
CA ASN B 487 28.70 -81.13 -11.47
C ASN B 487 27.50 -80.58 -10.70
N CYS B 488 27.13 -81.24 -9.60
CA CYS B 488 26.17 -80.70 -8.64
C CYS B 488 26.95 -79.92 -7.59
N TYR B 489 26.68 -78.62 -7.51
CA TYR B 489 27.43 -77.71 -6.67
C TYR B 489 26.54 -77.05 -5.64
N PHE B 490 27.09 -76.84 -4.45
CA PHE B 490 26.62 -75.87 -3.48
C PHE B 490 27.43 -74.60 -3.73
N PRO B 491 26.79 -73.54 -4.25
CA PRO B 491 27.58 -72.40 -4.76
C PRO B 491 28.37 -71.66 -3.70
N LEU B 492 27.80 -71.44 -2.51
CA LEU B 492 28.55 -70.83 -1.43
C LEU B 492 29.73 -71.72 -1.03
N GLN B 493 30.84 -71.11 -0.67
CA GLN B 493 32.01 -71.85 -0.21
C GLN B 493 32.67 -71.08 0.94
N SER B 494 33.60 -71.73 1.63
CA SER B 494 34.21 -71.19 2.83
C SER B 494 35.70 -70.93 2.61
N TYR B 495 36.24 -69.99 3.40
CA TYR B 495 37.66 -69.71 3.46
C TYR B 495 38.22 -70.41 4.69
N GLY B 496 39.05 -71.43 4.48
CA GLY B 496 39.86 -71.95 5.56
C GLY B 496 40.88 -70.92 5.98
N PHE B 497 40.89 -70.56 7.27
CA PHE B 497 41.84 -69.57 7.78
C PHE B 497 42.96 -70.26 8.51
N GLN B 498 44.17 -70.12 7.97
CA GLN B 498 45.34 -70.84 8.44
C GLN B 498 46.17 -69.89 9.29
N PRO B 499 46.27 -70.12 10.60
CA PRO B 499 46.87 -69.10 11.49
C PRO B 499 48.27 -68.66 11.07
N THR B 500 48.87 -69.31 10.08
CA THR B 500 50.07 -68.79 9.42
C THR B 500 49.73 -67.84 8.28
N ASN B 501 48.46 -67.44 8.13
CA ASN B 501 48.03 -66.62 7.00
C ASN B 501 48.95 -65.42 6.78
N GLY B 502 49.24 -65.15 5.52
CA GLY B 502 50.03 -64.00 5.11
C GLY B 502 49.18 -62.92 4.46
N VAL B 503 49.86 -61.85 4.05
CA VAL B 503 49.18 -60.62 3.64
C VAL B 503 48.16 -60.87 2.53
N GLY B 504 48.43 -61.83 1.65
CA GLY B 504 47.43 -62.21 0.66
C GLY B 504 46.32 -63.08 1.21
N TYR B 505 46.61 -63.86 2.24
CA TYR B 505 45.66 -64.81 2.82
C TYR B 505 44.95 -64.29 4.06
N GLN B 506 45.27 -63.09 4.51
CA GLN B 506 44.64 -62.56 5.71
C GLN B 506 43.22 -62.09 5.41
N PRO B 507 42.26 -62.39 6.26
CA PRO B 507 40.93 -61.79 6.11
C PRO B 507 41.00 -60.30 6.39
N TYR B 508 40.21 -59.54 5.66
CA TYR B 508 39.98 -58.15 5.98
C TYR B 508 38.51 -57.97 6.32
N ARG B 509 38.23 -57.68 7.58
CA ARG B 509 36.96 -57.10 7.91
C ARG B 509 36.80 -55.82 7.11
N VAL B 510 35.66 -55.65 6.43
CA VAL B 510 35.50 -54.48 5.57
C VAL B 510 34.13 -53.87 5.78
N VAL B 511 34.07 -52.54 5.84
CA VAL B 511 32.84 -51.83 6.14
C VAL B 511 32.57 -50.76 5.10
N VAL B 512 31.27 -50.52 4.91
CA VAL B 512 30.69 -49.72 3.84
C VAL B 512 29.58 -48.87 4.45
N LEU B 513 29.70 -47.54 4.37
CA LEU B 513 28.66 -46.63 4.86
C LEU B 513 27.66 -46.30 3.76
N SER B 514 26.44 -46.80 3.92
CA SER B 514 25.34 -46.40 3.04
C SER B 514 24.89 -45.01 3.43
N PHE B 515 24.77 -44.12 2.45
CA PHE B 515 23.99 -42.90 2.64
C PHE B 515 23.67 -42.30 1.28
N GLU B 516 22.70 -41.41 1.28
CA GLU B 516 22.24 -40.74 0.06
C GLU B 516 23.18 -39.64 -0.39
N LEU B 517 24.17 -39.27 0.42
CA LEU B 517 24.62 -37.88 0.57
C LEU B 517 23.51 -37.08 1.23
N LEU B 518 23.14 -35.95 0.63
CA LEU B 518 22.15 -35.05 1.19
C LEU B 518 20.73 -35.51 0.92
N HIS B 519 19.80 -34.57 1.02
CA HIS B 519 18.46 -34.58 0.45
C HIS B 519 17.42 -35.18 1.38
N ALA B 520 17.83 -35.82 2.47
CA ALA B 520 16.92 -36.34 3.48
C ALA B 520 17.46 -35.92 4.83
N PRO B 521 16.65 -35.99 5.90
CA PRO B 521 17.03 -35.33 7.15
C PRO B 521 18.39 -35.77 7.65
N ALA B 522 18.97 -34.95 8.51
CA ALA B 522 20.28 -35.26 9.06
C ALA B 522 20.07 -36.30 10.15
N THR B 523 20.61 -37.48 9.91
CA THR B 523 20.58 -38.56 10.87
C THR B 523 21.95 -38.71 11.51
N VAL B 524 22.94 -39.12 10.72
CA VAL B 524 24.31 -38.76 11.01
C VAL B 524 24.50 -37.35 10.52
N CYS B 525 24.79 -36.44 11.43
CA CYS B 525 25.05 -35.07 11.03
C CYS B 525 26.55 -34.83 11.06
N GLY B 526 26.94 -33.59 10.79
CA GLY B 526 28.27 -33.15 11.12
C GLY B 526 28.26 -32.56 12.51
N PRO B 527 29.36 -32.69 13.24
CA PRO B 527 29.50 -31.92 14.47
C PRO B 527 29.49 -30.45 14.16
N LYS B 528 28.63 -29.71 14.84
CA LYS B 528 28.38 -28.34 14.47
C LYS B 528 29.09 -27.45 15.48
N LYS B 529 29.76 -26.42 14.97
CA LYS B 529 30.76 -25.75 15.77
C LYS B 529 30.08 -24.81 16.73
N SER B 530 30.30 -25.04 18.00
CA SER B 530 29.76 -24.20 19.05
C SER B 530 30.91 -23.42 19.66
N THR B 531 30.84 -22.10 19.55
CA THR B 531 31.93 -21.25 19.95
C THR B 531 31.98 -21.21 21.47
N ASN B 532 32.78 -20.32 22.01
CA ASN B 532 32.74 -20.15 23.43
C ASN B 532 31.80 -19.01 23.75
N LEU B 533 31.65 -18.72 25.03
CA LEU B 533 30.64 -17.81 25.54
C LEU B 533 31.31 -16.59 26.14
N VAL B 534 30.74 -15.43 25.85
CA VAL B 534 31.28 -14.19 26.36
C VAL B 534 30.17 -13.51 27.12
N LYS B 535 30.54 -12.66 28.07
CA LYS B 535 29.53 -12.03 28.88
C LYS B 535 29.70 -10.53 28.92
N ASN B 536 28.62 -9.88 29.32
CA ASN B 536 28.60 -8.47 29.62
C ASN B 536 29.08 -7.65 28.45
N LYS B 537 29.09 -8.23 27.26
CA LYS B 537 29.69 -7.57 26.13
C LYS B 537 28.83 -7.81 24.91
N CYS B 538 28.47 -6.74 24.22
CA CYS B 538 27.59 -6.86 23.08
C CYS B 538 28.16 -7.80 22.06
N VAL B 539 27.40 -8.82 21.70
CA VAL B 539 27.84 -9.79 20.72
C VAL B 539 26.68 -10.14 19.85
N ASN B 540 26.98 -10.47 18.62
CA ASN B 540 26.03 -11.27 17.91
C ASN B 540 25.99 -12.63 18.58
N PHE B 541 24.92 -13.38 18.32
CA PHE B 541 24.91 -14.74 18.81
C PHE B 541 23.95 -15.58 17.98
N ASN B 542 24.12 -16.90 18.11
CA ASN B 542 23.11 -17.88 17.82
C ASN B 542 23.16 -18.93 18.91
N PHE B 543 22.01 -19.27 19.45
CA PHE B 543 21.85 -20.43 20.31
C PHE B 543 20.88 -21.38 19.65
N ASN B 544 21.34 -22.58 19.34
CA ASN B 544 20.44 -23.64 18.93
C ASN B 544 19.58 -23.23 17.76
N GLY B 545 20.04 -22.29 16.96
CA GLY B 545 19.24 -21.72 15.91
C GLY B 545 18.44 -20.51 16.32
N LEU B 546 18.13 -20.37 17.60
CA LEU B 546 17.74 -19.06 18.08
C LEU B 546 18.89 -18.09 17.84
N THR B 547 18.61 -17.00 17.17
CA THR B 547 19.63 -15.99 17.00
C THR B 547 19.18 -14.71 17.65
N GLY B 548 20.00 -13.71 17.47
CA GLY B 548 19.70 -12.37 17.94
C GLY B 548 21.01 -11.76 18.34
N THR B 549 20.93 -10.54 18.83
CA THR B 549 22.15 -9.83 19.17
C THR B 549 21.95 -9.08 20.45
N GLY B 550 22.84 -9.26 21.40
CA GLY B 550 22.52 -8.74 22.71
C GLY B 550 23.71 -8.68 23.60
N VAL B 551 23.42 -8.55 24.87
CA VAL B 551 24.42 -8.56 25.90
C VAL B 551 24.07 -9.71 26.83
N LEU B 552 24.83 -10.78 26.75
CA LEU B 552 24.47 -11.98 27.48
C LEU B 552 25.02 -11.87 28.87
N THR B 553 24.17 -11.91 29.87
CA THR B 553 24.66 -11.75 31.21
C THR B 553 24.23 -12.95 32.03
N GLU B 554 24.48 -12.85 33.32
CA GLU B 554 24.09 -13.91 34.22
C GLU B 554 22.83 -13.51 34.95
N SER B 555 21.84 -14.39 34.92
CA SER B 555 20.49 -14.02 35.31
C SER B 555 19.89 -15.10 36.18
N ASN B 556 19.16 -14.66 37.20
CA ASN B 556 18.70 -15.57 38.23
C ASN B 556 17.32 -16.12 37.99
N LYS B 557 16.75 -15.82 36.81
CA LYS B 557 15.39 -16.30 36.44
C LYS B 557 15.41 -17.83 36.31
N LYS B 558 14.65 -18.53 37.15
CA LYS B 558 14.60 -20.02 37.12
C LYS B 558 13.69 -20.46 35.97
N PHE B 559 14.21 -21.33 35.09
CA PHE B 559 13.44 -21.83 33.92
C PHE B 559 12.97 -23.26 34.21
N LEU B 560 12.11 -23.80 33.33
CA LEU B 560 11.59 -25.17 33.48
C LEU B 560 12.52 -26.15 32.72
N PRO B 561 12.69 -27.40 33.18
CA PRO B 561 13.56 -28.36 32.50
C PRO B 561 13.28 -28.47 30.99
N PHE B 562 12.00 -28.56 30.62
CA PHE B 562 11.60 -28.67 29.20
C PHE B 562 11.57 -27.29 28.55
N GLN B 563 11.44 -26.24 29.37
CA GLN B 563 11.38 -24.84 28.85
C GLN B 563 12.70 -24.52 28.14
N GLN B 564 12.62 -23.79 27.01
CA GLN B 564 13.83 -23.43 26.23
C GLN B 564 14.22 -21.98 26.56
N PHE B 565 13.90 -21.04 25.67
CA PHE B 565 14.25 -19.61 25.86
C PHE B 565 13.12 -18.90 26.62
N GLY B 566 13.41 -17.70 27.12
CA GLY B 566 12.46 -16.90 27.85
C GLY B 566 11.76 -16.01 26.86
N ARG B 567 10.80 -15.25 27.36
CA ARG B 567 10.25 -14.16 26.59
C ARG B 567 9.68 -13.15 27.54
N ASP B 568 8.94 -12.22 26.98
CA ASP B 568 8.63 -11.00 27.68
C ASP B 568 7.37 -10.40 27.11
N ILE B 569 6.74 -9.55 27.92
CA ILE B 569 5.42 -9.02 27.62
C ILE B 569 5.35 -8.56 26.19
N ALA B 570 6.41 -7.97 25.70
CA ALA B 570 6.38 -7.47 24.36
C ALA B 570 6.59 -8.57 23.34
N ASP B 571 6.71 -9.81 23.78
CA ASP B 571 7.01 -10.91 22.88
C ASP B 571 8.37 -10.75 22.23
N THR B 572 9.39 -10.51 23.04
CA THR B 572 10.74 -10.29 22.54
C THR B 572 11.67 -11.21 23.30
N THR B 573 12.46 -12.00 22.57
CA THR B 573 13.31 -12.98 23.22
C THR B 573 14.06 -12.35 24.35
N ASP B 574 14.04 -12.97 25.50
CA ASP B 574 14.79 -12.39 26.57
C ASP B 574 15.84 -13.32 27.14
N ALA B 575 15.46 -14.17 28.06
CA ALA B 575 16.46 -15.03 28.65
C ALA B 575 16.66 -16.18 27.72
N VAL B 576 17.83 -16.79 27.79
CA VAL B 576 18.01 -18.08 27.14
C VAL B 576 18.80 -18.97 28.07
N ARG B 577 18.87 -20.22 27.71
CA ARG B 577 19.62 -21.14 28.50
C ARG B 577 20.66 -21.78 27.62
N ASP B 578 21.89 -21.76 28.08
CA ASP B 578 22.98 -22.20 27.27
C ASP B 578 22.82 -23.67 26.96
N PRO B 579 22.61 -24.05 25.71
CA PRO B 579 22.31 -25.45 25.43
C PRO B 579 23.29 -26.42 26.02
N GLN B 580 24.58 -26.17 25.86
CA GLN B 580 25.55 -27.07 26.47
C GLN B 580 25.41 -27.08 27.97
N THR B 581 25.84 -26.03 28.63
CA THR B 581 25.74 -25.98 30.07
C THR B 581 24.55 -25.13 30.46
N LEU B 582 23.72 -25.65 31.34
CA LEU B 582 22.35 -25.18 31.43
C LEU B 582 22.29 -24.05 32.42
N GLU B 583 22.01 -22.86 31.93
CA GLU B 583 22.10 -21.68 32.76
C GLU B 583 21.30 -20.58 32.11
N ILE B 584 20.91 -19.63 32.92
CA ILE B 584 19.95 -18.65 32.48
C ILE B 584 20.69 -17.38 32.15
N LEU B 585 20.82 -17.12 30.88
CA LEU B 585 21.46 -15.92 30.39
C LEU B 585 20.38 -14.91 30.13
N ASP B 586 20.57 -13.68 30.58
CA ASP B 586 19.72 -12.66 30.03
C ASP B 586 20.09 -12.37 28.60
N ILE B 587 19.33 -11.49 28.03
CA ILE B 587 19.69 -10.76 26.86
C ILE B 587 19.28 -9.34 27.15
N THR B 588 19.60 -8.46 26.27
CA THR B 588 19.54 -7.05 26.56
C THR B 588 19.85 -6.39 25.25
N PRO B 589 19.15 -5.39 24.89
CA PRO B 589 19.40 -4.80 23.60
C PRO B 589 20.77 -4.17 23.59
N CYS B 590 21.18 -3.61 22.48
CA CYS B 590 22.55 -3.18 22.46
C CYS B 590 22.71 -1.84 23.15
N SER B 591 22.39 -0.75 22.48
CA SER B 591 22.42 0.52 23.19
C SER B 591 21.37 1.52 22.75
N PHE B 592 21.39 1.89 21.48
CA PHE B 592 20.54 2.96 20.98
C PHE B 592 20.98 4.25 21.63
N GLY B 593 20.07 5.07 22.12
CA GLY B 593 20.38 6.40 22.52
C GLY B 593 20.28 7.26 21.30
N GLY B 594 19.86 8.49 21.46
CA GLY B 594 20.03 9.47 20.42
C GLY B 594 21.38 10.06 20.61
N VAL B 595 21.69 11.06 19.82
CA VAL B 595 22.87 11.83 20.05
C VAL B 595 22.45 13.26 19.99
N SER B 596 22.46 13.92 21.10
CA SER B 596 21.98 15.27 21.05
C SER B 596 23.19 16.15 21.11
N VAL B 597 23.14 17.28 20.47
CA VAL B 597 24.30 18.12 20.40
C VAL B 597 23.99 19.40 21.10
N ILE B 598 24.49 19.57 22.28
CA ILE B 598 24.20 20.79 22.99
C ILE B 598 25.04 21.88 22.41
N THR B 599 24.43 22.98 22.04
CA THR B 599 25.27 24.07 21.68
C THR B 599 24.79 25.42 22.15
N PRO B 600 25.67 26.25 22.64
CA PRO B 600 25.37 27.66 22.65
C PRO B 600 25.39 28.09 21.21
N GLY B 601 24.57 29.09 20.89
CA GLY B 601 24.38 29.42 19.49
C GLY B 601 25.73 29.62 18.81
N THR B 602 25.84 29.17 17.57
CA THR B 602 27.10 29.36 16.89
C THR B 602 27.52 30.80 16.91
N ASN B 603 26.57 31.71 17.07
CA ASN B 603 26.94 33.08 17.24
C ASN B 603 27.90 33.26 18.39
N THR B 604 27.70 32.52 19.47
CA THR B 604 28.63 32.61 20.57
C THR B 604 29.86 31.76 20.33
N SER B 605 29.75 30.45 20.41
CA SER B 605 30.91 29.61 20.29
C SER B 605 30.80 28.73 19.07
N ASN B 606 31.85 27.97 18.86
CA ASN B 606 31.83 26.76 18.08
C ASN B 606 31.88 25.52 18.93
N GLN B 607 31.89 25.67 20.23
CA GLN B 607 32.10 24.54 21.10
C GLN B 607 30.78 23.87 21.40
N VAL B 608 30.69 22.58 21.14
CA VAL B 608 29.47 21.86 21.40
C VAL B 608 29.77 20.82 22.43
N ALA B 609 28.76 20.42 23.15
CA ALA B 609 28.90 19.31 24.08
C ALA B 609 27.92 18.24 23.70
N VAL B 610 28.40 17.14 23.15
CA VAL B 610 27.48 16.10 22.80
C VAL B 610 26.85 15.53 24.03
N LEU B 611 25.67 14.99 23.86
CA LEU B 611 24.96 14.24 24.89
C LEU B 611 24.52 12.94 24.30
N TYR B 612 25.02 11.85 24.81
CA TYR B 612 24.55 10.56 24.37
C TYR B 612 23.44 10.16 25.29
N GLN B 613 22.24 10.10 24.78
CA GLN B 613 21.11 9.85 25.65
C GLN B 613 21.09 8.41 26.03
N ASP B 614 20.84 8.15 27.31
CA ASP B 614 20.44 6.83 27.72
C ASP B 614 21.50 5.79 27.41
N VAL B 615 22.73 6.04 27.86
CA VAL B 615 23.71 4.98 27.95
C VAL B 615 24.49 5.19 29.21
N ASN B 616 25.23 4.17 29.57
CA ASN B 616 26.19 4.26 30.66
C ASN B 616 27.52 4.60 30.04
N CYS B 617 28.31 5.44 30.69
CA CYS B 617 29.39 6.00 29.88
C CYS B 617 30.50 4.98 29.89
N THR B 618 30.48 4.13 28.87
CA THR B 618 31.63 3.37 28.48
C THR B 618 31.64 3.38 26.97
N GLU B 619 30.61 2.74 26.41
CA GLU B 619 30.57 2.33 25.01
C GLU B 619 30.87 3.47 24.07
N VAL B 620 30.76 4.68 24.54
CA VAL B 620 31.33 5.79 23.86
C VAL B 620 32.68 5.46 23.25
N ASN B 641 36.86 14.13 31.36
CA ASN B 641 35.82 15.08 31.00
C ASN B 641 34.62 14.43 30.38
N VAL B 642 33.94 13.65 31.21
CA VAL B 642 32.70 13.00 30.87
C VAL B 642 31.88 13.00 32.13
N PHE B 643 30.61 13.31 32.02
CA PHE B 643 29.78 13.43 33.20
C PHE B 643 28.57 12.56 33.00
N GLN B 644 28.49 11.43 33.67
CA GLN B 644 27.35 10.56 33.48
C GLN B 644 26.14 11.14 34.17
N THR B 645 25.02 11.17 33.46
CA THR B 645 23.87 11.90 33.94
C THR B 645 22.75 10.95 34.24
N ARG B 646 21.68 11.50 34.77
CA ARG B 646 20.43 10.79 34.73
C ARG B 646 19.89 10.66 33.32
N ALA B 647 20.25 11.59 32.46
CA ALA B 647 19.74 11.59 31.10
C ALA B 647 20.50 10.63 30.22
N GLY B 648 21.81 10.61 30.38
CA GLY B 648 22.65 9.90 29.45
C GLY B 648 24.08 10.36 29.66
N CYS B 649 24.92 9.98 28.72
CA CYS B 649 26.34 10.19 28.87
C CYS B 649 26.67 11.52 28.25
N LEU B 650 27.05 12.48 29.05
CA LEU B 650 27.26 13.82 28.55
C LEU B 650 28.72 14.06 28.34
N ILE B 651 29.10 14.40 27.12
CA ILE B 651 30.49 14.49 26.76
C ILE B 651 30.82 15.88 26.35
N GLY B 652 31.76 16.50 27.02
CA GLY B 652 32.17 17.78 26.59
C GLY B 652 31.63 18.91 27.40
N ALA B 653 31.12 18.64 28.58
CA ALA B 653 30.79 19.74 29.44
C ALA B 653 31.21 19.42 30.85
N GLU B 654 31.22 20.45 31.64
CA GLU B 654 31.94 20.42 32.90
C GLU B 654 30.92 20.49 34.02
N HIS B 655 30.77 19.41 34.74
CA HIS B 655 29.79 19.42 35.80
C HIS B 655 30.05 20.58 36.73
N VAL B 656 28.98 21.11 37.29
CA VAL B 656 29.15 22.23 38.18
C VAL B 656 28.30 22.01 39.40
N ASN B 657 28.93 21.87 40.55
CA ASN B 657 28.17 21.86 41.77
C ASN B 657 27.17 22.98 41.87
N ASN B 658 27.50 24.18 41.41
CA ASN B 658 26.59 25.28 41.53
C ASN B 658 25.33 25.00 40.74
N SER B 659 24.28 25.76 41.01
CA SER B 659 23.00 25.54 40.34
C SER B 659 22.42 26.88 39.97
N TYR B 660 22.14 27.07 38.69
CA TYR B 660 21.67 28.33 38.17
C TYR B 660 20.37 28.08 37.43
N GLU B 661 19.74 29.15 36.94
CA GLU B 661 18.48 28.92 36.27
C GLU B 661 18.71 28.16 34.98
N CYS B 662 17.65 27.57 34.49
CA CYS B 662 17.81 26.65 33.38
C CYS B 662 18.08 27.41 32.12
N ASP B 663 18.82 26.78 31.22
CA ASP B 663 19.26 27.52 30.06
C ASP B 663 19.02 26.70 28.79
N ILE B 664 19.60 25.52 28.71
CA ILE B 664 19.43 24.66 27.56
C ILE B 664 18.96 23.29 28.05
N PRO B 665 17.79 23.23 28.65
CA PRO B 665 17.41 22.06 29.41
C PRO B 665 17.65 20.78 28.66
N ILE B 666 18.25 19.83 29.35
CA ILE B 666 18.72 18.60 28.77
C ILE B 666 17.85 17.44 29.15
N GLY B 667 17.75 17.19 30.43
CA GLY B 667 16.94 16.09 30.89
C GLY B 667 17.07 16.03 32.38
N ALA B 668 16.10 15.43 32.98
CA ALA B 668 16.20 15.10 34.37
C ALA B 668 16.76 16.22 35.20
N GLY B 669 16.50 17.46 34.86
CA GLY B 669 16.94 18.55 35.69
C GLY B 669 18.32 19.08 35.41
N ILE B 670 18.94 18.66 34.34
CA ILE B 670 20.30 19.03 34.01
C ILE B 670 20.26 20.07 32.93
N CYS B 671 20.57 21.31 33.24
CA CYS B 671 20.46 22.35 32.24
C CYS B 671 21.84 22.86 31.90
N ALA B 672 22.32 22.56 30.71
CA ALA B 672 23.61 23.06 30.28
C ALA B 672 23.56 24.57 30.11
N SER B 673 24.70 25.22 30.14
CA SER B 673 24.80 26.60 29.69
C SER B 673 26.25 26.91 29.36
N TYR B 674 26.43 28.00 28.63
CA TYR B 674 27.70 28.22 27.96
C TYR B 674 28.77 28.84 28.80
N GLN B 675 28.41 29.74 29.70
CA GLN B 675 29.40 30.63 30.25
C GLN B 675 30.41 29.90 31.11
N THR B 676 31.54 30.55 31.35
CA THR B 676 32.28 30.31 32.57
C THR B 676 31.34 30.46 33.76
N SER B 689 38.59 30.72 27.96
CA SER B 689 38.22 30.30 29.30
C SER B 689 36.96 29.46 29.27
N GLN B 690 35.90 30.08 28.75
CA GLN B 690 34.57 29.55 28.90
C GLN B 690 34.42 28.18 28.27
N SER B 691 33.49 27.41 28.83
CA SER B 691 33.10 26.14 28.26
C SER B 691 31.67 25.87 28.67
N ILE B 692 31.13 24.79 28.15
CA ILE B 692 29.74 24.45 28.42
C ILE B 692 29.66 23.77 29.76
N ILE B 693 28.84 24.29 30.64
CA ILE B 693 28.69 23.67 31.94
C ILE B 693 27.33 23.06 32.03
N ALA B 694 27.23 21.96 32.76
CA ALA B 694 25.99 21.22 32.87
C ALA B 694 25.71 21.03 34.33
N TYR B 695 24.66 21.64 34.82
CA TYR B 695 24.51 21.72 36.23
C TYR B 695 23.07 21.51 36.57
N THR B 696 22.81 20.81 37.65
CA THR B 696 21.44 20.61 38.07
C THR B 696 20.74 21.94 38.22
N MET B 697 19.60 22.06 37.59
CA MET B 697 18.95 23.35 37.49
C MET B 697 18.31 23.73 38.80
N SER B 698 18.17 25.01 39.00
CA SER B 698 17.57 25.51 40.21
C SER B 698 16.14 25.80 39.87
N LEU B 699 15.24 24.98 40.37
CA LEU B 699 13.88 25.39 40.23
C LEU B 699 13.83 26.74 40.89
N GLY B 700 13.52 27.74 40.13
CA GLY B 700 13.43 29.01 40.74
C GLY B 700 14.68 29.46 41.48
N ALA B 701 14.47 30.51 42.24
CA ALA B 701 15.50 31.14 43.05
C ALA B 701 14.93 31.38 44.42
N GLU B 702 15.49 30.74 45.43
CA GLU B 702 14.74 30.48 46.64
C GLU B 702 14.32 31.76 47.34
N ASN B 703 13.28 31.65 48.15
CA ASN B 703 12.78 32.69 49.01
C ASN B 703 12.01 32.00 50.12
N SER B 704 11.77 32.72 51.20
CA SER B 704 10.83 32.23 52.20
C SER B 704 10.21 33.46 52.78
N VAL B 705 8.93 33.41 53.04
CA VAL B 705 8.23 34.60 53.45
C VAL B 705 8.19 34.61 54.95
N ALA B 706 8.45 35.74 55.55
CA ALA B 706 8.33 35.72 56.99
C ALA B 706 6.86 35.75 57.28
N TYR B 707 6.33 34.64 57.70
CA TYR B 707 4.97 34.56 58.10
C TYR B 707 4.96 34.88 59.56
N SER B 708 4.00 35.65 60.01
CA SER B 708 3.69 35.44 61.40
C SER B 708 2.29 35.91 61.65
N ASN B 709 1.64 35.17 62.52
CA ASN B 709 0.21 35.21 62.58
C ASN B 709 -0.35 36.59 62.84
N ASN B 710 0.46 37.56 63.23
CA ASN B 710 -0.09 38.89 63.26
C ASN B 710 0.52 39.80 62.23
N SER B 711 1.32 39.33 61.31
CA SER B 711 2.14 40.24 60.53
C SER B 711 1.72 40.33 59.10
N ILE B 712 1.20 41.48 58.70
CA ILE B 712 0.71 41.68 57.34
C ILE B 712 1.60 42.65 56.63
N ALA B 713 1.67 42.53 55.32
CA ALA B 713 2.56 43.35 54.53
C ALA B 713 1.82 43.91 53.33
N ILE B 714 1.62 45.22 53.30
CA ILE B 714 0.71 45.91 52.39
C ILE B 714 1.49 46.78 51.42
N PRO B 715 1.44 46.55 50.14
CA PRO B 715 2.22 47.38 49.24
C PRO B 715 1.82 48.82 49.38
N THR B 716 2.80 49.69 49.34
CA THR B 716 2.56 51.11 49.39
C THR B 716 2.54 51.76 48.04
N ASN B 717 2.96 51.06 47.02
CA ASN B 717 3.19 51.74 45.77
C ASN B 717 3.22 50.69 44.71
N PHE B 718 2.98 51.12 43.48
CA PHE B 718 2.68 50.12 42.51
C PHE B 718 3.47 50.35 41.28
N THR B 719 3.10 49.62 40.28
CA THR B 719 3.70 49.87 39.01
C THR B 719 2.58 49.82 38.03
N ILE B 720 2.87 49.91 36.75
CA ILE B 720 1.95 49.51 35.71
C ILE B 720 2.80 48.77 34.73
N SER B 721 2.62 47.49 34.60
CA SER B 721 3.50 46.95 33.61
C SER B 721 2.84 47.13 32.29
N VAL B 722 3.38 46.52 31.28
CA VAL B 722 2.71 46.20 30.04
C VAL B 722 3.35 44.96 29.55
N THR B 723 2.61 43.99 29.14
CA THR B 723 3.28 42.82 28.71
C THR B 723 2.82 42.57 27.31
N THR B 724 3.05 41.40 26.86
CA THR B 724 2.64 41.08 25.53
C THR B 724 2.16 39.66 25.53
N GLU B 725 1.24 39.36 24.66
CA GLU B 725 0.79 38.01 24.59
C GLU B 725 0.43 37.77 23.16
N ILE B 726 0.86 36.68 22.61
CA ILE B 726 0.90 36.60 21.18
C ILE B 726 0.27 35.32 20.76
N LEU B 727 -0.84 35.40 20.10
CA LEU B 727 -1.52 34.18 19.87
C LEU B 727 -1.57 33.95 18.41
N PRO B 728 -1.44 32.75 17.92
CA PRO B 728 -1.76 32.53 16.55
C PRO B 728 -3.23 32.75 16.46
N VAL B 729 -3.72 32.96 15.27
CA VAL B 729 -5.15 33.07 15.12
C VAL B 729 -5.57 32.30 13.92
N SER B 730 -5.09 32.66 12.79
CA SER B 730 -5.43 31.84 11.68
C SER B 730 -4.18 31.17 11.23
N MET B 731 -4.27 30.45 10.17
CA MET B 731 -3.09 29.89 9.59
C MET B 731 -3.28 29.96 8.11
N THR B 732 -2.22 29.82 7.37
CA THR B 732 -2.33 30.11 5.96
C THR B 732 -3.22 29.08 5.30
N LYS B 733 -4.19 29.53 4.55
CA LYS B 733 -5.25 28.66 4.11
C LYS B 733 -4.75 28.04 2.84
N THR B 734 -4.36 26.82 2.85
CA THR B 734 -3.98 26.44 1.53
C THR B 734 -5.15 25.74 0.95
N SER B 735 -4.95 25.20 -0.22
CA SER B 735 -5.87 24.23 -0.75
C SER B 735 -5.08 23.47 -1.77
N VAL B 736 -5.47 22.25 -2.01
CA VAL B 736 -4.64 21.41 -2.84
C VAL B 736 -5.52 20.64 -3.77
N ASP B 737 -5.33 20.84 -5.05
CA ASP B 737 -5.78 19.87 -6.01
C ASP B 737 -5.30 18.52 -5.61
N CYS B 738 -6.21 17.59 -5.47
CA CYS B 738 -5.76 16.23 -5.32
C CYS B 738 -5.17 15.75 -6.62
N THR B 739 -5.88 15.93 -7.71
CA THR B 739 -5.48 15.26 -8.94
C THR B 739 -4.10 15.67 -9.38
N MET B 740 -3.94 16.89 -9.88
CA MET B 740 -2.70 17.15 -10.57
C MET B 740 -1.53 17.02 -9.64
N TYR B 741 -1.73 17.27 -8.37
CA TYR B 741 -0.70 16.88 -7.45
C TYR B 741 -0.32 15.47 -7.72
N ILE B 742 -1.28 14.58 -7.68
CA ILE B 742 -0.94 13.20 -7.83
C ILE B 742 -0.58 12.95 -9.28
N CYS B 743 -1.55 13.08 -10.15
CA CYS B 743 -1.32 12.81 -11.56
C CYS B 743 -0.95 14.10 -12.25
N GLY B 744 0.31 14.25 -12.63
CA GLY B 744 0.64 15.22 -13.64
C GLY B 744 0.11 14.74 -14.97
N ASP B 745 -0.77 15.50 -15.59
CA ASP B 745 -0.98 15.42 -17.04
C ASP B 745 -1.04 13.99 -17.56
N SER B 746 -1.57 13.08 -16.79
CA SER B 746 -1.80 11.75 -17.30
C SER B 746 -3.22 11.36 -17.00
N THR B 747 -4.05 11.30 -18.02
CA THR B 747 -5.31 10.63 -17.83
C THR B 747 -5.06 9.21 -17.38
N GLU B 748 -4.10 8.55 -18.01
CA GLU B 748 -3.72 7.20 -17.67
C GLU B 748 -3.52 7.10 -16.17
N CYS B 749 -2.72 8.01 -15.62
CA CYS B 749 -2.72 8.19 -14.19
C CYS B 749 -4.11 8.50 -13.69
N SER B 750 -4.63 9.65 -14.06
CA SER B 750 -5.92 10.07 -13.53
C SER B 750 -6.96 8.98 -13.64
N ASN B 751 -6.89 8.17 -14.68
CA ASN B 751 -7.77 7.02 -14.76
C ASN B 751 -7.56 6.09 -13.59
N LEU B 752 -6.32 5.65 -13.38
CA LEU B 752 -6.03 4.87 -12.19
C LEU B 752 -6.61 5.55 -10.97
N LEU B 753 -6.34 6.84 -10.83
CA LEU B 753 -6.83 7.57 -9.69
C LEU B 753 -8.34 7.49 -9.57
N LEU B 754 -9.05 7.29 -10.68
CA LEU B 754 -10.49 7.14 -10.58
C LEU B 754 -10.83 6.02 -9.64
N GLN B 755 -9.99 5.00 -9.59
CA GLN B 755 -10.34 3.81 -8.84
C GLN B 755 -10.52 4.12 -7.38
N TYR B 756 -9.50 4.67 -6.73
CA TYR B 756 -9.65 5.00 -5.32
C TYR B 756 -10.85 5.87 -5.08
N GLY B 757 -11.30 6.57 -6.09
CA GLY B 757 -12.55 7.28 -5.95
C GLY B 757 -12.48 8.43 -4.99
N SER B 758 -13.32 8.35 -3.97
CA SER B 758 -13.65 9.49 -3.14
C SER B 758 -12.46 10.22 -2.56
N PHE B 759 -11.31 9.55 -2.41
CA PHE B 759 -10.15 10.21 -1.84
C PHE B 759 -9.96 11.57 -2.43
N CYS B 760 -9.62 11.61 -3.70
CA CYS B 760 -9.36 12.86 -4.34
C CYS B 760 -10.41 13.89 -3.96
N THR B 761 -11.65 13.47 -3.83
CA THR B 761 -12.62 14.48 -3.51
C THR B 761 -12.90 14.61 -2.05
N GLN B 762 -12.38 13.75 -1.22
CA GLN B 762 -12.58 14.05 0.17
C GLN B 762 -11.38 14.70 0.79
N LEU B 763 -10.27 14.78 0.10
CA LEU B 763 -9.29 15.69 0.60
C LEU B 763 -9.92 17.05 0.50
N ASN B 764 -10.14 17.50 -0.72
CA ASN B 764 -10.64 18.83 -0.91
C ASN B 764 -11.76 19.16 0.02
N ARG B 765 -12.56 18.17 0.38
CA ARG B 765 -13.54 18.45 1.39
C ARG B 765 -12.85 18.80 2.69
N ALA B 766 -11.85 18.03 3.08
CA ALA B 766 -11.15 18.37 4.31
C ALA B 766 -10.53 19.73 4.16
N LEU B 767 -9.52 19.84 3.31
CA LEU B 767 -8.78 21.08 3.20
C LEU B 767 -9.65 22.26 2.94
N THR B 768 -10.85 22.07 2.49
CA THR B 768 -11.71 23.22 2.54
C THR B 768 -12.22 23.43 3.93
N GLY B 769 -12.67 22.38 4.58
CA GLY B 769 -13.22 22.55 5.89
C GLY B 769 -12.33 23.38 6.77
N ILE B 770 -11.05 23.16 6.70
CA ILE B 770 -10.09 24.04 7.32
C ILE B 770 -10.29 25.41 6.74
N ALA B 771 -9.88 25.54 5.50
CA ALA B 771 -9.73 26.84 4.92
C ALA B 771 -10.98 27.66 5.06
N VAL B 772 -12.12 27.05 5.23
CA VAL B 772 -13.28 27.84 5.56
C VAL B 772 -13.13 28.45 6.92
N GLU B 773 -12.89 27.63 7.92
CA GLU B 773 -12.95 28.22 9.23
C GLU B 773 -11.83 29.18 9.44
N GLN B 774 -10.69 28.97 8.80
CA GLN B 774 -9.58 29.86 9.03
C GLN B 774 -10.02 31.27 8.90
N ASP B 775 -11.10 31.51 8.21
CA ASP B 775 -11.69 32.81 8.14
C ASP B 775 -12.87 32.96 9.05
N LYS B 776 -13.22 31.92 9.74
CA LYS B 776 -14.14 32.09 10.85
C LYS B 776 -13.40 32.49 12.09
N ASN B 777 -12.22 31.92 12.30
CA ASN B 777 -11.39 32.37 13.40
C ASN B 777 -11.25 33.86 13.34
N THR B 778 -10.58 34.33 12.32
CA THR B 778 -10.34 35.74 12.20
C THR B 778 -11.60 36.51 12.26
N GLN B 779 -12.70 35.90 11.95
CA GLN B 779 -13.93 36.63 12.07
C GLN B 779 -14.23 36.90 13.51
N GLU B 780 -14.09 35.89 14.34
CA GLU B 780 -14.51 35.95 15.73
C GLU B 780 -13.55 36.71 16.57
N VAL B 781 -12.28 36.50 16.33
CA VAL B 781 -11.31 37.22 17.10
C VAL B 781 -11.57 38.69 16.97
N PHE B 782 -11.41 39.20 15.75
CA PHE B 782 -11.46 40.63 15.52
C PHE B 782 -12.86 41.14 15.43
N ALA B 783 -13.72 40.54 14.64
CA ALA B 783 -14.96 41.25 14.43
C ALA B 783 -15.90 40.85 15.52
N GLN B 784 -15.73 41.51 16.62
CA GLN B 784 -16.71 41.52 17.67
C GLN B 784 -17.37 42.84 17.74
N VAL B 785 -16.94 43.75 16.93
CA VAL B 785 -17.35 45.12 17.08
C VAL B 785 -18.37 45.37 15.99
N LYS B 786 -19.52 45.81 16.43
CA LYS B 786 -20.55 46.35 15.57
C LYS B 786 -20.01 47.29 14.50
N GLN B 787 -19.53 48.45 14.93
CA GLN B 787 -19.37 49.60 14.05
C GLN B 787 -17.94 50.07 14.12
N ILE B 788 -17.27 50.13 13.00
CA ILE B 788 -15.90 50.59 13.05
C ILE B 788 -15.90 51.95 13.69
N TYR B 789 -15.20 52.11 14.79
CA TYR B 789 -15.13 53.38 15.46
C TYR B 789 -13.97 54.16 14.92
N LYS B 790 -13.72 55.32 15.49
CA LYS B 790 -12.40 55.88 15.36
C LYS B 790 -12.23 56.94 16.41
N THR B 791 -10.99 57.22 16.73
CA THR B 791 -10.65 58.08 17.81
C THR B 791 -11.16 59.45 17.48
N PRO B 792 -11.24 60.33 18.43
CA PRO B 792 -11.51 61.70 18.10
C PRO B 792 -10.34 62.24 17.29
N PRO B 793 -10.49 63.39 16.67
CA PRO B 793 -9.35 63.98 15.99
C PRO B 793 -8.20 64.22 16.93
N ILE B 794 -8.47 64.81 18.08
CA ILE B 794 -7.45 65.31 18.99
C ILE B 794 -7.31 64.38 20.16
N LYS B 795 -6.09 64.12 20.59
CA LYS B 795 -5.83 63.16 21.64
C LYS B 795 -5.65 63.91 22.95
N ASP B 796 -6.68 63.92 23.76
CA ASP B 796 -6.61 64.40 25.13
C ASP B 796 -7.02 63.24 26.02
N PHE B 797 -6.05 62.48 26.47
CA PHE B 797 -6.36 61.31 27.26
C PHE B 797 -6.03 61.47 28.72
N GLY B 798 -5.82 62.68 29.18
CA GLY B 798 -5.43 62.75 30.54
C GLY B 798 -4.00 62.37 30.73
N GLY B 799 -3.27 62.26 29.65
CA GLY B 799 -1.84 62.09 29.72
C GLY B 799 -1.35 60.77 29.23
N PHE B 800 -2.19 59.81 28.98
CA PHE B 800 -1.65 58.57 28.51
C PHE B 800 -1.38 58.84 27.06
N ASN B 801 -0.47 58.16 26.47
CA ASN B 801 -0.09 58.53 25.14
C ASN B 801 -0.14 57.30 24.26
N PHE B 802 -1.09 57.26 23.37
CA PHE B 802 -1.23 56.04 22.63
C PHE B 802 -0.62 56.11 21.26
N SER B 803 -0.03 57.23 20.88
CA SER B 803 0.32 57.40 19.50
C SER B 803 1.05 56.20 18.97
N GLN B 804 1.72 55.47 19.86
CA GLN B 804 2.32 54.24 19.45
C GLN B 804 1.31 53.32 18.81
N ILE B 805 0.23 53.03 19.53
CA ILE B 805 -0.74 52.05 19.09
C ILE B 805 -1.86 52.58 18.20
N LEU B 806 -2.27 53.78 18.36
CA LEU B 806 -3.40 54.16 17.53
C LEU B 806 -2.97 54.34 16.08
N PRO B 807 -3.84 54.04 15.13
CA PRO B 807 -3.39 53.85 13.77
C PRO B 807 -2.59 55.03 13.30
N ASP B 808 -1.67 54.76 12.42
CA ASP B 808 -0.72 55.76 11.99
C ASP B 808 -1.25 56.41 10.74
N PRO B 809 -1.78 57.63 10.83
CA PRO B 809 -2.53 58.19 9.70
C PRO B 809 -1.68 58.37 8.47
N SER B 810 -0.40 58.63 8.63
CA SER B 810 0.47 58.90 7.51
C SER B 810 1.06 57.63 6.91
N LYS B 811 0.82 56.48 7.50
CA LYS B 811 1.02 55.24 6.79
C LYS B 811 0.00 55.12 5.66
N PRO B 812 0.35 54.45 4.60
CA PRO B 812 -0.63 54.21 3.55
C PRO B 812 -1.74 53.30 4.01
N SER B 813 -1.36 52.13 4.51
CA SER B 813 -2.25 51.25 5.25
C SER B 813 -2.04 51.61 6.70
N LYS B 814 -3.10 51.91 7.39
CA LYS B 814 -2.85 52.55 8.65
C LYS B 814 -2.70 51.44 9.66
N ARG B 815 -1.46 51.07 9.91
CA ARG B 815 -1.11 50.08 10.90
C ARG B 815 -0.25 50.81 11.86
N SER B 816 -0.75 51.03 13.04
CA SER B 816 -0.04 51.93 13.91
C SER B 816 1.29 51.36 14.26
N PHE B 817 2.13 52.24 14.75
CA PHE B 817 3.56 51.99 14.75
C PHE B 817 3.85 50.57 15.18
N ILE B 818 3.51 50.24 16.42
CA ILE B 818 3.84 48.93 16.94
C ILE B 818 3.45 47.85 15.97
N GLU B 819 2.29 47.98 15.35
CA GLU B 819 1.93 46.87 14.52
C GLU B 819 2.95 46.67 13.45
N ASP B 820 3.63 47.73 13.06
CA ASP B 820 4.59 47.59 11.97
C ASP B 820 5.86 46.92 12.42
N LEU B 821 6.28 47.13 13.65
CA LEU B 821 7.40 46.34 14.10
C LEU B 821 7.07 44.89 13.86
N LEU B 822 5.84 44.52 14.15
CA LEU B 822 5.45 43.14 14.05
C LEU B 822 5.55 42.66 12.62
N PHE B 823 4.93 43.37 11.70
CA PHE B 823 4.95 42.88 10.34
C PHE B 823 6.34 42.77 9.78
N ASN B 824 7.30 43.44 10.37
CA ASN B 824 8.66 43.19 9.97
C ASN B 824 9.23 41.99 10.69
N LYS B 825 8.96 41.88 11.98
CA LYS B 825 9.61 40.82 12.74
C LYS B 825 9.18 39.45 12.29
N VAL B 826 8.23 39.38 11.37
CA VAL B 826 7.77 38.10 10.86
C VAL B 826 7.99 38.07 9.36
N THR B 827 8.17 36.87 8.83
CA THR B 827 8.34 36.68 7.41
C THR B 827 7.13 36.02 6.78
N LEU B 849 8.69 32.28 -3.11
CA LEU B 849 8.30 31.40 -1.96
C LEU B 849 6.80 31.13 -2.03
N ILE B 850 5.99 32.19 -2.04
CA ILE B 850 4.50 32.05 -2.10
C ILE B 850 4.13 31.24 -3.34
N CYS B 851 4.74 31.55 -4.49
CA CYS B 851 4.45 30.83 -5.76
C CYS B 851 5.31 29.56 -5.82
N ALA B 852 6.37 29.50 -5.02
CA ALA B 852 7.28 28.33 -5.00
C ALA B 852 6.50 27.11 -4.50
N GLN B 853 5.62 27.31 -3.50
CA GLN B 853 4.81 26.20 -2.94
C GLN B 853 3.65 25.91 -3.90
N LYS B 854 3.10 26.95 -4.54
CA LYS B 854 1.98 26.79 -5.49
C LYS B 854 2.53 26.46 -6.88
N PHE B 855 3.05 25.24 -7.06
CA PHE B 855 3.62 24.81 -8.36
C PHE B 855 3.07 23.44 -8.75
N ASN B 856 2.57 22.69 -7.76
CA ASN B 856 2.03 21.33 -8.02
C ASN B 856 0.56 21.25 -7.56
N GLY B 857 -0.23 22.28 -7.88
CA GLY B 857 -1.65 22.31 -7.49
C GLY B 857 -1.82 22.83 -6.08
N LEU B 858 -0.72 22.93 -5.33
CA LEU B 858 -0.77 23.43 -3.92
C LEU B 858 -0.91 24.95 -3.94
N THR B 859 -2.13 25.45 -4.18
CA THR B 859 -2.40 26.91 -4.22
C THR B 859 -2.60 27.43 -2.80
N VAL B 860 -2.57 28.76 -2.62
CA VAL B 860 -2.77 29.38 -1.28
C VAL B 860 -3.83 30.47 -1.40
N LEU B 861 -5.10 30.10 -1.25
CA LEU B 861 -6.24 31.07 -1.35
C LEU B 861 -6.02 32.22 -0.36
N PRO B 862 -6.25 33.49 -0.76
CA PRO B 862 -6.06 34.64 0.13
C PRO B 862 -7.09 34.63 1.26
N PRO B 863 -6.78 35.17 2.45
CA PRO B 863 -7.72 35.18 3.58
C PRO B 863 -8.95 36.06 3.27
N LEU B 864 -10.11 35.68 3.81
CA LEU B 864 -11.37 36.45 3.60
C LEU B 864 -11.10 37.92 3.95
N LEU B 865 -10.50 38.16 5.13
CA LEU B 865 -10.16 39.50 5.53
C LEU B 865 -8.76 39.81 5.05
N THR B 866 -8.46 41.08 4.92
CA THR B 866 -7.17 41.48 4.43
C THR B 866 -6.43 42.25 5.48
N ASP B 867 -5.14 42.02 5.53
CA ASP B 867 -4.34 42.62 6.56
C ASP B 867 -4.58 44.10 6.65
N GLU B 868 -5.18 44.69 5.64
CA GLU B 868 -5.62 46.06 5.78
C GLU B 868 -6.88 46.16 6.60
N MET B 869 -7.79 45.23 6.45
CA MET B 869 -9.02 45.35 7.21
C MET B 869 -8.75 45.05 8.66
N ILE B 870 -8.09 43.94 8.89
CA ILE B 870 -7.80 43.44 10.21
C ILE B 870 -7.37 44.62 11.01
N ALA B 871 -6.59 45.46 10.41
CA ALA B 871 -6.12 46.62 11.10
C ALA B 871 -7.11 47.75 11.10
N GLN B 872 -8.27 47.61 10.49
CA GLN B 872 -9.28 48.57 10.88
C GLN B 872 -9.97 48.14 12.13
N TYR B 873 -10.35 46.88 12.19
CA TYR B 873 -10.98 46.40 13.40
C TYR B 873 -10.14 46.78 14.58
N THR B 874 -8.95 46.22 14.67
CA THR B 874 -8.18 46.47 15.84
C THR B 874 -7.90 47.93 15.95
N SER B 875 -8.30 48.73 14.99
CA SER B 875 -8.40 50.12 15.32
C SER B 875 -9.70 50.46 15.99
N ALA B 876 -10.77 49.81 15.62
CA ALA B 876 -11.99 50.02 16.37
C ALA B 876 -11.80 49.62 17.81
N LEU B 877 -11.61 48.34 18.02
CA LEU B 877 -11.54 47.74 19.33
C LEU B 877 -10.71 48.64 20.18
N LEU B 878 -9.68 49.12 19.59
CA LEU B 878 -8.77 49.95 20.29
C LEU B 878 -9.19 51.37 20.32
N ALA B 879 -10.12 51.78 19.51
CA ALA B 879 -10.62 53.11 19.74
C ALA B 879 -11.92 53.12 20.49
N GLY B 880 -12.51 51.98 20.71
CA GLY B 880 -13.68 52.05 21.53
C GLY B 880 -13.21 51.82 22.92
N THR B 881 -12.16 51.04 23.06
CA THR B 881 -11.62 50.78 24.38
C THR B 881 -11.23 52.06 25.02
N ILE B 882 -10.71 52.96 24.23
CA ILE B 882 -10.14 54.17 24.75
C ILE B 882 -11.21 55.14 25.14
N THR B 883 -12.09 55.46 24.23
CA THR B 883 -13.10 56.45 24.54
C THR B 883 -14.23 55.88 25.36
N SER B 884 -14.81 54.81 24.86
CA SER B 884 -16.10 54.33 25.31
C SER B 884 -16.03 53.48 26.52
N GLY B 885 -14.90 53.31 27.12
CA GLY B 885 -14.83 52.37 28.19
C GLY B 885 -14.94 50.97 27.64
N TRP B 886 -15.41 50.06 28.45
CA TRP B 886 -15.70 48.75 27.94
C TRP B 886 -17.05 48.67 27.28
N THR B 887 -17.94 49.57 27.61
CA THR B 887 -19.32 49.31 27.30
C THR B 887 -19.55 49.10 25.87
N PHE B 888 -18.57 49.30 25.04
CA PHE B 888 -19.02 49.13 23.70
C PHE B 888 -19.20 47.70 23.36
N GLY B 889 -18.90 46.79 24.26
CA GLY B 889 -19.17 45.40 23.96
C GLY B 889 -20.56 45.04 24.37
N ALA B 890 -21.06 45.77 25.36
CA ALA B 890 -22.36 45.55 25.93
C ALA B 890 -23.44 46.40 25.33
N GLY B 891 -23.18 47.09 24.26
CA GLY B 891 -24.25 47.96 23.83
C GLY B 891 -23.72 49.12 23.04
N ALA B 892 -24.46 50.21 23.07
CA ALA B 892 -24.03 51.39 22.38
C ALA B 892 -22.80 51.95 23.06
N ALA B 893 -21.76 52.19 22.29
CA ALA B 893 -20.57 52.75 22.88
C ALA B 893 -20.93 54.01 23.61
N LEU B 894 -20.29 54.26 24.72
CA LEU B 894 -20.61 55.42 25.52
C LEU B 894 -19.35 56.19 25.80
N GLN B 895 -19.24 57.40 25.29
CA GLN B 895 -18.05 58.12 25.63
C GLN B 895 -17.97 58.26 27.12
N ILE B 896 -16.78 58.07 27.64
CA ILE B 896 -16.48 58.36 29.02
C ILE B 896 -15.03 58.80 29.05
N PRO B 897 -14.65 59.79 29.82
CA PRO B 897 -13.34 60.34 29.67
C PRO B 897 -12.35 59.37 30.21
N PHE B 898 -11.28 59.13 29.48
CA PHE B 898 -10.40 58.05 29.86
C PHE B 898 -10.08 58.03 31.34
N ALA B 899 -9.38 59.01 31.82
CA ALA B 899 -9.04 58.91 33.23
C ALA B 899 -10.24 58.82 34.14
N MET B 900 -11.44 58.95 33.62
CA MET B 900 -12.56 58.48 34.40
C MET B 900 -12.94 57.10 34.04
N GLN B 901 -12.18 56.47 33.19
CA GLN B 901 -12.28 55.05 33.02
C GLN B 901 -11.24 54.37 33.88
N MET B 902 -9.98 54.63 33.65
CA MET B 902 -8.99 54.00 34.50
C MET B 902 -9.31 54.26 35.94
N ALA B 903 -10.31 55.03 36.25
CA ALA B 903 -10.74 55.00 37.61
C ALA B 903 -11.59 53.80 37.85
N TYR B 904 -12.33 53.34 36.85
CA TYR B 904 -13.07 52.13 37.09
C TYR B 904 -12.19 50.94 36.93
N ARG B 905 -11.47 50.89 35.87
CA ARG B 905 -10.69 49.71 35.75
C ARG B 905 -9.77 49.55 36.92
N PHE B 906 -9.72 50.50 37.84
CA PHE B 906 -9.15 50.18 39.14
C PHE B 906 -10.13 49.40 39.99
N ASN B 907 -11.23 50.00 40.40
CA ASN B 907 -12.02 49.31 41.37
C ASN B 907 -12.11 47.85 41.03
N GLY B 908 -12.22 47.57 39.77
CA GLY B 908 -12.18 46.21 39.34
C GLY B 908 -11.07 45.40 39.98
N ILE B 909 -9.93 46.01 40.26
CA ILE B 909 -8.88 45.33 40.99
C ILE B 909 -8.86 45.71 42.44
N GLY B 910 -9.87 46.38 42.92
CA GLY B 910 -9.92 46.54 44.35
C GLY B 910 -8.98 47.57 44.89
N VAL B 911 -8.53 48.49 44.08
CA VAL B 911 -7.90 49.70 44.54
C VAL B 911 -8.93 50.80 44.47
N THR B 912 -9.20 51.45 45.56
CA THR B 912 -10.08 52.58 45.49
C THR B 912 -9.57 53.54 44.45
N GLN B 913 -10.49 54.26 43.81
CA GLN B 913 -10.13 55.13 42.71
C GLN B 913 -9.39 56.36 43.18
N ASN B 914 -9.65 56.84 44.37
CA ASN B 914 -8.95 58.04 44.75
C ASN B 914 -7.48 57.86 44.64
N VAL B 915 -7.01 56.63 44.61
CA VAL B 915 -5.66 56.43 44.13
C VAL B 915 -5.49 57.16 42.83
N LEU B 916 -6.14 56.67 41.78
CA LEU B 916 -5.82 57.12 40.46
C LEU B 916 -5.67 58.62 40.36
N TYR B 917 -6.77 59.33 40.48
CA TYR B 917 -6.73 60.78 40.33
C TYR B 917 -5.61 61.35 41.13
N GLU B 918 -5.41 60.86 42.32
CA GLU B 918 -4.34 61.48 43.05
C GLU B 918 -3.00 61.15 42.49
N ASN B 919 -2.87 60.07 41.77
CA ASN B 919 -1.59 59.75 41.17
C ASN B 919 -1.53 59.97 39.70
N GLN B 920 -2.55 60.56 39.11
CA GLN B 920 -2.73 60.39 37.68
C GLN B 920 -1.44 60.61 36.91
N LYS B 921 -0.79 61.74 37.17
CA LYS B 921 0.41 62.09 36.41
C LYS B 921 1.37 60.93 36.38
N LEU B 922 1.75 60.47 37.55
CA LEU B 922 2.66 59.37 37.67
C LEU B 922 2.24 58.24 36.77
N ILE B 923 1.02 57.79 36.91
CA ILE B 923 0.61 56.60 36.19
C ILE B 923 0.81 56.81 34.72
N ALA B 924 0.38 57.96 34.22
CA ALA B 924 0.56 58.23 32.82
C ALA B 924 1.99 57.95 32.42
N ASN B 925 2.92 58.52 33.16
CA ASN B 925 4.32 58.28 32.81
C ASN B 925 4.62 56.81 32.84
N GLN B 926 4.37 56.16 33.96
CA GLN B 926 4.55 54.73 34.00
C GLN B 926 3.92 54.09 32.81
N PHE B 927 2.76 54.53 32.44
CA PHE B 927 2.22 53.84 31.31
C PHE B 927 2.90 54.27 30.05
N ASN B 928 3.08 55.58 29.85
CA ASN B 928 3.75 56.02 28.64
C ASN B 928 5.10 55.37 28.48
N SER B 929 5.91 55.44 29.52
CA SER B 929 7.17 54.73 29.50
C SER B 929 6.96 53.27 29.13
N ALA B 930 6.11 52.60 29.90
CA ALA B 930 5.91 51.18 29.72
C ALA B 930 5.65 50.83 28.29
N ILE B 931 4.81 51.61 27.61
CA ILE B 931 4.64 51.36 26.19
C ILE B 931 5.97 51.31 25.52
N GLY B 932 6.81 52.30 25.77
CA GLY B 932 8.02 52.45 25.00
C GLY B 932 8.78 51.15 24.92
N LYS B 933 9.06 50.56 26.06
CA LYS B 933 9.89 49.38 26.09
C LYS B 933 9.41 48.33 25.13
N ILE B 934 8.12 48.32 24.83
CA ILE B 934 7.62 47.27 23.98
C ILE B 934 8.31 47.34 22.65
N GLN B 935 8.35 48.54 22.08
CA GLN B 935 9.05 48.74 20.83
C GLN B 935 10.41 48.09 20.89
N ASP B 936 11.09 48.32 21.98
CA ASP B 936 12.43 47.81 22.13
C ASP B 936 12.40 46.31 22.33
N SER B 937 11.54 45.85 23.22
CA SER B 937 11.35 44.42 23.35
C SER B 937 11.12 43.77 22.01
N LEU B 938 10.36 44.43 21.16
CA LEU B 938 10.10 43.87 19.85
C LEU B 938 11.24 44.15 18.89
N SER B 939 11.79 45.37 18.91
CA SER B 939 12.81 45.74 17.93
C SER B 939 14.06 44.91 18.08
N SER B 940 14.56 44.80 19.30
CA SER B 940 15.84 44.20 19.58
C SER B 940 15.80 42.69 19.69
N THR B 941 14.65 42.08 19.45
CA THR B 941 14.46 40.68 19.73
C THR B 941 13.61 40.06 18.63
N ALA B 942 14.08 38.94 18.08
CA ALA B 942 13.25 38.13 17.20
C ALA B 942 12.53 37.01 17.94
N SER B 943 12.84 36.80 19.21
CA SER B 943 12.36 35.67 19.98
C SER B 943 11.11 35.97 20.77
N ALA B 944 10.53 37.17 20.63
CA ALA B 944 9.23 37.41 21.21
C ALA B 944 8.14 36.71 20.40
N LEU B 945 8.21 36.79 19.08
CA LEU B 945 7.16 36.32 18.22
C LEU B 945 7.29 34.87 17.86
N GLY B 946 8.08 34.14 18.58
CA GLY B 946 8.31 32.78 18.18
C GLY B 946 7.05 32.08 17.78
N LYS B 947 5.99 32.25 18.56
CA LYS B 947 4.77 31.51 18.29
C LYS B 947 4.32 31.76 16.87
N LEU B 948 3.88 32.98 16.60
CA LEU B 948 3.52 33.35 15.24
C LEU B 948 4.57 32.88 14.30
N GLN B 949 5.81 33.22 14.60
CA GLN B 949 6.86 32.85 13.70
C GLN B 949 6.88 31.38 13.49
N ASP B 950 6.45 30.62 14.47
CA ASP B 950 6.54 29.19 14.28
C ASP B 950 5.47 28.69 13.34
N VAL B 951 4.22 29.02 13.63
CA VAL B 951 3.12 28.54 12.83
C VAL B 951 3.50 28.70 11.40
N VAL B 952 3.99 29.88 11.06
CA VAL B 952 4.29 30.16 9.69
C VAL B 952 5.30 29.17 9.17
N ASN B 953 6.23 28.75 10.01
CA ASN B 953 7.14 27.71 9.56
C ASN B 953 6.38 26.43 9.33
N GLN B 954 5.79 25.88 10.38
CA GLN B 954 5.33 24.51 10.32
C GLN B 954 4.48 24.29 9.11
N ASN B 955 3.69 25.27 8.76
CA ASN B 955 2.97 25.16 7.52
C ASN B 955 3.96 24.98 6.41
N ALA B 956 4.68 26.05 6.11
CA ALA B 956 5.63 26.01 5.02
C ALA B 956 6.53 24.83 5.16
N GLN B 957 7.02 24.61 6.36
CA GLN B 957 7.72 23.38 6.62
C GLN B 957 6.97 22.18 6.09
N ALA B 958 5.67 22.15 6.26
CA ALA B 958 4.98 20.95 5.87
C ALA B 958 4.68 20.92 4.41
N LEU B 959 4.65 22.08 3.76
CA LEU B 959 4.53 22.05 2.32
C LEU B 959 5.74 21.44 1.69
N ASN B 960 6.90 22.01 1.96
CA ASN B 960 8.08 21.53 1.26
C ASN B 960 8.12 20.04 1.32
N THR B 961 7.95 19.50 2.51
CA THR B 961 7.82 18.07 2.62
C THR B 961 6.85 17.53 1.62
N LEU B 962 5.66 18.11 1.60
CA LEU B 962 4.69 17.60 0.67
C LEU B 962 5.23 17.65 -0.74
N VAL B 963 5.89 18.73 -1.10
CA VAL B 963 6.42 18.82 -2.44
C VAL B 963 7.49 17.77 -2.66
N LYS B 964 8.51 17.77 -1.82
CA LYS B 964 9.60 16.84 -2.03
C LYS B 964 9.09 15.47 -2.30
N GLN B 965 8.00 15.10 -1.67
CA GLN B 965 7.43 13.80 -1.94
C GLN B 965 7.22 13.58 -3.42
N LEU B 966 7.04 14.63 -4.20
CA LEU B 966 6.92 14.39 -5.62
C LEU B 966 8.15 13.74 -6.18
N SER B 967 9.31 14.04 -5.64
CA SER B 967 10.52 13.56 -6.25
C SER B 967 10.91 12.18 -5.79
N SER B 968 10.07 11.51 -5.03
CA SER B 968 10.49 10.27 -4.44
C SER B 968 9.86 9.09 -5.15
N ASN B 969 10.59 7.99 -5.17
CA ASN B 969 10.20 6.89 -6.02
C ASN B 969 9.07 6.10 -5.43
N PHE B 970 9.01 6.00 -4.11
CA PHE B 970 8.08 5.10 -3.48
C PHE B 970 8.20 3.72 -4.08
N GLY B 971 9.39 3.38 -4.50
CA GLY B 971 9.58 2.11 -5.15
C GLY B 971 9.16 2.09 -6.59
N ALA B 972 8.75 3.21 -7.13
CA ALA B 972 8.59 3.23 -8.57
C ALA B 972 9.95 3.32 -9.23
N ILE B 973 9.98 2.99 -10.51
CA ILE B 973 11.24 3.05 -11.23
C ILE B 973 11.74 4.47 -11.33
N SER B 974 10.84 5.45 -11.30
CA SER B 974 11.27 6.83 -11.29
C SER B 974 10.15 7.69 -10.74
N SER B 975 10.52 8.85 -10.24
CA SER B 975 9.57 9.74 -9.62
C SER B 975 9.02 10.76 -10.57
N VAL B 976 9.37 10.67 -11.83
CA VAL B 976 8.67 11.42 -12.86
C VAL B 976 7.56 10.57 -13.38
N LEU B 977 6.38 11.13 -13.48
CA LEU B 977 5.28 10.31 -13.94
C LEU B 977 5.48 9.95 -15.40
N ASN B 978 5.86 10.93 -16.21
CA ASN B 978 5.85 10.73 -17.64
C ASN B 978 6.95 9.79 -18.10
N ASP B 979 7.98 9.59 -17.29
CA ASP B 979 9.04 8.69 -17.68
C ASP B 979 8.54 7.27 -17.78
N ILE B 980 7.98 6.78 -16.68
CA ILE B 980 7.35 5.48 -16.70
C ILE B 980 6.44 5.40 -17.90
N LEU B 981 5.62 6.42 -18.06
CA LEU B 981 4.78 6.54 -19.23
C LEU B 981 5.61 6.41 -20.49
N SER B 982 6.65 7.21 -20.60
CA SER B 982 7.47 7.17 -21.80
C SER B 982 8.05 5.78 -22.00
N ARG B 983 8.81 5.31 -21.03
CA ARG B 983 9.65 4.16 -21.32
C ARG B 983 8.87 2.86 -21.41
N LEU B 984 7.75 2.73 -20.72
CA LEU B 984 7.18 1.41 -20.54
C LEU B 984 5.85 1.26 -21.26
N ASP B 985 5.51 0.05 -21.53
CA ASP B 985 4.16 -0.08 -22.05
C ASP B 985 3.18 -0.29 -20.91
N PRO B 986 2.03 0.36 -21.03
CA PRO B 986 1.25 0.73 -19.86
C PRO B 986 1.05 -0.41 -18.88
N PRO B 987 0.70 -1.64 -19.32
CA PRO B 987 0.52 -2.72 -18.35
C PRO B 987 1.70 -2.87 -17.43
N GLU B 988 2.85 -2.37 -17.86
CA GLU B 988 3.97 -2.15 -16.96
C GLU B 988 3.71 -0.94 -16.08
N ALA B 989 3.60 0.23 -16.70
CA ALA B 989 3.33 1.46 -15.97
C ALA B 989 2.18 1.29 -15.00
N GLU B 990 1.17 0.54 -15.39
CA GLU B 990 0.06 0.29 -14.48
C GLU B 990 0.56 -0.09 -13.12
N VAL B 991 1.46 -1.06 -13.08
CA VAL B 991 1.90 -1.56 -11.79
C VAL B 991 2.75 -0.52 -11.09
N GLN B 992 3.67 0.10 -11.82
CA GLN B 992 4.42 1.20 -11.25
C GLN B 992 3.49 2.28 -10.75
N ILE B 993 2.80 2.93 -11.68
CA ILE B 993 2.07 4.14 -11.36
C ILE B 993 1.15 3.95 -10.19
N ASP B 994 0.74 2.72 -9.92
CA ASP B 994 0.20 2.47 -8.60
C ASP B 994 1.12 3.11 -7.59
N ARG B 995 2.30 2.53 -7.45
CA ARG B 995 3.13 2.91 -6.34
C ARG B 995 3.24 4.40 -6.25
N LEU B 996 3.46 5.07 -7.36
CA LEU B 996 3.42 6.52 -7.29
C LEU B 996 2.11 6.99 -6.73
N ILE B 997 1.02 6.63 -7.36
CA ILE B 997 -0.25 7.08 -6.83
C ILE B 997 -0.40 6.62 -5.41
N THR B 998 -0.35 5.32 -5.19
CA THR B 998 -0.41 4.84 -3.82
C THR B 998 0.52 5.65 -2.97
N GLY B 999 1.71 5.87 -3.44
CA GLY B 999 2.61 6.61 -2.62
C GLY B 999 2.13 8.01 -2.43
N ARG B 1000 1.99 8.78 -3.50
CA ARG B 1000 1.65 10.17 -3.30
C ARG B 1000 0.35 10.28 -2.56
N LEU B 1001 -0.66 9.59 -3.04
CA LEU B 1001 -1.96 9.65 -2.41
C LEU B 1001 -1.83 9.53 -0.92
N GLN B 1002 -1.13 8.51 -0.47
CA GLN B 1002 -0.83 8.47 0.94
C GLN B 1002 -0.24 9.78 1.38
N SER B 1003 0.80 10.19 0.71
CA SER B 1003 1.51 11.35 1.21
C SER B 1003 0.66 12.58 1.25
N LEU B 1004 -0.47 12.61 0.58
CA LEU B 1004 -1.40 13.66 0.89
C LEU B 1004 -2.03 13.46 2.23
N GLN B 1005 -2.65 12.31 2.43
CA GLN B 1005 -3.36 12.14 3.66
C GLN B 1005 -2.50 12.50 4.81
N THR B 1006 -1.27 12.04 4.81
CA THR B 1006 -0.38 12.54 5.82
C THR B 1006 -0.40 14.04 5.86
N TYR B 1007 -0.25 14.69 4.73
CA TYR B 1007 -0.25 16.13 4.80
C TYR B 1007 -1.59 16.65 5.22
N VAL B 1008 -2.64 16.08 4.71
CA VAL B 1008 -3.93 16.57 5.15
C VAL B 1008 -3.99 16.44 6.63
N THR B 1009 -4.01 15.22 7.12
CA THR B 1009 -4.25 15.01 8.52
C THR B 1009 -3.44 15.94 9.35
N GLN B 1010 -2.17 16.05 9.06
CA GLN B 1010 -1.38 16.98 9.83
C GLN B 1010 -2.03 18.32 9.89
N GLN B 1011 -2.62 18.78 8.81
CA GLN B 1011 -3.29 20.05 8.92
C GLN B 1011 -4.44 19.97 9.88
N LEU B 1012 -5.33 19.02 9.64
CA LEU B 1012 -6.52 18.94 10.46
C LEU B 1012 -6.18 19.02 11.90
N ILE B 1013 -5.14 18.32 12.30
CA ILE B 1013 -4.73 18.40 13.68
C ILE B 1013 -4.21 19.77 13.98
N ARG B 1014 -3.20 20.18 13.25
CA ARG B 1014 -2.67 21.50 13.49
C ARG B 1014 -3.76 22.51 13.43
N ALA B 1015 -4.55 22.47 12.38
CA ALA B 1015 -5.61 23.45 12.26
C ALA B 1015 -6.55 23.42 13.41
N ALA B 1016 -6.58 22.36 14.16
CA ALA B 1016 -7.39 22.40 15.35
C ALA B 1016 -6.61 22.76 16.55
N GLU B 1017 -5.33 22.93 16.40
CA GLU B 1017 -4.55 23.54 17.44
C GLU B 1017 -4.60 25.04 17.35
N ILE B 1018 -4.91 25.56 16.18
CA ILE B 1018 -5.19 26.98 16.05
C ILE B 1018 -6.59 27.29 16.52
N ARG B 1019 -7.55 26.53 16.01
CA ARG B 1019 -8.92 26.74 16.39
C ARG B 1019 -9.03 26.75 17.87
N ALA B 1020 -8.15 26.09 18.54
CA ALA B 1020 -8.17 26.16 19.96
C ALA B 1020 -7.34 27.28 20.47
N SER B 1021 -6.52 27.86 19.64
CA SER B 1021 -5.93 29.09 20.06
C SER B 1021 -6.57 30.31 19.48
N ALA B 1022 -7.47 30.18 18.53
CA ALA B 1022 -8.30 31.31 18.26
C ALA B 1022 -9.15 31.58 19.46
N ASN B 1023 -9.95 30.60 19.86
CA ASN B 1023 -10.87 30.79 20.96
C ASN B 1023 -10.21 31.33 22.18
N LEU B 1024 -8.98 30.98 22.39
CA LEU B 1024 -8.29 31.62 23.47
C LEU B 1024 -8.06 33.07 23.16
N ALA B 1025 -7.94 33.42 21.89
CA ALA B 1025 -7.88 34.84 21.62
C ALA B 1025 -9.25 35.43 21.65
N ALA B 1026 -10.16 34.80 20.97
CA ALA B 1026 -11.51 35.29 20.92
C ALA B 1026 -12.07 35.48 22.26
N THR B 1027 -11.46 34.87 23.24
CA THR B 1027 -11.81 35.15 24.60
C THR B 1027 -11.08 36.36 25.12
N LYS B 1028 -9.77 36.30 25.18
CA LYS B 1028 -9.06 37.46 25.68
C LYS B 1028 -9.59 38.68 25.01
N MET B 1029 -9.78 38.61 23.73
CA MET B 1029 -10.34 39.76 23.06
C MET B 1029 -11.65 40.14 23.67
N SER B 1030 -12.43 39.19 24.08
CA SER B 1030 -13.71 39.58 24.62
C SER B 1030 -13.60 39.96 26.06
N GLU B 1031 -12.98 39.15 26.86
CA GLU B 1031 -13.02 39.43 28.27
C GLU B 1031 -12.02 40.46 28.64
N CYS B 1032 -10.85 40.32 28.08
CA CYS B 1032 -9.74 41.12 28.49
C CYS B 1032 -9.87 42.51 27.89
N VAL B 1033 -9.86 42.63 26.58
CA VAL B 1033 -10.12 43.91 25.94
C VAL B 1033 -11.44 44.51 26.30
N LEU B 1034 -12.51 43.95 25.77
CA LEU B 1034 -13.82 44.54 25.91
C LEU B 1034 -14.26 44.64 27.33
N GLY B 1035 -13.73 43.86 28.21
CA GLY B 1035 -14.12 43.99 29.58
C GLY B 1035 -12.96 44.41 30.43
N GLN B 1036 -13.00 44.06 31.69
CA GLN B 1036 -11.84 43.97 32.54
C GLN B 1036 -11.87 42.64 33.20
N SER B 1037 -10.82 41.87 33.05
CA SER B 1037 -10.87 40.48 33.46
C SER B 1037 -10.54 40.31 34.91
N LYS B 1038 -11.32 39.51 35.57
CA LYS B 1038 -11.03 39.12 36.93
C LYS B 1038 -10.27 37.84 37.01
N ARG B 1039 -10.13 37.11 35.94
CA ARG B 1039 -9.54 35.80 36.04
C ARG B 1039 -8.07 35.97 36.19
N VAL B 1040 -7.52 35.56 37.32
CA VAL B 1040 -6.14 35.87 37.57
C VAL B 1040 -5.23 35.30 36.52
N ASP B 1041 -4.20 36.03 36.18
CA ASP B 1041 -3.19 35.59 35.25
C ASP B 1041 -3.75 35.02 34.00
N PHE B 1042 -4.95 35.40 33.65
CA PHE B 1042 -5.38 35.15 32.29
C PHE B 1042 -4.84 36.22 31.40
N CYS B 1043 -5.02 37.43 31.84
CA CYS B 1043 -4.65 38.65 31.18
C CYS B 1043 -3.27 39.13 31.59
N GLY B 1044 -2.44 38.24 32.03
CA GLY B 1044 -1.06 38.64 32.22
C GLY B 1044 -0.80 38.94 33.66
N LYS B 1045 0.41 38.62 34.10
CA LYS B 1045 0.69 38.64 35.51
C LYS B 1045 0.33 39.97 36.13
N GLY B 1046 -0.35 39.92 37.25
CA GLY B 1046 -0.78 41.11 37.92
C GLY B 1046 -2.27 41.27 37.83
N TYR B 1047 -2.77 42.19 38.62
CA TYR B 1047 -4.11 42.59 38.40
C TYR B 1047 -4.18 43.23 37.05
N HIS B 1048 -5.35 43.33 36.50
CA HIS B 1048 -5.44 43.65 35.09
C HIS B 1048 -6.20 44.92 34.86
N LEU B 1049 -5.65 45.81 34.07
CA LEU B 1049 -6.31 47.07 33.82
C LEU B 1049 -6.98 47.11 32.46
N MET B 1050 -6.28 46.90 31.38
CA MET B 1050 -7.01 46.97 30.14
C MET B 1050 -6.23 46.24 29.08
N SER B 1051 -6.66 46.32 27.86
CA SER B 1051 -5.73 45.74 26.93
C SER B 1051 -5.95 46.32 25.58
N PHE B 1052 -4.92 46.25 24.79
CA PHE B 1052 -4.91 46.83 23.49
C PHE B 1052 -4.56 45.72 22.54
N PRO B 1053 -5.39 45.31 21.65
CA PRO B 1053 -4.97 44.33 20.69
C PRO B 1053 -4.13 45.00 19.65
N GLN B 1054 -3.32 44.22 18.97
CA GLN B 1054 -2.64 44.73 17.80
C GLN B 1054 -2.57 43.59 16.85
N SER B 1055 -3.04 43.72 15.65
CA SER B 1055 -2.90 42.53 14.87
C SER B 1055 -1.46 42.30 14.57
N ALA B 1056 -1.15 41.10 14.18
CA ALA B 1056 0.15 40.75 13.65
C ALA B 1056 -0.09 39.63 12.68
N PRO B 1057 0.80 39.38 11.75
CA PRO B 1057 0.43 38.56 10.61
C PRO B 1057 0.05 37.16 11.01
N HIS B 1058 -1.16 36.76 10.67
CA HIS B 1058 -1.70 35.50 11.14
C HIS B 1058 -1.60 35.42 12.62
N GLY B 1059 -2.06 36.43 13.31
CA GLY B 1059 -1.86 36.33 14.72
C GLY B 1059 -2.61 37.46 15.34
N VAL B 1060 -2.33 37.70 16.60
CA VAL B 1060 -2.81 38.91 17.22
C VAL B 1060 -1.95 39.08 18.42
N VAL B 1061 -1.90 40.28 18.93
CA VAL B 1061 -0.95 40.59 19.97
C VAL B 1061 -1.63 41.49 20.94
N PHE B 1062 -1.63 41.14 22.18
CA PHE B 1062 -2.32 41.96 23.13
C PHE B 1062 -1.28 42.71 23.89
N LEU B 1063 -1.60 43.85 24.38
CA LEU B 1063 -0.69 44.49 25.30
C LEU B 1063 -1.45 44.56 26.59
N HIS B 1064 -1.18 43.77 27.56
CA HIS B 1064 -2.07 43.76 28.68
C HIS B 1064 -1.57 44.77 29.64
N VAL B 1065 -2.21 45.89 29.78
CA VAL B 1065 -1.73 46.81 30.79
C VAL B 1065 -2.19 46.33 32.13
N THR B 1066 -1.28 45.95 32.99
CA THR B 1066 -1.64 45.38 34.26
C THR B 1066 -1.01 46.18 35.35
N TYR B 1067 -1.48 45.98 36.54
CA TYR B 1067 -1.09 46.79 37.68
C TYR B 1067 -0.44 45.92 38.70
N VAL B 1068 0.84 46.06 38.92
CA VAL B 1068 1.59 45.17 39.79
C VAL B 1068 2.05 45.95 41.01
N PRO B 1069 1.77 45.55 42.22
CA PRO B 1069 2.16 46.36 43.35
C PRO B 1069 3.64 46.25 43.62
N ALA B 1070 4.16 47.18 44.43
CA ALA B 1070 5.60 47.22 44.54
C ALA B 1070 6.21 47.23 45.92
N GLN B 1071 6.10 48.31 46.66
CA GLN B 1071 6.95 48.51 47.82
C GLN B 1071 6.16 48.26 49.09
N GLU B 1072 6.61 47.30 49.86
CA GLU B 1072 5.85 46.72 50.94
C GLU B 1072 6.30 47.31 52.24
N LYS B 1073 5.39 47.36 53.18
CA LYS B 1073 5.76 47.71 54.51
C LYS B 1073 5.10 46.74 55.46
N ASN B 1074 5.90 46.05 56.24
CA ASN B 1074 5.33 45.17 57.24
C ASN B 1074 4.36 45.94 58.08
N PHE B 1075 3.36 45.27 58.59
CA PHE B 1075 2.65 45.90 59.67
C PHE B 1075 2.14 44.84 60.59
N THR B 1076 1.49 45.28 61.62
CA THR B 1076 0.95 44.40 62.61
C THR B 1076 -0.55 44.48 62.49
N THR B 1077 -1.15 43.41 62.06
CA THR B 1077 -2.56 43.36 61.76
C THR B 1077 -3.33 42.69 62.85
N ALA B 1078 -4.56 43.13 63.04
CA ALA B 1078 -5.35 42.34 63.88
C ALA B 1078 -6.77 42.24 63.38
N PRO B 1079 -7.33 41.05 63.36
CA PRO B 1079 -8.57 40.84 62.65
C PRO B 1079 -9.72 41.54 63.22
N ALA B 1080 -9.65 42.12 64.38
CA ALA B 1080 -10.84 42.75 64.80
C ALA B 1080 -10.44 43.94 65.60
N ILE B 1081 -11.38 44.52 66.32
CA ILE B 1081 -11.04 45.37 67.43
C ILE B 1081 -12.13 45.27 68.49
N CYS B 1082 -11.78 45.00 69.72
CA CYS B 1082 -12.79 45.15 70.74
C CYS B 1082 -12.98 46.61 70.95
N HIS B 1083 -14.17 47.12 70.73
CA HIS B 1083 -14.23 48.49 71.17
C HIS B 1083 -14.70 48.52 72.60
N ASP B 1084 -15.98 48.35 72.79
CA ASP B 1084 -16.53 48.32 74.13
C ASP B 1084 -16.71 46.92 74.62
N GLY B 1085 -16.19 45.97 73.89
CA GLY B 1085 -16.57 44.59 74.00
C GLY B 1085 -17.35 44.11 72.80
N LYS B 1086 -17.96 45.04 72.08
CA LYS B 1086 -18.31 44.73 70.73
C LYS B 1086 -17.04 44.52 69.97
N ALA B 1087 -17.13 43.78 68.89
CA ALA B 1087 -16.01 43.74 67.98
C ALA B 1087 -16.12 44.92 67.04
N HIS B 1088 -15.18 45.02 66.13
CA HIS B 1088 -15.41 45.75 64.91
C HIS B 1088 -14.62 45.06 63.85
N PHE B 1089 -15.21 44.83 62.75
CA PHE B 1089 -14.30 44.32 61.80
C PHE B 1089 -14.23 45.33 60.70
N PRO B 1090 -13.19 45.35 59.92
CA PRO B 1090 -13.07 46.40 58.94
C PRO B 1090 -14.16 46.21 57.96
N ARG B 1091 -14.71 47.28 57.43
CA ARG B 1091 -15.69 46.98 56.41
C ARG B 1091 -15.04 46.55 55.13
N GLU B 1092 -13.93 47.16 54.76
CA GLU B 1092 -13.19 46.78 53.57
C GLU B 1092 -11.71 46.78 53.89
N GLY B 1093 -11.08 45.64 53.82
CA GLY B 1093 -9.65 45.62 53.94
C GLY B 1093 -9.13 45.74 55.35
N VAL B 1094 -7.90 45.28 55.52
CA VAL B 1094 -7.39 44.86 56.77
C VAL B 1094 -7.40 46.00 57.71
N PHE B 1095 -7.34 45.66 59.00
CA PHE B 1095 -6.78 46.56 59.98
C PHE B 1095 -5.30 46.47 59.88
N VAL B 1096 -4.61 47.51 60.26
CA VAL B 1096 -3.16 47.45 60.39
C VAL B 1096 -2.78 48.46 61.42
N SER B 1097 -1.62 48.25 61.99
CA SER B 1097 -0.98 49.34 62.66
C SER B 1097 0.47 49.33 62.32
N ASN B 1098 1.07 50.50 62.41
CA ASN B 1098 2.51 50.57 62.30
C ASN B 1098 3.15 50.37 63.64
N GLY B 1099 2.36 50.01 64.63
CA GLY B 1099 2.88 49.72 65.95
C GLY B 1099 2.43 50.68 67.02
N THR B 1100 1.86 51.83 66.67
CA THR B 1100 1.32 52.72 67.67
C THR B 1100 -0.18 52.85 67.47
N HIS B 1101 -0.59 53.41 66.35
CA HIS B 1101 -1.98 53.65 66.08
C HIS B 1101 -2.47 52.58 65.17
N TRP B 1102 -3.69 52.18 65.37
CA TRP B 1102 -4.29 51.25 64.46
C TRP B 1102 -4.95 51.98 63.31
N PHE B 1103 -4.87 51.38 62.16
CA PHE B 1103 -5.32 51.96 60.92
C PHE B 1103 -6.02 50.90 60.16
N VAL B 1104 -7.07 51.28 59.47
CA VAL B 1104 -7.76 50.40 58.58
C VAL B 1104 -7.45 50.80 57.18
N THR B 1105 -6.90 49.92 56.43
CA THR B 1105 -6.54 50.32 55.11
C THR B 1105 -7.23 49.41 54.13
N GLN B 1106 -7.22 49.83 52.88
CA GLN B 1106 -7.64 48.99 51.80
C GLN B 1106 -6.49 48.08 51.47
N ARG B 1107 -6.79 46.99 50.84
CA ARG B 1107 -5.82 45.94 50.95
C ARG B 1107 -4.70 46.00 49.96
N ASN B 1108 -4.87 46.62 48.84
CA ASN B 1108 -3.79 46.59 47.88
C ASN B 1108 -2.98 47.84 47.80
N PHE B 1109 -3.31 48.86 48.54
CA PHE B 1109 -2.45 50.00 48.43
C PHE B 1109 -2.43 50.70 49.75
N TYR B 1110 -1.33 50.68 50.44
CA TYR B 1110 -1.36 51.18 51.79
C TYR B 1110 -1.85 52.60 51.79
N GLU B 1111 -2.99 52.82 52.40
CA GLU B 1111 -3.53 54.16 52.55
C GLU B 1111 -4.29 54.23 53.83
N PRO B 1112 -3.60 54.39 54.94
CA PRO B 1112 -4.23 54.23 56.22
C PRO B 1112 -5.26 55.29 56.45
N GLN B 1113 -6.21 54.98 57.32
CA GLN B 1113 -7.27 55.90 57.63
C GLN B 1113 -7.65 55.67 59.06
N ILE B 1114 -7.99 56.72 59.77
CA ILE B 1114 -8.35 56.53 61.15
C ILE B 1114 -9.60 55.72 61.18
N ILE B 1115 -9.79 54.98 62.26
CA ILE B 1115 -10.80 53.95 62.32
C ILE B 1115 -12.03 54.54 62.94
N THR B 1116 -13.09 54.65 62.19
CA THR B 1116 -14.30 55.14 62.77
C THR B 1116 -15.38 54.18 62.37
N THR B 1117 -16.53 54.33 62.98
CA THR B 1117 -17.60 53.38 62.74
C THR B 1117 -17.95 53.22 61.28
N ASP B 1118 -17.56 54.14 60.43
CA ASP B 1118 -17.92 53.98 59.04
C ASP B 1118 -16.99 53.05 58.31
N ASN B 1119 -15.84 52.81 58.85
CA ASN B 1119 -14.93 51.86 58.27
C ASN B 1119 -15.28 50.45 58.63
N THR B 1120 -16.10 50.28 59.66
CA THR B 1120 -16.16 49.03 60.38
C THR B 1120 -17.58 48.67 60.71
N PHE B 1121 -17.88 47.41 60.67
CA PHE B 1121 -19.16 46.97 61.15
C PHE B 1121 -18.94 46.07 62.34
N VAL B 1122 -19.98 45.93 63.15
CA VAL B 1122 -19.86 45.34 64.46
C VAL B 1122 -20.54 44.01 64.47
N SER B 1123 -19.90 43.01 65.03
CA SER B 1123 -20.52 41.68 65.11
C SER B 1123 -20.33 41.06 66.47
N GLY B 1124 -21.41 40.92 67.22
CA GLY B 1124 -21.31 40.19 68.46
C GLY B 1124 -20.34 40.82 69.41
N ASN B 1125 -20.07 40.13 70.51
CA ASN B 1125 -19.14 40.61 71.50
C ASN B 1125 -17.76 40.08 71.17
N CYS B 1126 -16.78 40.48 71.95
CA CYS B 1126 -15.41 40.11 71.64
C CYS B 1126 -15.17 38.62 71.55
N ASP B 1127 -15.16 37.99 72.70
CA ASP B 1127 -14.23 36.92 73.02
C ASP B 1127 -14.05 35.84 71.96
N VAL B 1128 -15.11 35.48 71.26
CA VAL B 1128 -15.00 34.37 70.32
C VAL B 1128 -13.88 34.62 69.35
N VAL B 1129 -13.68 35.88 68.97
CA VAL B 1129 -12.65 36.21 68.01
C VAL B 1129 -11.33 35.69 68.52
N ILE B 1130 -10.47 35.30 67.60
CA ILE B 1130 -9.16 34.82 67.98
C ILE B 1130 -8.16 35.82 67.47
N GLY B 1131 -7.58 36.60 68.35
CA GLY B 1131 -6.62 37.57 67.94
C GLY B 1131 -7.10 38.98 67.94
N ILE B 1132 -8.29 39.22 68.44
CA ILE B 1132 -8.73 40.58 68.48
C ILE B 1132 -7.79 41.36 69.35
N VAL B 1133 -7.76 42.67 69.14
CA VAL B 1133 -6.92 43.54 69.95
C VAL B 1133 -7.72 44.72 70.38
N ASN B 1134 -7.20 45.43 71.36
CA ASN B 1134 -7.89 46.61 71.84
C ASN B 1134 -7.65 47.80 70.94
N ASN B 1135 -8.53 48.79 71.10
CA ASN B 1135 -8.36 50.13 70.57
C ASN B 1135 -9.65 50.88 70.82
N THR B 1136 -9.68 52.14 70.44
CA THR B 1136 -10.87 52.96 70.52
C THR B 1136 -11.22 53.32 69.10
N VAL B 1137 -12.47 53.11 68.72
CA VAL B 1137 -12.91 53.47 67.40
C VAL B 1137 -13.63 54.79 67.49
N TYR B 1138 -13.00 55.81 66.96
CA TYR B 1138 -13.54 57.14 67.00
C TYR B 1138 -14.92 57.18 66.39
N ASP B 1139 -15.78 58.04 66.93
CA ASP B 1139 -17.10 58.30 66.38
C ASP B 1139 -17.06 59.51 65.48
N PRO B 1140 -17.49 59.38 64.25
CA PRO B 1140 -17.69 60.57 63.43
C PRO B 1140 -18.66 61.52 64.08
N LEU B 1141 -19.74 60.98 64.63
CA LEU B 1141 -20.81 61.85 65.08
C LEU B 1141 -20.39 62.69 66.27
N GLN B 1142 -19.85 62.03 67.29
CA GLN B 1142 -19.67 62.64 68.61
C GLN B 1142 -19.20 64.08 68.60
N PRO B 1143 -18.18 64.46 67.84
CA PRO B 1143 -17.86 65.88 67.75
C PRO B 1143 -19.03 66.74 67.34
N GLU B 1144 -19.93 66.21 66.53
CA GLU B 1144 -21.10 67.00 66.21
C GLU B 1144 -21.98 67.13 67.43
N LEU B 1145 -22.29 66.01 68.05
CA LEU B 1145 -22.92 66.02 69.34
C LEU B 1145 -22.04 66.62 70.40
N ASP B 1146 -20.80 67.00 70.07
CA ASP B 1146 -20.00 67.68 71.06
C ASP B 1146 -20.59 69.02 71.44
N SER B 1147 -21.31 69.65 70.52
CA SER B 1147 -21.97 70.92 70.83
C SER B 1147 -23.43 70.72 71.18
N PRO C 25 -31.27 21.92 -47.16
CA PRO C 25 -30.40 22.44 -46.10
C PRO C 25 -30.94 22.10 -44.72
N PRO C 26 -30.06 21.66 -43.81
CA PRO C 26 -30.53 21.30 -42.47
C PRO C 26 -30.97 22.54 -41.72
N ALA C 27 -32.16 22.48 -41.17
CA ALA C 27 -32.70 23.58 -40.39
C ALA C 27 -32.52 23.22 -38.93
N TYR C 28 -31.58 23.86 -38.26
CA TYR C 28 -31.38 23.44 -36.90
C TYR C 28 -32.51 23.93 -36.03
N THR C 29 -32.47 23.51 -34.77
CA THR C 29 -33.34 24.03 -33.75
C THR C 29 -32.85 23.51 -32.41
N ASN C 30 -33.55 23.92 -31.36
CA ASN C 30 -32.97 23.91 -30.04
C ASN C 30 -33.52 22.73 -29.25
N SER C 31 -32.64 21.77 -29.01
CA SER C 31 -33.03 20.53 -28.38
C SER C 31 -33.81 20.72 -27.10
N PHE C 32 -33.60 21.81 -26.41
CA PHE C 32 -34.11 21.93 -25.05
C PHE C 32 -33.67 20.71 -24.29
N THR C 33 -34.55 20.17 -23.45
CA THR C 33 -34.16 19.18 -22.48
C THR C 33 -34.36 17.76 -22.93
N ARG C 34 -34.77 17.52 -24.15
CA ARG C 34 -35.18 16.17 -24.48
C ARG C 34 -34.01 15.23 -24.45
N GLY C 35 -34.32 13.95 -24.44
CA GLY C 35 -33.31 12.96 -24.68
C GLY C 35 -32.74 12.32 -23.47
N VAL C 36 -33.44 12.33 -22.37
CA VAL C 36 -33.03 11.65 -21.16
C VAL C 36 -33.71 10.29 -21.07
N TYR C 37 -32.99 9.30 -20.59
CA TYR C 37 -33.57 7.99 -20.64
C TYR C 37 -33.01 7.14 -19.53
N TYR C 38 -33.81 6.23 -19.06
CA TYR C 38 -33.38 5.48 -17.90
C TYR C 38 -32.13 4.72 -18.25
N PRO C 39 -31.01 5.11 -17.70
CA PRO C 39 -29.72 4.59 -18.14
C PRO C 39 -29.54 3.15 -17.85
N ASP C 40 -30.41 2.57 -17.04
CA ASP C 40 -30.25 1.20 -16.58
C ASP C 40 -31.64 0.69 -16.25
N LYS C 41 -31.73 -0.49 -15.67
CA LYS C 41 -33.03 -0.93 -15.22
C LYS C 41 -33.23 -0.75 -13.74
N VAL C 42 -32.25 -0.18 -13.04
CA VAL C 42 -32.36 0.00 -11.61
C VAL C 42 -33.53 0.88 -11.26
N PHE C 43 -34.06 0.68 -10.08
CA PHE C 43 -35.08 1.54 -9.53
C PHE C 43 -34.46 2.34 -8.43
N ARG C 44 -34.96 3.54 -8.22
CA ARG C 44 -34.49 4.37 -7.15
C ARG C 44 -35.69 5.14 -6.63
N SER C 45 -35.49 6.00 -5.66
CA SER C 45 -36.57 6.91 -5.37
C SER C 45 -36.03 8.18 -4.73
N SER C 46 -36.61 9.31 -5.11
CA SER C 46 -36.33 10.58 -4.50
C SER C 46 -34.84 10.83 -4.35
N VAL C 47 -34.04 10.29 -5.24
CA VAL C 47 -32.61 10.30 -5.04
C VAL C 47 -31.92 10.89 -6.24
N LEU C 48 -31.40 12.08 -6.07
CA LEU C 48 -30.57 12.70 -7.08
C LEU C 48 -29.46 11.72 -7.30
N HIS C 49 -29.29 11.25 -8.48
CA HIS C 49 -28.26 10.28 -8.70
C HIS C 49 -27.44 10.65 -9.90
N SER C 50 -26.20 11.03 -9.66
CA SER C 50 -25.34 11.32 -10.78
C SER C 50 -25.22 10.12 -11.67
N THR C 51 -25.02 10.38 -12.94
CA THR C 51 -24.66 9.33 -13.85
C THR C 51 -23.87 9.89 -15.01
N GLN C 52 -22.94 9.13 -15.47
CA GLN C 52 -22.08 9.57 -16.54
C GLN C 52 -22.40 8.69 -17.72
N ASP C 53 -23.19 9.21 -18.65
CA ASP C 53 -23.66 8.29 -19.65
C ASP C 53 -24.02 9.03 -20.91
N LEU C 54 -23.80 8.37 -22.04
CA LEU C 54 -23.97 9.02 -23.33
C LEU C 54 -25.37 9.56 -23.42
N PHE C 55 -25.48 10.86 -23.60
CA PHE C 55 -26.77 11.49 -23.66
C PHE C 55 -26.76 12.49 -24.78
N LEU C 56 -27.88 13.18 -24.89
CA LEU C 56 -27.99 14.31 -25.77
C LEU C 56 -27.94 15.56 -24.91
N PRO C 57 -26.90 16.35 -24.97
CA PRO C 57 -26.75 17.46 -24.04
C PRO C 57 -27.91 18.41 -24.14
N PHE C 58 -28.07 19.24 -23.13
CA PHE C 58 -29.18 20.15 -23.22
C PHE C 58 -28.87 21.28 -24.16
N PHE C 59 -29.92 21.76 -24.80
CA PHE C 59 -29.88 22.96 -25.60
C PHE C 59 -28.91 22.82 -26.74
N SER C 60 -28.59 21.61 -27.12
CA SER C 60 -27.81 21.45 -28.33
C SER C 60 -28.67 21.60 -29.57
N ASN C 61 -27.99 21.77 -30.71
CA ASN C 61 -28.69 21.81 -31.97
C ASN C 61 -29.07 20.43 -32.45
N VAL C 62 -30.24 20.34 -33.02
CA VAL C 62 -30.70 19.13 -33.67
C VAL C 62 -30.91 19.40 -35.14
N THR C 63 -30.56 18.42 -35.95
CA THR C 63 -30.56 18.58 -37.38
C THR C 63 -31.93 18.19 -37.87
N TRP C 64 -32.75 19.16 -38.18
CA TRP C 64 -34.15 18.91 -38.33
C TRP C 64 -34.56 18.77 -39.76
N PHE C 65 -35.49 17.87 -40.02
CA PHE C 65 -35.84 17.46 -41.35
C PHE C 65 -37.33 17.68 -41.56
N HIS C 66 -37.81 17.26 -42.72
CA HIS C 66 -39.22 17.34 -43.06
C HIS C 66 -39.65 16.07 -43.77
N ALA C 67 -40.92 16.04 -44.16
CA ALA C 67 -41.36 15.23 -45.28
C ALA C 67 -42.14 16.14 -46.21
N ILE C 68 -41.54 16.50 -47.33
CA ILE C 68 -42.17 17.31 -48.38
C ILE C 68 -41.37 17.10 -49.64
N HIS C 69 -42.00 17.41 -50.78
CA HIS C 69 -41.38 17.70 -52.07
C HIS C 69 -39.95 17.22 -52.28
N ASP C 80 -37.25 13.25 -48.23
CA ASP C 80 -36.46 13.90 -47.18
C ASP C 80 -35.98 12.88 -46.15
N ASN C 81 -35.12 11.96 -46.56
CA ASN C 81 -34.58 11.01 -45.61
C ASN C 81 -33.14 10.66 -45.93
N PRO C 82 -32.23 11.61 -45.88
CA PRO C 82 -30.85 11.33 -46.29
C PRO C 82 -30.21 10.33 -45.37
N VAL C 83 -29.08 9.84 -45.81
CA VAL C 83 -28.25 8.97 -45.00
C VAL C 83 -27.41 9.81 -44.06
N LEU C 84 -27.47 9.49 -42.78
CA LEU C 84 -26.86 10.29 -41.72
C LEU C 84 -25.81 9.47 -40.99
N PRO C 85 -24.90 10.13 -40.30
CA PRO C 85 -23.93 9.40 -39.50
C PRO C 85 -24.62 8.86 -38.27
N PHE C 86 -24.25 7.65 -37.88
CA PHE C 86 -24.76 7.13 -36.63
C PHE C 86 -24.01 7.68 -35.44
N ASN C 87 -22.76 8.07 -35.63
CA ASN C 87 -21.93 8.58 -34.56
C ASN C 87 -21.90 7.54 -33.44
N ASP C 88 -21.98 7.95 -32.19
CA ASP C 88 -21.99 7.02 -31.07
C ASP C 88 -23.38 6.48 -30.85
N GLY C 89 -24.34 7.36 -30.94
CA GLY C 89 -25.73 7.01 -30.84
C GLY C 89 -26.50 8.07 -31.55
N VAL C 90 -27.81 8.03 -31.43
CA VAL C 90 -28.61 8.99 -32.14
C VAL C 90 -29.83 9.25 -31.33
N TYR C 91 -30.27 10.47 -31.30
CA TYR C 91 -31.60 10.74 -30.82
C TYR C 91 -32.53 10.49 -31.98
N PHE C 92 -33.78 10.90 -31.85
CA PHE C 92 -34.69 10.88 -33.00
C PHE C 92 -36.04 11.31 -32.49
N ALA C 93 -36.89 11.75 -33.38
CA ALA C 93 -38.27 11.99 -33.00
C ALA C 93 -39.09 12.02 -34.26
N SER C 94 -40.37 12.31 -34.10
CA SER C 94 -41.13 12.85 -35.21
C SER C 94 -42.41 13.42 -34.64
N THR C 95 -42.99 14.34 -35.36
CA THR C 95 -44.28 14.86 -34.98
C THR C 95 -45.30 14.17 -35.87
N GLU C 96 -46.01 13.22 -35.30
CA GLU C 96 -46.91 12.42 -36.10
C GLU C 96 -48.33 12.67 -35.61
N LYS C 97 -49.08 13.37 -36.43
CA LYS C 97 -50.51 13.13 -36.56
C LYS C 97 -50.77 11.96 -37.52
N SER C 98 -49.88 11.78 -38.50
CA SER C 98 -50.08 10.86 -39.60
C SER C 98 -49.34 9.54 -39.49
N ASN C 99 -48.51 9.32 -38.48
CA ASN C 99 -47.88 8.02 -38.26
C ASN C 99 -47.03 7.57 -39.45
N ILE C 100 -46.44 8.50 -40.18
CA ILE C 100 -45.81 8.13 -41.44
C ILE C 100 -44.44 7.51 -41.26
N ILE C 101 -43.66 7.90 -40.25
CA ILE C 101 -42.25 7.56 -40.28
C ILE C 101 -42.11 6.22 -39.59
N ARG C 102 -42.03 5.19 -40.40
CA ARG C 102 -42.17 3.84 -39.91
C ARG C 102 -40.89 3.04 -39.94
N GLY C 103 -39.78 3.61 -40.36
CA GLY C 103 -38.69 2.73 -40.70
C GLY C 103 -37.35 3.28 -40.36
N TRP C 104 -36.43 2.36 -40.20
CA TRP C 104 -35.08 2.65 -39.76
C TRP C 104 -34.18 1.64 -40.41
N ILE C 105 -33.04 2.08 -40.90
CA ILE C 105 -32.09 1.15 -41.49
C ILE C 105 -30.72 1.55 -41.02
N PHE C 106 -30.06 0.67 -40.29
CA PHE C 106 -28.84 1.09 -39.66
C PHE C 106 -27.71 0.22 -40.17
N GLY C 107 -26.50 0.69 -39.98
CA GLY C 107 -25.34 -0.12 -40.29
C GLY C 107 -24.18 0.76 -40.68
N THR C 108 -23.26 0.16 -41.41
CA THR C 108 -22.12 0.90 -41.91
C THR C 108 -22.11 0.96 -43.43
N THR C 109 -21.69 -0.14 -44.05
CA THR C 109 -21.76 -0.24 -45.50
C THR C 109 -23.20 -0.15 -45.99
N LEU C 110 -24.10 -0.88 -45.33
CA LEU C 110 -25.44 -1.08 -45.84
C LEU C 110 -25.39 -1.85 -47.16
N ASP C 111 -24.39 -2.71 -47.26
CA ASP C 111 -24.07 -3.44 -48.49
C ASP C 111 -24.81 -4.76 -48.60
N SER C 112 -25.75 -5.00 -47.69
CA SER C 112 -26.56 -6.21 -47.67
C SER C 112 -25.71 -7.36 -47.17
N LYS C 113 -24.39 -7.17 -47.17
CA LYS C 113 -23.47 -8.19 -46.74
C LYS C 113 -23.39 -8.26 -45.23
N THR C 114 -23.26 -7.10 -44.57
CA THR C 114 -23.45 -7.06 -43.14
C THR C 114 -24.92 -7.09 -42.81
N GLN C 115 -25.21 -7.17 -41.53
CA GLN C 115 -26.58 -7.07 -41.10
C GLN C 115 -26.98 -5.61 -41.05
N SER C 116 -28.28 -5.38 -41.17
CA SER C 116 -28.83 -4.08 -40.89
C SER C 116 -30.14 -4.26 -40.17
N LEU C 117 -30.34 -3.48 -39.14
CA LEU C 117 -31.64 -3.45 -38.53
C LEU C 117 -32.66 -3.00 -39.55
N LEU C 118 -33.89 -3.37 -39.31
CA LEU C 118 -35.01 -2.82 -40.02
C LEU C 118 -36.17 -2.79 -39.05
N ILE C 119 -36.99 -1.76 -39.13
CA ILE C 119 -38.10 -1.63 -38.23
C ILE C 119 -39.28 -1.09 -39.00
N VAL C 120 -40.44 -1.71 -38.82
CA VAL C 120 -41.64 -1.27 -39.52
C VAL C 120 -42.83 -1.37 -38.59
N ASN C 121 -43.57 -0.28 -38.46
CA ASN C 121 -44.70 -0.17 -37.55
C ASN C 121 -45.94 0.00 -38.41
N ASN C 122 -46.72 -1.08 -38.59
CA ASN C 122 -47.79 -1.10 -39.59
C ASN C 122 -49.01 -1.84 -39.08
N ALA C 123 -50.19 -1.20 -39.22
CA ALA C 123 -51.46 -1.68 -38.70
C ALA C 123 -51.31 -2.19 -37.27
N THR C 124 -50.69 -1.35 -36.44
CA THR C 124 -50.39 -1.60 -35.04
C THR C 124 -49.41 -2.75 -34.83
N ASN C 125 -49.11 -3.51 -35.88
CA ASN C 125 -48.23 -4.65 -35.74
C ASN C 125 -46.81 -4.23 -36.10
N VAL C 126 -45.97 -4.15 -35.09
CA VAL C 126 -44.57 -3.82 -35.26
C VAL C 126 -43.91 -5.01 -35.95
N VAL C 127 -43.03 -4.74 -36.91
CA VAL C 127 -42.38 -5.79 -37.67
C VAL C 127 -40.91 -5.44 -37.80
N ILE C 128 -40.05 -6.29 -37.26
CA ILE C 128 -38.68 -5.94 -36.97
C ILE C 128 -37.77 -7.02 -37.53
N LYS C 129 -36.63 -6.62 -38.06
CA LYS C 129 -35.68 -7.56 -38.62
C LYS C 129 -34.28 -7.02 -38.53
N VAL C 130 -33.31 -7.90 -38.32
CA VAL C 130 -31.92 -7.58 -38.62
C VAL C 130 -31.51 -8.14 -39.96
N CYS C 131 -32.45 -8.71 -40.70
CA CYS C 131 -32.13 -9.41 -41.93
C CYS C 131 -31.30 -8.57 -42.87
N GLU C 132 -30.48 -9.22 -43.65
CA GLU C 132 -29.59 -8.53 -44.57
C GLU C 132 -30.22 -8.45 -45.95
N PHE C 133 -30.20 -7.27 -46.55
CA PHE C 133 -30.77 -7.06 -47.86
C PHE C 133 -30.20 -5.80 -48.45
N GLN C 134 -30.31 -5.64 -49.76
CA GLN C 134 -29.68 -4.49 -50.39
C GLN C 134 -30.73 -3.46 -50.78
N PHE C 135 -30.33 -2.19 -50.79
CA PHE C 135 -31.21 -1.06 -50.56
C PHE C 135 -31.40 -0.21 -51.79
N CYS C 136 -32.54 0.48 -51.83
CA CYS C 136 -32.91 1.35 -52.92
C CYS C 136 -32.11 2.66 -52.88
N ASN C 137 -32.12 3.35 -54.03
CA ASN C 137 -31.79 4.78 -54.05
C ASN C 137 -32.62 5.50 -53.00
N ASP C 138 -33.94 5.33 -53.07
CA ASP C 138 -34.85 5.78 -52.01
C ASP C 138 -35.67 4.59 -51.57
N PRO C 139 -35.19 3.86 -50.57
CA PRO C 139 -36.03 2.87 -49.91
C PRO C 139 -37.19 3.56 -49.20
N PHE C 140 -38.36 2.94 -49.25
CA PHE C 140 -39.51 3.56 -48.57
C PHE C 140 -40.71 2.62 -48.59
N LEU C 141 -41.82 3.14 -48.08
CA LEU C 141 -43.15 2.55 -48.17
C LEU C 141 -44.05 3.42 -49.03
N GLY C 142 -45.01 2.80 -49.70
CA GLY C 142 -45.87 3.53 -50.59
C GLY C 142 -47.20 3.94 -49.99
N VAL C 143 -47.75 5.00 -50.54
CA VAL C 143 -49.10 5.47 -50.24
C VAL C 143 -49.82 5.67 -51.58
N TYR C 144 -50.84 4.86 -51.84
CA TYR C 144 -51.81 5.18 -52.88
C TYR C 144 -52.98 5.87 -52.22
N TYR C 145 -53.12 7.16 -52.49
CA TYR C 145 -53.89 8.04 -51.62
C TYR C 145 -55.37 7.70 -51.66
N HIS C 146 -55.92 7.46 -50.47
CA HIS C 146 -57.34 7.51 -50.17
C HIS C 146 -58.24 6.58 -50.99
N LYS C 147 -58.23 5.30 -50.65
CA LYS C 147 -59.28 4.37 -51.06
C LYS C 147 -59.58 3.48 -49.85
N ASN C 148 -60.31 2.38 -50.09
CA ASN C 148 -60.73 1.51 -48.99
C ASN C 148 -59.57 1.18 -48.05
N ASN C 149 -58.40 0.85 -48.60
CA ASN C 149 -57.16 0.79 -47.85
C ASN C 149 -56.53 2.16 -47.94
N LYS C 150 -56.54 2.90 -46.85
CA LYS C 150 -55.95 4.23 -46.89
C LYS C 150 -54.46 4.09 -47.14
N SER C 151 -53.98 4.84 -48.11
CA SER C 151 -52.60 4.79 -48.60
C SER C 151 -52.30 3.50 -49.34
N TRP C 152 -53.13 2.47 -49.15
CA TRP C 152 -52.85 1.16 -49.71
C TRP C 152 -51.41 0.76 -49.45
N MET C 153 -50.81 0.18 -50.50
CA MET C 153 -49.38 0.15 -50.71
C MET C 153 -48.64 -0.21 -49.43
N GLU C 154 -49.27 -1.04 -48.60
CA GLU C 154 -48.49 -1.80 -47.65
C GLU C 154 -47.44 -2.60 -48.39
N SER C 155 -47.86 -3.29 -49.45
CA SER C 155 -46.98 -4.15 -50.21
C SER C 155 -46.10 -3.37 -51.16
N GLU C 156 -46.12 -2.04 -51.06
CA GLU C 156 -45.12 -1.24 -51.72
C GLU C 156 -43.76 -1.87 -51.56
N PHE C 157 -43.25 -1.87 -50.33
CA PHE C 157 -42.10 -2.70 -49.93
C PHE C 157 -40.94 -2.58 -50.89
N ARG C 158 -40.79 -1.43 -51.55
CA ARG C 158 -39.55 -1.19 -52.26
C ARG C 158 -38.76 -0.33 -51.28
N VAL C 159 -38.07 -1.04 -50.40
CA VAL C 159 -37.06 -0.48 -49.52
C VAL C 159 -35.69 -0.94 -49.92
N TYR C 160 -35.61 -1.82 -50.89
CA TYR C 160 -34.46 -2.69 -50.93
C TYR C 160 -34.63 -3.72 -52.02
N SER C 161 -33.54 -4.37 -52.39
CA SER C 161 -33.63 -5.50 -53.29
C SER C 161 -34.45 -6.64 -52.69
N SER C 162 -33.79 -7.45 -51.88
CA SER C 162 -34.37 -8.67 -51.32
C SER C 162 -33.49 -9.10 -50.16
N ALA C 163 -34.04 -9.92 -49.27
CA ALA C 163 -33.23 -10.27 -48.11
C ALA C 163 -32.15 -11.27 -48.49
N ASN C 164 -31.24 -11.50 -47.55
CA ASN C 164 -30.10 -12.38 -47.77
C ASN C 164 -29.89 -13.30 -46.59
N ASN C 165 -29.47 -12.74 -45.46
CA ASN C 165 -29.19 -13.49 -44.25
C ASN C 165 -29.85 -12.79 -43.08
N CYS C 166 -30.38 -13.57 -42.13
CA CYS C 166 -31.17 -13.04 -41.04
C CYS C 166 -30.61 -13.56 -39.72
N THR C 167 -30.09 -12.65 -38.89
CA THR C 167 -29.64 -13.04 -37.57
C THR C 167 -30.62 -12.74 -36.45
N PHE C 168 -31.81 -12.23 -36.76
CA PHE C 168 -32.79 -12.00 -35.70
C PHE C 168 -34.16 -11.88 -36.32
N GLU C 169 -35.17 -12.02 -35.48
CA GLU C 169 -36.52 -11.61 -35.81
C GLU C 169 -37.28 -11.27 -34.54
N TYR C 170 -38.20 -10.32 -34.66
CA TYR C 170 -39.27 -10.14 -33.70
C TYR C 170 -40.41 -9.49 -34.43
N VAL C 171 -41.63 -9.69 -33.94
CA VAL C 171 -42.81 -9.08 -34.53
C VAL C 171 -43.74 -8.62 -33.42
N SER C 172 -44.44 -7.54 -33.69
CA SER C 172 -45.62 -7.21 -32.91
C SER C 172 -46.74 -6.99 -33.91
N PHE C 186 -49.90 19.11 -35.18
CA PHE C 186 -49.08 18.02 -34.67
C PHE C 186 -49.43 17.64 -33.25
N LYS C 187 -50.12 16.52 -33.12
CA LYS C 187 -50.52 16.06 -31.79
C LYS C 187 -49.44 15.25 -31.09
N ASN C 188 -48.77 14.35 -31.80
CA ASN C 188 -48.06 13.30 -31.11
C ASN C 188 -46.60 13.25 -31.51
N LEU C 189 -45.84 12.57 -30.66
CA LEU C 189 -44.39 12.62 -30.72
C LEU C 189 -43.81 11.29 -30.32
N ARG C 190 -42.84 10.80 -31.07
CA ARG C 190 -42.24 9.51 -30.80
C ARG C 190 -40.74 9.66 -30.71
N GLU C 191 -40.19 9.53 -29.51
CA GLU C 191 -38.78 9.83 -29.27
C GLU C 191 -38.03 8.52 -29.10
N PHE C 192 -37.08 8.24 -29.96
CA PHE C 192 -36.48 6.91 -29.95
C PHE C 192 -34.97 7.01 -29.91
N VAL C 193 -34.40 6.71 -28.84
CA VAL C 193 -32.95 6.80 -28.73
C VAL C 193 -32.34 5.49 -29.15
N PHE C 194 -31.26 5.55 -29.89
CA PHE C 194 -30.66 4.32 -30.41
C PHE C 194 -29.21 4.33 -30.03
N LYS C 195 -28.73 3.27 -29.42
CA LYS C 195 -27.29 3.28 -29.24
C LYS C 195 -26.74 1.88 -29.21
N ASN C 196 -25.53 1.73 -29.71
CA ASN C 196 -24.87 0.44 -29.83
C ASN C 196 -23.74 0.38 -28.83
N ILE C 197 -23.84 -0.56 -27.91
CA ILE C 197 -22.76 -0.88 -27.00
C ILE C 197 -22.77 -2.38 -26.80
N ASP C 198 -21.61 -3.00 -26.91
CA ASP C 198 -21.39 -4.38 -26.51
C ASP C 198 -22.49 -5.28 -27.03
N GLY C 199 -22.49 -5.44 -28.35
CA GLY C 199 -23.42 -6.33 -29.01
C GLY C 199 -24.83 -5.83 -28.88
N TYR C 200 -25.01 -4.72 -28.20
CA TYR C 200 -26.35 -4.22 -27.97
C TYR C 200 -26.54 -2.88 -28.66
N PHE C 201 -27.26 -2.95 -29.75
CA PHE C 201 -28.16 -1.88 -30.09
C PHE C 201 -29.18 -1.77 -28.99
N LYS C 202 -29.73 -0.59 -28.79
CA LYS C 202 -30.66 -0.41 -27.70
C LYS C 202 -31.66 0.65 -28.10
N ILE C 203 -32.86 0.54 -27.61
CA ILE C 203 -33.89 1.50 -27.96
C ILE C 203 -34.52 2.03 -26.71
N TYR C 204 -35.06 3.23 -26.78
CA TYR C 204 -35.90 3.74 -25.72
C TYR C 204 -37.04 4.44 -26.41
N SER C 205 -38.07 4.81 -25.68
CA SER C 205 -39.15 5.46 -26.39
C SER C 205 -40.05 6.21 -25.45
N LYS C 206 -40.80 7.12 -26.04
CA LYS C 206 -41.96 7.73 -25.39
C LYS C 206 -42.94 8.05 -26.49
N HIS C 207 -44.20 7.93 -26.19
CA HIS C 207 -45.22 8.38 -27.12
C HIS C 207 -46.00 9.44 -26.38
N THR C 208 -45.88 10.68 -26.81
CA THR C 208 -46.55 11.69 -26.03
C THR C 208 -47.42 12.57 -26.89
N PRO C 209 -48.55 12.99 -26.35
CA PRO C 209 -49.36 14.01 -27.00
C PRO C 209 -48.75 15.39 -26.80
N ILE C 210 -48.80 16.19 -27.87
CA ILE C 210 -48.37 17.57 -27.84
C ILE C 210 -49.34 18.36 -28.69
N ASN C 211 -49.29 19.68 -28.62
CA ASN C 211 -49.65 20.48 -29.78
C ASN C 211 -48.63 21.58 -29.99
N LEU C 212 -47.75 21.35 -30.95
CA LEU C 212 -46.94 22.38 -31.59
C LEU C 212 -46.63 21.87 -32.98
N VAL C 213 -46.75 22.75 -33.97
CA VAL C 213 -46.45 22.32 -35.33
C VAL C 213 -44.98 22.42 -35.61
N ARG C 214 -44.29 23.35 -34.98
CA ARG C 214 -42.96 23.75 -35.42
C ARG C 214 -41.85 22.86 -34.87
N ASP C 215 -41.88 22.54 -33.59
CA ASP C 215 -40.62 22.19 -32.96
C ASP C 215 -40.86 21.27 -31.77
N LEU C 216 -39.76 20.82 -31.18
CA LEU C 216 -39.75 19.94 -30.03
C LEU C 216 -40.34 20.66 -28.84
N PRO C 217 -41.46 20.24 -28.31
CA PRO C 217 -42.04 20.95 -27.18
C PRO C 217 -41.03 21.05 -26.05
N GLN C 218 -41.15 22.09 -25.29
CA GLN C 218 -40.24 22.34 -24.18
C GLN C 218 -40.92 21.78 -22.95
N GLY C 219 -40.36 20.70 -22.43
CA GLY C 219 -40.89 20.03 -21.27
C GLY C 219 -40.12 18.75 -21.11
N PHE C 220 -40.13 18.15 -19.94
CA PHE C 220 -39.22 17.06 -19.66
C PHE C 220 -39.97 15.76 -19.46
N SER C 221 -39.58 14.74 -20.22
CA SER C 221 -39.94 13.37 -19.90
C SER C 221 -38.88 12.47 -20.50
N ALA C 222 -38.69 11.32 -19.90
CA ALA C 222 -37.51 10.55 -20.19
C ALA C 222 -37.88 9.16 -20.62
N LEU C 223 -36.93 8.46 -21.14
CA LEU C 223 -37.22 7.37 -22.07
C LEU C 223 -36.84 6.02 -21.50
N GLU C 224 -37.83 5.24 -21.10
CA GLU C 224 -37.57 3.88 -20.72
C GLU C 224 -37.08 3.09 -21.91
N PRO C 225 -36.40 1.99 -21.69
CA PRO C 225 -36.11 1.11 -22.80
C PRO C 225 -37.35 0.38 -23.19
N LEU C 226 -37.45 0.14 -24.47
CA LEU C 226 -38.27 -0.94 -24.98
C LEU C 226 -37.43 -2.19 -25.04
N VAL C 227 -36.34 -2.13 -25.78
CA VAL C 227 -35.72 -3.32 -26.30
C VAL C 227 -34.26 -3.36 -25.90
N ASP C 228 -33.65 -4.52 -26.09
CA ASP C 228 -32.24 -4.65 -26.36
C ASP C 228 -32.07 -5.74 -27.39
N LEU C 229 -31.23 -5.50 -28.38
CA LEU C 229 -30.98 -6.50 -29.40
C LEU C 229 -29.53 -6.92 -29.37
N PRO C 230 -29.26 -8.10 -29.10
CA PRO C 230 -27.88 -8.59 -28.95
C PRO C 230 -27.21 -8.89 -30.27
N ILE C 231 -27.29 -7.96 -31.21
CA ILE C 231 -27.03 -8.29 -32.60
C ILE C 231 -25.54 -8.42 -32.88
N GLY C 232 -24.75 -7.43 -32.51
CA GLY C 232 -23.33 -7.46 -32.81
C GLY C 232 -22.92 -6.78 -34.10
N ILE C 233 -23.85 -6.07 -34.76
CA ILE C 233 -23.46 -5.29 -35.93
C ILE C 233 -22.54 -4.18 -35.45
N ASN C 234 -21.75 -3.65 -36.36
CA ASN C 234 -21.27 -2.30 -36.20
C ASN C 234 -22.08 -1.38 -37.09
N ILE C 235 -22.44 -0.21 -36.56
CA ILE C 235 -23.30 0.72 -37.25
C ILE C 235 -22.63 2.07 -37.25
N THR C 236 -22.24 2.55 -38.42
CA THR C 236 -21.77 3.91 -38.51
C THR C 236 -22.76 4.87 -39.15
N ARG C 237 -23.88 4.37 -39.67
CA ARG C 237 -24.80 5.24 -40.39
C ARG C 237 -26.18 4.66 -40.29
N PHE C 238 -27.16 5.47 -40.66
CA PHE C 238 -28.49 4.93 -40.68
C PHE C 238 -29.38 5.80 -41.53
N GLN C 239 -30.55 5.27 -41.86
CA GLN C 239 -31.51 6.04 -42.61
C GLN C 239 -32.91 5.70 -42.17
N THR C 240 -33.73 6.70 -41.96
CA THR C 240 -35.14 6.43 -41.74
C THR C 240 -35.80 6.01 -43.04
N LEU C 241 -37.10 5.71 -42.94
CA LEU C 241 -37.84 5.14 -44.05
C LEU C 241 -39.27 5.63 -43.96
N LEU C 242 -39.93 5.76 -45.10
CA LEU C 242 -41.19 6.46 -45.09
C LEU C 242 -42.22 5.84 -46.02
N ALA C 243 -43.49 6.18 -45.75
CA ALA C 243 -44.61 5.84 -46.61
C ALA C 243 -44.88 7.00 -47.56
N LEU C 244 -44.62 6.79 -48.85
CA LEU C 244 -44.64 7.86 -49.82
C LEU C 244 -45.97 7.87 -50.56
N HIS C 245 -46.51 9.05 -50.77
CA HIS C 245 -47.74 9.21 -51.54
C HIS C 245 -47.57 8.84 -53.01
N ALA C 263 -44.61 16.47 -42.28
CA ALA C 263 -44.22 15.41 -41.35
C ALA C 263 -42.78 15.58 -40.92
N ALA C 264 -42.61 16.25 -39.79
CA ALA C 264 -41.30 16.58 -39.27
C ALA C 264 -40.68 15.42 -38.53
N TYR C 265 -39.37 15.44 -38.46
CA TYR C 265 -38.68 14.66 -37.46
C TYR C 265 -37.28 15.22 -37.31
N TYR C 266 -36.51 14.68 -36.37
CA TYR C 266 -35.33 15.35 -35.92
C TYR C 266 -34.22 14.35 -35.70
N VAL C 267 -33.03 14.85 -35.48
CA VAL C 267 -31.90 14.01 -35.08
C VAL C 267 -31.02 14.78 -34.13
N GLY C 268 -30.59 14.14 -33.06
CA GLY C 268 -29.49 14.61 -32.26
C GLY C 268 -28.28 13.73 -32.43
N TYR C 269 -27.31 13.93 -31.59
CA TYR C 269 -26.25 12.95 -31.46
C TYR C 269 -25.79 12.84 -30.03
N LEU C 270 -25.64 11.62 -29.57
CA LEU C 270 -25.39 11.38 -28.18
C LEU C 270 -23.97 11.69 -27.84
N GLN C 271 -23.76 12.25 -26.67
CA GLN C 271 -22.42 12.63 -26.25
C GLN C 271 -22.21 12.12 -24.84
N PRO C 272 -20.98 11.96 -24.45
CA PRO C 272 -20.66 11.41 -23.12
C PRO C 272 -20.77 12.43 -22.00
N ARG C 273 -21.91 13.09 -21.94
CA ARG C 273 -22.18 13.96 -20.83
C ARG C 273 -22.38 13.18 -19.55
N THR C 274 -22.30 13.92 -18.46
CA THR C 274 -22.63 13.42 -17.15
C THR C 274 -23.80 14.22 -16.61
N PHE C 275 -24.89 13.56 -16.29
CA PHE C 275 -26.04 14.30 -15.82
C PHE C 275 -26.32 13.99 -14.38
N LEU C 276 -27.07 14.86 -13.79
CA LEU C 276 -27.62 14.61 -12.47
C LEU C 276 -29.09 14.33 -12.64
N LEU C 277 -29.48 13.09 -12.53
CA LEU C 277 -30.87 12.72 -12.64
C LEU C 277 -31.60 13.11 -11.40
N LYS C 278 -32.89 13.16 -11.44
CA LYS C 278 -33.64 13.14 -10.20
C LYS C 278 -34.79 12.20 -10.32
N TYR C 279 -34.71 11.08 -9.64
CA TYR C 279 -35.83 10.18 -9.64
C TYR C 279 -36.89 10.72 -8.72
N ASN C 280 -38.09 10.22 -8.87
CA ASN C 280 -39.18 10.59 -7.99
C ASN C 280 -39.63 9.37 -7.21
N GLU C 281 -40.57 9.59 -6.30
CA GLU C 281 -41.00 8.51 -5.44
C GLU C 281 -41.41 7.31 -6.23
N ASN C 282 -42.26 7.50 -7.22
CA ASN C 282 -42.61 6.36 -8.03
C ASN C 282 -41.43 5.83 -8.80
N GLY C 283 -40.33 6.56 -8.87
CA GLY C 283 -39.19 6.05 -9.58
C GLY C 283 -39.08 6.50 -11.01
N THR C 284 -39.76 7.57 -11.37
CA THR C 284 -39.72 8.11 -12.72
C THR C 284 -38.85 9.34 -12.75
N ILE C 285 -37.98 9.44 -13.75
CA ILE C 285 -37.05 10.55 -13.72
C ILE C 285 -37.87 11.81 -13.92
N THR C 286 -37.90 12.69 -12.94
CA THR C 286 -38.70 13.87 -13.16
C THR C 286 -37.88 15.05 -13.56
N ASP C 287 -36.58 14.94 -13.54
CA ASP C 287 -35.79 16.09 -13.95
C ASP C 287 -34.37 15.64 -14.16
N ALA C 288 -33.57 16.54 -14.68
CA ALA C 288 -32.18 16.22 -14.87
C ALA C 288 -31.45 17.53 -15.00
N VAL C 289 -30.15 17.47 -14.79
CA VAL C 289 -29.32 18.63 -14.93
C VAL C 289 -28.05 18.19 -15.62
N ASP C 290 -27.69 18.87 -16.67
CA ASP C 290 -26.46 18.55 -17.32
C ASP C 290 -25.36 19.13 -16.48
N CYS C 291 -24.29 18.39 -16.31
CA CYS C 291 -23.18 18.96 -15.56
C CYS C 291 -22.49 20.02 -16.39
N ALA C 292 -22.07 19.66 -17.59
CA ALA C 292 -21.19 20.55 -18.33
C ALA C 292 -21.90 21.71 -18.96
N LEU C 293 -23.22 21.82 -18.85
CA LEU C 293 -23.93 22.86 -19.58
C LEU C 293 -23.39 24.24 -19.27
N ASP C 294 -23.25 24.57 -18.02
CA ASP C 294 -22.92 25.94 -17.67
C ASP C 294 -22.72 26.06 -16.18
N PRO C 295 -22.11 27.12 -15.68
CA PRO C 295 -21.65 27.08 -14.31
C PRO C 295 -22.72 26.67 -13.34
N LEU C 296 -23.86 27.31 -13.37
CA LEU C 296 -24.87 26.95 -12.40
C LEU C 296 -25.13 25.48 -12.41
N SER C 297 -24.93 24.84 -13.53
CA SER C 297 -25.12 23.42 -13.59
C SER C 297 -23.84 22.66 -13.41
N GLU C 298 -22.73 23.34 -13.28
CA GLU C 298 -21.57 22.63 -12.81
C GLU C 298 -21.62 22.54 -11.32
N THR C 299 -22.18 23.55 -10.67
CA THR C 299 -22.47 23.45 -9.27
C THR C 299 -23.36 22.27 -8.98
N LYS C 300 -24.60 22.33 -9.43
CA LYS C 300 -25.57 21.34 -9.00
C LYS C 300 -25.05 19.95 -9.14
N CYS C 301 -24.08 19.73 -9.99
CA CYS C 301 -23.47 18.42 -9.98
C CYS C 301 -22.51 18.26 -8.83
N THR C 302 -21.97 19.35 -8.31
CA THR C 302 -21.14 19.24 -7.12
C THR C 302 -21.96 18.88 -5.90
N LEU C 303 -23.00 19.63 -5.63
CA LEU C 303 -23.71 19.39 -4.40
C LEU C 303 -24.49 18.09 -4.44
N LYS C 304 -24.83 17.59 -5.61
CA LYS C 304 -25.93 16.66 -5.76
C LYS C 304 -27.22 17.30 -5.27
N SER C 305 -27.55 18.43 -5.85
CA SER C 305 -28.78 19.08 -5.43
C SER C 305 -29.37 19.89 -6.55
N PHE C 306 -30.67 19.99 -6.58
CA PHE C 306 -31.21 21.00 -7.45
C PHE C 306 -31.21 22.35 -6.79
N THR C 307 -31.66 22.40 -5.56
CA THR C 307 -31.50 23.63 -4.84
C THR C 307 -30.03 23.90 -4.68
N VAL C 308 -29.62 25.08 -5.07
CA VAL C 308 -28.29 25.55 -4.76
C VAL C 308 -28.46 26.87 -4.10
N GLU C 309 -28.07 26.95 -2.87
CA GLU C 309 -28.34 28.08 -2.03
C GLU C 309 -27.13 28.96 -2.00
N LYS C 310 -27.26 30.06 -1.29
CA LYS C 310 -26.39 31.19 -1.49
C LYS C 310 -24.97 30.81 -1.21
N GLY C 311 -24.03 31.58 -1.73
CA GLY C 311 -22.64 31.39 -1.38
C GLY C 311 -21.84 30.82 -2.53
N ILE C 312 -20.55 30.69 -2.28
CA ILE C 312 -19.57 30.45 -3.31
C ILE C 312 -19.12 29.00 -3.27
N TYR C 313 -19.50 28.25 -4.24
CA TYR C 313 -19.16 26.86 -4.29
C TYR C 313 -17.99 26.70 -5.20
N GLN C 314 -17.12 25.80 -4.90
CA GLN C 314 -15.98 25.59 -5.75
C GLN C 314 -16.23 24.38 -6.60
N THR C 315 -16.43 24.58 -7.88
CA THR C 315 -16.72 23.45 -8.73
C THR C 315 -15.47 22.76 -9.19
N SER C 316 -14.62 23.50 -9.93
CA SER C 316 -13.37 22.91 -10.46
C SER C 316 -12.34 24.00 -10.74
N ASN C 317 -11.19 23.61 -11.30
CA ASN C 317 -10.09 24.56 -11.63
C ASN C 317 -9.85 24.53 -13.14
N PHE C 318 -9.15 25.54 -13.67
CA PHE C 318 -8.85 25.63 -15.13
C PHE C 318 -7.35 25.59 -15.35
N ARG C 319 -6.85 24.57 -16.05
CA ARG C 319 -5.41 24.44 -16.35
C ARG C 319 -5.13 24.94 -17.77
N VAL C 320 -4.53 26.13 -17.89
CA VAL C 320 -4.21 26.72 -19.23
C VAL C 320 -3.46 25.68 -20.06
N GLN C 321 -3.97 25.36 -21.26
CA GLN C 321 -3.33 24.36 -22.15
C GLN C 321 -2.14 25.00 -22.87
N PRO C 322 -1.06 24.25 -23.19
CA PRO C 322 0.10 24.81 -23.88
C PRO C 322 -0.19 25.03 -25.38
N THR C 323 0.52 25.98 -25.99
CA THR C 323 0.35 26.28 -27.44
C THR C 323 0.72 25.04 -28.26
N GLU C 324 2.01 24.71 -28.32
CA GLU C 324 2.49 23.52 -29.08
C GLU C 324 3.71 22.93 -28.37
N SER C 325 4.82 22.77 -29.10
CA SER C 325 6.07 22.21 -28.52
C SER C 325 7.24 23.14 -28.85
N ILE C 326 8.25 23.19 -27.98
CA ILE C 326 9.43 24.08 -28.21
C ILE C 326 10.72 23.25 -28.07
N VAL C 327 11.11 22.56 -29.14
CA VAL C 327 12.37 21.74 -29.12
C VAL C 327 13.54 22.68 -29.39
N ARG C 328 14.58 22.60 -28.55
CA ARG C 328 15.73 23.46 -28.71
C ARG C 328 16.99 22.68 -28.36
N PHE C 329 17.96 22.67 -29.29
CA PHE C 329 19.17 21.90 -29.13
C PHE C 329 20.38 22.75 -29.50
N PRO C 330 21.49 22.54 -28.81
CA PRO C 330 22.57 23.54 -28.81
C PRO C 330 23.05 23.79 -30.22
N ASN C 331 23.19 25.06 -30.56
CA ASN C 331 23.51 25.40 -31.95
C ASN C 331 24.76 24.66 -32.37
N ILE C 332 24.77 24.32 -33.66
CA ILE C 332 25.89 23.73 -34.36
C ILE C 332 26.03 22.25 -34.03
N THR C 333 25.66 21.85 -32.81
CA THR C 333 25.73 20.44 -32.42
C THR C 333 27.00 19.75 -32.93
N ASN C 334 28.08 20.52 -33.03
CA ASN C 334 29.38 20.18 -33.60
C ASN C 334 29.25 19.68 -35.04
N LEU C 335 30.19 18.85 -35.52
CA LEU C 335 30.20 18.49 -36.94
C LEU C 335 31.03 17.23 -37.15
N CYS C 336 30.74 16.50 -38.37
CA CYS C 336 31.31 15.28 -38.95
C CYS C 336 32.03 15.57 -40.27
N PRO C 337 33.51 15.36 -40.37
CA PRO C 337 34.29 15.96 -41.47
C PRO C 337 34.44 15.08 -42.71
N PHE C 338 33.37 14.95 -43.49
CA PHE C 338 33.45 14.14 -44.70
C PHE C 338 34.26 14.84 -45.77
N GLY C 339 34.54 16.12 -45.57
CA GLY C 339 35.36 16.85 -46.53
C GLY C 339 36.78 16.33 -46.59
N GLU C 340 37.45 16.36 -45.44
CA GLU C 340 38.82 15.86 -45.37
C GLU C 340 38.88 14.36 -45.66
N VAL C 341 37.71 13.73 -45.82
CA VAL C 341 37.56 12.45 -46.52
C VAL C 341 37.43 12.72 -48.01
N PHE C 342 36.40 13.48 -48.39
CA PHE C 342 36.08 13.66 -49.80
C PHE C 342 37.00 14.67 -50.48
N ASN C 343 37.24 15.82 -49.85
CA ASN C 343 38.10 16.87 -50.39
C ASN C 343 39.55 16.79 -49.92
N ALA C 344 39.96 15.71 -49.24
CA ALA C 344 41.37 15.47 -48.97
C ALA C 344 42.19 15.54 -50.25
N THR C 345 43.34 16.22 -50.18
CA THR C 345 44.07 16.55 -51.39
C THR C 345 44.71 15.32 -52.01
N ARG C 346 45.52 14.59 -51.23
CA ARG C 346 46.16 13.36 -51.69
C ARG C 346 45.36 12.21 -51.09
N PHE C 347 44.54 11.55 -51.90
CA PHE C 347 43.95 10.32 -51.41
C PHE C 347 44.98 9.22 -51.33
N ALA C 348 44.93 8.45 -50.25
CA ALA C 348 45.48 7.12 -50.31
C ALA C 348 44.83 6.38 -51.48
N SER C 349 45.59 5.55 -52.15
CA SER C 349 45.09 4.87 -53.34
C SER C 349 44.09 3.78 -52.94
N VAL C 350 43.35 3.29 -53.94
CA VAL C 350 42.44 2.17 -53.68
C VAL C 350 43.15 1.04 -52.94
N TYR C 351 44.37 0.69 -53.36
CA TYR C 351 45.01 -0.52 -52.84
C TYR C 351 45.27 -0.42 -51.35
N ALA C 352 45.46 0.78 -50.83
CA ALA C 352 45.47 1.04 -49.40
C ALA C 352 44.48 2.16 -49.12
N TRP C 353 43.35 1.82 -48.52
CA TRP C 353 42.23 2.73 -48.35
C TRP C 353 42.22 3.31 -46.95
N ASN C 354 41.83 4.58 -46.84
CA ASN C 354 41.72 5.17 -45.53
C ASN C 354 40.53 4.61 -44.78
N ARG C 355 40.65 4.55 -43.46
CA ARG C 355 39.57 4.21 -42.56
C ARG C 355 39.58 5.26 -41.46
N LYS C 356 38.53 6.11 -41.40
CA LYS C 356 38.63 7.40 -40.71
C LYS C 356 37.50 7.63 -39.74
N ARG C 357 37.85 7.74 -38.45
CA ARG C 357 36.88 7.77 -37.36
C ARG C 357 36.27 9.16 -37.19
N ILE C 358 34.95 9.21 -37.05
CA ILE C 358 34.17 10.44 -37.00
C ILE C 358 33.11 10.28 -35.93
N SER C 359 33.00 11.25 -35.03
CA SER C 359 32.33 10.98 -33.76
C SER C 359 31.77 12.25 -33.12
N ASN C 360 30.89 12.03 -32.13
CA ASN C 360 30.28 13.06 -31.27
C ASN C 360 29.66 14.17 -32.08
N CYS C 361 29.14 13.83 -33.23
CA CYS C 361 28.83 14.86 -34.20
C CYS C 361 27.57 14.48 -34.94
N VAL C 362 27.30 15.20 -36.00
CA VAL C 362 25.97 15.29 -36.57
C VAL C 362 26.08 15.09 -38.07
N ALA C 363 25.19 14.26 -38.64
CA ALA C 363 25.32 13.89 -40.04
C ALA C 363 25.38 15.14 -40.89
N ASP C 364 26.50 15.31 -41.57
CA ASP C 364 26.96 16.58 -42.08
C ASP C 364 26.55 16.79 -43.54
N TYR C 365 25.65 15.97 -44.05
CA TYR C 365 25.44 15.86 -45.48
C TYR C 365 25.13 17.21 -46.16
N SER C 366 24.89 18.28 -45.38
CA SER C 366 24.64 19.61 -45.92
C SER C 366 25.85 20.25 -46.61
N VAL C 367 27.04 19.70 -46.48
CA VAL C 367 28.14 20.20 -47.32
C VAL C 367 28.05 19.56 -48.70
N LEU C 368 27.45 18.38 -48.78
CA LEU C 368 27.45 17.54 -49.97
C LEU C 368 26.38 17.95 -50.97
N TYR C 369 25.60 18.98 -50.65
CA TYR C 369 24.62 19.52 -51.58
C TYR C 369 25.26 20.42 -52.64
N ASN C 370 26.26 21.22 -52.26
CA ASN C 370 26.89 22.18 -53.16
C ASN C 370 28.29 21.68 -53.55
N SER C 371 28.42 21.25 -54.81
CA SER C 371 29.67 20.80 -55.40
C SER C 371 29.38 20.24 -56.78
N ALA C 372 30.42 19.87 -57.52
CA ALA C 372 30.22 19.00 -58.68
C ALA C 372 29.69 17.64 -58.26
N SER C 373 29.63 17.38 -56.96
CA SER C 373 29.14 16.19 -56.29
C SER C 373 29.96 15.00 -56.77
N PHE C 374 29.34 13.84 -56.96
CA PHE C 374 30.03 12.56 -56.89
C PHE C 374 29.50 11.65 -57.99
N SER C 375 30.42 11.14 -58.83
CA SER C 375 30.01 10.42 -60.04
C SER C 375 29.00 9.32 -59.75
N THR C 376 29.03 8.75 -58.56
CA THR C 376 27.87 8.03 -58.06
C THR C 376 27.73 8.35 -56.60
N PHE C 377 26.56 8.03 -56.07
CA PHE C 377 26.33 8.03 -54.64
C PHE C 377 25.60 6.73 -54.35
N LYS C 378 26.27 5.84 -53.63
CA LYS C 378 25.59 4.69 -53.08
C LYS C 378 26.04 4.53 -51.64
N CYS C 379 25.07 4.59 -50.74
CA CYS C 379 25.30 4.29 -49.34
C CYS C 379 24.26 3.26 -48.95
N TYR C 380 24.72 2.10 -48.53
CA TYR C 380 23.89 0.90 -48.52
C TYR C 380 22.74 0.99 -47.54
N GLY C 381 23.05 1.16 -46.26
CA GLY C 381 22.19 0.62 -45.24
C GLY C 381 20.75 1.05 -45.23
N VAL C 382 20.51 2.36 -45.09
CA VAL C 382 19.18 2.91 -44.81
C VAL C 382 19.00 4.19 -45.62
N SER C 383 17.78 4.70 -45.61
CA SER C 383 17.37 5.78 -46.50
C SER C 383 18.30 6.98 -46.37
N PRO C 384 18.65 7.63 -47.49
CA PRO C 384 19.56 8.79 -47.42
C PRO C 384 19.00 9.98 -46.66
N THR C 385 17.70 10.03 -46.41
CA THR C 385 17.21 11.03 -45.45
C THR C 385 17.20 10.48 -44.03
N LYS C 386 17.74 9.28 -43.83
CA LYS C 386 18.16 8.84 -42.52
C LYS C 386 19.64 9.04 -42.29
N LEU C 387 20.39 9.51 -43.30
CA LEU C 387 21.67 10.14 -43.01
C LEU C 387 21.52 11.06 -41.83
N ASN C 388 20.74 12.10 -42.05
CA ASN C 388 20.56 13.19 -41.12
C ASN C 388 19.47 12.93 -40.11
N ASP C 389 18.67 11.88 -40.30
CA ASP C 389 17.70 11.49 -39.28
C ASP C 389 18.17 10.36 -38.38
N LEU C 390 19.28 9.70 -38.70
CA LEU C 390 19.70 8.52 -37.95
C LEU C 390 21.17 8.60 -37.60
N CYS C 391 21.47 8.44 -36.31
CA CYS C 391 22.84 8.50 -35.82
C CYS C 391 23.55 7.17 -36.05
N PHE C 392 24.87 7.22 -36.17
CA PHE C 392 25.70 6.05 -36.41
C PHE C 392 26.75 5.91 -35.32
N THR C 393 27.59 4.89 -35.44
CA THR C 393 28.41 4.45 -34.32
C THR C 393 29.90 4.58 -34.60
N ASN C 394 30.47 3.63 -35.33
CA ASN C 394 31.87 3.68 -35.74
C ASN C 394 31.87 4.13 -37.19
N VAL C 395 32.23 5.38 -37.43
CA VAL C 395 32.02 5.99 -38.74
C VAL C 395 33.37 6.16 -39.42
N TYR C 396 33.62 5.34 -40.43
CA TYR C 396 34.86 5.42 -41.20
C TYR C 396 34.50 5.65 -42.66
N ALA C 397 34.71 6.87 -43.12
CA ALA C 397 34.56 7.22 -44.52
C ALA C 397 35.87 6.93 -45.21
N ASP C 398 35.84 6.01 -46.18
CA ASP C 398 37.06 5.37 -46.66
C ASP C 398 37.63 6.17 -47.82
N SER C 399 38.78 6.80 -47.62
CA SER C 399 39.33 7.72 -48.61
C SER C 399 40.32 6.97 -49.50
N PHE C 400 39.97 6.83 -50.77
CA PHE C 400 40.81 6.12 -51.73
C PHE C 400 40.45 6.54 -53.15
N VAL C 401 41.36 6.22 -54.08
CA VAL C 401 41.20 6.49 -55.51
C VAL C 401 41.14 5.17 -56.25
N ILE C 402 40.09 4.97 -57.07
CA ILE C 402 39.99 3.77 -57.87
C ILE C 402 39.88 4.15 -59.34
N ARG C 403 40.22 3.20 -60.21
CA ARG C 403 39.99 3.38 -61.63
C ARG C 403 38.48 3.34 -61.92
N GLY C 404 38.10 3.88 -63.08
CA GLY C 404 36.71 4.15 -63.37
C GLY C 404 35.71 3.01 -63.23
N ASP C 405 35.91 1.90 -63.96
CA ASP C 405 34.94 0.81 -63.88
C ASP C 405 34.89 0.17 -62.51
N GLU C 406 35.77 0.57 -61.60
CA GLU C 406 36.00 -0.20 -60.39
C GLU C 406 34.98 0.10 -59.30
N VAL C 407 33.99 0.95 -59.58
CA VAL C 407 32.94 1.21 -58.60
C VAL C 407 32.05 -0.01 -58.44
N ARG C 408 31.74 -0.68 -59.56
CA ARG C 408 31.18 -2.03 -59.46
C ARG C 408 32.01 -2.86 -58.50
N GLN C 409 33.32 -2.94 -58.75
CA GLN C 409 34.21 -3.82 -58.01
C GLN C 409 34.32 -3.44 -56.55
N ILE C 410 33.74 -2.31 -56.13
CA ILE C 410 33.60 -1.98 -54.72
C ILE C 410 32.12 -2.11 -54.38
N ALA C 411 31.78 -3.20 -53.68
CA ALA C 411 30.43 -3.58 -53.27
C ALA C 411 30.46 -4.98 -52.68
N PRO C 412 29.54 -5.29 -51.75
CA PRO C 412 29.50 -6.66 -51.21
C PRO C 412 29.17 -7.68 -52.28
N GLY C 413 29.77 -8.86 -52.13
CA GLY C 413 29.51 -9.94 -53.06
C GLY C 413 30.10 -9.74 -54.43
N GLN C 414 31.01 -8.79 -54.59
CA GLN C 414 31.64 -8.52 -55.87
C GLN C 414 32.75 -9.50 -56.12
N THR C 415 32.65 -10.24 -57.22
CA THR C 415 33.81 -10.83 -57.85
C THR C 415 34.44 -9.74 -58.71
N GLY C 416 35.73 -9.52 -58.54
CA GLY C 416 36.39 -8.46 -59.27
C GLY C 416 37.80 -8.26 -58.78
N LYS C 417 38.52 -7.41 -59.50
CA LYS C 417 39.90 -7.10 -59.15
C LYS C 417 39.99 -6.26 -57.88
N ILE C 418 39.28 -5.13 -57.83
CA ILE C 418 39.24 -4.35 -56.60
C ILE C 418 38.77 -5.22 -55.46
N ALA C 419 37.52 -5.68 -55.54
CA ALA C 419 36.96 -6.53 -54.49
C ALA C 419 37.94 -7.62 -54.09
N ASP C 420 38.18 -8.58 -54.97
CA ASP C 420 38.91 -9.77 -54.56
C ASP C 420 40.34 -9.48 -54.13
N TYR C 421 40.89 -8.31 -54.47
CA TYR C 421 42.31 -8.14 -54.15
C TYR C 421 42.62 -6.89 -53.30
N ASN C 422 42.66 -5.71 -53.92
CA ASN C 422 43.27 -4.57 -53.22
C ASN C 422 42.31 -3.88 -52.27
N TYR C 423 41.06 -3.69 -52.67
CA TYR C 423 40.05 -3.07 -51.81
C TYR C 423 38.85 -4.00 -51.77
N LYS C 424 38.60 -4.61 -50.61
CA LYS C 424 37.54 -5.59 -50.48
C LYS C 424 36.62 -5.16 -49.35
N LEU C 425 35.31 -5.16 -49.62
CA LEU C 425 34.32 -4.80 -48.63
C LEU C 425 33.45 -5.98 -48.23
N PRO C 426 32.88 -5.95 -47.03
CA PRO C 426 32.14 -7.11 -46.52
C PRO C 426 30.80 -7.26 -47.24
N ASP C 427 30.22 -8.45 -47.07
CA ASP C 427 28.80 -8.62 -47.42
C ASP C 427 27.89 -7.99 -46.37
N ASP C 428 28.40 -7.77 -45.15
CA ASP C 428 27.65 -7.18 -44.05
C ASP C 428 27.91 -5.69 -43.85
N PHE C 429 28.63 -5.04 -44.77
CA PHE C 429 28.95 -3.62 -44.62
C PHE C 429 27.73 -2.73 -44.84
N THR C 430 27.46 -1.85 -43.87
CA THR C 430 26.38 -0.89 -43.96
C THR C 430 26.96 0.51 -44.14
N GLY C 431 26.78 1.07 -45.33
CA GLY C 431 27.46 2.32 -45.61
C GLY C 431 27.61 2.54 -47.11
N CYS C 432 28.65 3.26 -47.48
CA CYS C 432 28.71 3.93 -48.76
C CYS C 432 29.65 3.23 -49.73
N VAL C 433 29.35 3.44 -51.01
CA VAL C 433 30.33 3.44 -52.09
C VAL C 433 29.99 4.61 -53.00
N ILE C 434 30.93 5.51 -53.21
CA ILE C 434 30.67 6.77 -53.90
C ILE C 434 31.81 7.08 -54.85
N ALA C 435 31.48 7.39 -56.10
CA ALA C 435 32.46 7.63 -57.14
C ALA C 435 32.47 9.10 -57.56
N TRP C 436 33.62 9.56 -58.02
CA TRP C 436 33.71 10.77 -58.84
C TRP C 436 35.02 10.74 -59.61
N ASN C 437 35.07 11.46 -60.73
CA ASN C 437 36.26 11.44 -61.56
C ASN C 437 37.35 12.31 -60.94
N SER C 438 38.51 11.71 -60.68
CA SER C 438 39.70 12.47 -60.34
C SER C 438 40.62 12.63 -61.53
N ASN C 439 40.23 12.13 -62.70
CA ASN C 439 40.97 12.44 -63.92
C ASN C 439 41.14 13.94 -64.07
N ASN C 440 40.15 14.71 -63.61
CA ASN C 440 40.28 16.16 -63.54
C ASN C 440 41.38 16.60 -62.59
N LEU C 441 41.81 15.73 -61.67
CA LEU C 441 42.88 16.10 -60.75
C LEU C 441 43.97 15.05 -60.67
N ASP C 442 43.64 13.85 -60.15
CA ASP C 442 44.66 12.83 -59.85
C ASP C 442 45.47 12.45 -61.09
N SER C 443 44.95 12.67 -62.28
CA SER C 443 45.68 12.32 -63.49
C SER C 443 46.93 13.18 -63.60
N LYS C 444 47.97 12.62 -64.24
CA LYS C 444 49.19 13.35 -64.49
C LYS C 444 49.75 13.03 -65.86
N GLY C 447 52.60 12.06 -65.55
CA GLY C 447 52.28 10.65 -65.43
C GLY C 447 52.43 10.12 -64.03
N ASN C 448 51.30 9.74 -63.42
CA ASN C 448 51.28 9.25 -62.04
C ASN C 448 51.20 7.73 -62.08
N TYR C 449 52.32 7.07 -61.79
CA TYR C 449 52.35 5.63 -61.56
C TYR C 449 52.41 5.29 -60.08
N ASN C 450 52.46 6.30 -59.20
CA ASN C 450 52.37 6.04 -57.77
C ASN C 450 51.06 5.36 -57.41
N TYR C 451 49.98 5.75 -58.10
CA TYR C 451 48.74 5.00 -58.00
C TYR C 451 48.99 3.56 -58.42
N LEU C 452 48.34 2.65 -57.70
CA LEU C 452 48.71 1.25 -57.69
C LEU C 452 47.46 0.46 -57.33
N TYR C 453 47.52 -0.84 -57.56
CA TYR C 453 46.42 -1.72 -57.25
C TYR C 453 46.96 -3.12 -57.05
N ARG C 454 46.18 -3.95 -56.38
CA ARG C 454 46.54 -5.36 -56.25
C ARG C 454 45.86 -6.08 -57.40
N LEU C 455 46.65 -6.48 -58.38
CA LEU C 455 46.09 -7.18 -59.53
C LEU C 455 45.81 -8.62 -59.16
N PHE C 456 46.61 -9.19 -58.25
CA PHE C 456 46.40 -10.56 -57.82
C PHE C 456 46.84 -10.78 -56.37
N ARG C 457 46.09 -11.66 -55.70
CA ARG C 457 46.17 -12.02 -54.29
C ARG C 457 45.51 -13.38 -54.20
N LYS C 458 45.82 -14.13 -53.15
CA LYS C 458 45.42 -15.54 -53.12
C LYS C 458 44.11 -15.79 -52.38
N SER C 459 43.41 -14.74 -51.95
CA SER C 459 42.10 -14.87 -51.32
C SER C 459 41.41 -13.52 -51.36
N ASN C 460 40.21 -13.47 -50.79
CA ASN C 460 39.52 -12.22 -50.56
C ASN C 460 39.93 -11.66 -49.21
N LEU C 461 40.02 -10.33 -49.13
CA LEU C 461 40.30 -9.68 -47.86
C LEU C 461 39.15 -9.89 -46.89
N LYS C 462 39.49 -10.05 -45.61
CA LYS C 462 38.49 -10.17 -44.56
C LYS C 462 37.76 -8.84 -44.44
N PRO C 463 36.60 -8.81 -43.77
CA PRO C 463 35.83 -7.56 -43.73
C PRO C 463 36.65 -6.37 -43.23
N PHE C 464 36.67 -5.33 -44.07
CA PHE C 464 37.48 -4.12 -43.89
C PHE C 464 38.97 -4.41 -43.74
N GLU C 465 39.46 -5.59 -44.11
CA GLU C 465 40.89 -5.82 -44.01
C GLU C 465 41.58 -5.30 -45.28
N ARG C 466 42.85 -4.96 -45.14
CA ARG C 466 43.69 -4.53 -46.23
C ARG C 466 44.81 -5.55 -46.43
N ASP C 467 45.35 -5.59 -47.65
CA ASP C 467 46.53 -6.40 -47.94
C ASP C 467 47.64 -5.47 -48.40
N ILE C 468 48.71 -5.39 -47.61
CA ILE C 468 49.81 -4.47 -47.86
C ILE C 468 50.95 -5.10 -48.63
N SER C 469 50.80 -6.35 -49.06
CA SER C 469 51.97 -7.17 -49.38
C SER C 469 52.70 -6.63 -50.60
N THR C 470 53.99 -6.33 -50.41
CA THR C 470 54.94 -6.17 -51.50
C THR C 470 55.67 -7.47 -51.79
N GLU C 471 55.27 -8.54 -51.09
CA GLU C 471 55.91 -9.84 -51.23
C GLU C 471 55.78 -10.35 -52.66
N ILE C 472 56.74 -11.18 -53.08
CA ILE C 472 56.67 -11.79 -54.40
C ILE C 472 55.40 -12.62 -54.52
N TYR C 473 54.68 -12.44 -55.63
CA TYR C 473 53.62 -13.36 -56.02
C TYR C 473 54.28 -14.56 -56.68
N GLN C 474 54.10 -15.74 -56.07
CA GLN C 474 54.90 -16.92 -56.40
C GLN C 474 54.03 -17.85 -57.22
N ALA C 475 54.31 -17.92 -58.53
CA ALA C 475 53.48 -18.71 -59.42
C ALA C 475 53.86 -20.19 -59.39
N GLY C 476 55.16 -20.48 -59.45
CA GLY C 476 55.63 -21.85 -59.40
C GLY C 476 56.27 -22.20 -58.06
N SER C 477 56.47 -23.51 -57.87
CA SER C 477 57.14 -24.00 -56.66
C SER C 477 58.61 -23.60 -56.62
N THR C 478 59.13 -22.97 -57.68
CA THR C 478 60.48 -22.42 -57.72
C THR C 478 60.50 -21.11 -56.94
N PRO C 479 61.18 -21.05 -55.80
CA PRO C 479 61.13 -19.83 -54.97
C PRO C 479 61.88 -18.70 -55.66
N CYS C 480 61.25 -17.52 -55.67
CA CYS C 480 61.85 -16.39 -56.36
C CYS C 480 62.91 -15.71 -55.51
N ASN C 481 62.73 -15.70 -54.19
CA ASN C 481 63.73 -15.24 -53.22
C ASN C 481 64.06 -13.76 -53.33
N GLY C 482 63.07 -12.92 -53.69
CA GLY C 482 63.29 -11.50 -53.75
C GLY C 482 63.90 -10.96 -55.03
N VAL C 483 63.94 -11.77 -56.10
CA VAL C 483 64.34 -11.33 -57.43
C VAL C 483 63.33 -11.88 -58.43
N GLU C 484 63.38 -11.33 -59.64
CA GLU C 484 62.50 -11.76 -60.71
C GLU C 484 63.05 -13.00 -61.42
N GLY C 485 62.13 -13.76 -62.01
CA GLY C 485 62.46 -15.04 -62.59
C GLY C 485 61.30 -15.52 -63.45
N PHE C 486 61.30 -16.81 -63.76
CA PHE C 486 60.23 -17.36 -64.58
C PHE C 486 58.92 -17.33 -63.78
N ASN C 487 57.92 -16.62 -64.32
CA ASN C 487 56.65 -16.39 -63.64
C ASN C 487 56.86 -15.94 -62.18
N CYS C 488 57.90 -15.15 -61.94
CA CYS C 488 58.07 -14.46 -60.67
C CYS C 488 57.40 -13.10 -60.77
N TYR C 489 56.39 -12.87 -59.94
CA TYR C 489 55.55 -11.69 -60.02
C TYR C 489 55.62 -10.89 -58.73
N PHE C 490 55.58 -9.56 -58.89
CA PHE C 490 55.20 -8.63 -57.84
C PHE C 490 53.70 -8.39 -58.02
N PRO C 491 52.86 -8.87 -57.10
CA PRO C 491 51.41 -8.91 -57.36
C PRO C 491 50.78 -7.53 -57.52
N LEU C 492 51.15 -6.57 -56.69
CA LEU C 492 50.65 -5.22 -56.83
C LEU C 492 51.11 -4.64 -58.18
N GLN C 493 50.25 -3.84 -58.80
CA GLN C 493 50.59 -3.18 -60.06
C GLN C 493 50.00 -1.77 -60.04
N SER C 494 50.42 -0.95 -61.01
CA SER C 494 50.07 0.45 -61.06
C SER C 494 49.19 0.76 -62.27
N TYR C 495 48.42 1.84 -62.15
CA TYR C 495 47.65 2.39 -63.27
C TYR C 495 48.41 3.58 -63.81
N GLY C 496 48.91 3.46 -65.03
CA GLY C 496 49.38 4.63 -65.75
C GLY C 496 48.21 5.52 -66.09
N PHE C 497 48.28 6.79 -65.68
CA PHE C 497 47.20 7.74 -65.95
C PHE C 497 47.59 8.66 -67.10
N GLN C 498 46.85 8.54 -68.19
CA GLN C 498 47.18 9.22 -69.43
C GLN C 498 46.28 10.44 -69.55
N PRO C 499 46.82 11.66 -69.48
CA PRO C 499 45.97 12.86 -69.37
C PRO C 499 44.92 12.98 -70.47
N THR C 500 44.96 12.13 -71.49
CA THR C 500 43.87 11.98 -72.43
C THR C 500 42.81 10.97 -71.94
N ASN C 501 42.91 10.51 -70.69
CA ASN C 501 42.02 9.47 -70.17
C ASN C 501 40.56 9.77 -70.49
N GLY C 502 39.83 8.73 -70.89
CA GLY C 502 38.41 8.80 -71.12
C GLY C 502 37.59 8.12 -70.04
N VAL C 503 36.28 8.13 -70.23
CA VAL C 503 35.33 7.77 -69.17
C VAL C 503 35.62 6.37 -68.61
N GLY C 504 36.09 5.46 -69.46
CA GLY C 504 36.51 4.15 -68.96
C GLY C 504 37.86 4.16 -68.28
N TYR C 505 38.74 5.08 -68.68
CA TYR C 505 40.10 5.15 -68.16
C TYR C 505 40.29 6.18 -67.05
N GLN C 506 39.24 6.92 -66.70
CA GLN C 506 39.38 7.94 -65.68
C GLN C 506 39.41 7.30 -64.28
N PRO C 507 40.30 7.75 -63.41
CA PRO C 507 40.24 7.29 -62.02
C PRO C 507 39.00 7.85 -61.36
N TYR C 508 38.42 7.05 -60.47
CA TYR C 508 37.37 7.53 -59.58
C TYR C 508 37.87 7.42 -58.15
N ARG C 509 38.10 8.55 -57.53
CA ARG C 509 38.19 8.58 -56.08
C ARG C 509 36.88 8.01 -55.54
N VAL C 510 36.96 7.05 -54.62
CA VAL C 510 35.76 6.40 -54.13
C VAL C 510 35.81 6.28 -52.61
N VAL C 511 34.68 6.56 -51.95
CA VAL C 511 34.62 6.59 -50.50
C VAL C 511 33.48 5.71 -50.00
N VAL C 512 33.70 5.19 -48.80
CA VAL C 512 32.91 4.15 -48.16
C VAL C 512 32.77 4.53 -46.68
N LEU C 513 31.53 4.72 -46.21
CA LEU C 513 31.27 5.03 -44.79
C LEU C 513 31.04 3.75 -44.01
N SER C 514 31.98 3.42 -43.13
CA SER C 514 31.79 2.33 -42.18
C SER C 514 30.87 2.80 -41.08
N PHE C 515 29.85 2.01 -40.77
CA PHE C 515 29.14 2.17 -39.51
C PHE C 515 28.34 0.91 -39.25
N GLU C 516 27.93 0.75 -37.99
CA GLU C 516 27.16 -0.39 -37.56
C GLU C 516 25.70 -0.33 -37.97
N LEU C 517 25.23 0.80 -38.50
CA LEU C 517 23.89 1.33 -38.23
C LEU C 517 23.81 1.75 -36.78
N LEU C 518 22.79 1.27 -36.07
CA LEU C 518 22.54 1.65 -34.70
C LEU C 518 23.41 0.87 -33.72
N HIS C 519 22.97 0.84 -32.47
CA HIS C 519 23.31 -0.11 -31.41
C HIS C 519 24.51 0.33 -30.59
N ALA C 520 25.23 1.36 -31.02
CA ALA C 520 26.34 1.92 -30.24
C ALA C 520 26.16 3.43 -30.25
N PRO C 521 26.85 4.16 -29.37
CA PRO C 521 26.50 5.56 -29.14
C PRO C 521 26.52 6.38 -30.43
N ALA C 522 25.83 7.50 -30.38
CA ALA C 522 25.76 8.37 -31.54
C ALA C 522 27.07 9.12 -31.61
N THR C 523 27.83 8.86 -32.66
CA THR C 523 29.07 9.56 -32.92
C THR C 523 28.88 10.55 -34.06
N VAL C 524 28.63 10.05 -35.26
CA VAL C 524 27.87 10.82 -36.24
C VAL C 524 26.41 10.67 -35.87
N CYS C 525 25.77 11.76 -35.52
CA CYS C 525 24.36 11.73 -35.22
C CYS C 525 23.58 12.26 -36.40
N GLY C 526 22.27 12.35 -36.24
CA GLY C 526 21.48 13.16 -37.14
C GLY C 526 21.37 14.55 -36.58
N PRO C 527 21.28 15.55 -37.45
CA PRO C 527 20.91 16.89 -36.97
C PRO C 527 19.53 16.86 -36.37
N LYS C 528 19.42 17.36 -35.15
CA LYS C 528 18.20 17.18 -34.40
C LYS C 528 17.45 18.50 -34.41
N LYS C 529 16.15 18.42 -34.63
CA LYS C 529 15.40 19.59 -35.04
C LYS C 529 15.13 20.44 -33.83
N SER C 530 15.63 21.67 -33.86
CA SER C 530 15.41 22.63 -32.80
C SER C 530 14.46 23.69 -33.32
N THR C 531 13.31 23.80 -32.69
CA THR C 531 12.26 24.67 -33.19
C THR C 531 12.66 26.10 -32.90
N ASN C 532 11.73 27.02 -33.09
CA ASN C 532 12.01 28.37 -32.68
C ASN C 532 11.47 28.57 -31.29
N LEU C 533 11.64 29.78 -30.77
CA LEU C 533 11.39 30.11 -29.38
C LEU C 533 10.24 31.08 -29.29
N VAL C 534 9.36 30.85 -28.34
CA VAL C 534 8.21 31.71 -28.15
C VAL C 534 8.26 32.21 -26.72
N LYS C 535 7.67 33.35 -26.46
CA LYS C 535 7.75 33.91 -25.13
C LYS C 535 6.37 34.26 -24.61
N ASN C 536 6.33 34.41 -23.30
CA ASN C 536 5.20 34.94 -22.59
C ASN C 536 3.96 34.15 -22.87
N LYS C 537 4.10 32.94 -23.38
CA LYS C 537 2.96 32.19 -23.84
C LYS C 537 3.14 30.74 -23.45
N CYS C 538 2.13 30.18 -22.80
CA CYS C 538 2.24 28.81 -22.31
C CYS C 538 2.55 27.87 -23.44
N VAL C 539 3.62 27.12 -23.31
CA VAL C 539 4.01 26.17 -24.34
C VAL C 539 4.52 24.93 -23.65
N ASN C 540 4.32 23.81 -24.31
CA ASN C 540 5.17 22.71 -23.99
C ASN C 540 6.57 23.08 -24.43
N PHE C 541 7.56 22.37 -23.90
CA PHE C 541 8.91 22.58 -24.39
C PHE C 541 9.76 21.36 -24.11
N ASN C 542 10.88 21.31 -24.82
CA ASN C 542 12.05 20.54 -24.43
C ASN C 542 13.27 21.39 -24.72
N PHE C 543 14.17 21.46 -23.77
CA PHE C 543 15.49 22.01 -23.97
C PHE C 543 16.50 20.93 -23.68
N ASN C 544 17.29 20.57 -24.68
CA ASN C 544 18.44 19.71 -24.46
C ASN C 544 18.07 18.42 -23.77
N GLY C 545 16.83 18.00 -23.91
CA GLY C 545 16.32 16.87 -23.18
C GLY C 545 15.69 17.21 -21.85
N LEU C 546 16.06 18.33 -21.25
CA LEU C 546 15.20 18.91 -20.24
C LEU C 546 13.85 19.20 -20.85
N THR C 547 12.80 18.69 -20.25
CA THR C 547 11.48 19.02 -20.72
C THR C 547 10.72 19.72 -19.63
N GLY C 548 9.47 19.99 -19.93
CA GLY C 548 8.56 20.57 -18.97
C GLY C 548 7.64 21.47 -19.76
N THR C 549 6.75 22.12 -19.04
CA THR C 549 5.77 22.93 -19.71
C THR C 549 5.55 24.22 -18.94
N GLY C 550 5.66 25.34 -19.60
CA GLY C 550 5.71 26.55 -18.83
C GLY C 550 5.47 27.77 -19.66
N VAL C 551 5.84 28.89 -19.09
CA VAL C 551 5.77 30.16 -19.75
C VAL C 551 7.18 30.71 -19.77
N LEU C 552 7.81 30.68 -20.92
CA LEU C 552 9.21 31.03 -20.99
C LEU C 552 9.31 32.52 -21.15
N THR C 553 9.98 33.18 -20.23
CA THR C 553 10.04 34.63 -20.30
C THR C 553 11.49 35.03 -20.29
N GLU C 554 11.71 36.32 -20.20
CA GLU C 554 13.05 36.86 -20.16
C GLU C 554 13.38 37.21 -18.72
N SER C 555 14.53 36.73 -18.26
CA SER C 555 14.83 36.74 -16.84
C SER C 555 16.27 37.17 -16.63
N ASN C 556 16.46 38.01 -15.61
CA ASN C 556 17.82 38.54 -15.28
C ASN C 556 18.48 37.61 -14.25
N LYS C 557 18.47 36.30 -14.52
CA LYS C 557 19.09 35.30 -13.61
C LYS C 557 20.50 34.95 -14.13
N LYS C 558 21.50 35.75 -13.72
CA LYS C 558 22.90 35.52 -14.15
C LYS C 558 23.28 34.05 -13.87
N PHE C 559 23.44 33.26 -14.94
CA PHE C 559 23.80 31.82 -14.81
C PHE C 559 25.32 31.67 -14.86
N LEU C 560 25.80 30.42 -14.91
CA LEU C 560 27.26 30.14 -14.96
C LEU C 560 27.62 29.57 -16.35
N PRO C 561 28.88 29.67 -16.81
CA PRO C 561 29.28 29.16 -18.12
C PRO C 561 28.90 27.67 -18.31
N PHE C 562 29.13 26.85 -17.28
CA PHE C 562 28.82 25.40 -17.35
C PHE C 562 27.40 25.13 -16.84
N GLN C 563 26.80 26.13 -16.18
CA GLN C 563 25.42 25.99 -15.62
C GLN C 563 24.44 25.63 -16.75
N GLN C 564 23.53 24.69 -16.48
CA GLN C 564 22.52 24.26 -17.49
C GLN C 564 21.14 24.76 -17.07
N PHE C 565 20.62 24.24 -15.94
CA PHE C 565 19.33 24.64 -15.44
C PHE C 565 19.48 25.79 -14.50
N GLY C 566 18.34 26.23 -14.01
CA GLY C 566 18.21 26.76 -12.68
C GLY C 566 17.41 25.78 -11.87
N ARG C 567 17.26 26.07 -10.59
CA ARG C 567 16.28 25.38 -9.78
C ARG C 567 15.90 26.28 -8.64
N ASP C 568 15.20 25.70 -7.69
CA ASP C 568 14.46 26.47 -6.73
C ASP C 568 14.25 25.64 -5.49
N ILE C 569 13.99 26.36 -4.39
CA ILE C 569 13.93 25.76 -3.06
C ILE C 569 13.14 24.49 -3.09
N ALA C 570 12.07 24.48 -3.84
CA ALA C 570 11.24 23.29 -3.88
C ALA C 570 11.84 22.22 -4.76
N ASP C 571 13.00 22.44 -5.33
CA ASP C 571 13.59 21.51 -6.26
C ASP C 571 12.73 21.35 -7.51
N THR C 572 12.37 22.46 -8.12
CA THR C 572 11.52 22.45 -9.30
C THR C 572 12.19 23.28 -10.37
N THR C 573 12.36 22.72 -11.56
CA THR C 573 13.09 23.40 -12.60
C THR C 573 12.58 24.81 -12.75
N ASP C 574 13.49 25.76 -12.77
CA ASP C 574 13.00 27.11 -12.94
C ASP C 574 13.58 27.79 -14.15
N ALA C 575 14.74 28.39 -14.02
CA ALA C 575 15.29 29.08 -15.15
C ALA C 575 15.94 28.07 -16.05
N VAL C 576 16.06 28.39 -17.32
CA VAL C 576 16.92 27.62 -18.18
C VAL C 576 17.67 28.57 -19.07
N ARG C 577 18.63 28.02 -19.77
CA ARG C 577 19.39 28.83 -20.68
C ARG C 577 19.29 28.22 -22.05
N ASP C 578 18.94 29.04 -23.01
CA ASP C 578 18.67 28.54 -24.32
C ASP C 578 19.92 27.95 -24.91
N PRO C 579 19.97 26.64 -25.16
CA PRO C 579 21.23 26.04 -25.57
C PRO C 579 21.88 26.72 -26.74
N GLN C 580 21.12 27.02 -27.79
CA GLN C 580 21.71 27.72 -28.90
C GLN C 580 22.23 29.08 -28.49
N THR C 581 21.33 30.01 -28.26
CA THR C 581 21.75 31.34 -27.84
C THR C 581 21.58 31.49 -26.35
N LEU C 582 22.61 31.94 -25.69
CA LEU C 582 22.75 31.69 -24.27
C LEU C 582 22.08 32.81 -23.50
N GLU C 583 21.00 32.47 -22.82
CA GLU C 583 20.18 33.48 -22.21
C GLU C 583 19.31 32.83 -21.15
N ILE C 584 18.88 33.63 -20.21
CA ILE C 584 18.26 33.10 -19.02
C ILE C 584 16.76 33.25 -19.18
N LEU C 585 16.12 32.15 -19.44
CA LEU C 585 14.68 32.11 -19.55
C LEU C 585 14.12 31.71 -18.21
N ASP C 586 13.11 32.41 -17.73
CA ASP C 586 12.38 31.82 -16.65
C ASP C 586 11.57 30.65 -17.14
N ILE C 587 10.91 30.03 -16.20
CA ILE C 587 9.79 29.18 -16.42
C ILE C 587 8.78 29.58 -15.37
N THR C 588 7.64 29.02 -15.43
CA THR C 588 6.51 29.53 -14.69
C THR C 588 5.42 28.52 -14.93
N PRO C 589 4.71 28.15 -13.95
CA PRO C 589 3.71 27.12 -14.15
C PRO C 589 2.65 27.65 -15.08
N CYS C 590 1.66 26.84 -15.40
CA CYS C 590 0.75 27.33 -16.41
C CYS C 590 -0.27 28.27 -15.81
N SER C 591 -1.31 27.74 -15.17
CA SER C 591 -2.22 28.63 -14.48
C SER C 591 -2.83 28.07 -13.21
N PHE C 592 -3.52 26.96 -13.32
CA PHE C 592 -4.29 26.42 -12.21
C PHE C 592 -5.40 27.40 -11.88
N GLY C 593 -5.61 27.73 -10.63
CA GLY C 593 -6.79 28.43 -10.22
C GLY C 593 -7.86 27.40 -9.99
N GLY C 594 -8.73 27.65 -9.04
CA GLY C 594 -9.96 26.92 -8.96
C GLY C 594 -10.94 27.61 -9.83
N VAL C 595 -12.16 27.14 -9.81
CA VAL C 595 -13.22 27.86 -10.44
C VAL C 595 -14.33 27.94 -9.46
N SER C 596 -14.58 29.09 -8.94
CA SER C 596 -15.61 29.14 -7.93
C SER C 596 -16.82 29.73 -8.57
N VAL C 597 -17.98 29.31 -8.15
CA VAL C 597 -19.18 29.76 -8.80
C VAL C 597 -19.97 30.55 -7.82
N ILE C 598 -19.95 31.84 -7.93
CA ILE C 598 -20.71 32.63 -7.00
C ILE C 598 -22.16 32.54 -7.35
N THR C 599 -23.00 32.20 -6.40
CA THR C 599 -24.38 32.33 -6.71
C THR C 599 -25.23 32.86 -5.60
N PRO C 600 -26.16 33.73 -5.90
CA PRO C 600 -27.28 33.91 -5.00
C PRO C 600 -28.08 32.65 -5.11
N GLY C 601 -28.74 32.27 -4.03
CA GLY C 601 -29.37 30.96 -4.00
C GLY C 601 -30.26 30.79 -5.21
N THR C 602 -30.27 29.58 -5.77
CA THR C 602 -31.12 29.37 -6.92
C THR C 602 -32.54 29.78 -6.64
N ASN C 603 -32.92 29.80 -5.37
CA ASN C 603 -34.22 30.32 -5.04
C ASN C 603 -34.40 31.72 -5.56
N THR C 604 -33.36 32.53 -5.49
CA THR C 604 -33.46 33.87 -6.04
C THR C 604 -33.26 33.87 -7.55
N SER C 605 -32.04 33.69 -8.01
CA SER C 605 -31.79 33.78 -9.43
C SER C 605 -31.33 32.46 -9.97
N ASN C 606 -31.15 32.44 -11.28
CA ASN C 606 -30.30 31.49 -11.96
C ASN C 606 -28.99 32.08 -12.39
N GLN C 607 -28.73 33.32 -12.04
CA GLN C 607 -27.58 34.00 -12.57
C GLN C 607 -26.39 33.75 -11.66
N VAL C 608 -25.30 33.24 -12.22
CA VAL C 608 -24.13 32.97 -11.42
C VAL C 608 -23.04 33.85 -11.93
N ALA C 609 -22.07 34.13 -11.09
CA ALA C 609 -20.89 34.84 -11.52
C ALA C 609 -19.69 33.99 -11.22
N VAL C 610 -19.07 33.44 -12.24
CA VAL C 610 -17.91 32.62 -11.98
C VAL C 610 -16.81 33.48 -11.45
N LEU C 611 -15.94 32.86 -10.68
CA LEU C 611 -14.71 33.47 -10.20
C LEU C 611 -13.57 32.54 -10.52
N TYR C 612 -12.66 32.98 -11.34
CA TYR C 612 -11.47 32.20 -11.61
C TYR C 612 -10.43 32.63 -10.63
N GLN C 613 -10.07 31.77 -9.71
CA GLN C 613 -9.16 32.18 -8.67
C GLN C 613 -7.77 32.29 -9.21
N ASP C 614 -7.09 33.35 -8.85
CA ASP C 614 -5.66 33.37 -9.00
C ASP C 614 -5.24 33.23 -10.46
N VAL C 615 -5.79 34.08 -11.32
CA VAL C 615 -5.21 34.27 -12.64
C VAL C 615 -5.33 35.73 -12.97
N ASN C 616 -4.60 36.12 -13.99
CA ASN C 616 -4.73 37.45 -14.56
C ASN C 616 -5.71 37.35 -15.70
N CYS C 617 -6.57 38.35 -15.88
CA CYS C 617 -7.70 38.04 -16.73
C CYS C 617 -7.24 38.20 -18.15
N THR C 618 -6.78 37.09 -18.71
CA THR C 618 -6.67 36.95 -20.14
C THR C 618 -7.11 35.54 -20.46
N GLU C 619 -6.34 34.58 -19.95
CA GLU C 619 -6.37 33.20 -20.40
C GLU C 619 -7.76 32.61 -20.34
N VAL C 620 -8.65 33.24 -19.60
CA VAL C 620 -10.03 32.98 -19.74
C VAL C 620 -10.44 32.76 -21.18
N ASN C 641 -17.24 43.19 -19.29
CA ASN C 641 -17.78 42.70 -18.03
C ASN C 641 -16.93 41.63 -17.40
N VAL C 642 -15.75 42.05 -16.99
CA VAL C 642 -14.80 41.24 -16.26
C VAL C 642 -14.11 42.16 -15.29
N PHE C 643 -13.93 41.71 -14.08
CA PHE C 643 -13.37 42.57 -13.07
C PHE C 643 -12.21 41.85 -12.43
N GLN C 644 -10.99 42.25 -12.74
CA GLN C 644 -9.85 41.56 -12.17
C GLN C 644 -9.70 41.94 -10.72
N THR C 645 -9.51 40.93 -9.88
CA THR C 645 -9.56 41.15 -8.45
C THR C 645 -8.20 40.92 -7.84
N ARG C 646 -8.14 41.16 -6.56
CA ARG C 646 -7.03 40.62 -5.79
C ARG C 646 -7.14 39.12 -5.66
N ALA C 647 -8.34 38.59 -5.75
CA ALA C 647 -8.54 37.16 -5.58
C ALA C 647 -8.27 36.40 -6.85
N GLY C 648 -8.70 36.96 -7.97
CA GLY C 648 -8.68 36.23 -9.22
C GLY C 648 -9.56 36.94 -10.20
N CYS C 649 -9.82 36.28 -11.29
CA CYS C 649 -10.51 36.89 -12.40
C CYS C 649 -11.98 36.65 -12.23
N LEU C 650 -12.72 37.69 -11.96
CA LEU C 650 -14.13 37.52 -11.64
C LEU C 650 -14.96 37.83 -12.85
N ILE C 651 -15.76 36.88 -13.27
CA ILE C 651 -16.47 36.99 -14.53
C ILE C 651 -17.95 36.95 -14.27
N GLY C 652 -18.64 37.98 -14.67
CA GLY C 652 -20.05 37.94 -14.54
C GLY C 652 -20.59 38.72 -13.40
N ALA C 653 -19.82 39.62 -12.84
CA ALA C 653 -20.40 40.51 -11.88
C ALA C 653 -19.86 41.89 -12.10
N GLU C 654 -20.53 42.84 -11.49
CA GLU C 654 -20.42 44.22 -11.86
C GLU C 654 -19.75 44.96 -10.72
N HIS C 655 -18.54 45.40 -10.92
CA HIS C 655 -17.86 46.09 -9.85
C HIS C 655 -18.69 47.23 -9.36
N VAL C 656 -18.59 47.52 -8.09
CA VAL C 656 -19.37 48.61 -7.54
C VAL C 656 -18.49 49.44 -6.66
N ASN C 657 -18.27 50.68 -7.04
CA ASN C 657 -17.62 51.57 -6.13
C ASN C 657 -18.19 51.57 -4.74
N ASN C 658 -19.49 51.45 -4.59
CA ASN C 658 -20.07 51.48 -3.26
C ASN C 658 -19.59 50.29 -2.46
N SER C 659 -19.76 50.36 -1.16
CA SER C 659 -19.29 49.31 -0.27
C SER C 659 -20.35 49.00 0.76
N TYR C 660 -20.79 47.77 0.82
CA TYR C 660 -21.86 47.35 1.69
C TYR C 660 -21.37 46.22 2.56
N GLU C 661 -22.20 45.76 3.49
CA GLU C 661 -21.73 44.69 4.34
C GLU C 661 -21.53 43.43 3.54
N CYS C 662 -20.75 42.54 4.09
CA CYS C 662 -20.34 41.39 3.32
C CYS C 662 -21.48 40.42 3.18
N ASP C 663 -21.47 39.71 2.06
CA ASP C 663 -22.62 38.88 1.77
C ASP C 663 -22.19 37.49 1.35
N ILE C 664 -21.40 37.39 0.30
CA ILE C 664 -20.92 36.10 -0.16
C ILE C 664 -19.40 36.17 -0.27
N PRO C 665 -18.72 36.34 0.84
CA PRO C 665 -17.33 36.74 0.80
C PRO C 665 -16.53 35.88 -0.14
N ILE C 666 -15.72 36.54 -0.94
CA ILE C 666 -14.99 35.93 -2.02
C ILE C 666 -13.53 35.80 -1.70
N GLY C 667 -12.89 36.92 -1.47
CA GLY C 667 -11.49 36.90 -1.17
C GLY C 667 -11.04 38.32 -1.00
N ALA C 668 -9.97 38.48 -0.30
CA ALA C 668 -9.30 39.74 -0.25
C ALA C 668 -10.26 40.90 -0.07
N GLY C 669 -11.34 40.71 0.65
CA GLY C 669 -12.21 41.83 0.92
C GLY C 669 -13.30 42.09 -0.10
N ILE C 670 -13.48 41.20 -1.05
CA ILE C 670 -14.42 41.38 -2.14
C ILE C 670 -15.64 40.55 -1.85
N CYS C 671 -16.75 41.15 -1.50
CA CYS C 671 -17.92 40.38 -1.15
C CYS C 671 -18.99 40.59 -2.19
N ALA C 672 -19.26 39.57 -2.98
CA ALA C 672 -20.32 39.65 -3.97
C ALA C 672 -21.66 39.75 -3.28
N SER C 673 -22.66 40.26 -3.99
CA SER C 673 -24.04 40.11 -3.55
C SER C 673 -24.97 40.31 -4.73
N TYR C 674 -26.21 39.88 -4.55
CA TYR C 674 -27.08 39.68 -5.69
C TYR C 674 -27.80 40.92 -6.17
N GLN C 675 -28.17 41.80 -5.27
CA GLN C 675 -29.17 42.78 -5.62
C GLN C 675 -28.66 43.77 -6.65
N THR C 676 -29.59 44.46 -7.29
CA THR C 676 -29.30 45.80 -7.80
C THR C 676 -28.72 46.63 -6.67
N SER C 689 -33.43 43.53 -14.05
CA SER C 689 -32.52 44.59 -13.65
C SER C 689 -31.32 44.02 -12.93
N GLN C 690 -31.61 43.32 -11.84
CA GLN C 690 -30.59 42.94 -10.88
C GLN C 690 -29.53 42.06 -11.49
N SER C 691 -28.33 42.15 -10.92
CA SER C 691 -27.24 41.27 -11.26
C SER C 691 -26.34 41.17 -10.06
N ILE C 692 -25.33 40.32 -10.17
CA ILE C 692 -24.43 40.07 -9.06
C ILE C 692 -23.40 41.18 -9.02
N ILE C 693 -23.28 41.84 -7.90
CA ILE C 693 -22.31 42.90 -7.78
C ILE C 693 -21.22 42.45 -6.85
N ALA C 694 -20.01 42.90 -7.11
CA ALA C 694 -18.85 42.49 -6.34
C ALA C 694 -18.14 43.72 -5.88
N TYR C 695 -18.14 43.96 -4.60
CA TYR C 695 -17.73 45.26 -4.14
C TYR C 695 -16.90 45.08 -2.92
N THR C 696 -15.86 45.88 -2.78
CA THR C 696 -15.05 45.81 -1.59
C THR C 696 -15.90 45.97 -0.35
N MET C 697 -15.75 45.05 0.57
CA MET C 697 -16.67 44.99 1.69
C MET C 697 -16.36 46.08 2.68
N SER C 698 -17.37 46.44 3.42
CA SER C 698 -17.22 47.49 4.41
C SER C 698 -17.03 46.78 5.71
N LEU C 699 -15.82 46.81 6.23
CA LEU C 699 -15.71 46.33 7.58
C LEU C 699 -16.67 47.18 8.36
N GLY C 700 -17.66 46.55 8.92
CA GLY C 700 -18.55 47.31 9.70
C GLY C 700 -19.19 48.47 8.95
N ALA C 701 -19.82 49.31 9.76
CA ALA C 701 -20.52 50.50 9.31
C ALA C 701 -20.11 51.64 10.20
N GLU C 702 -19.47 52.65 9.64
CA GLU C 702 -18.60 53.49 10.42
C GLU C 702 -19.35 54.24 11.51
N ASN C 703 -18.61 54.65 12.52
CA ASN C 703 -19.08 55.49 13.61
C ASN C 703 -17.86 56.16 14.19
N SER C 704 -18.08 57.22 14.94
CA SER C 704 -17.00 57.78 15.74
C SER C 704 -17.66 58.35 16.95
N VAL C 705 -17.06 58.18 18.10
CA VAL C 705 -17.72 58.56 19.32
C VAL C 705 -17.25 59.94 19.66
N ALA C 706 -18.17 60.79 20.07
CA ALA C 706 -17.67 62.09 20.45
C ALA C 706 -17.06 61.92 21.81
N TYR C 707 -15.77 61.94 21.85
CA TYR C 707 -15.05 61.88 23.09
C TYR C 707 -14.90 63.29 23.54
N SER C 708 -15.07 63.55 24.81
CA SER C 708 -14.36 64.72 25.27
C SER C 708 -14.16 64.59 26.75
N ASN C 709 -13.01 65.07 27.17
CA ASN C 709 -12.48 64.69 28.44
C ASN C 709 -13.40 65.01 29.59
N ASN C 710 -14.44 65.79 29.40
CA ASN C 710 -15.39 65.89 30.48
C ASN C 710 -16.74 65.29 30.16
N SER C 711 -16.89 64.59 29.07
CA SER C 711 -18.23 64.28 28.60
C SER C 711 -18.57 62.83 28.70
N ILE C 712 -19.50 62.50 29.59
CA ILE C 712 -19.89 61.12 29.83
C ILE C 712 -21.29 60.90 29.35
N ALA C 713 -21.59 59.68 28.97
CA ALA C 713 -22.89 59.36 28.40
C ALA C 713 -23.44 58.12 29.05
N ILE C 714 -24.53 58.25 29.80
CA ILE C 714 -25.06 57.25 30.71
C ILE C 714 -26.40 56.75 30.23
N PRO C 715 -26.56 55.48 29.91
CA PRO C 715 -27.85 55.05 29.42
C PRO C 715 -28.91 55.30 30.44
N THR C 716 -30.07 55.73 29.97
CA THR C 716 -31.20 55.97 30.82
C THR C 716 -32.16 54.82 30.86
N ASN C 717 -32.01 53.86 29.98
CA ASN C 717 -33.06 52.89 29.83
C ASN C 717 -32.47 51.71 29.11
N PHE C 718 -33.11 50.59 29.25
CA PHE C 718 -32.42 49.41 28.88
C PHE C 718 -33.28 48.54 28.04
N THR C 719 -32.79 47.35 27.83
CA THR C 719 -33.62 46.41 27.16
C THR C 719 -33.44 45.13 27.92
N ILE C 720 -34.00 44.04 27.43
CA ILE C 720 -33.61 42.72 27.84
C ILE C 720 -33.56 41.93 26.57
N SER C 721 -32.43 41.53 26.13
CA SER C 721 -32.58 40.78 24.92
C SER C 721 -32.88 39.38 25.32
N VAL C 722 -32.84 38.49 24.35
CA VAL C 722 -32.68 37.07 24.54
C VAL C 722 -31.97 36.59 23.33
N THR C 723 -30.97 35.80 23.46
CA THR C 723 -30.32 35.39 22.26
C THR C 723 -30.34 33.91 22.26
N THR C 724 -29.54 33.34 21.44
CA THR C 724 -29.50 31.92 21.39
C THR C 724 -28.07 31.53 21.16
N GLU C 725 -27.71 30.37 21.66
CA GLU C 725 -26.38 29.92 21.43
C GLU C 725 -26.44 28.44 21.34
N ILE C 726 -25.82 27.86 20.37
CA ILE C 726 -26.19 26.52 20.01
C ILE C 726 -24.95 25.70 19.89
N LEU C 727 -24.80 24.75 20.75
CA LEU C 727 -23.53 24.12 20.76
C LEU C 727 -23.76 22.69 20.40
N PRO C 728 -22.90 22.07 19.65
CA PRO C 728 -22.99 20.64 19.56
C PRO C 728 -22.65 20.14 20.90
N VAL C 729 -22.99 18.92 21.19
CA VAL C 729 -22.58 18.35 22.45
C VAL C 729 -22.10 16.96 22.23
N SER C 730 -22.93 16.12 21.74
CA SER C 730 -22.41 14.83 21.44
C SER C 730 -22.44 14.68 19.96
N MET C 731 -22.09 13.53 19.49
CA MET C 731 -22.22 13.25 18.10
C MET C 731 -22.64 11.82 18.00
N THR C 732 -23.15 11.44 16.86
CA THR C 732 -23.77 10.14 16.80
C THR C 732 -22.73 9.08 16.97
N LYS C 733 -22.97 8.15 17.87
CA LYS C 733 -21.93 7.25 18.30
C LYS C 733 -21.95 6.11 17.34
N THR C 734 -21.04 6.03 16.45
CA THR C 734 -21.24 4.84 15.69
C THR C 734 -20.36 3.81 16.27
N SER C 735 -20.29 2.69 15.61
CA SER C 735 -19.26 1.73 15.86
C SER C 735 -19.20 0.90 14.63
N VAL C 736 -18.05 0.33 14.38
CA VAL C 736 -17.87 -0.34 13.12
C VAL C 736 -17.13 -1.63 13.34
N ASP C 737 -17.76 -2.72 13.01
CA ASP C 737 -17.03 -3.94 12.77
C ASP C 737 -15.91 -3.65 11.83
N CYS C 738 -14.70 -3.97 12.23
CA CYS C 738 -13.64 -3.93 11.26
C CYS C 738 -13.82 -5.05 10.25
N THR C 739 -14.04 -6.26 10.74
CA THR C 739 -13.98 -7.40 9.85
C THR C 739 -14.99 -7.32 8.72
N MET C 740 -16.26 -7.51 9.04
CA MET C 740 -17.16 -7.72 7.93
C MET C 740 -17.22 -6.52 7.04
N TYR C 741 -16.99 -5.34 7.59
CA TYR C 741 -16.78 -4.23 6.70
C TYR C 741 -15.76 -4.62 5.69
N ILE C 742 -14.61 -5.03 6.14
CA ILE C 742 -13.57 -5.33 5.19
C ILE C 742 -13.91 -6.61 4.47
N CYS C 743 -13.92 -7.71 5.19
CA CYS C 743 -14.18 -8.99 4.58
C CYS C 743 -15.66 -9.29 4.71
N GLY C 744 -16.38 -9.23 3.60
CA GLY C 744 -17.66 -9.89 3.55
C GLY C 744 -17.42 -11.38 3.50
N ASP C 745 -17.94 -12.11 4.49
CA ASP C 745 -18.22 -13.54 4.33
C ASP C 745 -17.10 -14.29 3.64
N SER C 746 -15.87 -13.89 3.86
CA SER C 746 -14.77 -14.69 3.35
C SER C 746 -13.79 -14.91 4.48
N THR C 747 -13.72 -16.14 4.97
CA THR C 747 -12.60 -16.48 5.80
C THR C 747 -11.32 -16.22 5.04
N GLU C 748 -11.30 -16.65 3.78
CA GLU C 748 -10.16 -16.44 2.91
C GLU C 748 -9.71 -15.00 3.00
N CYS C 749 -10.65 -14.08 2.83
CA CYS C 749 -10.38 -12.70 3.18
C CYS C 749 -9.97 -12.62 4.63
N SER C 750 -10.90 -12.93 5.54
CA SER C 750 -10.61 -12.75 6.95
C SER C 750 -9.29 -13.36 7.35
N ASN C 751 -8.92 -14.47 6.72
CA ASN C 751 -7.60 -15.03 6.95
C ASN C 751 -6.52 -14.02 6.58
N LEU C 752 -6.53 -13.53 5.35
CA LEU C 752 -5.62 -12.46 5.00
C LEU C 752 -5.63 -11.39 6.06
N LEU C 753 -6.82 -10.95 6.42
CA LEU C 753 -6.93 -9.89 7.41
C LEU C 753 -6.26 -10.27 8.71
N LEU C 754 -6.14 -11.56 9.01
CA LEU C 754 -5.42 -11.95 10.22
C LEU C 754 -4.03 -11.38 10.22
N GLN C 755 -3.45 -11.25 9.03
CA GLN C 755 -2.05 -10.87 8.95
C GLN C 755 -1.82 -9.50 9.55
N TYR C 756 -2.50 -8.49 9.05
CA TYR C 756 -2.33 -7.16 9.60
C TYR C 756 -2.55 -7.15 11.09
N GLY C 757 -3.30 -8.11 11.60
CA GLY C 757 -3.40 -8.24 13.02
C GLY C 757 -4.15 -7.12 13.68
N SER C 758 -3.46 -6.44 14.58
CA SER C 758 -4.08 -5.56 15.55
C SER C 758 -5.00 -4.52 14.96
N PHE C 759 -4.80 -4.15 13.69
CA PHE C 759 -5.66 -3.14 13.08
C PHE C 759 -7.10 -3.39 13.42
N CYS C 760 -7.63 -4.45 12.87
CA CYS C 760 -9.04 -4.74 13.07
C CYS C 760 -9.41 -4.53 14.53
N THR C 761 -8.54 -4.88 15.45
CA THR C 761 -8.97 -4.70 16.81
C THR C 761 -8.53 -3.40 17.41
N GLN C 762 -7.73 -2.62 16.75
CA GLN C 762 -7.52 -1.33 17.33
C GLN C 762 -8.35 -0.26 16.71
N LEU C 763 -9.05 -0.55 15.63
CA LEU C 763 -10.07 0.40 15.30
C LEU C 763 -11.05 0.35 16.43
N ASN C 764 -11.71 -0.78 16.57
CA ASN C 764 -12.76 -0.87 17.56
C ASN C 764 -12.33 -0.31 18.88
N ARG C 765 -11.07 -0.39 19.21
CA ARG C 765 -10.64 0.31 20.39
C ARG C 765 -10.82 1.80 20.22
N ALA C 766 -10.41 2.34 19.08
CA ALA C 766 -10.61 3.75 18.87
C ALA C 766 -12.08 4.06 18.92
N LEU C 767 -12.81 3.59 17.91
CA LEU C 767 -14.21 3.94 17.79
C LEU C 767 -15.00 3.64 19.03
N THR C 768 -14.50 2.82 19.90
CA THR C 768 -15.17 2.80 21.17
C THR C 768 -14.75 3.98 22.00
N GLY C 769 -13.47 4.25 22.05
CA GLY C 769 -13.01 5.34 22.88
C GLY C 769 -13.82 6.58 22.66
N ILE C 770 -14.14 6.87 21.41
CA ILE C 770 -15.10 7.91 21.10
C ILE C 770 -16.39 7.56 21.77
N ALA C 771 -17.03 6.55 21.22
CA ALA C 771 -18.39 6.27 21.56
C ALA C 771 -18.59 6.18 23.04
N VAL C 772 -17.56 5.87 23.80
CA VAL C 772 -17.72 5.96 25.23
C VAL C 772 -17.92 7.38 25.64
N GLU C 773 -17.00 8.24 25.28
CA GLU C 773 -17.09 9.55 25.86
C GLU C 773 -18.31 10.26 25.36
N GLN C 774 -18.75 9.99 24.15
CA GLN C 774 -19.88 10.71 23.63
C GLN C 774 -20.99 10.71 24.61
N ASP C 775 -20.98 9.77 25.52
CA ASP C 775 -21.93 9.74 26.59
C ASP C 775 -21.33 10.25 27.87
N LYS C 776 -20.08 10.61 27.87
CA LYS C 776 -19.56 11.39 28.96
C LYS C 776 -19.81 12.86 28.75
N ASN C 777 -19.71 13.31 27.52
CA ASN C 777 -20.09 14.67 27.22
C ASN C 777 -21.46 14.92 27.74
N THR C 778 -22.44 14.26 27.17
CA THR C 778 -23.80 14.48 27.56
C THR C 778 -23.99 14.30 29.02
N GLN C 779 -23.12 13.54 29.65
CA GLN C 779 -23.25 13.40 31.07
C GLN C 779 -22.94 14.70 31.74
N GLU C 780 -21.86 15.34 31.33
CA GLU C 780 -21.35 16.52 32.00
C GLU C 780 -22.13 17.74 31.69
N VAL C 781 -22.51 17.87 30.45
CA VAL C 781 -23.29 19.02 30.08
C VAL C 781 -24.51 19.08 30.93
N PHE C 782 -25.37 18.09 30.78
CA PHE C 782 -26.67 18.11 31.40
C PHE C 782 -26.62 17.68 32.84
N ALA C 783 -26.00 16.56 33.16
CA ALA C 783 -26.21 16.11 34.52
C ALA C 783 -25.18 16.76 35.37
N GLN C 784 -25.50 17.96 35.75
CA GLN C 784 -24.82 18.64 36.81
C GLN C 784 -25.70 18.74 38.00
N VAL C 785 -26.91 18.28 37.87
CA VAL C 785 -27.89 18.53 38.86
C VAL C 785 -28.05 17.24 39.65
N LYS C 786 -27.87 17.37 40.94
CA LYS C 786 -28.20 16.35 41.89
C LYS C 786 -29.55 15.69 41.63
N GLN C 787 -30.62 16.43 41.83
CA GLN C 787 -31.95 15.88 42.02
C GLN C 787 -32.88 16.47 41.00
N ILE C 788 -33.52 15.65 40.21
CA ILE C 788 -34.43 16.22 39.25
C ILE C 788 -35.43 17.05 39.98
N TYR C 789 -35.52 18.32 39.66
CA TYR C 789 -36.46 19.19 40.32
C TYR C 789 -37.74 19.20 39.54
N LYS C 790 -38.70 20.01 39.96
CA LYS C 790 -39.72 20.39 39.03
C LYS C 790 -40.40 21.63 39.57
N THR C 791 -41.03 22.35 38.68
CA THR C 791 -41.59 23.62 39.00
C THR C 791 -42.69 23.39 39.98
N PRO C 792 -43.16 24.42 40.65
CA PRO C 792 -44.35 24.28 41.42
C PRO C 792 -45.50 23.99 40.49
N PRO C 793 -46.64 23.56 41.01
CA PRO C 793 -47.80 23.39 40.14
C PRO C 793 -48.16 24.67 39.44
N ILE C 794 -48.23 25.76 40.17
CA ILE C 794 -48.80 27.01 39.69
C ILE C 794 -47.68 27.99 39.39
N LYS C 795 -47.81 28.72 38.30
CA LYS C 795 -46.75 29.61 37.86
C LYS C 795 -47.09 31.01 38.30
N ASP C 796 -46.46 31.45 39.38
CA ASP C 796 -46.50 32.84 39.81
C ASP C 796 -45.08 33.35 39.83
N PHE C 797 -44.64 33.92 38.74
CA PHE C 797 -43.27 34.36 38.65
C PHE C 797 -43.11 35.85 38.72
N GLY C 798 -44.10 36.56 39.18
CA GLY C 798 -43.91 37.97 39.15
C GLY C 798 -44.07 38.51 37.78
N GLY C 799 -44.58 37.72 36.86
CA GLY C 799 -44.95 38.20 35.56
C GLY C 799 -44.11 37.66 34.44
N PHE C 800 -43.04 36.99 34.69
CA PHE C 800 -42.29 36.50 33.57
C PHE C 800 -43.07 35.29 33.17
N ASN C 801 -42.99 34.89 31.94
CA ASN C 801 -43.85 33.82 31.51
C ASN C 801 -43.02 32.78 30.82
N PHE C 802 -42.88 31.64 31.44
CA PHE C 802 -41.98 30.68 30.88
C PHE C 802 -42.67 29.62 30.09
N SER C 803 -43.99 29.65 30.01
CA SER C 803 -44.69 28.49 29.48
C SER C 803 -44.06 28.02 28.20
N GLN C 804 -43.43 28.91 27.49
CA GLN C 804 -42.69 28.50 26.32
C GLN C 804 -41.70 27.42 26.66
N ILE C 805 -40.82 27.72 27.61
CA ILE C 805 -39.72 26.82 27.94
C ILE C 805 -40.02 25.74 28.97
N LEU C 806 -40.86 25.97 29.89
CA LEU C 806 -41.02 24.91 30.86
C LEU C 806 -41.75 23.73 30.29
N PRO C 807 -41.45 22.52 30.71
CA PRO C 807 -41.85 21.35 29.96
C PRO C 807 -43.33 21.38 29.69
N ASP C 808 -43.71 20.80 28.59
CA ASP C 808 -45.07 20.87 28.13
C ASP C 808 -45.81 19.65 28.63
N PRO C 809 -46.65 19.79 29.64
CA PRO C 809 -47.17 18.61 30.32
C PRO C 809 -48.03 17.75 29.41
N SER C 810 -48.70 18.35 28.45
CA SER C 810 -49.59 17.62 27.59
C SER C 810 -48.90 17.01 26.38
N LYS C 811 -47.61 17.28 26.20
CA LYS C 811 -46.82 16.46 25.32
C LYS C 811 -46.65 15.07 25.91
N PRO C 812 -46.52 14.08 25.10
CA PRO C 812 -46.25 12.75 25.63
C PRO C 812 -44.88 12.66 26.29
N SER C 813 -43.85 13.03 25.53
CA SER C 813 -42.53 13.30 26.06
C SER C 813 -42.48 14.77 26.34
N LYS C 814 -42.14 15.15 27.54
CA LYS C 814 -42.44 16.52 27.85
C LYS C 814 -41.22 17.30 27.43
N ARG C 815 -41.29 17.86 26.24
CA ARG C 815 -40.27 18.70 25.70
C ARG C 815 -40.96 20.00 25.47
N SER C 816 -40.60 20.99 26.25
CA SER C 816 -41.41 22.18 26.21
C SER C 816 -41.32 22.82 24.86
N PHE C 817 -42.26 23.70 24.62
CA PHE C 817 -42.57 24.11 23.28
C PHE C 817 -41.34 24.34 22.48
N ILE C 818 -40.55 25.34 22.87
CA ILE C 818 -39.37 25.68 22.11
C ILE C 818 -38.56 24.47 21.77
N GLU C 819 -38.41 23.54 22.70
CA GLU C 819 -37.54 22.46 22.36
C GLU C 819 -38.08 21.75 21.16
N ASP C 820 -39.38 21.79 20.95
CA ASP C 820 -39.94 21.04 19.83
C ASP C 820 -39.71 21.73 18.52
N LEU C 821 -39.69 23.05 18.50
CA LEU C 821 -39.30 23.68 17.27
C LEU C 821 -37.97 23.10 16.86
N LEU C 822 -37.09 22.91 17.82
CA LEU C 822 -35.76 22.45 17.52
C LEU C 822 -35.81 21.06 16.92
N PHE C 823 -36.46 20.13 17.60
CA PHE C 823 -36.44 18.78 17.08
C PHE C 823 -37.04 18.68 15.71
N ASN C 824 -37.83 19.65 15.30
CA ASN C 824 -38.24 19.64 13.92
C ASN C 824 -37.20 20.28 13.03
N LYS C 825 -36.61 21.39 13.47
CA LYS C 825 -35.70 22.11 12.60
C LYS C 825 -34.47 21.30 12.27
N VAL C 826 -34.32 20.14 12.87
CA VAL C 826 -33.17 19.30 12.59
C VAL C 826 -33.68 17.96 12.08
N THR C 827 -32.85 17.31 11.27
CA THR C 827 -33.17 16.00 10.75
C THR C 827 -32.31 14.92 11.38
N LEU C 849 -32.87 5.71 6.52
CA LEU C 849 -31.56 6.40 6.45
C LEU C 849 -30.67 5.94 7.61
N ILE C 850 -31.26 5.80 8.80
CA ILE C 850 -30.50 5.35 10.01
C ILE C 850 -29.94 3.94 9.75
N CYS C 851 -30.75 3.06 9.14
CA CYS C 851 -30.32 1.68 8.84
C CYS C 851 -29.76 1.61 7.41
N ALA C 852 -29.84 2.72 6.67
CA ALA C 852 -29.33 2.78 5.28
C ALA C 852 -27.81 2.65 5.28
N GLN C 853 -27.16 3.21 6.31
CA GLN C 853 -25.68 3.15 6.44
C GLN C 853 -25.30 2.00 7.37
N LYS C 854 -26.28 1.15 7.72
CA LYS C 854 -26.05 -0.01 8.62
C LYS C 854 -25.93 -1.29 7.77
N PHE C 855 -25.51 -1.14 6.51
CA PHE C 855 -25.35 -2.29 5.59
C PHE C 855 -23.86 -2.57 5.34
N ASN C 856 -23.18 -3.15 6.33
CA ASN C 856 -21.74 -3.46 6.17
C ASN C 856 -21.05 -3.47 7.54
N GLY C 857 -21.83 -3.61 8.61
CA GLY C 857 -21.28 -3.63 9.98
C GLY C 857 -21.28 -2.25 10.61
N LEU C 858 -21.58 -1.21 9.82
CA LEU C 858 -21.62 0.18 10.34
C LEU C 858 -22.86 0.35 11.21
N THR C 859 -22.77 -0.05 12.49
CA THR C 859 -23.92 0.06 13.42
C THR C 859 -23.94 1.47 14.03
N VAL C 860 -25.01 1.80 14.76
CA VAL C 860 -25.14 3.14 15.41
C VAL C 860 -25.69 2.93 16.83
N LEU C 861 -24.80 2.61 17.77
CA LEU C 861 -25.19 2.37 19.19
C LEU C 861 -26.04 3.54 19.69
N PRO C 862 -27.21 3.30 20.33
CA PRO C 862 -28.06 4.38 20.84
C PRO C 862 -27.36 5.10 21.99
N PRO C 863 -27.57 6.43 22.16
CA PRO C 863 -26.91 7.18 23.24
C PRO C 863 -27.40 6.71 24.62
N LEU C 864 -26.49 6.65 25.59
CA LEU C 864 -26.84 6.22 26.98
C LEU C 864 -28.04 7.04 27.45
N LEU C 865 -27.95 8.36 27.36
CA LEU C 865 -29.07 9.26 27.75
C LEU C 865 -30.03 9.34 26.57
N THR C 866 -31.34 9.23 26.83
CA THR C 866 -32.33 9.25 25.79
C THR C 866 -32.98 10.60 25.71
N ASP C 867 -33.26 11.01 24.50
CA ASP C 867 -33.78 12.33 24.29
C ASP C 867 -34.96 12.59 25.17
N GLU C 868 -35.54 11.57 25.74
CA GLU C 868 -36.54 11.81 26.76
C GLU C 868 -35.90 12.20 28.08
N MET C 869 -34.78 11.61 28.43
CA MET C 869 -34.20 11.97 29.71
C MET C 869 -33.60 13.34 29.63
N ILE C 870 -32.82 13.56 28.60
CA ILE C 870 -32.10 14.80 28.40
C ILE C 870 -33.07 15.89 28.72
N ALA C 871 -34.27 15.72 28.29
CA ALA C 871 -35.27 16.72 28.55
C ALA C 871 -35.87 16.61 29.91
N GLN C 872 -35.49 15.66 30.74
CA GLN C 872 -35.83 15.87 32.13
C GLN C 872 -34.82 16.75 32.79
N TYR C 873 -33.55 16.48 32.57
CA TYR C 873 -32.54 17.32 33.15
C TYR C 873 -32.84 18.74 32.82
N THR C 874 -32.78 19.09 31.57
CA THR C 874 -32.95 20.48 31.23
C THR C 874 -34.31 20.93 31.68
N SER C 875 -35.12 20.05 32.18
CA SER C 875 -36.22 20.58 32.95
C SER C 875 -35.82 20.85 34.38
N ALA C 876 -34.96 20.06 34.95
CA ALA C 876 -34.45 20.42 36.27
C ALA C 876 -33.75 21.75 36.21
N LEU C 877 -32.64 21.78 35.52
CA LEU C 877 -31.75 22.92 35.45
C LEU C 877 -32.60 24.13 35.29
N LEU C 878 -33.58 23.98 34.50
CA LEU C 878 -34.46 25.07 34.22
C LEU C 878 -35.53 25.22 35.23
N ALA C 879 -35.77 24.25 36.06
CA ALA C 879 -36.68 24.55 37.13
C ALA C 879 -35.97 24.84 38.42
N GLY C 880 -34.68 24.66 38.48
CA GLY C 880 -34.05 25.07 39.69
C GLY C 880 -33.63 26.48 39.46
N THR C 881 -33.30 26.79 38.22
CA THR C 881 -32.89 28.14 37.91
C THR C 881 -33.97 29.09 38.28
N ILE C 882 -35.19 28.68 38.06
CA ILE C 882 -36.31 29.56 38.21
C ILE C 882 -36.64 29.76 39.66
N THR C 883 -36.86 28.69 40.39
CA THR C 883 -37.24 28.85 41.77
C THR C 883 -36.06 29.15 42.67
N SER C 884 -35.05 28.33 42.59
CA SER C 884 -34.02 28.25 43.58
C SER C 884 -32.94 29.26 43.40
N GLY C 885 -33.05 30.13 42.45
CA GLY C 885 -31.92 31.00 42.20
C GLY C 885 -30.83 30.18 41.55
N TRP C 886 -29.60 30.64 41.71
CA TRP C 886 -28.50 29.83 41.28
C TRP C 886 -28.12 28.79 42.29
N THR C 887 -28.46 28.98 43.53
CA THR C 887 -27.79 28.22 44.55
C THR C 887 -27.96 26.77 44.36
N PHE C 888 -28.74 26.33 43.43
CA PHE C 888 -28.82 24.91 43.47
C PHE C 888 -27.59 24.28 42.92
N GLY C 889 -26.65 25.05 42.43
CA GLY C 889 -25.43 24.43 41.98
C GLY C 889 -24.45 24.32 43.13
N ALA C 890 -24.61 25.21 44.07
CA ALA C 890 -23.74 25.32 45.23
C ALA C 890 -24.26 24.56 46.43
N GLY C 891 -25.28 23.77 46.29
CA GLY C 891 -25.76 23.19 47.52
C GLY C 891 -27.21 22.83 47.42
N ALA C 892 -27.87 22.83 48.57
CA ALA C 892 -29.28 22.52 48.57
C ALA C 892 -30.03 23.64 47.90
N ALA C 893 -30.86 23.30 46.93
CA ALA C 893 -31.63 24.32 46.27
C ALA C 893 -32.38 25.11 47.31
N LEU C 894 -32.52 26.39 47.08
CA LEU C 894 -33.18 27.24 48.05
C LEU C 894 -34.26 28.03 47.36
N GLN C 895 -35.50 27.81 47.69
CA GLN C 895 -36.49 28.62 47.04
C GLN C 895 -36.21 30.07 47.35
N ILE C 896 -36.34 30.89 46.34
CA ILE C 896 -36.30 32.32 46.48
C ILE C 896 -37.23 32.89 45.42
N PRO C 897 -38.01 33.89 45.70
CA PRO C 897 -39.04 34.26 44.77
C PRO C 897 -38.41 34.90 43.59
N PHE C 898 -38.82 34.51 42.40
CA PHE C 898 -38.10 34.94 41.22
C PHE C 898 -37.77 36.42 41.24
N ALA C 899 -38.74 37.27 41.16
CA ALA C 899 -38.38 38.67 41.12
C ALA C 899 -37.57 39.12 42.31
N MET C 900 -37.38 38.30 43.30
CA MET C 900 -36.31 38.59 44.22
C MET C 900 -35.07 37.88 43.87
N GLN C 901 -35.06 37.21 42.75
CA GLN C 901 -33.83 36.76 42.15
C GLN C 901 -33.37 37.78 41.13
N MET C 902 -34.14 38.00 40.10
CA MET C 902 -33.71 38.98 39.13
C MET C 902 -33.39 40.28 39.83
N ALA C 903 -33.61 40.39 41.11
CA ALA C 903 -33.01 41.52 41.73
C ALA C 903 -31.56 41.26 41.98
N TYR C 904 -31.18 40.03 42.22
CA TYR C 904 -29.75 39.80 42.37
C TYR C 904 -29.11 39.71 41.05
N ARG C 905 -29.65 38.93 40.17
CA ARG C 905 -28.95 38.86 38.94
C ARG C 905 -28.82 40.20 38.32
N PHE C 906 -29.39 41.25 38.88
CA PHE C 906 -28.94 42.58 38.50
C PHE C 906 -27.64 42.94 39.19
N ASN C 907 -27.63 43.08 40.49
CA ASN C 907 -26.42 43.62 41.08
C ASN C 907 -25.22 43.01 40.43
N GLY C 908 -25.30 41.75 40.13
CA GLY C 908 -24.25 41.13 39.41
C GLY C 908 -23.78 41.91 38.20
N ILE C 909 -24.67 42.64 37.55
CA ILE C 909 -24.25 43.53 36.48
C ILE C 909 -24.15 44.96 36.92
N GLY C 910 -24.22 45.20 38.20
CA GLY C 910 -23.93 46.55 38.60
C GLY C 910 -25.03 47.54 38.37
N VAL C 911 -26.25 47.08 38.22
CA VAL C 911 -27.41 47.93 38.32
C VAL C 911 -27.99 47.74 39.68
N THR C 912 -28.13 48.79 40.43
CA THR C 912 -28.82 48.65 41.68
C THR C 912 -30.16 48.01 41.47
N GLN C 913 -30.63 47.25 42.45
CA GLN C 913 -31.85 46.49 42.30
C GLN C 913 -33.06 47.38 42.31
N ASN C 914 -33.04 48.50 43.00
CA ASN C 914 -34.25 49.29 43.01
C ASN C 914 -34.68 49.61 41.62
N VAL C 915 -33.80 49.51 40.65
CA VAL C 915 -34.28 49.45 39.29
C VAL C 915 -35.36 48.41 39.19
N LEU C 916 -35.00 47.15 39.34
CA LEU C 916 -35.91 46.09 38.98
C LEU C 916 -37.30 46.31 39.51
N TYR C 917 -37.47 46.21 40.82
CA TYR C 917 -38.81 46.35 41.39
C TYR C 917 -39.50 47.54 40.84
N GLU C 918 -38.79 48.63 40.68
CA GLU C 918 -39.53 49.75 40.19
C GLU C 918 -39.90 49.59 38.75
N ASN C 919 -39.22 48.76 38.00
CA ASN C 919 -39.62 48.55 36.63
C ASN C 919 -40.26 47.23 36.38
N GLN C 920 -40.56 46.46 37.41
CA GLN C 920 -40.76 45.05 37.19
C GLN C 920 -41.68 44.78 36.02
N LYS C 921 -42.85 45.41 36.01
CA LYS C 921 -43.82 45.14 34.97
C LYS C 921 -43.20 45.21 33.61
N LEU C 922 -42.59 46.34 33.31
CA LEU C 922 -41.94 46.53 32.04
C LEU C 922 -41.05 45.35 31.72
N ILE C 923 -40.15 45.03 32.61
CA ILE C 923 -39.17 44.02 32.29
C ILE C 923 -39.86 42.75 31.90
N ALA C 924 -40.84 42.35 32.70
CA ALA C 924 -41.56 41.15 32.38
C ALA C 924 -41.99 41.17 30.93
N ASN C 925 -42.63 42.26 30.51
CA ASN C 925 -43.05 42.32 29.13
C ASN C 925 -41.87 42.18 28.21
N GLN C 926 -40.88 43.03 28.36
CA GLN C 926 -39.68 42.86 27.57
C GLN C 926 -39.22 41.44 27.59
N PHE C 927 -39.28 40.81 28.72
CA PHE C 927 -38.79 39.47 28.65
C PHE C 927 -39.82 38.59 28.00
N ASN C 928 -41.08 38.70 28.38
CA ASN C 928 -42.09 37.85 27.76
C ASN C 928 -42.08 38.00 26.25
N SER C 929 -42.14 39.24 25.79
CA SER C 929 -42.00 39.48 24.37
C SER C 929 -40.76 38.82 23.83
N ALA C 930 -39.62 39.14 24.42
CA ALA C 930 -38.35 38.65 23.93
C ALA C 930 -38.37 37.18 23.70
N ILE C 931 -38.93 36.43 24.63
CA ILE C 931 -39.07 35.00 24.40
C ILE C 931 -39.73 34.78 23.07
N GLY C 932 -40.85 35.46 22.84
CA GLY C 932 -41.65 35.14 21.69
C GLY C 932 -40.84 35.07 20.43
N LYS C 933 -40.09 36.12 20.16
CA LYS C 933 -39.36 36.19 18.91
C LYS C 933 -38.56 34.95 18.67
N ILE C 934 -38.14 34.28 19.72
CA ILE C 934 -37.28 33.14 19.51
C ILE C 934 -38.00 32.11 18.68
N GLN C 935 -39.23 31.82 19.06
CA GLN C 935 -40.05 30.91 18.28
C GLN C 935 -39.97 31.26 16.82
N ASP C 936 -40.11 32.54 16.54
CA ASP C 936 -40.13 33.00 15.18
C ASP C 936 -38.75 32.90 14.59
N SER C 937 -37.75 33.39 15.31
CA SER C 937 -36.39 33.21 14.85
C SER C 937 -36.13 31.76 14.49
N LEU C 938 -36.67 30.85 15.28
CA LEU C 938 -36.47 29.45 14.99
C LEU C 938 -37.43 28.96 13.92
N SER C 939 -38.70 29.37 14.00
CA SER C 939 -39.70 28.83 13.08
C SER C 939 -39.41 29.21 11.65
N SER C 940 -39.14 30.49 11.42
CA SER C 940 -39.03 31.04 10.08
C SER C 940 -37.65 30.85 9.47
N THR C 941 -36.76 30.16 10.15
CA THR C 941 -35.37 30.11 9.74
C THR C 941 -34.83 28.71 9.97
N ALA C 942 -34.20 28.15 8.96
CA ALA C 942 -33.43 26.93 9.13
C ALA C 942 -31.95 27.19 9.41
N SER C 943 -31.51 28.43 9.30
CA SER C 943 -30.10 28.80 9.37
C SER C 943 -29.66 29.21 10.77
N ALA C 944 -30.52 29.11 11.76
CA ALA C 944 -30.07 29.28 13.13
C ALA C 944 -29.28 28.06 13.59
N LEU C 945 -29.77 26.87 13.29
CA LEU C 945 -29.21 25.65 13.84
C LEU C 945 -28.10 25.10 12.99
N GLY C 946 -27.54 25.88 12.12
CA GLY C 946 -26.56 25.35 11.22
C GLY C 946 -25.58 24.45 11.93
N LYS C 947 -25.10 24.88 13.09
CA LYS C 947 -24.08 24.11 13.77
C LYS C 947 -24.54 22.69 13.98
N LEU C 948 -25.52 22.52 14.86
CA LEU C 948 -26.10 21.21 15.06
C LEU C 948 -26.37 20.58 13.73
N GLN C 949 -27.06 21.30 12.88
CA GLN C 949 -27.40 20.72 11.61
C GLN C 949 -26.17 20.26 10.88
N ASP C 950 -25.06 20.91 11.12
CA ASP C 950 -23.90 20.51 10.37
C ASP C 950 -23.33 19.21 10.88
N VAL C 951 -23.05 19.16 12.17
CA VAL C 951 -22.45 17.97 12.75
C VAL C 951 -23.17 16.78 12.20
N VAL C 952 -24.48 16.83 12.24
CA VAL C 952 -25.24 15.70 11.81
C VAL C 952 -24.91 15.35 10.39
N ASN C 953 -24.66 16.35 9.56
CA ASN C 953 -24.22 16.03 8.22
C ASN C 953 -22.88 15.34 8.25
N GLN C 954 -21.87 16.04 8.74
CA GLN C 954 -20.51 15.60 8.51
C GLN C 954 -20.35 14.17 8.90
N ASN C 955 -21.01 13.77 9.96
CA ASN C 955 -21.01 12.37 10.29
C ASN C 955 -21.56 11.61 9.11
N ALA C 956 -22.85 11.74 8.91
CA ALA C 956 -23.51 11.02 7.85
C ALA C 956 -22.77 11.22 6.55
N GLN C 957 -22.41 12.44 6.27
CA GLN C 957 -21.52 12.68 5.17
C GLN C 957 -20.34 11.75 5.17
N ALA C 958 -19.77 11.49 6.33
CA ALA C 958 -18.56 10.70 6.31
C ALA C 958 -18.87 9.23 6.25
N LEU C 959 -20.05 8.83 6.67
CA LEU C 959 -20.41 7.44 6.48
C LEU C 959 -20.52 7.12 5.01
N ASN C 960 -21.38 7.84 4.31
CA ASN C 960 -21.62 7.47 2.94
C ASN C 960 -20.31 7.26 2.24
N THR C 961 -19.42 8.22 2.39
CA THR C 961 -18.09 8.03 1.88
C THR C 961 -17.55 6.71 2.29
N LEU C 962 -17.61 6.41 3.57
CA LEU C 962 -17.06 5.15 4.00
C LEU C 962 -17.72 4.01 3.26
N VAL C 963 -19.03 4.08 3.10
CA VAL C 963 -19.71 3.01 2.40
C VAL C 963 -19.27 2.94 0.97
N LYS C 964 -19.40 4.04 0.25
CA LYS C 964 -19.07 4.02 -1.16
C LYS C 964 -17.75 3.36 -1.39
N GLN C 965 -16.82 3.54 -0.48
CA GLN C 965 -15.55 2.89 -0.63
C GLN C 965 -15.71 1.41 -0.85
N LEU C 966 -16.79 0.82 -0.37
CA LEU C 966 -16.96 -0.59 -0.66
C LEU C 966 -17.01 -0.85 -2.15
N SER C 967 -17.57 0.06 -2.91
CA SER C 967 -17.80 -0.22 -4.30
C SER C 967 -16.59 0.09 -5.16
N SER C 968 -15.47 0.42 -4.58
CA SER C 968 -14.36 0.88 -5.38
C SER C 968 -13.30 -0.19 -5.50
N ASN C 969 -12.63 -0.18 -6.64
CA ASN C 969 -11.76 -1.29 -6.96
C ASN C 969 -10.47 -1.23 -6.21
N PHE C 970 -9.97 -0.05 -5.93
CA PHE C 970 -8.63 0.09 -5.40
C PHE C 970 -7.65 -0.67 -6.25
N GLY C 971 -7.93 -0.76 -7.53
CA GLY C 971 -7.08 -1.53 -8.39
C GLY C 971 -7.33 -3.00 -8.32
N ALA C 972 -8.32 -3.44 -7.58
CA ALA C 972 -8.70 -4.82 -7.72
C ALA C 972 -9.49 -4.99 -9.00
N ILE C 973 -9.59 -6.25 -9.44
CA ILE C 973 -10.33 -6.53 -10.65
C ILE C 973 -11.80 -6.20 -10.47
N SER C 974 -12.30 -6.29 -9.24
CA SER C 974 -13.67 -5.88 -9.00
C SER C 974 -13.83 -5.58 -7.53
N SER C 975 -14.84 -4.78 -7.23
CA SER C 975 -15.07 -4.34 -5.88
C SER C 975 -16.05 -5.22 -5.14
N VAL C 976 -16.47 -6.30 -5.73
CA VAL C 976 -17.17 -7.34 -5.00
C VAL C 976 -16.15 -8.33 -4.52
N LEU C 977 -16.21 -8.68 -3.26
CA LEU C 977 -15.23 -9.60 -2.77
C LEU C 977 -15.41 -10.96 -3.40
N ASN C 978 -16.64 -11.43 -3.45
CA ASN C 978 -16.89 -12.80 -3.83
C ASN C 978 -16.63 -13.06 -5.31
N ASP C 979 -16.61 -12.02 -6.12
CA ASP C 979 -16.33 -12.21 -7.54
C ASP C 979 -14.93 -12.71 -7.75
N ILE C 980 -13.97 -11.95 -7.25
CA ILE C 980 -12.59 -12.40 -7.30
C ILE C 980 -12.53 -13.82 -6.79
N LEU C 981 -13.16 -14.04 -5.64
CA LEU C 981 -13.28 -15.37 -5.11
C LEU C 981 -13.86 -16.31 -6.14
N SER C 982 -14.99 -15.95 -6.71
CA SER C 982 -15.63 -16.82 -7.69
C SER C 982 -14.69 -17.08 -8.85
N ARG C 983 -14.28 -16.02 -9.53
CA ARG C 983 -13.68 -16.23 -10.83
C ARG C 983 -12.27 -16.79 -10.75
N LEU C 984 -11.53 -16.52 -9.69
CA LEU C 984 -10.10 -16.77 -9.76
C LEU C 984 -9.67 -17.88 -8.81
N ASP C 985 -8.56 -18.45 -9.11
CA ASP C 985 -8.08 -19.38 -8.11
C ASP C 985 -7.19 -18.66 -7.11
N PRO C 986 -7.36 -19.01 -5.84
CA PRO C 986 -7.03 -18.10 -4.75
C PRO C 986 -5.67 -17.45 -4.91
N PRO C 987 -4.60 -18.19 -5.23
CA PRO C 987 -3.29 -17.53 -5.37
C PRO C 987 -3.33 -16.33 -6.28
N GLU C 988 -4.34 -16.29 -7.14
CA GLU C 988 -4.70 -15.06 -7.84
C GLU C 988 -5.39 -14.11 -6.87
N ALA C 989 -6.57 -14.51 -6.39
CA ALA C 989 -7.32 -13.69 -5.45
C ALA C 989 -6.45 -13.17 -4.33
N GLU C 990 -5.51 -13.98 -3.86
CA GLU C 990 -4.61 -13.53 -2.82
C GLU C 990 -4.07 -12.17 -3.15
N VAL C 991 -3.54 -12.03 -4.36
CA VAL C 991 -2.90 -10.78 -4.71
C VAL C 991 -3.93 -9.68 -4.83
N GLN C 992 -5.04 -9.96 -5.50
CA GLN C 992 -6.11 -8.99 -5.55
C GLN C 992 -6.56 -8.62 -4.15
N ILE C 993 -7.13 -9.59 -3.46
CA ILE C 993 -7.83 -9.30 -2.22
C ILE C 993 -6.96 -8.54 -1.25
N ASP C 994 -5.64 -8.62 -1.40
CA ASP C 994 -4.85 -7.61 -0.77
C ASP C 994 -5.44 -6.26 -1.08
N ARG C 995 -5.34 -5.87 -2.34
CA ARG C 995 -5.67 -4.50 -2.66
C ARG C 995 -7.00 -4.12 -2.07
N LEU C 996 -7.99 -4.98 -2.19
CA LEU C 996 -9.22 -4.67 -1.49
C LEU C 996 -8.98 -4.45 -0.02
N ILE C 997 -8.43 -5.45 0.64
CA ILE C 997 -8.18 -5.26 2.05
C ILE C 997 -7.29 -4.07 2.27
N THR C 998 -6.11 -4.08 1.68
CA THR C 998 -5.28 -2.91 1.80
C THR C 998 -6.07 -1.68 1.53
N GLY C 999 -6.87 -1.71 0.49
CA GLY C 999 -7.61 -0.53 0.22
C GLY C 999 -8.60 -0.26 1.29
N ARG C 1000 -9.54 -1.16 1.55
CA ARG C 1000 -10.56 -0.83 2.50
C ARG C 1000 -9.95 -0.52 3.84
N LEU C 1001 -9.09 -1.41 4.31
CA LEU C 1001 -8.47 -1.21 5.60
C LEU C 1001 -7.96 0.20 5.73
N GLN C 1002 -7.21 0.65 4.75
CA GLN C 1002 -6.88 2.05 4.77
C GLN C 1002 -8.12 2.87 4.93
N SER C 1003 -9.08 2.66 4.07
CA SER C 1003 -10.21 3.55 4.08
C SER C 1003 -10.96 3.54 5.38
N LEU C 1004 -10.75 2.58 6.23
CA LEU C 1004 -11.23 2.75 7.58
C LEU C 1004 -10.40 3.78 8.31
N GLN C 1005 -9.10 3.56 8.37
CA GLN C 1005 -8.32 4.46 9.17
C GLN C 1005 -8.62 5.87 8.81
N THR C 1006 -8.69 6.17 7.54
CA THR C 1006 -9.17 7.48 7.20
C THR C 1006 -10.47 7.78 7.90
N TYR C 1007 -11.42 6.88 7.82
CA TYR C 1007 -12.66 7.21 8.49
C TYR C 1007 -12.48 7.27 9.97
N VAL C 1008 -11.73 6.36 10.52
CA VAL C 1008 -11.54 6.47 11.95
C VAL C 1008 -10.96 7.81 12.26
N THR C 1009 -9.75 8.04 11.81
CA THR C 1009 -9.06 9.22 12.22
C THR C 1009 -9.94 10.43 12.10
N GLN C 1010 -10.62 10.58 10.98
CA GLN C 1010 -11.50 11.71 10.87
C GLN C 1010 -12.40 11.80 12.06
N GLN C 1011 -12.89 10.69 12.55
CA GLN C 1011 -13.73 10.81 13.73
C GLN C 1011 -12.93 11.33 14.89
N LEU C 1012 -11.83 10.66 15.19
CA LEU C 1012 -11.06 11.04 16.36
C LEU C 1012 -10.83 12.51 16.39
N ILE C 1013 -10.51 13.08 15.26
CA ILE C 1013 -10.33 14.51 15.22
C ILE C 1013 -11.63 15.20 15.44
N ARG C 1014 -12.59 14.91 14.60
CA ARG C 1014 -13.87 15.52 14.77
C ARG C 1014 -14.36 15.31 16.17
N ALA C 1015 -14.34 14.08 16.61
CA ALA C 1015 -14.82 13.82 17.95
C ALA C 1015 -14.09 14.60 18.98
N ALA C 1016 -12.94 15.10 18.69
CA ALA C 1016 -12.32 15.95 19.67
C ALA C 1016 -12.58 17.39 19.39
N GLU C 1017 -13.25 17.68 18.32
CA GLU C 1017 -13.79 19.00 18.14
C GLU C 1017 -15.10 19.16 18.83
N ILE C 1018 -15.78 18.06 19.10
CA ILE C 1018 -16.95 18.11 19.95
C ILE C 1018 -16.55 18.16 21.39
N ARG C 1019 -15.68 17.25 21.79
CA ARG C 1019 -15.22 17.23 23.15
C ARG C 1019 -14.75 18.57 23.56
N ALA C 1020 -14.31 19.35 22.62
CA ALA C 1020 -13.96 20.69 22.97
C ALA C 1020 -15.09 21.62 22.85
N SER C 1021 -16.16 21.20 22.22
CA SER C 1021 -17.34 22.00 22.35
C SER C 1021 -18.33 21.48 23.34
N ALA C 1022 -18.16 20.29 23.85
CA ALA C 1022 -18.91 19.98 25.05
C ALA C 1022 -18.47 20.88 26.15
N ASN C 1023 -17.19 20.84 26.48
CA ASN C 1023 -16.68 21.61 27.60
C ASN C 1023 -17.05 23.04 27.50
N LEU C 1024 -17.14 23.56 26.31
CA LEU C 1024 -17.64 24.89 26.25
C LEU C 1024 -19.10 24.94 26.62
N ALA C 1025 -19.83 23.87 26.42
CA ALA C 1025 -21.18 23.88 26.95
C ALA C 1025 -21.16 23.59 28.41
N ALA C 1026 -20.45 22.55 28.78
CA ALA C 1026 -20.38 22.17 30.17
C ALA C 1026 -19.95 23.29 31.01
N THR C 1027 -19.35 24.28 30.41
CA THR C 1027 -19.06 25.49 31.12
C THR C 1027 -20.24 26.42 31.13
N LYS C 1028 -20.67 26.88 29.96
CA LYS C 1028 -21.82 27.77 29.98
C LYS C 1028 -22.88 27.20 30.85
N MET C 1029 -23.13 25.93 30.72
CA MET C 1029 -24.12 25.34 31.58
C MET C 1029 -23.77 25.57 33.02
N SER C 1030 -22.51 25.54 33.36
CA SER C 1030 -22.20 25.72 34.75
C SER C 1030 -22.16 27.15 35.13
N GLU C 1031 -21.44 27.96 34.38
CA GLU C 1031 -21.26 29.31 34.84
C GLU C 1031 -22.44 30.15 34.50
N CYS C 1032 -22.93 29.97 33.31
CA CYS C 1032 -23.93 30.84 32.78
C CYS C 1032 -25.27 30.49 33.40
N VAL C 1033 -25.78 29.29 33.17
CA VAL C 1033 -26.98 28.83 33.85
C VAL C 1033 -26.90 28.87 35.34
N LEU C 1034 -26.16 27.94 35.91
CA LEU C 1034 -26.13 27.77 37.34
C LEU C 1034 -25.63 28.98 38.07
N GLY C 1035 -24.88 29.82 37.43
CA GLY C 1035 -24.45 31.01 38.10
C GLY C 1035 -25.01 32.22 37.45
N GLN C 1036 -24.32 33.33 37.60
CA GLN C 1036 -24.43 34.47 36.71
C GLN C 1036 -23.05 34.84 36.28
N SER C 1037 -22.83 34.88 34.99
CA SER C 1037 -21.47 35.00 34.49
C SER C 1037 -21.01 36.44 34.43
N LYS C 1038 -19.82 36.67 34.88
CA LYS C 1038 -19.20 37.96 34.74
C LYS C 1038 -18.33 38.04 33.51
N ARG C 1039 -18.07 36.95 32.84
CA ARG C 1039 -17.11 36.99 31.78
C ARG C 1039 -17.79 37.63 30.59
N VAL C 1040 -17.30 38.77 30.16
CA VAL C 1040 -18.04 39.50 29.15
C VAL C 1040 -18.18 38.70 27.89
N ASP C 1041 -19.32 38.81 27.26
CA ASP C 1041 -19.59 38.20 25.98
C ASP C 1041 -19.25 36.75 25.96
N PHE C 1042 -19.22 36.12 27.11
CA PHE C 1042 -19.24 34.68 27.08
C PHE C 1042 -20.65 34.19 26.92
N CYS C 1043 -21.52 34.77 27.71
CA CYS C 1043 -22.92 34.50 27.79
C CYS C 1043 -23.74 35.39 26.90
N GLY C 1044 -23.15 35.91 25.86
CA GLY C 1044 -23.96 36.57 24.88
C GLY C 1044 -23.90 38.06 25.08
N LYS C 1045 -23.96 38.79 23.98
CA LYS C 1045 -23.66 40.20 24.04
C LYS C 1045 -24.51 40.90 25.06
N GLY C 1046 -23.87 41.72 25.86
CA GLY C 1046 -24.56 42.43 26.91
C GLY C 1046 -24.16 41.91 28.26
N TYR C 1047 -24.53 42.65 29.26
CA TYR C 1047 -24.45 42.10 30.58
C TYR C 1047 -25.37 40.94 30.64
N HIS C 1048 -25.18 40.07 31.60
CA HIS C 1048 -25.83 38.79 31.53
C HIS C 1048 -26.72 38.56 32.71
N LEU C 1049 -27.95 38.16 32.47
CA LEU C 1049 -28.88 37.94 33.55
C LEU C 1049 -29.06 36.47 33.88
N MET C 1050 -29.47 35.64 32.95
CA MET C 1050 -29.61 34.27 33.37
C MET C 1050 -29.58 33.40 32.15
N SER C 1051 -29.85 32.14 32.31
CA SER C 1051 -29.98 31.46 31.05
C SER C 1051 -30.79 30.23 31.22
N PHE C 1052 -31.36 29.80 30.12
CA PHE C 1052 -32.25 28.69 30.12
C PHE C 1052 -31.70 27.73 29.13
N PRO C 1053 -31.28 26.56 29.48
CA PRO C 1053 -30.87 25.62 28.47
C PRO C 1053 -32.08 25.03 27.82
N GLN C 1054 -31.90 24.51 26.65
CA GLN C 1054 -32.95 23.73 26.05
C GLN C 1054 -32.27 22.65 25.28
N SER C 1055 -32.56 21.41 25.49
CA SER C 1055 -31.79 20.50 24.68
C SER C 1055 -32.24 20.63 23.26
N ALA C 1056 -31.42 20.15 22.36
CA ALA C 1056 -31.77 19.99 20.97
C ALA C 1056 -30.97 18.81 20.49
N PRO C 1057 -31.37 18.19 19.40
CA PRO C 1057 -30.85 16.87 19.13
C PRO C 1057 -29.35 16.86 18.92
N HIS C 1058 -28.65 16.09 19.72
CA HIS C 1058 -27.21 16.14 19.73
C HIS C 1058 -26.73 17.53 19.91
N GLY C 1059 -27.23 18.22 20.89
CA GLY C 1059 -26.82 19.58 20.97
C GLY C 1059 -27.33 20.12 22.25
N VAL C 1060 -27.28 21.44 22.37
CA VAL C 1060 -27.96 22.09 23.46
C VAL C 1060 -28.09 23.50 23.04
N VAL C 1061 -29.01 24.20 23.63
CA VAL C 1061 -29.33 25.53 23.16
C VAL C 1061 -29.58 26.38 24.35
N PHE C 1062 -28.92 27.48 24.45
CA PHE C 1062 -29.08 28.30 25.61
C PHE C 1062 -29.91 29.46 25.19
N LEU C 1063 -30.65 30.02 26.08
CA LEU C 1063 -31.27 31.28 25.77
C LEU C 1063 -30.67 32.25 26.73
N HIS C 1064 -29.79 33.11 26.33
CA HIS C 1064 -29.11 33.87 27.34
C HIS C 1064 -29.90 35.11 27.55
N VAL C 1065 -30.60 35.25 28.63
CA VAL C 1065 -31.29 36.50 28.83
C VAL C 1065 -30.31 37.52 29.30
N THR C 1066 -30.06 38.54 28.51
CA THR C 1066 -29.04 39.50 28.81
C THR C 1066 -29.66 40.87 28.86
N TYR C 1067 -28.97 41.80 29.43
CA TYR C 1067 -29.49 43.12 29.68
C TYR C 1067 -28.66 44.12 28.94
N VAL C 1068 -29.22 44.74 27.92
CA VAL C 1068 -28.46 45.65 27.05
C VAL C 1068 -28.98 47.06 27.25
N PRO C 1069 -28.15 48.03 27.55
CA PRO C 1069 -28.67 49.36 27.81
C PRO C 1069 -29.06 50.05 26.53
N ALA C 1070 -29.83 51.12 26.66
CA ALA C 1070 -30.38 51.69 25.45
C ALA C 1070 -30.23 53.17 25.21
N GLN C 1071 -30.91 54.02 25.94
CA GLN C 1071 -31.06 55.40 25.53
C GLN C 1071 -30.17 56.29 26.36
N GLU C 1072 -29.27 56.97 25.69
CA GLU C 1072 -28.15 57.65 26.30
C GLU C 1072 -28.46 59.10 26.46
N LYS C 1073 -27.88 59.71 27.46
CA LYS C 1073 -27.93 61.13 27.56
C LYS C 1073 -26.56 61.64 27.89
N ASN C 1074 -26.01 62.49 27.05
CA ASN C 1074 -24.74 63.08 27.35
C ASN C 1074 -24.80 63.70 28.72
N PHE C 1075 -23.68 63.75 29.39
CA PHE C 1075 -23.63 64.65 30.51
C PHE C 1075 -22.23 65.16 30.67
N THR C 1076 -22.07 65.99 31.64
CA THR C 1076 -20.81 66.59 31.92
C THR C 1076 -20.34 66.03 33.23
N THR C 1077 -19.30 65.24 33.19
CA THR C 1077 -18.80 64.53 34.33
C THR C 1077 -17.60 65.18 34.93
N ALA C 1078 -17.46 65.07 36.22
CA ALA C 1078 -16.22 65.45 36.74
C ALA C 1078 -15.74 64.52 37.83
N PRO C 1079 -14.49 64.12 37.78
CA PRO C 1079 -14.04 63.04 38.62
C PRO C 1079 -14.04 63.33 40.05
N ALA C 1080 -14.24 64.54 40.48
CA ALA C 1080 -14.20 64.68 41.89
C ALA C 1080 -15.17 65.76 42.24
N ILE C 1081 -15.11 66.24 43.45
CA ILE C 1081 -15.66 67.53 43.78
C ILE C 1081 -14.83 68.17 44.89
N CYS C 1082 -14.38 69.38 44.72
CA CYS C 1082 -13.81 70.05 45.87
C CYS C 1082 -14.96 70.44 46.74
N HIS C 1083 -15.02 69.95 47.96
CA HIS C 1083 -16.06 70.58 48.72
C HIS C 1083 -15.49 71.78 49.43
N ASP C 1084 -14.79 71.54 50.50
CA ASP C 1084 -14.17 72.60 51.25
C ASP C 1084 -12.72 72.76 50.88
N GLY C 1085 -12.30 72.06 49.85
CA GLY C 1085 -10.91 71.80 49.58
C GLY C 1085 -10.56 70.36 49.80
N LYS C 1086 -11.34 69.67 50.60
CA LYS C 1086 -11.34 68.23 50.48
C LYS C 1086 -11.86 67.88 49.12
N ALA C 1087 -11.50 66.71 48.66
CA ALA C 1087 -12.17 66.22 47.48
C ALA C 1087 -13.43 65.51 47.91
N HIS C 1088 -14.14 64.97 46.96
CA HIS C 1088 -15.06 63.89 47.23
C HIS C 1088 -15.07 63.01 46.03
N PHE C 1089 -14.96 61.78 46.21
CA PHE C 1089 -15.16 61.09 44.99
C PHE C 1089 -16.38 60.26 45.16
N PRO C 1090 -17.03 59.86 44.09
CA PRO C 1090 -18.28 59.16 44.26
C PRO C 1090 -18.00 57.86 44.92
N ARG C 1091 -18.88 57.41 45.79
CA ARG C 1091 -18.54 56.09 46.30
C ARG C 1091 -18.79 55.02 45.26
N GLU C 1092 -19.86 55.13 44.51
CA GLU C 1092 -20.16 54.19 43.44
C GLU C 1092 -20.63 54.94 42.23
N GLY C 1093 -19.89 54.87 41.15
CA GLY C 1093 -20.39 55.42 39.92
C GLY C 1093 -20.28 56.92 39.81
N VAL C 1094 -20.30 57.38 38.56
CA VAL C 1094 -19.76 58.63 38.19
C VAL C 1094 -20.46 59.71 38.90
N PHE C 1095 -19.81 60.87 38.96
CA PHE C 1095 -20.52 62.12 39.08
C PHE C 1095 -21.03 62.47 37.73
N VAL C 1096 -22.11 63.23 37.68
CA VAL C 1096 -22.56 63.79 36.42
C VAL C 1096 -23.29 65.05 36.74
N SER C 1097 -23.38 65.90 35.76
CA SER C 1097 -24.37 66.93 35.83
C SER C 1097 -25.03 67.06 34.48
N ASN C 1098 -26.25 67.54 34.50
CA ASN C 1098 -26.89 67.89 33.27
C ASN C 1098 -26.57 69.31 32.90
N GLY C 1099 -25.66 69.93 33.61
CA GLY C 1099 -25.21 71.27 33.31
C GLY C 1099 -25.57 72.30 34.35
N THR C 1100 -26.46 72.00 35.29
CA THR C 1100 -26.74 72.93 36.36
C THR C 1100 -26.33 72.30 37.68
N HIS C 1101 -27.00 71.22 38.06
CA HIS C 1101 -26.78 70.57 39.32
C HIS C 1101 -25.90 69.38 39.08
N TRP C 1102 -25.04 69.12 40.01
CA TRP C 1102 -24.27 67.91 39.93
C TRP C 1102 -24.98 66.78 40.60
N PHE C 1103 -24.83 65.61 40.02
CA PHE C 1103 -25.53 64.42 40.41
C PHE C 1103 -24.56 63.30 40.39
N VAL C 1104 -24.70 62.41 41.34
CA VAL C 1104 -23.93 61.20 41.36
C VAL C 1104 -24.81 60.06 40.99
N THR C 1105 -24.47 59.37 39.96
CA THR C 1105 -25.35 58.32 39.56
C THR C 1105 -24.58 57.04 39.55
N GLN C 1106 -25.31 55.95 39.49
CA GLN C 1106 -24.75 54.65 39.24
C GLN C 1106 -24.47 54.55 37.78
N ARG C 1107 -23.60 53.66 37.42
CA ARG C 1107 -23.01 53.88 36.12
C ARG C 1107 -23.78 53.33 34.98
N ASN C 1108 -24.60 52.33 35.16
CA ASN C 1108 -25.26 51.76 34.02
C ASN C 1108 -26.69 52.17 33.86
N PHE C 1109 -27.24 52.94 34.75
CA PHE C 1109 -28.60 53.31 34.49
C PHE C 1109 -28.84 54.67 35.06
N TYR C 1110 -29.03 55.65 34.23
CA TYR C 1110 -29.06 56.99 34.76
C TYR C 1110 -30.11 57.09 35.83
N GLU C 1111 -29.69 57.35 37.04
CA GLU C 1111 -30.62 57.56 38.14
C GLU C 1111 -30.00 58.53 39.09
N PRO C 1112 -30.08 59.80 38.80
CA PRO C 1112 -29.32 60.78 39.53
C PRO C 1112 -29.79 60.87 40.94
N GLN C 1113 -28.91 61.33 41.81
CA GLN C 1113 -29.21 61.45 43.21
C GLN C 1113 -28.43 62.62 43.73
N ILE C 1114 -29.02 63.36 44.65
CA ILE C 1114 -28.31 64.50 45.15
C ILE C 1114 -27.11 64.01 45.88
N ILE C 1115 -26.07 64.82 45.94
CA ILE C 1115 -24.76 64.38 46.37
C ILE C 1115 -24.63 64.68 47.84
N THR C 1116 -24.55 63.67 48.65
CA THR C 1116 -24.33 63.92 50.04
C THR C 1116 -23.21 63.04 50.48
N THR C 1117 -22.71 63.28 51.67
CA THR C 1117 -21.54 62.55 52.11
C THR C 1117 -21.70 61.04 52.05
N ASP C 1118 -22.92 60.54 51.95
CA ASP C 1118 -23.05 59.10 51.91
C ASP C 1118 -22.80 58.54 50.54
N ASN C 1119 -22.86 59.37 49.53
CA ASN C 1119 -22.55 58.94 48.20
C ASN C 1119 -21.08 58.92 47.94
N THR C 1120 -20.32 59.58 48.79
CA THR C 1120 -18.99 60.02 48.43
C THR C 1120 -18.03 59.82 49.57
N PHE C 1121 -16.82 59.46 49.25
CA PHE C 1121 -15.81 59.44 50.27
C PHE C 1121 -14.75 60.45 49.93
N VAL C 1122 -14.00 60.86 50.92
CA VAL C 1122 -13.13 62.01 50.84
C VAL C 1122 -11.70 61.56 50.82
N SER C 1123 -10.90 62.11 49.93
CA SER C 1123 -9.50 61.76 49.90
C SER C 1123 -8.61 62.97 49.73
N GLY C 1124 -7.86 63.31 50.77
CA GLY C 1124 -6.89 64.36 50.60
C GLY C 1124 -7.54 65.68 50.23
N ASN C 1125 -6.70 66.66 49.91
CA ASN C 1125 -7.18 67.96 49.51
C ASN C 1125 -7.35 67.98 48.01
N CYS C 1126 -7.84 69.10 47.50
CA CYS C 1126 -8.13 69.16 46.08
C CYS C 1126 -6.95 68.89 45.18
N ASP C 1127 -6.05 69.85 45.13
CA ASP C 1127 -5.38 70.25 43.91
C ASP C 1127 -4.83 69.12 43.04
N VAL C 1128 -4.30 68.08 43.66
CA VAL C 1128 -3.65 67.04 42.87
C VAL C 1128 -4.58 66.51 41.81
N VAL C 1129 -5.88 66.45 42.13
CA VAL C 1129 -6.84 65.94 41.19
C VAL C 1129 -6.74 66.72 39.91
N ILE C 1130 -7.00 66.07 38.80
CA ILE C 1130 -6.97 66.75 37.53
C ILE C 1130 -8.38 66.76 36.99
N GLY C 1131 -9.02 67.90 37.02
CA GLY C 1131 -10.37 68.00 36.53
C GLY C 1131 -11.40 68.09 37.58
N ILE C 1132 -11.03 68.23 38.83
CA ILE C 1132 -12.03 68.37 39.82
C ILE C 1132 -12.82 69.62 39.55
N VAL C 1133 -14.04 69.67 40.06
CA VAL C 1133 -14.87 70.84 39.88
C VAL C 1133 -15.48 71.21 41.20
N ASN C 1134 -16.01 72.42 41.26
CA ASN C 1134 -16.65 72.85 42.49
C ASN C 1134 -18.04 72.30 42.63
N ASN C 1135 -18.53 72.35 43.86
CA ASN C 1135 -19.91 72.16 44.22
C ASN C 1135 -20.01 72.12 45.73
N THR C 1136 -21.22 71.99 46.24
CA THR C 1136 -21.46 71.83 47.66
C THR C 1136 -22.05 70.46 47.84
N VAL C 1137 -21.51 69.69 48.75
CA VAL C 1137 -22.05 68.38 49.02
C VAL C 1137 -22.89 68.47 50.26
N TYR C 1138 -24.19 68.36 50.06
CA TYR C 1138 -25.13 68.47 51.14
C TYR C 1138 -24.81 67.47 52.23
N ASP C 1139 -25.09 67.86 53.47
CA ASP C 1139 -24.98 66.99 54.62
C ASP C 1139 -26.32 66.37 54.95
N PRO C 1140 -26.40 65.07 55.02
CA PRO C 1140 -27.61 64.46 55.56
C PRO C 1140 -27.87 64.93 56.96
N LEU C 1141 -26.83 65.01 57.77
CA LEU C 1141 -27.05 65.25 59.18
C LEU C 1141 -27.59 66.65 59.43
N GLN C 1142 -26.93 67.64 58.89
CA GLN C 1142 -27.13 69.04 59.27
C GLN C 1142 -28.58 69.43 59.50
N PRO C 1143 -29.52 69.11 58.64
CA PRO C 1143 -30.92 69.38 58.97
C PRO C 1143 -31.33 68.80 60.29
N GLU C 1144 -30.78 67.66 60.67
CA GLU C 1144 -31.12 67.14 61.98
C GLU C 1144 -30.54 68.03 63.05
N LEU C 1145 -29.25 68.30 62.94
CA LEU C 1145 -28.64 69.33 63.76
C LEU C 1145 -29.20 70.70 63.48
N ASP C 1146 -30.09 70.83 62.51
CA ASP C 1146 -30.69 72.13 62.30
C ASP C 1146 -31.54 72.54 63.50
N SER C 1147 -32.08 71.56 64.23
CA SER C 1147 -32.84 71.88 65.43
C SER C 1147 -32.01 71.72 66.69
N ILE D 1 -46.84 -45.02 -26.17
CA ILE D 1 -45.85 -45.90 -26.79
C ILE D 1 -45.34 -46.92 -25.78
N VAL D 2 -46.21 -47.44 -24.94
CA VAL D 2 -45.86 -48.46 -23.94
C VAL D 2 -46.74 -49.67 -24.21
N LEU D 3 -46.18 -50.87 -24.00
CA LEU D 3 -46.85 -52.11 -24.37
C LEU D 3 -47.24 -52.95 -23.15
N THR D 4 -48.29 -53.74 -23.30
CA THR D 4 -48.96 -54.45 -22.22
C THR D 4 -48.93 -55.95 -22.46
N GLN D 5 -48.57 -56.70 -21.42
CA GLN D 5 -48.61 -58.16 -21.43
C GLN D 5 -49.48 -58.67 -20.29
N SER D 6 -49.97 -59.89 -20.45
CA SER D 6 -50.63 -60.56 -19.35
C SER D 6 -49.58 -61.13 -18.40
N PRO D 7 -49.69 -60.86 -17.09
CA PRO D 7 -48.59 -61.24 -16.18
C PRO D 7 -48.34 -62.74 -16.13
N PHE D 8 -49.36 -63.55 -16.39
CA PHE D 8 -49.22 -64.98 -16.18
C PHE D 8 -50.13 -65.74 -17.13
N GLN D 9 -49.69 -66.92 -17.54
CA GLN D 9 -50.53 -67.87 -18.25
C GLN D 9 -50.19 -69.28 -17.77
N SER D 10 -51.20 -70.06 -17.43
CA SER D 10 -51.01 -71.44 -17.03
C SER D 10 -51.71 -72.34 -18.03
N VAL D 11 -50.96 -73.29 -18.59
CA VAL D 11 -51.49 -74.18 -19.61
C VAL D 11 -51.01 -75.59 -19.28
N SER D 12 -51.44 -76.57 -20.06
CA SER D 12 -51.09 -77.98 -19.94
C SER D 12 -50.32 -78.42 -21.17
N PRO D 13 -49.51 -79.47 -21.05
CA PRO D 13 -48.76 -79.96 -22.21
C PRO D 13 -49.67 -80.30 -23.38
N LYS D 14 -49.20 -80.00 -24.58
CA LYS D 14 -49.85 -80.15 -25.89
C LYS D 14 -50.89 -79.08 -26.15
N GLU D 15 -51.34 -78.36 -25.12
CA GLU D 15 -52.34 -77.32 -25.31
C GLU D 15 -51.69 -76.04 -25.81
N LYS D 16 -52.46 -75.24 -26.53
CA LYS D 16 -51.97 -74.04 -27.18
C LYS D 16 -52.20 -72.84 -26.28
N VAL D 17 -51.16 -72.02 -26.11
CA VAL D 17 -51.20 -70.81 -25.31
C VAL D 17 -50.83 -69.64 -26.21
N THR D 18 -51.43 -68.48 -25.93
CA THR D 18 -51.10 -67.25 -26.63
C THR D 18 -50.93 -66.13 -25.62
N ILE D 19 -49.75 -65.53 -25.59
CA ILE D 19 -49.45 -64.43 -24.69
C ILE D 19 -49.36 -63.16 -25.52
N THR D 20 -50.09 -62.13 -25.09
CA THR D 20 -50.31 -60.92 -25.86
C THR D 20 -49.32 -59.84 -25.46
N CYS D 21 -48.89 -59.06 -26.45
CA CYS D 21 -48.10 -57.86 -26.20
C CYS D 21 -48.92 -56.70 -26.73
N ARG D 22 -49.45 -55.87 -25.83
CA ARG D 22 -50.43 -54.84 -26.18
C ARG D 22 -49.84 -53.46 -26.01
N ALA D 23 -49.54 -52.80 -27.13
CA ALA D 23 -48.85 -51.52 -27.09
C ALA D 23 -49.86 -50.39 -27.20
N SER D 24 -49.59 -49.31 -26.48
CA SER D 24 -50.49 -48.17 -26.45
C SER D 24 -50.37 -47.36 -27.73
N GLN D 25 -51.52 -46.94 -28.26
CA GLN D 25 -51.61 -46.09 -29.46
C GLN D 25 -50.96 -46.84 -30.61
N SER D 26 -49.96 -46.28 -31.29
CA SER D 26 -49.40 -46.90 -32.47
C SER D 26 -48.48 -48.05 -32.09
N ILE D 27 -48.33 -49.00 -33.00
CA ILE D 27 -47.48 -50.16 -32.82
C ILE D 27 -46.55 -50.27 -34.02
N SER D 28 -45.47 -51.02 -33.85
CA SER D 28 -44.53 -51.22 -34.94
C SER D 28 -44.50 -52.69 -35.33
N SER D 29 -44.58 -52.96 -36.64
CA SER D 29 -44.77 -54.33 -37.12
C SER D 29 -43.59 -55.24 -36.75
N ASN D 30 -42.49 -54.67 -36.29
CA ASN D 30 -41.44 -55.48 -35.68
C ASN D 30 -41.71 -55.63 -34.19
N LEU D 31 -41.45 -56.84 -33.68
CA LEU D 31 -41.45 -57.10 -32.25
C LEU D 31 -40.55 -58.29 -31.96
N HIS D 32 -40.12 -58.40 -30.70
CA HIS D 32 -39.12 -59.37 -30.31
C HIS D 32 -39.53 -60.09 -29.03
N TRP D 33 -39.66 -61.41 -29.13
CA TRP D 33 -40.10 -62.23 -28.00
C TRP D 33 -38.92 -62.89 -27.32
N TYR D 34 -38.98 -62.92 -25.99
CA TYR D 34 -37.88 -63.39 -25.17
C TYR D 34 -38.39 -64.37 -24.12
N GLN D 35 -37.71 -65.51 -24.02
CA GLN D 35 -37.94 -66.48 -22.95
C GLN D 35 -36.85 -66.34 -21.92
N GLN D 36 -37.20 -65.81 -20.76
CA GLN D 36 -36.26 -65.70 -19.66
C GLN D 36 -36.46 -66.89 -18.73
N LYS D 37 -35.47 -67.77 -18.68
CA LYS D 37 -35.41 -68.77 -17.64
C LYS D 37 -35.04 -68.10 -16.33
N PRO D 38 -35.47 -68.67 -15.20
CA PRO D 38 -35.16 -68.04 -13.91
C PRO D 38 -33.67 -67.81 -13.75
N ASP D 39 -33.32 -66.56 -13.37
CA ASP D 39 -31.96 -66.14 -13.09
C ASP D 39 -31.05 -66.27 -14.32
N GLN D 40 -31.62 -66.22 -15.52
CA GLN D 40 -30.87 -66.43 -16.74
C GLN D 40 -31.26 -65.41 -17.79
N SER D 41 -30.29 -65.05 -18.63
CA SER D 41 -30.48 -64.02 -19.65
C SER D 41 -31.61 -64.41 -20.60
N PRO D 42 -32.64 -63.56 -20.73
CA PRO D 42 -33.68 -63.83 -21.73
C PRO D 42 -33.09 -64.03 -23.11
N LYS D 43 -33.75 -64.87 -23.88
CA LYS D 43 -33.25 -65.31 -25.18
C LYS D 43 -34.31 -65.01 -26.22
N LEU D 44 -33.89 -64.49 -27.36
CA LEU D 44 -34.87 -63.98 -28.31
C LEU D 44 -35.53 -65.12 -29.04
N LEU D 45 -36.84 -65.28 -28.83
CA LEU D 45 -37.62 -66.27 -29.54
C LEU D 45 -38.10 -65.84 -30.92
N ILE D 46 -38.60 -64.61 -31.06
CA ILE D 46 -39.33 -64.21 -32.25
C ILE D 46 -38.84 -62.84 -32.71
N LYS D 47 -38.54 -62.73 -34.00
CA LYS D 47 -37.90 -61.54 -34.56
C LYS D 47 -38.78 -60.94 -35.66
N TYR D 48 -38.99 -59.63 -35.57
CA TYR D 48 -39.95 -58.90 -36.40
C TYR D 48 -41.36 -59.47 -36.19
N ALA D 49 -41.51 -60.16 -35.06
CA ALA D 49 -42.75 -60.80 -34.62
C ALA D 49 -43.16 -61.95 -35.55
N SER D 50 -42.58 -62.01 -36.75
CA SER D 50 -42.88 -63.10 -37.68
C SER D 50 -41.86 -64.22 -37.75
N GLN D 51 -40.74 -64.12 -37.06
CA GLN D 51 -39.59 -64.98 -37.35
C GLN D 51 -38.98 -65.52 -36.08
N SER D 52 -38.46 -66.73 -36.14
CA SER D 52 -37.65 -67.30 -35.07
C SER D 52 -36.18 -67.17 -35.48
N ILE D 53 -35.34 -66.78 -34.54
CA ILE D 53 -33.91 -66.96 -34.74
C ILE D 53 -33.65 -68.46 -34.79
N SER D 54 -32.59 -68.87 -35.48
CA SER D 54 -32.39 -70.27 -35.79
C SER D 54 -32.25 -71.11 -34.53
N GLY D 55 -32.80 -72.33 -34.58
CA GLY D 55 -32.73 -73.27 -33.48
C GLY D 55 -33.86 -73.19 -32.49
N ILE D 56 -34.73 -72.21 -32.64
CA ILE D 56 -35.82 -71.98 -31.68
C ILE D 56 -37.01 -72.85 -32.06
N PRO D 57 -37.69 -73.49 -31.11
CA PRO D 57 -38.72 -74.49 -31.45
C PRO D 57 -39.75 -73.96 -32.43
N SER D 58 -40.19 -74.86 -33.32
CA SER D 58 -41.26 -74.53 -34.25
C SER D 58 -42.57 -74.24 -33.54
N ARG D 59 -42.73 -74.71 -32.30
CA ARG D 59 -43.89 -74.32 -31.50
C ARG D 59 -43.84 -72.87 -31.06
N PHE D 60 -42.71 -72.19 -31.24
CA PHE D 60 -42.63 -70.79 -30.89
C PHE D 60 -42.95 -69.94 -32.10
N SER D 61 -44.09 -69.27 -32.03
CA SER D 61 -44.54 -68.41 -33.10
C SER D 61 -44.91 -67.06 -32.51
N GLY D 62 -45.03 -66.08 -33.38
CA GLY D 62 -45.40 -64.74 -32.97
C GLY D 62 -46.21 -64.11 -34.07
N SER D 63 -46.83 -62.99 -33.74
CA SER D 63 -47.66 -62.27 -34.69
C SER D 63 -47.96 -60.90 -34.13
N GLY D 64 -48.80 -60.17 -34.87
CA GLY D 64 -49.51 -59.05 -34.29
C GLY D 64 -50.76 -58.72 -35.06
N SER D 65 -51.74 -58.13 -34.39
CA SER D 65 -52.93 -57.61 -35.04
C SER D 65 -53.39 -56.39 -34.27
N GLY D 66 -53.82 -55.36 -34.98
CA GLY D 66 -54.12 -54.11 -34.31
C GLY D 66 -52.92 -53.68 -33.50
N THR D 67 -53.15 -53.41 -32.22
CA THR D 67 -52.09 -52.99 -31.30
C THR D 67 -51.50 -54.15 -30.51
N ASP D 68 -51.96 -55.37 -30.75
CA ASP D 68 -51.52 -56.52 -29.97
C ASP D 68 -50.50 -57.32 -30.76
N PHE D 69 -49.53 -57.86 -30.05
CA PHE D 69 -48.58 -58.81 -30.59
C PHE D 69 -48.58 -60.06 -29.72
N THR D 70 -48.79 -61.20 -30.36
CA THR D 70 -49.01 -62.46 -29.66
C THR D 70 -47.70 -63.22 -29.55
N LEU D 71 -47.48 -63.82 -28.40
CA LEU D 71 -46.52 -64.92 -28.28
C LEU D 71 -47.33 -66.20 -28.22
N THR D 72 -47.28 -66.97 -29.30
CA THR D 72 -48.14 -68.13 -29.46
C THR D 72 -47.30 -69.38 -29.43
N ILE D 73 -47.59 -70.26 -28.48
CA ILE D 73 -46.93 -71.55 -28.37
C ILE D 73 -47.96 -72.62 -28.61
N ASN D 74 -47.64 -73.57 -29.48
CA ASN D 74 -48.49 -74.71 -29.76
C ASN D 74 -47.83 -75.95 -29.18
N SER D 75 -48.63 -76.83 -28.57
CA SER D 75 -48.10 -78.12 -28.10
C SER D 75 -46.93 -77.94 -27.14
N LEU D 76 -47.22 -77.41 -25.95
CA LEU D 76 -46.18 -77.16 -24.96
C LEU D 76 -45.52 -78.45 -24.47
N GLU D 77 -44.28 -78.30 -23.98
CA GLU D 77 -43.60 -79.32 -23.20
C GLU D 77 -43.30 -78.74 -21.82
N ALA D 78 -43.30 -79.59 -20.79
CA ALA D 78 -43.04 -79.15 -19.43
C ALA D 78 -41.61 -78.62 -19.28
N GLU D 79 -40.77 -78.84 -20.28
CA GLU D 79 -39.46 -78.20 -20.32
C GLU D 79 -39.57 -76.76 -20.81
N ASP D 80 -40.64 -76.46 -21.55
CA ASP D 80 -40.69 -75.25 -22.37
C ASP D 80 -40.92 -74.00 -21.53
N PHE D 81 -41.90 -74.04 -20.62
CA PHE D 81 -42.44 -72.81 -20.06
C PHE D 81 -41.36 -71.97 -19.38
N GLY D 82 -41.52 -70.65 -19.44
CA GLY D 82 -40.61 -69.75 -18.79
C GLY D 82 -41.19 -68.36 -18.78
N ILE D 83 -40.39 -67.42 -18.27
CA ILE D 83 -40.81 -66.02 -18.29
C ILE D 83 -40.66 -65.48 -19.70
N TYR D 84 -41.69 -64.80 -20.18
CA TYR D 84 -41.75 -64.36 -21.57
C TYR D 84 -41.81 -62.85 -21.66
N PHE D 85 -41.10 -62.31 -22.65
CA PHE D 85 -41.04 -60.87 -22.86
C PHE D 85 -41.27 -60.56 -24.32
N CYS D 86 -41.86 -59.41 -24.56
CA CYS D 86 -41.93 -58.81 -25.88
C CYS D 86 -41.25 -57.45 -25.83
N GLN D 87 -40.54 -57.13 -26.89
CA GLN D 87 -39.84 -55.86 -26.98
C GLN D 87 -40.49 -54.99 -28.04
N GLN D 88 -40.93 -53.81 -27.63
CA GLN D 88 -41.33 -52.79 -28.57
C GLN D 88 -40.20 -52.51 -29.54
N THR D 89 -40.57 -52.21 -30.77
CA THR D 89 -39.62 -51.72 -31.75
C THR D 89 -39.94 -50.27 -32.05
N ASN D 90 -38.88 -49.54 -32.41
CA ASN D 90 -38.73 -48.11 -32.74
C ASN D 90 -39.38 -47.26 -31.64
N PHE D 91 -40.00 -46.13 -31.98
CA PHE D 91 -40.68 -45.20 -31.07
C PHE D 91 -39.85 -44.84 -29.84
N TRP D 92 -38.53 -44.86 -29.98
CA TRP D 92 -37.66 -44.52 -28.85
C TRP D 92 -37.84 -45.67 -27.84
N PRO D 93 -37.12 -45.66 -26.72
CA PRO D 93 -36.43 -46.85 -26.26
C PRO D 93 -37.34 -48.05 -26.16
N TYR D 94 -36.78 -49.24 -26.38
CA TYR D 94 -37.60 -50.42 -26.65
C TYR D 94 -38.20 -50.80 -25.32
N ILE D 95 -39.52 -50.74 -25.25
CA ILE D 95 -40.18 -50.93 -23.97
C ILE D 95 -40.59 -52.38 -23.86
N PHE D 96 -39.91 -53.09 -22.98
CA PHE D 96 -39.98 -54.54 -22.95
C PHE D 96 -41.23 -54.91 -22.16
N GLY D 97 -41.84 -56.03 -22.53
CA GLY D 97 -43.01 -56.49 -21.82
C GLY D 97 -42.77 -56.57 -20.33
N GLN D 98 -43.82 -56.33 -19.54
CA GLN D 98 -43.72 -56.51 -18.11
C GLN D 98 -43.24 -57.91 -17.76
N GLY D 99 -43.36 -58.84 -18.68
CA GLY D 99 -42.97 -60.22 -18.52
C GLY D 99 -44.16 -61.10 -18.21
N THR D 100 -44.11 -62.33 -18.68
CA THR D 100 -45.14 -63.32 -18.41
C THR D 100 -44.45 -64.62 -18.02
N LYS D 101 -44.69 -65.07 -16.80
CA LYS D 101 -44.23 -66.38 -16.37
C LYS D 101 -45.24 -67.41 -16.82
N LEU D 102 -44.82 -68.31 -17.68
CA LEU D 102 -45.68 -69.39 -18.18
C LEU D 102 -45.54 -70.57 -17.25
N GLU D 103 -46.67 -71.13 -16.83
CA GLU D 103 -46.69 -72.36 -16.07
C GLU D 103 -47.29 -73.45 -16.93
N ILE D 104 -46.77 -74.66 -16.80
CA ILE D 104 -47.34 -75.83 -17.45
C ILE D 104 -47.68 -76.85 -16.38
N LEU D 105 -48.97 -77.19 -16.33
CA LEU D 105 -49.50 -78.11 -15.33
C LEU D 105 -49.22 -79.55 -15.78
N LYS D 106 -49.87 -80.49 -15.11
CA LYS D 106 -49.94 -81.91 -15.48
C LYS D 106 -48.73 -82.68 -14.93
N ARG D 107 -47.77 -81.99 -14.34
CA ARG D 107 -46.79 -82.69 -13.55
C ARG D 107 -47.46 -83.29 -12.31
N VAL E 2 -21.57 -63.58 -30.42
CA VAL E 2 -21.65 -64.90 -29.84
C VAL E 2 -21.21 -64.86 -28.40
N GLN E 3 -20.33 -63.91 -28.06
CA GLN E 3 -19.84 -63.83 -26.70
C GLN E 3 -19.82 -62.39 -26.21
N LEU E 4 -20.51 -62.17 -25.10
CA LEU E 4 -20.57 -60.89 -24.41
C LEU E 4 -20.35 -61.22 -22.95
N VAL E 5 -19.27 -60.68 -22.38
CA VAL E 5 -18.83 -60.99 -21.04
C VAL E 5 -18.81 -59.69 -20.25
N GLN E 6 -19.50 -59.67 -19.12
CA GLN E 6 -19.58 -58.46 -18.33
C GLN E 6 -18.72 -58.51 -17.07
N SER E 7 -18.25 -57.32 -16.69
CA SER E 7 -17.65 -57.11 -15.39
C SER E 7 -18.61 -57.54 -14.29
N GLY E 8 -18.05 -58.06 -13.21
CA GLY E 8 -18.85 -58.69 -12.18
C GLY E 8 -19.74 -57.71 -11.45
N ALA E 9 -20.43 -58.25 -10.44
CA ALA E 9 -21.34 -57.46 -9.63
C ALA E 9 -20.63 -56.28 -8.99
N GLU E 10 -21.31 -55.14 -8.96
CA GLU E 10 -20.78 -53.92 -8.37
C GLU E 10 -21.68 -53.47 -7.24
N VAL E 11 -21.12 -53.40 -6.03
CA VAL E 11 -21.87 -52.97 -4.86
C VAL E 11 -21.35 -51.60 -4.46
N LYS E 12 -22.25 -50.62 -4.45
CA LYS E 12 -21.90 -49.23 -4.21
C LYS E 12 -22.78 -48.64 -3.11
N LYS E 13 -22.38 -47.50 -2.61
CA LYS E 13 -23.38 -46.76 -1.87
C LYS E 13 -24.24 -45.96 -2.84
N PRO E 14 -25.49 -45.66 -2.49
CA PRO E 14 -26.30 -44.81 -3.35
C PRO E 14 -25.62 -43.47 -3.58
N GLY E 15 -25.79 -42.92 -4.79
CA GLY E 15 -25.13 -41.71 -5.20
C GLY E 15 -23.76 -41.91 -5.80
N ALA E 16 -23.14 -43.07 -5.56
CA ALA E 16 -21.83 -43.38 -6.13
C ALA E 16 -22.00 -43.77 -7.60
N THR E 17 -20.91 -44.25 -8.19
CA THR E 17 -20.90 -44.59 -9.61
C THR E 17 -20.53 -46.05 -9.82
N VAL E 18 -21.25 -46.68 -10.74
CA VAL E 18 -20.88 -47.99 -11.27
C VAL E 18 -20.70 -47.87 -12.77
N LYS E 19 -19.59 -48.40 -13.27
CA LYS E 19 -19.37 -48.54 -14.70
C LYS E 19 -19.20 -50.03 -14.97
N ILE E 20 -19.87 -50.53 -16.01
CA ILE E 20 -19.90 -51.96 -16.25
C ILE E 20 -19.48 -52.26 -17.68
N SER E 21 -18.57 -53.22 -17.81
CA SER E 21 -17.92 -53.58 -19.07
C SER E 21 -18.70 -54.69 -19.75
N CYS E 22 -19.04 -54.46 -21.02
CA CYS E 22 -19.58 -55.52 -21.87
C CYS E 22 -18.53 -55.88 -22.89
N LYS E 23 -17.89 -57.03 -22.73
CA LYS E 23 -16.77 -57.42 -23.56
C LYS E 23 -17.27 -58.29 -24.71
N VAL E 24 -17.10 -57.82 -25.92
CA VAL E 24 -17.49 -58.53 -27.12
C VAL E 24 -16.42 -59.56 -27.47
N SER E 25 -16.87 -60.72 -27.90
CA SER E 25 -16.05 -61.64 -28.68
C SER E 25 -17.00 -62.53 -29.47
N GLY E 26 -16.44 -63.22 -30.46
CA GLY E 26 -17.26 -64.10 -31.27
C GLY E 26 -17.96 -63.44 -32.43
N TYR E 27 -17.81 -62.12 -32.58
CA TYR E 27 -18.40 -61.43 -33.72
C TYR E 27 -17.67 -60.12 -33.96
N SER E 28 -18.18 -59.35 -34.93
CA SER E 28 -17.62 -58.05 -35.26
C SER E 28 -18.28 -56.98 -34.41
N PHE E 29 -17.48 -56.26 -33.63
CA PHE E 29 -17.99 -55.23 -32.73
C PHE E 29 -18.49 -54.02 -33.51
N SER E 30 -17.73 -53.60 -34.52
CA SER E 30 -18.03 -52.41 -35.29
C SER E 30 -19.29 -52.54 -36.15
N ASN E 31 -19.75 -53.76 -36.40
CA ASN E 31 -20.93 -53.98 -37.22
C ASN E 31 -22.20 -54.13 -36.40
N TYR E 32 -22.12 -53.95 -35.08
CA TYR E 32 -23.27 -54.15 -34.20
C TYR E 32 -23.31 -53.06 -33.14
N TYR E 33 -24.47 -52.41 -33.02
CA TYR E 33 -24.72 -51.65 -31.82
C TYR E 33 -24.86 -52.60 -30.64
N ILE E 34 -24.74 -52.07 -29.44
CA ILE E 34 -25.00 -52.86 -28.25
C ILE E 34 -26.16 -52.23 -27.48
N HIS E 35 -27.17 -53.05 -27.21
CA HIS E 35 -28.24 -52.67 -26.29
C HIS E 35 -27.78 -52.93 -24.86
N TRP E 36 -28.25 -52.10 -23.95
CA TRP E 36 -27.98 -52.26 -22.53
C TRP E 36 -29.30 -52.43 -21.79
N VAL E 37 -29.47 -53.59 -21.17
CA VAL E 37 -30.76 -54.07 -20.69
C VAL E 37 -30.67 -54.28 -19.19
N LYS E 38 -31.60 -53.68 -18.45
CA LYS E 38 -31.67 -53.79 -17.01
C LYS E 38 -32.87 -54.63 -16.60
N GLN E 39 -32.62 -55.59 -15.72
CA GLN E 39 -33.71 -56.32 -15.09
C GLN E 39 -33.62 -56.08 -13.59
N ALA E 40 -34.56 -55.30 -13.06
CA ALA E 40 -34.62 -55.13 -11.63
C ALA E 40 -35.02 -56.47 -11.01
N PRO E 41 -34.45 -56.81 -9.84
CA PRO E 41 -34.65 -58.17 -9.32
C PRO E 41 -36.13 -58.48 -9.14
N GLY E 42 -36.56 -59.59 -9.74
CA GLY E 42 -37.97 -59.91 -9.82
C GLY E 42 -38.81 -58.95 -10.63
N LYS E 43 -38.19 -58.08 -11.43
CA LYS E 43 -38.93 -57.11 -12.21
C LYS E 43 -38.58 -57.24 -13.69
N SER E 44 -39.25 -56.45 -14.52
CA SER E 44 -39.24 -56.69 -15.95
C SER E 44 -37.93 -56.23 -16.59
N LEU E 45 -37.82 -56.51 -17.89
CA LEU E 45 -36.63 -56.11 -18.64
C LEU E 45 -36.72 -54.62 -18.97
N GLU E 46 -35.62 -53.91 -18.75
CA GLU E 46 -35.62 -52.46 -18.85
C GLU E 46 -34.36 -52.01 -19.58
N TRP E 47 -34.54 -51.25 -20.65
CA TRP E 47 -33.49 -50.97 -21.61
C TRP E 47 -32.95 -49.55 -21.42
N ILE E 48 -31.72 -49.43 -20.95
CA ILE E 48 -31.15 -48.15 -20.57
C ILE E 48 -30.65 -47.35 -21.77
N GLY E 49 -30.17 -48.03 -22.80
CA GLY E 49 -29.72 -47.30 -23.97
C GLY E 49 -29.06 -48.21 -24.98
N TYR E 50 -28.87 -47.65 -26.18
CA TYR E 50 -28.06 -48.30 -27.20
C TYR E 50 -26.83 -47.44 -27.43
N ILE E 51 -25.77 -48.10 -27.91
CA ILE E 51 -24.47 -47.51 -28.12
C ILE E 51 -24.07 -47.85 -29.55
N ASP E 52 -23.12 -47.11 -30.08
CA ASP E 52 -22.57 -47.45 -31.39
C ASP E 52 -21.10 -47.77 -31.25
N PRO E 53 -20.62 -48.77 -31.98
CA PRO E 53 -19.18 -49.06 -31.95
C PRO E 53 -18.35 -47.99 -32.61
N PHE E 54 -18.83 -47.42 -33.72
CA PHE E 54 -18.03 -46.46 -34.47
C PHE E 54 -18.14 -45.06 -33.89
N ASN E 55 -19.11 -44.83 -33.00
CA ASN E 55 -19.48 -43.49 -32.60
C ASN E 55 -19.97 -43.44 -31.16
N GLY E 56 -20.58 -42.30 -30.85
CA GLY E 56 -21.13 -41.96 -29.56
C GLY E 56 -22.58 -42.37 -29.39
N GLY E 57 -22.95 -43.47 -30.05
CA GLY E 57 -24.33 -43.81 -30.39
C GLY E 57 -25.27 -44.00 -29.21
N THR E 58 -24.88 -43.48 -28.05
CA THR E 58 -25.74 -43.49 -26.86
C THR E 58 -27.09 -42.89 -27.21
N SER E 59 -28.11 -43.71 -27.03
CA SER E 59 -29.42 -43.19 -26.71
C SER E 59 -29.68 -43.56 -25.26
N ASP E 60 -30.49 -42.78 -24.58
CA ASP E 60 -30.80 -43.07 -23.20
C ASP E 60 -32.31 -43.05 -23.02
N ASN E 61 -32.89 -44.20 -22.71
CA ASN E 61 -34.16 -44.17 -22.01
C ASN E 61 -33.94 -43.49 -20.67
N LEU E 62 -34.69 -42.43 -20.41
CA LEU E 62 -34.34 -41.70 -19.20
C LEU E 62 -34.92 -42.44 -18.03
N LYS E 63 -36.22 -42.26 -17.75
CA LYS E 63 -36.88 -43.00 -16.67
C LYS E 63 -35.95 -42.91 -15.46
N PHE E 64 -35.37 -44.01 -15.01
CA PHE E 64 -34.30 -43.94 -14.01
C PHE E 64 -33.10 -43.23 -14.59
N LYS E 65 -32.66 -42.17 -13.92
CA LYS E 65 -31.54 -41.39 -14.45
C LYS E 65 -30.32 -41.61 -13.58
N GLY E 66 -29.30 -42.23 -14.18
CA GLY E 66 -27.99 -42.34 -13.58
C GLY E 66 -26.91 -41.50 -14.20
N ALA E 67 -27.26 -40.42 -14.93
CA ALA E 67 -26.30 -39.67 -15.73
C ALA E 67 -25.49 -40.60 -16.63
N ALA E 68 -26.16 -41.62 -17.16
CA ALA E 68 -25.47 -42.72 -17.81
C ALA E 68 -24.91 -42.29 -19.16
N THR E 69 -23.77 -42.85 -19.51
CA THR E 69 -23.16 -42.72 -20.83
C THR E 69 -22.55 -44.05 -21.21
N LEU E 70 -22.85 -44.51 -22.42
CA LEU E 70 -22.34 -45.79 -22.91
C LEU E 70 -21.09 -45.54 -23.72
N THR E 71 -19.96 -46.03 -23.22
CA THR E 71 -18.70 -45.90 -23.94
C THR E 71 -18.28 -47.27 -24.45
N ALA E 72 -17.88 -47.31 -25.72
CA ALA E 72 -17.44 -48.55 -26.36
C ALA E 72 -15.95 -48.43 -26.65
N ASP E 73 -15.21 -49.45 -26.24
CA ASP E 73 -13.76 -49.50 -26.44
C ASP E 73 -13.52 -50.38 -27.65
N THR E 74 -13.18 -49.75 -28.78
CA THR E 74 -13.11 -50.49 -30.04
C THR E 74 -11.88 -51.39 -30.11
N SER E 75 -10.79 -51.01 -29.47
CA SER E 75 -9.66 -51.93 -29.35
C SER E 75 -10.07 -53.23 -28.69
N THR E 76 -10.72 -53.15 -27.52
CA THR E 76 -11.16 -54.33 -26.79
C THR E 76 -12.63 -54.67 -27.05
N ASP E 77 -13.30 -53.93 -27.95
CA ASP E 77 -14.65 -54.26 -28.37
C ASP E 77 -15.62 -54.24 -27.18
N THR E 78 -15.27 -53.47 -26.16
CA THR E 78 -16.01 -53.50 -24.91
C THR E 78 -16.79 -52.21 -24.72
N ALA E 79 -18.11 -52.31 -24.77
CA ALA E 79 -18.98 -51.21 -24.39
C ALA E 79 -19.08 -51.16 -22.88
N TYR E 80 -18.91 -49.97 -22.32
CA TYR E 80 -19.11 -49.73 -20.90
C TYR E 80 -20.45 -49.07 -20.71
N MET E 81 -21.09 -49.38 -19.59
CA MET E 81 -22.20 -48.58 -19.10
C MET E 81 -21.78 -48.00 -17.75
N GLU E 82 -21.58 -46.69 -17.71
CA GLU E 82 -21.37 -45.98 -16.47
C GLU E 82 -22.72 -45.57 -15.92
N LEU E 83 -23.08 -46.13 -14.78
CA LEU E 83 -24.33 -45.75 -14.12
C LEU E 83 -23.95 -45.05 -12.83
N SER E 84 -24.19 -43.75 -12.80
CA SER E 84 -23.87 -42.89 -11.67
C SER E 84 -25.14 -42.55 -10.92
N SER E 85 -25.00 -41.68 -9.92
CA SER E 85 -26.12 -41.23 -9.09
C SER E 85 -26.92 -42.44 -8.60
N LEU E 86 -26.19 -43.48 -8.22
CA LEU E 86 -26.83 -44.77 -7.97
C LEU E 86 -27.92 -44.66 -6.92
N ARG E 87 -28.98 -45.44 -7.10
CA ARG E 87 -30.08 -45.51 -6.17
C ARG E 87 -30.35 -46.97 -5.83
N SER E 88 -30.97 -47.18 -4.66
CA SER E 88 -31.22 -48.54 -4.20
C SER E 88 -32.12 -49.30 -5.17
N GLU E 89 -32.88 -48.59 -5.99
CA GLU E 89 -33.73 -49.23 -6.99
C GLU E 89 -32.97 -49.60 -8.26
N ASP E 90 -31.89 -48.89 -8.59
CA ASP E 90 -31.01 -49.32 -9.67
C ASP E 90 -30.47 -50.71 -9.44
N THR E 91 -30.52 -51.21 -8.20
CA THR E 91 -30.11 -52.58 -7.91
C THR E 91 -30.86 -53.54 -8.82
N ALA E 92 -30.11 -54.33 -9.57
CA ALA E 92 -30.66 -55.04 -10.72
C ALA E 92 -29.54 -55.80 -11.41
N VAL E 93 -29.93 -56.59 -12.40
CA VAL E 93 -28.99 -57.33 -13.23
C VAL E 93 -28.89 -56.63 -14.58
N TYR E 94 -27.74 -56.07 -14.88
CA TYR E 94 -27.56 -55.24 -16.07
C TYR E 94 -27.07 -56.13 -17.20
N TYR E 95 -27.92 -56.34 -18.20
CA TYR E 95 -27.53 -57.05 -19.40
C TYR E 95 -27.07 -56.05 -20.45
N CYS E 96 -26.05 -56.43 -21.19
CA CYS E 96 -25.74 -55.78 -22.45
C CYS E 96 -26.15 -56.71 -23.57
N ALA E 97 -26.71 -56.13 -24.62
CA ALA E 97 -27.33 -56.92 -25.67
C ALA E 97 -26.79 -56.51 -27.03
N ARG E 98 -26.38 -57.50 -27.82
CA ARG E 98 -25.89 -57.21 -29.14
C ARG E 98 -27.02 -56.69 -30.01
N SER E 99 -26.83 -55.51 -30.61
CA SER E 99 -27.81 -54.87 -31.46
C SER E 99 -27.29 -54.80 -32.88
N GLU E 100 -28.20 -54.73 -33.83
CA GLU E 100 -27.79 -54.49 -35.20
C GLU E 100 -27.19 -53.10 -35.32
N TYR E 101 -26.35 -52.92 -36.34
CA TYR E 101 -25.68 -51.60 -36.59
C TYR E 101 -26.64 -50.68 -37.35
N ASP E 102 -27.79 -51.22 -37.76
CA ASP E 102 -28.82 -50.45 -38.52
C ASP E 102 -30.17 -50.59 -37.82
N PRO E 103 -31.31 -50.31 -38.50
CA PRO E 103 -32.57 -50.01 -37.83
C PRO E 103 -33.18 -51.25 -37.16
N TYR E 104 -33.13 -52.40 -37.85
CA TYR E 104 -33.68 -53.67 -37.31
C TYR E 104 -33.09 -53.93 -35.92
N TYR E 105 -33.82 -53.54 -34.87
CA TYR E 105 -33.36 -53.71 -33.51
C TYR E 105 -33.68 -55.11 -33.03
N VAL E 106 -32.64 -55.91 -32.95
CA VAL E 106 -32.76 -57.27 -32.45
C VAL E 106 -31.66 -57.40 -31.41
N MET E 107 -31.98 -58.00 -30.30
CA MET E 107 -30.92 -58.47 -29.46
C MET E 107 -31.03 -60.00 -29.45
N ASP E 108 -30.14 -60.62 -30.23
CA ASP E 108 -30.07 -62.06 -30.27
C ASP E 108 -29.26 -62.59 -29.12
N TYR E 109 -28.09 -62.01 -28.89
CA TYR E 109 -27.15 -62.53 -27.92
C TYR E 109 -26.69 -61.42 -26.97
N TRP E 110 -26.47 -61.81 -25.70
CA TRP E 110 -26.25 -60.83 -24.64
C TRP E 110 -25.03 -61.12 -23.79
N GLY E 111 -24.78 -60.24 -22.81
CA GLY E 111 -23.87 -60.55 -21.73
C GLY E 111 -24.49 -61.58 -20.81
N GLN E 112 -23.80 -61.84 -19.69
CA GLN E 112 -24.35 -62.77 -18.72
C GLN E 112 -25.20 -62.08 -17.66
N GLY E 113 -25.21 -60.76 -17.65
CA GLY E 113 -25.89 -59.95 -16.66
C GLY E 113 -24.98 -59.58 -15.52
N THR E 114 -25.18 -58.36 -15.01
CA THR E 114 -24.37 -57.85 -13.92
C THR E 114 -25.30 -57.35 -12.82
N THR E 115 -25.34 -58.07 -11.70
CA THR E 115 -26.06 -57.59 -10.54
C THR E 115 -25.31 -56.40 -9.99
N VAL E 116 -26.02 -55.34 -9.68
CA VAL E 116 -25.46 -54.24 -8.91
C VAL E 116 -26.34 -54.09 -7.70
N THR E 117 -25.75 -54.14 -6.52
CA THR E 117 -26.47 -53.89 -5.28
C THR E 117 -26.11 -52.49 -4.81
N VAL E 118 -27.06 -51.57 -4.95
CA VAL E 118 -26.86 -50.18 -4.54
C VAL E 118 -27.55 -50.03 -3.19
N SER E 119 -26.76 -49.89 -2.14
CA SER E 119 -27.30 -49.79 -0.80
C SER E 119 -26.25 -49.14 0.09
N SER E 120 -26.71 -48.58 1.21
CA SER E 120 -25.76 -48.23 2.27
C SER E 120 -25.26 -49.49 2.98
N ALA E 121 -25.87 -50.63 2.71
CA ALA E 121 -25.42 -51.88 3.28
C ALA E 121 -24.21 -52.40 2.50
N SER E 122 -23.09 -52.48 3.18
CA SER E 122 -21.87 -53.03 2.61
C SER E 122 -21.93 -54.55 2.58
N THR E 123 -21.10 -55.14 1.73
CA THR E 123 -21.10 -56.58 1.53
C THR E 123 -20.58 -57.29 2.78
N ILE F 1 51.48 -45.03 16.66
CA ILE F 1 51.81 -45.79 15.46
C ILE F 1 52.87 -45.04 14.66
N VAL F 2 53.66 -44.23 15.35
CA VAL F 2 54.69 -43.38 14.74
C VAL F 2 56.02 -44.11 14.82
N LEU F 3 56.83 -43.97 13.77
CA LEU F 3 58.12 -44.61 13.66
C LEU F 3 59.23 -43.59 13.92
N THR F 4 60.34 -44.07 14.48
CA THR F 4 61.46 -43.24 14.89
C THR F 4 62.75 -43.73 14.23
N GLN F 5 63.51 -42.78 13.65
CA GLN F 5 64.80 -43.09 13.07
C GLN F 5 65.90 -42.28 13.75
N SER F 6 67.14 -42.76 13.60
CA SER F 6 68.28 -42.09 14.20
C SER F 6 68.85 -41.06 13.23
N PRO F 7 69.24 -39.86 13.71
CA PRO F 7 69.44 -38.74 12.79
C PRO F 7 70.56 -38.89 11.75
N PHE F 8 71.76 -39.30 12.14
CA PHE F 8 72.81 -39.45 11.15
C PHE F 8 73.70 -40.62 11.55
N GLN F 9 74.22 -41.31 10.54
CA GLN F 9 74.99 -42.52 10.73
C GLN F 9 76.31 -42.43 9.99
N SER F 10 77.40 -42.46 10.77
CA SER F 10 78.73 -42.13 10.29
C SER F 10 79.61 -43.38 10.30
N VAL F 11 79.91 -43.87 9.10
CA VAL F 11 80.66 -45.10 8.91
C VAL F 11 81.57 -44.86 7.70
N SER F 12 82.45 -45.83 7.35
CA SER F 12 83.45 -45.72 6.30
C SER F 12 83.35 -46.91 5.35
N PRO F 13 83.97 -46.82 4.17
CA PRO F 13 83.87 -47.93 3.20
C PRO F 13 84.28 -49.26 3.80
N LYS F 14 83.53 -50.30 3.43
CA LYS F 14 83.66 -51.71 3.83
C LYS F 14 83.12 -51.99 5.23
N GLU F 15 82.90 -50.97 6.05
CA GLU F 15 82.25 -51.19 7.33
C GLU F 15 80.74 -51.31 7.13
N LYS F 16 80.07 -52.00 8.05
CA LYS F 16 78.64 -52.23 7.99
C LYS F 16 77.92 -51.21 8.84
N VAL F 17 76.79 -50.70 8.35
CA VAL F 17 75.99 -49.69 9.03
C VAL F 17 74.56 -50.18 9.20
N THR F 18 73.95 -49.82 10.32
CA THR F 18 72.61 -50.26 10.68
C THR F 18 71.77 -49.06 11.10
N ILE F 19 70.73 -48.75 10.33
CA ILE F 19 69.91 -47.57 10.58
C ILE F 19 68.50 -48.03 10.89
N THR F 20 68.07 -47.79 12.13
CA THR F 20 66.85 -48.37 12.65
C THR F 20 65.61 -47.63 12.18
N CYS F 21 64.52 -48.38 12.03
CA CYS F 21 63.18 -47.80 11.91
C CYS F 21 62.39 -48.35 13.10
N ARG F 22 62.11 -47.48 14.06
CA ARG F 22 61.58 -47.88 15.36
C ARG F 22 60.20 -47.29 15.55
N ALA F 23 59.18 -48.13 15.56
CA ALA F 23 57.80 -47.67 15.63
C ALA F 23 57.28 -47.81 17.04
N SER F 24 56.66 -46.75 17.56
CA SER F 24 55.95 -46.85 18.82
C SER F 24 54.88 -47.93 18.76
N GLN F 25 54.72 -48.63 19.87
CA GLN F 25 53.65 -49.61 20.05
C GLN F 25 53.78 -50.65 18.93
N SER F 26 52.70 -51.06 18.29
CA SER F 26 52.75 -52.18 17.37
C SER F 26 53.40 -51.76 16.07
N ILE F 27 54.01 -52.74 15.41
CA ILE F 27 54.63 -52.58 14.10
C ILE F 27 53.90 -53.49 13.14
N SER F 28 53.98 -53.18 11.85
CA SER F 28 53.67 -54.17 10.85
C SER F 28 54.97 -54.64 10.20
N SER F 29 55.10 -55.96 10.06
CA SER F 29 56.35 -56.53 9.58
C SER F 29 56.81 -55.86 8.29
N ASN F 30 55.93 -55.73 7.30
CA ASN F 30 56.25 -55.02 6.07
C ASN F 30 56.78 -53.64 6.40
N LEU F 31 57.77 -53.20 5.63
CA LEU F 31 58.29 -51.84 5.72
C LEU F 31 59.03 -51.50 4.44
N HIS F 32 59.19 -50.21 4.18
CA HIS F 32 59.67 -49.76 2.88
C HIS F 32 60.78 -48.73 3.08
N TRP F 33 61.99 -49.06 2.60
CA TRP F 33 63.19 -48.26 2.85
C TRP F 33 63.60 -47.46 1.62
N TYR F 34 63.93 -46.19 1.83
CA TYR F 34 64.08 -45.21 0.76
C TYR F 34 65.43 -44.52 0.82
N GLN F 35 66.13 -44.49 -0.31
CA GLN F 35 67.43 -43.82 -0.43
C GLN F 35 67.25 -42.51 -1.19
N GLN F 36 67.37 -41.38 -0.48
CA GLN F 36 67.22 -40.04 -1.07
C GLN F 36 68.58 -39.43 -1.34
N LYS F 37 68.91 -39.31 -2.63
CA LYS F 37 70.05 -38.54 -3.07
C LYS F 37 69.67 -37.06 -3.08
N PRO F 38 70.60 -36.17 -2.73
CA PRO F 38 70.24 -34.77 -2.49
C PRO F 38 69.48 -34.19 -3.66
N ASP F 39 68.32 -33.60 -3.37
CA ASP F 39 67.42 -33.02 -4.36
C ASP F 39 66.99 -34.03 -5.43
N GLN F 40 67.03 -35.32 -5.08
CA GLN F 40 66.62 -36.38 -5.99
C GLN F 40 65.56 -37.24 -5.32
N SER F 41 64.69 -37.80 -6.14
CA SER F 41 63.63 -38.65 -5.64
C SER F 41 64.22 -39.85 -4.90
N PRO F 42 63.89 -40.00 -3.61
CA PRO F 42 64.25 -41.24 -2.92
C PRO F 42 63.79 -42.45 -3.71
N LYS F 43 64.63 -43.47 -3.73
CA LYS F 43 64.41 -44.71 -4.45
C LYS F 43 64.21 -45.82 -3.44
N LEU F 44 63.28 -46.72 -3.71
CA LEU F 44 62.93 -47.68 -2.66
C LEU F 44 64.04 -48.73 -2.60
N LEU F 45 64.71 -48.80 -1.44
CA LEU F 45 65.67 -49.85 -1.18
C LEU F 45 65.07 -51.16 -0.76
N ILE F 46 64.15 -51.17 0.21
CA ILE F 46 63.66 -52.41 0.79
C ILE F 46 62.13 -52.39 0.82
N LYS F 47 61.54 -53.45 0.29
CA LYS F 47 60.10 -53.65 0.15
C LYS F 47 59.69 -54.83 1.02
N TYR F 48 58.57 -54.68 1.74
CA TYR F 48 58.13 -55.69 2.71
C TYR F 48 59.18 -55.93 3.78
N ALA F 49 60.08 -54.96 3.92
CA ALA F 49 61.12 -54.89 4.92
C ALA F 49 62.16 -55.99 4.75
N SER F 50 61.83 -57.05 4.00
CA SER F 50 62.80 -58.06 3.61
C SER F 50 63.29 -57.98 2.18
N GLN F 51 62.75 -57.09 1.35
CA GLN F 51 62.89 -57.27 -0.09
C GLN F 51 63.34 -55.99 -0.78
N SER F 52 64.49 -56.07 -1.44
CA SER F 52 65.00 -54.98 -2.27
C SER F 52 64.56 -55.19 -3.71
N ILE F 53 64.12 -54.11 -4.36
CA ILE F 53 63.58 -54.20 -5.71
C ILE F 53 64.69 -54.58 -6.68
N SER F 54 64.30 -55.06 -7.87
CA SER F 54 65.25 -55.56 -8.86
C SER F 54 66.35 -54.54 -9.15
N GLY F 55 67.58 -55.04 -9.34
CA GLY F 55 68.72 -54.24 -9.69
C GLY F 55 69.41 -53.56 -8.51
N ILE F 56 68.93 -53.79 -7.30
CA ILE F 56 69.51 -53.16 -6.12
C ILE F 56 70.62 -54.05 -5.57
N PRO F 57 71.86 -53.55 -5.48
CA PRO F 57 72.98 -54.43 -5.14
C PRO F 57 72.78 -55.10 -3.79
N SER F 58 73.49 -56.21 -3.59
CA SER F 58 73.18 -57.12 -2.48
C SER F 58 73.68 -56.61 -1.14
N ARG F 59 74.52 -55.56 -1.11
CA ARG F 59 74.88 -55.01 0.19
C ARG F 59 73.68 -54.45 0.93
N PHE F 60 72.60 -54.14 0.23
CA PHE F 60 71.41 -53.55 0.83
C PHE F 60 70.50 -54.64 1.35
N SER F 61 70.15 -54.54 2.62
CA SER F 61 69.20 -55.44 3.25
C SER F 61 68.25 -54.61 4.09
N GLY F 62 67.19 -55.25 4.54
CA GLY F 62 66.33 -54.67 5.55
C GLY F 62 65.79 -55.78 6.42
N SER F 63 65.29 -55.39 7.60
CA SER F 63 64.82 -56.36 8.57
C SER F 63 64.10 -55.63 9.67
N GLY F 64 63.58 -56.40 10.62
CA GLY F 64 63.03 -55.83 11.83
C GLY F 64 63.06 -56.81 13.00
N SER F 65 63.09 -56.27 14.21
CA SER F 65 63.01 -57.07 15.41
C SER F 65 62.19 -56.31 16.44
N GLY F 66 61.18 -56.96 17.00
CA GLY F 66 60.31 -56.27 17.93
C GLY F 66 59.71 -55.04 17.27
N THR F 67 59.92 -53.89 17.91
CA THR F 67 59.42 -52.61 17.44
C THR F 67 60.37 -51.93 16.46
N ASP F 68 61.47 -52.60 16.11
CA ASP F 68 62.53 -52.03 15.31
C ASP F 68 62.48 -52.57 13.89
N PHE F 69 62.95 -51.75 12.96
CA PHE F 69 63.26 -52.18 11.61
C PHE F 69 64.59 -51.58 11.20
N THR F 70 65.56 -52.43 10.90
CA THR F 70 66.91 -51.99 10.58
C THR F 70 67.08 -51.92 9.08
N LEU F 71 67.72 -50.84 8.61
CA LEU F 71 68.32 -50.81 7.29
C LEU F 71 69.80 -51.11 7.49
N THR F 72 70.26 -52.23 6.95
CA THR F 72 71.62 -52.70 7.21
C THR F 72 72.35 -52.96 5.90
N ILE F 73 73.39 -52.18 5.64
CA ILE F 73 74.14 -52.22 4.40
C ILE F 73 75.56 -52.68 4.71
N ASN F 74 76.05 -53.66 3.96
CA ASN F 74 77.28 -54.36 4.29
C ASN F 74 78.34 -54.10 3.23
N SER F 75 79.53 -53.70 3.66
CA SER F 75 80.60 -53.26 2.77
C SER F 75 80.21 -52.02 1.97
N LEU F 76 80.13 -50.89 2.66
CA LEU F 76 79.78 -49.60 2.06
C LEU F 76 80.85 -49.12 1.08
N GLU F 77 80.44 -48.22 0.19
CA GLU F 77 81.33 -47.57 -0.76
C GLU F 77 81.01 -46.08 -0.82
N ALA F 78 82.03 -45.27 -1.08
CA ALA F 78 81.88 -43.81 -1.08
C ALA F 78 80.86 -43.37 -2.14
N GLU F 79 80.59 -44.23 -3.11
CA GLU F 79 79.60 -43.91 -4.12
C GLU F 79 78.19 -44.02 -3.54
N ASP F 80 78.01 -44.86 -2.53
CA ASP F 80 76.69 -45.35 -2.19
C ASP F 80 75.90 -44.34 -1.37
N PHE F 81 76.54 -43.68 -0.40
CA PHE F 81 75.82 -43.15 0.74
C PHE F 81 74.83 -42.06 0.37
N GLY F 82 73.75 -41.97 1.15
CA GLY F 82 72.68 -41.00 0.97
C GLY F 82 71.73 -41.12 2.14
N ILE F 83 70.83 -40.14 2.24
CA ILE F 83 69.90 -40.11 3.37
C ILE F 83 68.91 -41.25 3.21
N TYR F 84 68.65 -41.96 4.31
CA TYR F 84 67.84 -43.17 4.27
C TYR F 84 66.49 -42.93 4.91
N PHE F 85 65.48 -43.63 4.39
CA PHE F 85 64.12 -43.56 4.91
C PHE F 85 63.59 -44.95 5.14
N CYS F 86 62.59 -45.04 5.99
CA CYS F 86 61.65 -46.13 6.00
C CYS F 86 60.25 -45.54 5.82
N GLN F 87 59.31 -46.39 5.44
CA GLN F 87 57.90 -46.03 5.50
C GLN F 87 57.20 -47.04 6.39
N GLN F 88 56.29 -46.54 7.22
CA GLN F 88 55.43 -47.43 8.00
C GLN F 88 54.58 -48.26 7.06
N THR F 89 54.09 -49.40 7.54
CA THR F 89 53.08 -50.13 6.78
C THR F 89 51.78 -50.19 7.59
N ASN F 90 50.69 -50.19 6.84
CA ASN F 90 49.28 -50.25 7.22
C ASN F 90 49.05 -49.23 8.35
N PHE F 91 48.21 -49.50 9.32
CA PHE F 91 47.90 -48.61 10.44
C PHE F 91 47.47 -47.22 9.95
N TRP F 92 47.02 -47.12 8.69
CA TRP F 92 46.68 -45.79 8.16
C TRP F 92 48.01 -45.02 8.08
N PRO F 93 48.02 -43.79 7.59
CA PRO F 93 48.97 -43.43 6.56
C PRO F 93 50.42 -43.73 6.93
N TYR F 94 51.25 -43.92 5.92
CA TYR F 94 52.62 -44.39 6.12
C TYR F 94 53.36 -43.14 6.53
N ILE F 95 53.88 -43.15 7.76
CA ILE F 95 54.54 -41.95 8.26
C ILE F 95 56.02 -42.11 7.94
N PHE F 96 56.49 -41.34 6.99
CA PHE F 96 57.74 -41.67 6.33
C PHE F 96 58.86 -41.33 7.28
N GLY F 97 60.00 -42.00 7.11
CA GLY F 97 61.14 -41.79 7.96
C GLY F 97 61.48 -40.33 8.06
N GLN F 98 61.79 -39.86 9.27
CA GLN F 98 62.36 -38.54 9.43
C GLN F 98 63.59 -38.36 8.54
N GLY F 99 64.27 -39.45 8.24
CA GLY F 99 65.45 -39.54 7.41
C GLY F 99 66.71 -39.61 8.23
N THR F 100 67.68 -40.36 7.71
CA THR F 100 69.00 -40.48 8.31
C THR F 100 70.04 -40.33 7.22
N LYS F 101 70.87 -39.31 7.34
CA LYS F 101 71.89 -39.02 6.35
C LYS F 101 73.06 -39.95 6.55
N LEU F 102 73.38 -40.75 5.53
CA LEU F 102 74.51 -41.66 5.61
C LEU F 102 75.75 -40.93 5.13
N GLU F 103 76.72 -40.76 6.02
CA GLU F 103 78.03 -40.23 5.67
C GLU F 103 79.01 -41.39 5.61
N ILE F 104 79.96 -41.31 4.68
CA ILE F 104 81.00 -42.31 4.56
C ILE F 104 82.34 -41.59 4.51
N LEU F 105 83.21 -41.92 5.45
CA LEU F 105 84.48 -41.25 5.68
C LEU F 105 85.57 -41.85 4.80
N LYS F 106 86.82 -41.47 5.11
CA LYS F 106 88.03 -42.05 4.54
C LYS F 106 88.36 -41.39 3.20
N ARG F 107 87.49 -40.49 2.73
CA ARG F 107 87.87 -39.61 1.64
C ARG F 107 88.96 -38.64 2.13
N VAL G 2 56.56 -46.92 -15.46
CA VAL G 2 57.86 -46.45 -15.93
C VAL G 2 57.92 -44.93 -15.92
N GLN G 3 56.79 -44.25 -16.18
CA GLN G 3 56.86 -42.80 -16.31
C GLN G 3 55.71 -42.12 -15.56
N LEU G 4 56.07 -41.36 -14.53
CA LEU G 4 55.19 -40.43 -13.84
C LEU G 4 55.81 -39.06 -14.09
N VAL G 5 55.12 -38.23 -14.87
CA VAL G 5 55.61 -36.90 -15.19
C VAL G 5 54.74 -35.88 -14.49
N GLN G 6 55.38 -34.97 -13.78
CA GLN G 6 54.70 -34.07 -12.87
C GLN G 6 54.81 -32.65 -13.40
N SER G 7 53.69 -31.92 -13.29
CA SER G 7 53.58 -30.61 -13.90
C SER G 7 54.60 -29.67 -13.30
N GLY G 8 54.86 -28.57 -14.00
CA GLY G 8 55.85 -27.64 -13.54
C GLY G 8 55.55 -27.09 -12.16
N ALA G 9 56.58 -26.48 -11.58
CA ALA G 9 56.49 -25.93 -10.23
C ALA G 9 55.47 -24.80 -10.18
N GLU G 10 54.97 -24.54 -8.98
CA GLU G 10 53.97 -23.49 -8.77
C GLU G 10 54.50 -22.49 -7.75
N VAL G 11 53.99 -21.26 -7.81
CA VAL G 11 54.20 -20.26 -6.78
C VAL G 11 52.88 -19.56 -6.54
N LYS G 12 52.36 -19.66 -5.32
CA LYS G 12 51.06 -19.09 -5.02
C LYS G 12 51.14 -18.15 -3.84
N LYS G 13 50.14 -17.37 -3.69
CA LYS G 13 49.92 -16.53 -2.54
C LYS G 13 49.18 -17.33 -1.46
N PRO G 14 49.34 -16.97 -0.19
CA PRO G 14 48.70 -17.75 0.88
C PRO G 14 47.20 -17.83 0.69
N GLY G 15 46.60 -18.89 1.22
CA GLY G 15 45.18 -19.08 1.14
C GLY G 15 44.66 -19.39 -0.25
N ALA G 16 45.52 -19.33 -1.27
CA ALA G 16 45.13 -19.58 -2.64
C ALA G 16 45.10 -21.09 -2.90
N THR G 17 44.99 -21.46 -4.18
CA THR G 17 44.88 -22.86 -4.56
C THR G 17 45.97 -23.23 -5.57
N VAL G 18 46.35 -24.50 -5.53
CA VAL G 18 47.21 -25.12 -6.53
C VAL G 18 46.74 -26.54 -6.81
N LYS G 19 46.50 -26.83 -8.09
CA LYS G 19 46.25 -28.21 -8.51
C LYS G 19 47.45 -28.66 -9.33
N ILE G 20 48.10 -29.74 -8.91
CA ILE G 20 49.23 -30.29 -9.63
C ILE G 20 48.85 -31.65 -10.19
N SER G 21 49.36 -31.92 -11.38
CA SER G 21 49.06 -33.12 -12.13
C SER G 21 50.23 -34.10 -12.06
N CYS G 22 49.90 -35.38 -11.98
CA CYS G 22 50.87 -36.46 -12.15
C CYS G 22 50.42 -37.28 -13.35
N LYS G 23 51.16 -37.21 -14.45
CA LYS G 23 50.82 -37.94 -15.66
C LYS G 23 51.55 -39.28 -15.64
N VAL G 24 50.94 -40.28 -16.21
CA VAL G 24 51.43 -41.65 -16.11
C VAL G 24 51.69 -42.23 -17.49
N SER G 25 52.75 -43.02 -17.60
CA SER G 25 52.95 -43.90 -18.73
C SER G 25 53.96 -44.99 -18.34
N GLY G 26 54.03 -46.03 -19.17
CA GLY G 26 55.00 -47.08 -18.95
C GLY G 26 54.47 -48.29 -18.23
N TYR G 27 53.21 -48.24 -17.77
CA TYR G 27 52.57 -49.38 -17.13
C TYR G 27 51.07 -49.32 -17.41
N SER G 28 50.30 -50.10 -16.66
CA SER G 28 48.84 -50.07 -16.74
C SER G 28 48.28 -49.22 -15.60
N PHE G 29 47.64 -48.10 -15.97
CA PHE G 29 47.35 -47.02 -15.01
C PHE G 29 46.23 -47.38 -14.04
N SER G 30 45.31 -48.24 -14.45
CA SER G 30 44.25 -48.66 -13.55
C SER G 30 44.67 -49.82 -12.66
N ASN G 31 45.83 -50.42 -12.90
CA ASN G 31 46.35 -51.50 -12.04
C ASN G 31 47.12 -51.00 -10.84
N TYR G 32 47.22 -49.68 -10.63
CA TYR G 32 48.05 -49.16 -9.57
C TYR G 32 47.38 -47.97 -8.89
N TYR G 33 47.35 -47.96 -7.57
CA TYR G 33 46.98 -46.75 -6.84
C TYR G 33 48.12 -45.74 -6.88
N ILE G 34 47.80 -44.49 -6.54
CA ILE G 34 48.76 -43.39 -6.59
C ILE G 34 48.81 -42.69 -5.24
N HIS G 35 49.99 -42.67 -4.62
CA HIS G 35 50.25 -41.90 -3.41
C HIS G 35 50.79 -40.53 -3.78
N TRP G 36 50.40 -39.52 -3.02
CA TRP G 36 50.95 -38.18 -3.17
C TRP G 36 51.76 -37.83 -1.95
N VAL G 37 53.02 -37.44 -2.17
CA VAL G 37 53.98 -37.27 -1.09
C VAL G 37 54.60 -35.89 -1.18
N LYS G 38 54.66 -35.20 -0.05
CA LYS G 38 55.28 -33.89 0.06
C LYS G 38 56.55 -34.00 0.88
N GLN G 39 57.51 -33.12 0.57
CA GLN G 39 58.73 -33.01 1.37
C GLN G 39 59.06 -31.53 1.52
N ALA G 40 59.13 -31.05 2.76
CA ALA G 40 59.29 -29.62 3.01
C ALA G 40 60.74 -29.21 2.82
N PRO G 41 61.05 -27.91 2.98
CA PRO G 41 62.45 -27.50 3.14
C PRO G 41 63.14 -28.13 4.33
N GLY G 42 64.30 -28.75 4.06
CA GLY G 42 65.10 -29.38 5.08
C GLY G 42 64.45 -30.54 5.79
N LYS G 43 63.27 -30.98 5.36
CA LYS G 43 62.46 -31.93 6.11
C LYS G 43 62.20 -33.18 5.28
N SER G 44 61.35 -34.06 5.82
CA SER G 44 61.23 -35.43 5.35
C SER G 44 60.09 -35.58 4.34
N LEU G 45 59.97 -36.81 3.83
CA LEU G 45 58.83 -37.20 3.01
C LEU G 45 57.55 -37.06 3.82
N GLU G 46 56.49 -36.60 3.18
CA GLU G 46 55.19 -36.54 3.84
C GLU G 46 54.14 -37.01 2.86
N TRP G 47 53.43 -38.07 3.23
CA TRP G 47 52.36 -38.62 2.41
C TRP G 47 51.05 -37.89 2.72
N ILE G 48 50.49 -37.21 1.73
CA ILE G 48 49.22 -36.52 1.89
C ILE G 48 48.03 -37.45 1.67
N GLY G 49 48.10 -38.35 0.69
CA GLY G 49 46.96 -39.16 0.35
C GLY G 49 47.30 -40.22 -0.68
N TYR G 50 46.40 -41.20 -0.78
CA TYR G 50 46.41 -42.13 -1.90
C TYR G 50 45.05 -42.07 -2.59
N ILE G 51 45.06 -42.34 -3.90
CA ILE G 51 43.90 -42.27 -4.77
C ILE G 51 43.76 -43.62 -5.47
N ASP G 52 42.62 -43.80 -6.13
CA ASP G 52 42.42 -44.93 -7.03
C ASP G 52 42.22 -44.41 -8.45
N PRO G 53 42.80 -45.09 -9.43
CA PRO G 53 42.54 -44.70 -10.83
C PRO G 53 41.11 -44.95 -11.26
N PHE G 54 40.55 -46.10 -10.85
CA PHE G 54 39.24 -46.53 -11.30
C PHE G 54 38.12 -45.88 -10.50
N ASN G 55 38.48 -45.22 -9.39
CA ASN G 55 37.54 -44.75 -8.39
C ASN G 55 38.05 -43.45 -7.76
N GLY G 56 37.44 -43.09 -6.63
CA GLY G 56 37.69 -41.86 -5.87
C GLY G 56 38.70 -41.94 -4.74
N GLY G 57 39.70 -42.81 -4.87
CA GLY G 57 40.35 -43.49 -3.76
C GLY G 57 41.07 -42.68 -2.72
N THR G 58 40.86 -41.36 -2.70
CA THR G 58 41.45 -40.51 -1.66
C THR G 58 41.12 -41.06 -0.27
N SER G 59 42.17 -41.25 0.52
CA SER G 59 42.05 -41.20 1.97
C SER G 59 43.17 -40.34 2.51
N ASP G 60 42.80 -39.20 3.06
CA ASP G 60 43.71 -38.07 3.18
C ASP G 60 44.29 -38.02 4.59
N ASN G 61 45.59 -38.30 4.69
CA ASN G 61 46.28 -38.05 5.95
C ASN G 61 46.16 -36.57 6.28
N LEU G 62 45.64 -36.29 7.46
CA LEU G 62 45.14 -34.94 7.65
C LEU G 62 46.32 -34.03 7.95
N LYS G 63 46.84 -34.03 9.17
CA LYS G 63 48.01 -33.20 9.52
C LYS G 63 47.71 -31.78 9.08
N PHE G 64 48.43 -31.23 8.09
CA PHE G 64 48.02 -30.00 7.42
C PHE G 64 46.76 -30.26 6.62
N LYS G 65 45.77 -29.39 6.76
CA LYS G 65 44.54 -29.55 6.00
C LYS G 65 44.51 -28.49 4.91
N GLY G 66 44.76 -28.92 3.67
CA GLY G 66 44.54 -28.09 2.51
C GLY G 66 43.27 -28.41 1.77
N ALA G 67 42.29 -29.06 2.42
CA ALA G 67 41.08 -29.54 1.76
C ALA G 67 41.43 -30.38 0.53
N ALA G 68 42.54 -31.10 0.63
CA ALA G 68 43.11 -31.76 -0.53
C ALA G 68 42.15 -32.77 -1.13
N THR G 69 42.06 -32.78 -2.45
CA THR G 69 41.30 -33.77 -3.20
C THR G 69 42.18 -34.26 -4.34
N LEU G 70 42.24 -35.58 -4.51
CA LEU G 70 42.94 -36.17 -5.62
C LEU G 70 41.91 -36.64 -6.64
N THR G 71 42.15 -36.35 -7.91
CA THR G 71 41.30 -36.85 -8.96
C THR G 71 42.17 -37.50 -10.02
N ALA G 72 41.71 -38.66 -10.50
CA ALA G 72 42.34 -39.31 -11.63
C ALA G 72 41.55 -38.99 -12.88
N ASP G 73 42.26 -38.55 -13.91
CA ASP G 73 41.70 -38.45 -15.25
C ASP G 73 42.23 -39.69 -15.96
N THR G 74 41.35 -40.66 -16.17
CA THR G 74 41.77 -41.96 -16.67
C THR G 74 42.12 -41.91 -18.15
N SER G 75 41.57 -40.96 -18.89
CA SER G 75 41.84 -40.89 -20.32
C SER G 75 43.30 -40.61 -20.60
N THR G 76 43.91 -39.68 -19.85
CA THR G 76 45.31 -39.32 -20.04
C THR G 76 46.24 -40.08 -19.12
N ASP G 77 45.68 -40.94 -18.26
CA ASP G 77 46.43 -41.58 -17.18
C ASP G 77 47.16 -40.53 -16.35
N THR G 78 46.41 -39.54 -15.88
CA THR G 78 46.95 -38.49 -15.03
C THR G 78 46.27 -38.59 -13.67
N ALA G 79 47.02 -38.25 -12.62
CA ALA G 79 46.45 -38.04 -11.29
C ALA G 79 46.65 -36.58 -10.90
N TYR G 80 45.64 -36.01 -10.23
CA TYR G 80 45.60 -34.59 -9.92
C TYR G 80 45.61 -34.39 -8.41
N MET G 81 46.26 -33.31 -7.97
CA MET G 81 46.24 -32.95 -6.55
C MET G 81 45.87 -31.48 -6.43
N GLU G 82 44.70 -31.21 -5.87
CA GLU G 82 44.26 -29.85 -5.57
C GLU G 82 44.50 -29.55 -4.10
N LEU G 83 45.20 -28.46 -3.84
CA LEU G 83 45.56 -28.05 -2.49
C LEU G 83 45.18 -26.59 -2.31
N SER G 84 44.18 -26.35 -1.46
CA SER G 84 43.68 -25.02 -1.18
C SER G 84 44.14 -24.55 0.20
N SER G 85 43.80 -23.30 0.51
CA SER G 85 44.26 -22.63 1.74
C SER G 85 45.76 -22.79 1.89
N LEU G 86 46.49 -22.39 0.85
CA LEU G 86 47.94 -22.46 0.85
C LEU G 86 48.53 -21.64 1.99
N ARG G 87 49.38 -22.29 2.77
CA ARG G 87 49.94 -21.66 3.96
C ARG G 87 51.45 -21.59 3.85
N SER G 88 52.03 -20.72 4.67
CA SER G 88 53.46 -20.37 4.55
C SER G 88 54.35 -21.59 4.67
N GLU G 89 53.84 -22.66 5.26
CA GLU G 89 54.57 -23.90 5.32
C GLU G 89 54.12 -24.92 4.28
N ASP G 90 53.16 -24.58 3.42
CA ASP G 90 52.83 -25.43 2.29
C ASP G 90 53.86 -25.34 1.16
N THR G 91 54.88 -24.52 1.31
CA THR G 91 55.98 -24.50 0.34
C THR G 91 56.82 -25.78 0.46
N ALA G 92 56.91 -26.54 -0.63
CA ALA G 92 57.57 -27.86 -0.61
C ALA G 92 57.49 -28.52 -1.97
N VAL G 93 58.07 -29.72 -2.06
CA VAL G 93 58.16 -30.49 -3.30
C VAL G 93 57.16 -31.65 -3.24
N TYR G 94 56.26 -31.68 -4.22
CA TYR G 94 55.16 -32.64 -4.23
C TYR G 94 55.49 -33.82 -5.12
N TYR G 95 55.66 -34.98 -4.51
CA TYR G 95 55.85 -36.23 -5.23
C TYR G 95 54.51 -36.96 -5.35
N CYS G 96 54.31 -37.59 -6.50
CA CYS G 96 53.27 -38.58 -6.68
C CYS G 96 53.91 -39.96 -6.70
N ALA G 97 53.21 -40.95 -6.17
CA ALA G 97 53.81 -42.24 -5.89
C ALA G 97 52.91 -43.38 -6.35
N ARG G 98 53.44 -44.21 -7.24
CA ARG G 98 52.69 -45.34 -7.77
C ARG G 98 52.62 -46.46 -6.75
N SER G 99 51.41 -46.86 -6.41
CA SER G 99 51.16 -47.87 -5.41
C SER G 99 50.53 -49.08 -6.06
N GLU G 100 50.67 -50.23 -5.42
CA GLU G 100 49.93 -51.39 -5.87
C GLU G 100 48.44 -51.10 -5.81
N TYR G 101 47.66 -51.86 -6.59
CA TYR G 101 46.18 -51.70 -6.63
C TYR G 101 45.57 -52.39 -5.41
N ASP G 102 46.41 -53.07 -4.62
CA ASP G 102 45.95 -53.78 -3.38
C ASP G 102 47.08 -53.78 -2.35
N PRO G 103 47.39 -54.92 -1.70
CA PRO G 103 47.91 -54.92 -0.32
C PRO G 103 49.24 -54.16 -0.23
N TYR G 104 50.29 -54.70 -0.85
CA TYR G 104 51.63 -54.04 -0.85
C TYR G 104 51.46 -52.61 -1.40
N TYR G 105 51.90 -51.61 -0.63
CA TYR G 105 51.74 -50.19 -1.06
C TYR G 105 53.09 -49.49 -1.19
N VAL G 106 54.01 -50.04 -1.99
CA VAL G 106 55.29 -49.39 -2.19
C VAL G 106 55.06 -48.23 -3.13
N MET G 107 56.04 -47.34 -3.19
CA MET G 107 56.29 -46.54 -4.35
C MET G 107 57.70 -46.91 -4.83
N ASP G 108 57.77 -47.75 -5.87
CA ASP G 108 59.05 -48.05 -6.49
C ASP G 108 59.43 -46.93 -7.44
N TYR G 109 58.43 -46.35 -8.07
CA TYR G 109 58.63 -45.41 -9.16
C TYR G 109 57.90 -44.11 -8.88
N TRP G 110 58.55 -43.00 -9.18
CA TRP G 110 57.95 -41.71 -8.88
C TRP G 110 57.94 -40.77 -10.07
N GLY G 111 57.32 -39.62 -9.89
CA GLY G 111 57.63 -38.44 -10.67
C GLY G 111 58.93 -37.84 -10.15
N GLN G 112 59.24 -36.65 -10.64
CA GLN G 112 60.49 -35.98 -10.27
C GLN G 112 60.32 -34.99 -9.12
N GLY G 113 59.10 -34.71 -8.70
CA GLY G 113 58.84 -33.65 -7.73
C GLY G 113 58.36 -32.37 -8.40
N THR G 114 57.50 -31.64 -7.71
CA THR G 114 57.02 -30.35 -8.19
C THR G 114 57.00 -29.38 -7.02
N THR G 115 57.81 -28.32 -7.12
CA THR G 115 57.90 -27.38 -6.00
C THR G 115 56.77 -26.37 -6.11
N VAL G 116 56.07 -26.17 -5.01
CA VAL G 116 55.11 -25.07 -4.88
C VAL G 116 55.60 -24.18 -3.77
N THR G 117 55.75 -22.89 -4.07
CA THR G 117 56.13 -21.89 -3.10
C THR G 117 54.89 -21.07 -2.74
N VAL G 118 54.53 -21.08 -1.46
CA VAL G 118 53.46 -20.24 -0.95
C VAL G 118 54.12 -19.10 -0.19
N SER G 119 54.13 -17.92 -0.80
CA SER G 119 54.75 -16.74 -0.23
C SER G 119 54.00 -15.51 -0.68
N SER G 120 53.82 -14.58 0.26
CA SER G 120 53.26 -13.28 -0.10
C SER G 120 54.21 -12.51 -0.99
N ALA G 121 55.44 -12.98 -1.16
CA ALA G 121 56.41 -12.31 -2.00
C ALA G 121 56.32 -12.84 -3.44
N SER G 122 56.41 -11.92 -4.39
CA SER G 122 56.28 -12.22 -5.79
C SER G 122 57.54 -12.85 -6.35
N THR G 123 57.37 -13.57 -7.46
CA THR G 123 58.48 -14.11 -8.23
C THR G 123 59.14 -13.00 -9.05
N ILE H 1 27.23 19.29 -64.69
CA ILE H 1 26.93 17.95 -65.18
C ILE H 1 25.48 17.86 -65.64
N VAL H 2 24.98 18.90 -66.29
CA VAL H 2 23.63 18.94 -66.84
C VAL H 2 23.73 19.18 -68.33
N LEU H 3 22.83 18.57 -69.11
CA LEU H 3 22.93 18.59 -70.57
C LEU H 3 21.79 19.37 -71.21
N THR H 4 22.07 19.94 -72.39
CA THR H 4 21.21 20.89 -73.06
C THR H 4 20.79 20.37 -74.43
N GLN H 5 19.48 20.49 -74.71
CA GLN H 5 18.92 20.15 -76.02
C GLN H 5 18.20 21.36 -76.59
N SER H 6 18.05 21.36 -77.92
CA SER H 6 17.20 22.34 -78.56
C SER H 6 15.74 21.92 -78.42
N PRO H 7 14.86 22.80 -77.95
CA PRO H 7 13.49 22.35 -77.63
C PRO H 7 12.73 21.82 -78.83
N PHE H 8 13.05 22.27 -80.04
CA PHE H 8 12.25 21.93 -81.20
C PHE H 8 13.11 21.95 -82.45
N GLN H 9 12.77 21.07 -83.39
CA GLN H 9 13.32 21.11 -84.73
C GLN H 9 12.23 20.75 -85.72
N SER H 10 12.09 21.56 -86.77
CA SER H 10 11.13 21.30 -87.83
C SER H 10 11.88 21.07 -89.12
N VAL H 11 11.60 19.93 -89.76
CA VAL H 11 12.29 19.54 -90.99
C VAL H 11 11.24 19.01 -91.96
N SER H 12 11.66 18.67 -93.17
CA SER H 12 10.85 18.13 -94.23
C SER H 12 11.30 16.72 -94.56
N PRO H 13 10.43 15.89 -95.13
CA PRO H 13 10.81 14.52 -95.47
C PRO H 13 12.01 14.49 -96.41
N LYS H 14 12.89 13.51 -96.19
CA LYS H 14 14.16 13.25 -96.88
C LYS H 14 15.27 14.19 -96.42
N GLU H 15 14.94 15.30 -95.76
CA GLU H 15 15.95 16.24 -95.31
C GLU H 15 16.58 15.75 -94.00
N LYS H 16 17.83 16.15 -93.79
CA LYS H 16 18.60 15.69 -92.65
C LYS H 16 18.47 16.68 -91.51
N VAL H 17 18.21 16.15 -90.31
CA VAL H 17 18.08 16.93 -89.08
C VAL H 17 19.10 16.42 -88.08
N THR H 18 19.61 17.32 -87.26
CA THR H 18 20.52 16.97 -86.19
C THR H 18 20.09 17.68 -84.92
N ILE H 19 19.78 16.91 -83.88
CA ILE H 19 19.37 17.45 -82.59
C ILE H 19 20.51 17.23 -81.60
N THR H 20 20.90 18.30 -80.92
CA THR H 20 22.10 18.33 -80.11
C THR H 20 21.78 18.03 -78.65
N CYS H 21 22.70 17.33 -77.99
CA CYS H 21 22.63 17.14 -76.54
C CYS H 21 23.89 17.77 -75.97
N ARG H 22 23.74 18.90 -75.27
CA ARG H 22 24.88 19.72 -74.87
C ARG H 22 25.03 19.68 -73.35
N ALA H 23 26.05 18.98 -72.88
CA ALA H 23 26.24 18.77 -71.45
C ALA H 23 27.22 19.78 -70.91
N SER H 24 26.97 20.24 -69.69
CA SER H 24 27.81 21.24 -69.07
C SER H 24 29.11 20.63 -68.57
N GLN H 25 30.21 21.34 -68.79
CA GLN H 25 31.55 20.94 -68.33
C GLN H 25 31.88 19.59 -68.96
N SER H 26 32.20 18.56 -68.17
CA SER H 26 32.63 17.30 -68.74
C SER H 26 31.46 16.50 -69.29
N ILE H 27 31.74 15.64 -70.25
CA ILE H 27 30.75 14.79 -70.89
C ILE H 27 31.25 13.35 -70.84
N SER H 28 30.33 12.41 -71.00
CA SER H 28 30.70 11.00 -71.02
C SER H 28 30.39 10.40 -72.38
N SER H 29 31.37 9.66 -72.92
CA SER H 29 31.28 9.22 -74.31
C SER H 29 30.11 8.27 -74.55
N ASN H 30 29.48 7.80 -73.47
CA ASN H 30 28.19 7.12 -73.62
C ASN H 30 27.05 8.12 -73.56
N LEU H 31 26.05 7.92 -74.40
CA LEU H 31 24.80 8.67 -74.33
C LEU H 31 23.69 7.83 -74.94
N HIS H 32 22.44 8.17 -74.59
CA HIS H 32 21.30 7.35 -74.95
C HIS H 32 20.17 8.23 -75.49
N TRP H 33 19.77 7.95 -76.73
CA TRP H 33 18.74 8.75 -77.40
C TRP H 33 17.39 8.04 -77.34
N TYR H 34 16.34 8.82 -77.12
CA TYR H 34 15.00 8.31 -76.88
C TYR H 34 14.01 9.07 -77.75
N GLN H 35 13.17 8.31 -78.45
CA GLN H 35 12.03 8.85 -79.18
C GLN H 35 10.77 8.61 -78.37
N GLN H 36 10.21 9.67 -77.81
CA GLN H 36 8.95 9.57 -77.08
C GLN H 36 7.82 9.97 -78.03
N LYS H 37 6.99 9.00 -78.36
CA LYS H 37 5.73 9.29 -79.01
C LYS H 37 4.79 9.90 -77.99
N PRO H 38 3.85 10.74 -78.43
CA PRO H 38 2.94 11.38 -77.48
C PRO H 38 2.23 10.35 -76.61
N ASP H 39 2.27 10.60 -75.30
CA ASP H 39 1.62 9.78 -74.28
C ASP H 39 2.14 8.34 -74.27
N GLN H 40 3.37 8.13 -74.71
CA GLN H 40 3.92 6.79 -74.84
C GLN H 40 5.35 6.75 -74.32
N SER H 41 5.74 5.61 -73.78
CA SER H 41 7.04 5.44 -73.17
C SER H 41 8.15 5.69 -74.19
N PRO H 42 9.06 6.63 -73.90
CA PRO H 42 10.21 6.83 -74.77
C PRO H 42 10.98 5.54 -74.99
N LYS H 43 11.54 5.41 -76.18
CA LYS H 43 12.18 4.19 -76.63
C LYS H 43 13.61 4.50 -77.03
N LEU H 44 14.54 3.65 -76.64
CA LEU H 44 15.94 4.02 -76.79
C LEU H 44 16.35 3.85 -78.24
N LEU H 45 16.71 4.96 -78.88
CA LEU H 45 17.22 4.94 -80.24
C LEU H 45 18.71 4.64 -80.35
N ILE H 46 19.54 5.26 -79.51
CA ILE H 46 20.99 5.26 -79.71
C ILE H 46 21.69 4.96 -78.39
N LYS H 47 22.64 4.01 -78.43
CA LYS H 47 23.27 3.48 -77.23
C LYS H 47 24.77 3.69 -77.31
N TYR H 48 25.34 4.23 -76.22
CA TYR H 48 26.72 4.71 -76.16
C TYR H 48 26.94 5.79 -77.21
N ALA H 49 25.83 6.38 -77.65
CA ALA H 49 25.78 7.45 -78.64
C ALA H 49 26.24 6.96 -80.02
N SER H 50 26.92 5.81 -80.09
CA SER H 50 27.36 5.27 -81.36
C SER H 50 26.50 4.15 -81.94
N GLN H 51 25.48 3.67 -81.23
CA GLN H 51 24.87 2.39 -81.56
C GLN H 51 23.35 2.50 -81.52
N SER H 52 22.69 1.76 -82.39
CA SER H 52 21.24 1.58 -82.31
C SER H 52 20.97 0.23 -81.66
N ILE H 53 19.99 0.19 -80.76
CA ILE H 53 19.45 -1.10 -80.37
C ILE H 53 18.76 -1.69 -81.59
N SER H 54 18.68 -3.01 -81.64
CA SER H 54 18.27 -3.70 -82.87
C SER H 54 16.86 -3.30 -83.28
N GLY H 55 16.65 -3.18 -84.59
CA GLY H 55 15.35 -2.86 -85.16
C GLY H 55 15.11 -1.38 -85.37
N ILE H 56 16.02 -0.54 -84.90
CA ILE H 56 15.83 0.92 -84.96
C ILE H 56 16.31 1.43 -86.31
N PRO H 57 15.59 2.35 -86.96
CA PRO H 57 15.92 2.72 -88.34
C PRO H 57 17.38 3.12 -88.53
N SER H 58 17.93 2.73 -89.68
CA SER H 58 19.28 3.14 -90.05
C SER H 58 19.41 4.65 -90.19
N ARG H 59 18.30 5.35 -90.41
CA ARG H 59 18.33 6.81 -90.39
C ARG H 59 18.55 7.38 -89.01
N PHE H 60 18.47 6.56 -87.97
CA PHE H 60 18.72 7.02 -86.62
C PHE H 60 20.18 6.80 -86.26
N SER H 61 20.89 7.90 -86.14
CA SER H 61 22.30 7.87 -85.79
C SER H 61 22.53 8.82 -84.63
N GLY H 62 23.67 8.66 -84.01
CA GLY H 62 24.05 9.52 -82.90
C GLY H 62 25.55 9.68 -82.91
N SER H 63 26.01 10.64 -82.11
CA SER H 63 27.43 10.93 -82.03
C SER H 63 27.68 11.82 -80.83
N GLY H 64 28.93 12.24 -80.70
CA GLY H 64 29.23 13.40 -79.89
C GLY H 64 30.55 14.02 -80.29
N SER H 65 30.68 15.32 -80.03
CA SER H 65 31.95 16.02 -80.22
C SER H 65 32.03 17.12 -79.18
N GLY H 66 33.20 17.31 -78.60
CA GLY H 66 33.31 18.22 -77.49
C GLY H 66 32.30 17.84 -76.42
N THR H 67 31.48 18.80 -76.02
CA THR H 67 30.46 18.60 -75.01
C THR H 67 29.09 18.29 -75.62
N ASP H 68 29.00 18.21 -76.93
CA ASP H 68 27.71 18.04 -77.59
C ASP H 68 27.56 16.59 -78.03
N PHE H 69 26.33 16.09 -77.95
CA PHE H 69 25.96 14.80 -78.51
C PHE H 69 24.77 14.99 -79.43
N THR H 70 24.92 14.52 -80.66
CA THR H 70 23.94 14.78 -81.71
C THR H 70 22.96 13.63 -81.80
N LEU H 71 21.69 13.95 -82.01
CA LEU H 71 20.74 13.01 -82.53
C LEU H 71 20.54 13.36 -84.00
N THR H 72 21.07 12.52 -84.88
CA THR H 72 21.11 12.83 -86.30
C THR H 72 20.20 11.87 -87.04
N ILE H 73 19.21 12.43 -87.74
CA ILE H 73 18.32 11.65 -88.57
C ILE H 73 18.54 12.07 -90.01
N ASN H 74 18.71 11.09 -90.89
CA ASN H 74 18.85 11.33 -92.32
C ASN H 74 17.58 10.84 -93.00
N SER H 75 17.10 11.59 -93.99
CA SER H 75 15.97 11.13 -94.81
C SER H 75 14.75 10.80 -93.95
N LEU H 76 14.14 11.82 -93.37
CA LEU H 76 12.99 11.62 -92.49
C LEU H 76 11.79 11.06 -93.25
N GLU H 77 10.90 10.40 -92.49
CA GLU H 77 9.56 10.05 -92.93
C GLU H 77 8.56 10.73 -92.01
N ALA H 78 7.40 11.10 -92.55
CA ALA H 78 6.37 11.77 -91.76
C ALA H 78 5.83 10.87 -90.66
N GLU H 79 6.16 9.58 -90.71
CA GLU H 79 5.87 8.68 -89.59
C GLU H 79 6.89 8.84 -88.48
N ASP H 80 8.09 9.35 -88.82
CA ASP H 80 9.24 9.22 -87.96
C ASP H 80 9.18 10.17 -86.77
N PHE H 81 8.88 11.45 -87.02
CA PHE H 81 9.17 12.50 -86.05
C PHE H 81 8.48 12.23 -84.71
N GLY H 82 9.13 12.64 -83.64
CA GLY H 82 8.57 12.51 -82.31
C GLY H 82 9.38 13.31 -81.33
N ILE H 83 9.00 13.20 -80.05
CA ILE H 83 9.76 13.86 -79.01
C ILE H 83 11.04 13.08 -78.77
N TYR H 84 12.16 13.79 -78.70
CA TYR H 84 13.47 13.16 -78.63
C TYR H 84 14.18 13.52 -77.34
N PHE H 85 14.88 12.54 -76.77
CA PHE H 85 15.59 12.72 -75.51
C PHE H 85 16.99 12.15 -75.65
N CYS H 86 17.91 12.76 -74.93
CA CYS H 86 19.24 12.22 -74.71
C CYS H 86 19.44 12.04 -73.21
N GLN H 87 20.11 10.96 -72.86
CA GLN H 87 20.38 10.67 -71.46
C GLN H 87 21.87 10.80 -71.18
N GLN H 88 22.20 11.66 -70.24
CA GLN H 88 23.55 11.70 -69.71
C GLN H 88 23.93 10.32 -69.19
N THR H 89 25.20 10.00 -69.34
CA THR H 89 25.76 8.82 -68.72
C THR H 89 26.73 9.25 -67.63
N ASN H 90 26.83 8.40 -66.61
CA ASN H 90 27.61 8.44 -65.37
C ASN H 90 27.37 9.77 -64.65
N PHE H 91 28.36 10.35 -63.99
CA PHE H 91 28.32 11.62 -63.27
C PHE H 91 27.11 11.75 -62.34
N TRP H 92 26.62 10.62 -61.83
CA TRP H 92 25.46 10.65 -60.94
C TRP H 92 24.29 11.09 -61.80
N PRO H 93 23.07 11.16 -61.25
CA PRO H 93 21.93 10.59 -61.92
C PRO H 93 21.76 11.06 -63.34
N TYR H 94 21.20 10.21 -64.19
CA TYR H 94 21.31 10.41 -65.63
C TYR H 94 20.36 11.54 -65.96
N ILE H 95 20.91 12.64 -66.44
CA ILE H 95 20.11 13.84 -66.62
C ILE H 95 19.62 13.86 -68.06
N PHE H 96 18.33 13.66 -68.21
CA PHE H 96 17.75 13.38 -69.50
C PHE H 96 17.53 14.71 -70.20
N GLY H 97 17.64 14.72 -71.51
CA GLY H 97 17.42 15.93 -72.27
C GLY H 97 16.09 16.56 -71.93
N GLN H 98 16.02 17.88 -72.00
CA GLN H 98 14.76 18.58 -71.81
C GLN H 98 13.70 18.05 -72.76
N GLY H 99 14.12 17.40 -73.83
CA GLY H 99 13.25 16.84 -74.85
C GLY H 99 13.19 17.76 -76.06
N THR H 100 13.04 17.14 -77.23
CA THR H 100 12.88 17.87 -78.47
C THR H 100 11.75 17.23 -79.25
N LYS H 101 10.69 18.00 -79.49
CA LYS H 101 9.61 17.55 -80.35
C LYS H 101 10.01 17.85 -81.79
N LEU H 102 10.14 16.80 -82.60
CA LEU H 102 10.49 16.94 -84.01
C LEU H 102 9.20 17.07 -84.80
N GLU H 103 9.16 18.06 -85.68
CA GLU H 103 8.05 18.22 -86.62
C GLU H 103 8.58 17.92 -88.01
N ILE H 104 7.74 17.29 -88.83
CA ILE H 104 8.04 17.08 -90.24
C ILE H 104 6.94 17.73 -91.06
N LEU H 105 7.32 18.68 -91.89
CA LEU H 105 6.40 19.43 -92.72
C LEU H 105 6.06 18.61 -93.96
N LYS H 106 5.43 19.28 -94.93
CA LYS H 106 5.18 18.77 -96.28
C LYS H 106 3.90 17.94 -96.33
N ARG H 107 3.28 17.69 -95.20
CA ARG H 107 1.91 17.19 -95.23
C ARG H 107 0.99 18.26 -95.78
N VAL I 2 11.85 -7.56 -71.26
CA VAL I 2 10.89 -7.51 -72.35
C VAL I 2 9.56 -7.02 -71.81
N GLN I 3 9.28 -7.29 -70.53
CA GLN I 3 7.99 -6.90 -69.97
C GLN I 3 8.18 -6.29 -68.60
N LEU I 4 7.70 -5.05 -68.47
CA LEU I 4 7.69 -4.31 -67.23
C LEU I 4 6.28 -3.74 -67.10
N VAL I 5 5.58 -4.14 -66.05
CA VAL I 5 4.18 -3.80 -65.86
C VAL I 5 4.07 -3.05 -64.55
N GLN I 6 3.47 -1.87 -64.58
CA GLN I 6 3.37 -1.06 -63.38
C GLN I 6 1.96 -1.05 -62.79
N SER I 7 1.92 -0.91 -61.47
CA SER I 7 0.71 -0.60 -60.74
C SER I 7 0.09 0.68 -61.31
N GLY I 8 -1.24 0.71 -61.30
CA GLY I 8 -1.95 1.77 -61.99
C GLY I 8 -1.75 3.12 -61.34
N ALA I 9 -2.46 4.10 -61.90
CA ALA I 9 -2.38 5.47 -61.42
C ALA I 9 -2.73 5.56 -59.94
N GLU I 10 -1.99 6.40 -59.22
CA GLU I 10 -2.21 6.61 -57.79
C GLU I 10 -2.53 8.07 -57.53
N VAL I 11 -3.71 8.32 -56.98
CA VAL I 11 -4.15 9.67 -56.68
C VAL I 11 -4.14 9.83 -55.16
N LYS I 12 -3.36 10.78 -54.68
CA LYS I 12 -3.14 10.98 -53.26
C LYS I 12 -3.39 12.43 -52.88
N LYS I 13 -3.50 12.68 -51.60
CA LYS I 13 -3.35 14.07 -51.21
C LYS I 13 -1.87 14.40 -51.07
N PRO I 14 -1.46 15.66 -51.27
CA PRO I 14 -0.07 16.02 -51.03
C PRO I 14 0.35 15.67 -49.62
N GLY I 15 1.61 15.26 -49.46
CA GLY I 15 2.12 14.80 -48.20
C GLY I 15 1.91 13.33 -47.93
N ALA I 16 0.98 12.69 -48.63
CA ALA I 16 0.73 11.27 -48.47
C ALA I 16 1.81 10.47 -49.19
N THR I 17 1.61 9.16 -49.29
CA THR I 17 2.60 8.28 -49.87
C THR I 17 2.01 7.51 -51.04
N VAL I 18 2.82 7.40 -52.10
CA VAL I 18 2.54 6.49 -53.20
C VAL I 18 3.71 5.54 -53.34
N LYS I 19 3.40 4.25 -53.44
CA LYS I 19 4.38 3.23 -53.78
C LYS I 19 3.93 2.59 -55.08
N ILE I 20 4.84 2.41 -56.02
CA ILE I 20 4.48 1.94 -57.35
C ILE I 20 5.32 0.73 -57.73
N SER I 21 4.62 -0.29 -58.22
CA SER I 21 5.19 -1.60 -58.53
C SER I 21 5.64 -1.64 -59.98
N CYS I 22 6.89 -2.04 -60.19
CA CYS I 22 7.38 -2.34 -61.52
C CYS I 22 7.59 -3.84 -61.61
N LYS I 23 6.70 -4.53 -62.33
CA LYS I 23 6.72 -5.99 -62.37
C LYS I 23 7.51 -6.45 -63.59
N VAL I 24 8.59 -7.16 -63.35
CA VAL I 24 9.43 -7.69 -64.40
C VAL I 24 8.82 -8.98 -64.92
N SER I 25 8.89 -9.16 -66.24
CA SER I 25 8.78 -10.46 -66.86
C SER I 25 9.47 -10.38 -68.21
N GLY I 26 9.74 -11.54 -68.80
CA GLY I 26 10.40 -11.57 -70.08
C GLY I 26 11.90 -11.52 -70.03
N TYR I 27 12.49 -11.39 -68.85
CA TYR I 27 13.94 -11.40 -68.73
C TYR I 27 14.33 -11.80 -67.32
N SER I 28 15.64 -11.76 -67.05
CA SER I 28 16.18 -12.07 -65.73
C SER I 28 16.24 -10.80 -64.90
N PHE I 29 15.54 -10.82 -63.76
CA PHE I 29 15.47 -9.66 -62.88
C PHE I 29 16.80 -9.40 -62.18
N SER I 30 17.44 -10.46 -61.70
CA SER I 30 18.67 -10.38 -60.95
C SER I 30 19.86 -9.91 -61.77
N ASN I 31 19.78 -9.98 -63.09
CA ASN I 31 20.87 -9.56 -63.96
C ASN I 31 20.72 -8.13 -64.45
N TYR I 32 19.71 -7.40 -63.98
CA TYR I 32 19.43 -6.05 -64.46
C TYR I 32 19.05 -5.16 -63.30
N TYR I 33 19.74 -4.03 -63.18
CA TYR I 33 19.19 -2.96 -62.37
C TYR I 33 17.93 -2.42 -63.03
N ILE I 34 17.13 -1.70 -62.25
CA ILE I 34 15.96 -1.02 -62.80
C ILE I 34 16.13 0.48 -62.58
N HIS I 35 16.03 1.23 -63.67
CA HIS I 35 15.93 2.68 -63.60
C HIS I 35 14.48 3.07 -63.33
N TRP I 36 14.30 4.15 -62.60
CA TRP I 36 12.98 4.71 -62.34
C TRP I 36 12.91 6.12 -62.89
N VAL I 37 12.02 6.32 -63.86
CA VAL I 37 12.02 7.50 -64.71
C VAL I 37 10.70 8.23 -64.55
N LYS I 38 10.77 9.51 -64.26
CA LYS I 38 9.60 10.36 -64.08
C LYS I 38 9.47 11.32 -65.25
N GLN I 39 8.26 11.39 -65.80
CA GLN I 39 7.95 12.42 -66.78
C GLN I 39 6.82 13.27 -66.22
N ALA I 40 7.13 14.50 -65.81
CA ALA I 40 6.07 15.39 -65.40
C ALA I 40 5.22 15.73 -66.60
N PRO I 41 3.90 15.86 -66.43
CA PRO I 41 3.03 15.98 -67.59
C PRO I 41 3.41 17.17 -68.46
N GLY I 42 3.64 16.89 -69.74
CA GLY I 42 4.21 17.88 -70.64
C GLY I 42 5.61 18.32 -70.31
N LYS I 43 6.33 17.60 -69.46
CA LYS I 43 7.66 17.98 -69.07
C LYS I 43 8.64 16.84 -69.36
N SER I 44 9.92 17.09 -69.11
CA SER I 44 10.96 16.21 -69.62
C SER I 44 11.08 14.94 -68.79
N LEU I 45 11.94 14.05 -69.27
CA LEU I 45 12.18 12.79 -68.58
C LEU I 45 13.08 13.03 -67.37
N GLU I 46 12.71 12.46 -66.23
CA GLU I 46 13.37 12.76 -64.97
C GLU I 46 13.57 11.47 -64.20
N TRP I 47 14.81 11.19 -63.83
CA TRP I 47 15.22 9.88 -63.33
C TRP I 47 15.41 9.91 -61.82
N ILE I 48 14.53 9.23 -61.10
CA ILE I 48 14.49 9.32 -59.64
C ILE I 48 15.54 8.43 -58.98
N GLY I 49 15.88 7.30 -59.59
CA GLY I 49 16.90 6.46 -59.00
C GLY I 49 17.06 5.16 -59.74
N TYR I 50 18.15 4.47 -59.41
CA TYR I 50 18.34 3.10 -59.86
C TYR I 50 18.33 2.20 -58.63
N ILE I 51 17.97 0.95 -58.86
CA ILE I 51 17.79 -0.07 -57.83
C ILE I 51 18.62 -1.26 -58.27
N ASP I 52 18.92 -2.14 -57.33
CA ASP I 52 19.58 -3.39 -57.67
C ASP I 52 18.69 -4.56 -57.30
N PRO I 53 18.64 -5.58 -58.13
CA PRO I 53 17.86 -6.77 -57.78
C PRO I 53 18.45 -7.55 -56.62
N PHE I 54 19.78 -7.64 -56.55
CA PHE I 54 20.42 -8.47 -55.53
C PHE I 54 20.56 -7.71 -54.21
N ASN I 55 20.38 -6.39 -54.24
CA ASN I 55 20.77 -5.54 -53.13
C ASN I 55 19.85 -4.34 -52.98
N GLY I 56 20.33 -3.40 -52.17
CA GLY I 56 19.69 -2.16 -51.83
C GLY I 56 20.04 -1.02 -52.78
N GLY I 57 20.29 -1.37 -54.04
CA GLY I 57 21.04 -0.55 -54.99
C GLY I 57 20.44 0.81 -55.30
N THR I 58 19.54 1.28 -54.44
CA THR I 58 18.98 2.62 -54.56
C THR I 58 20.10 3.65 -54.68
N SER I 59 20.08 4.35 -55.80
CA SER I 59 20.62 5.69 -55.83
C SER I 59 19.44 6.62 -55.95
N ASP I 60 19.57 7.84 -55.48
CA ASP I 60 18.48 8.79 -55.56
C ASP I 60 19.03 10.08 -56.14
N ASN I 61 18.57 10.44 -57.34
CA ASN I 61 18.59 11.84 -57.71
C ASN I 61 17.70 12.59 -56.74
N LEU I 62 18.26 13.58 -56.06
CA LEU I 62 17.42 14.16 -55.02
C LEU I 62 16.45 15.11 -55.67
N LYS I 63 16.88 16.33 -55.99
CA LYS I 63 16.00 17.29 -56.71
C LYS I 63 14.67 17.26 -55.98
N PHE I 64 13.59 16.78 -56.60
CA PHE I 64 12.36 16.53 -55.89
C PHE I 64 12.57 15.42 -54.86
N LYS I 65 12.27 15.71 -53.61
CA LYS I 65 12.50 14.73 -52.57
C LYS I 65 11.17 14.19 -52.07
N GLY I 66 10.94 12.90 -52.30
CA GLY I 66 9.84 12.18 -51.72
C GLY I 66 10.19 11.19 -50.65
N ALA I 67 11.36 11.31 -50.00
CA ALA I 67 11.88 10.28 -49.10
C ALA I 67 11.87 8.91 -49.77
N ALA I 68 12.17 8.89 -51.06
CA ALA I 68 11.95 7.71 -51.87
C ALA I 68 12.95 6.62 -51.54
N THR I 69 12.49 5.38 -51.63
CA THR I 69 13.32 4.19 -51.52
C THR I 69 12.82 3.17 -52.54
N LEU I 70 13.72 2.60 -53.32
CA LEU I 70 13.38 1.62 -54.33
C LEU I 70 13.57 0.23 -53.75
N THR I 71 12.47 -0.50 -53.59
CA THR I 71 12.53 -1.86 -53.10
C THR I 71 12.19 -2.82 -54.24
N ALA I 72 13.01 -3.86 -54.38
CA ALA I 72 12.83 -4.86 -55.41
C ALA I 72 12.44 -6.18 -54.74
N ASP I 73 11.37 -6.78 -55.24
CA ASP I 73 10.87 -8.04 -54.72
C ASP I 73 11.38 -9.13 -55.65
N THR I 74 12.38 -9.88 -55.19
CA THR I 74 13.06 -10.83 -56.06
C THR I 74 12.20 -12.06 -56.36
N SER I 75 11.34 -12.47 -55.42
CA SER I 75 10.39 -13.52 -55.73
C SER I 75 9.51 -13.14 -56.92
N THR I 76 8.90 -11.95 -56.88
CA THR I 76 8.04 -11.47 -57.95
C THR I 76 8.77 -10.56 -58.93
N ASP I 77 10.08 -10.35 -58.75
CA ASP I 77 10.89 -9.59 -59.70
C ASP I 77 10.38 -8.16 -59.84
N THR I 78 9.73 -7.66 -58.80
CA THR I 78 9.04 -6.39 -58.87
C THR I 78 9.75 -5.35 -58.02
N ALA I 79 10.34 -4.36 -58.68
CA ALA I 79 10.87 -3.19 -58.00
C ALA I 79 9.72 -2.24 -57.69
N TYR I 80 9.68 -1.78 -56.44
CA TYR I 80 8.74 -0.77 -56.01
C TYR I 80 9.45 0.58 -55.96
N MET I 81 8.72 1.63 -56.27
CA MET I 81 9.14 2.98 -55.93
C MET I 81 8.12 3.54 -54.96
N GLU I 82 8.52 3.72 -53.71
CA GLU I 82 7.72 4.43 -52.73
C GLU I 82 8.06 5.91 -52.83
N LEU I 83 7.09 6.72 -53.23
CA LEU I 83 7.26 8.15 -53.30
C LEU I 83 6.35 8.76 -52.25
N SER I 84 6.95 9.28 -51.19
CA SER I 84 6.26 9.87 -50.06
C SER I 84 6.35 11.39 -50.15
N SER I 85 5.85 12.04 -49.11
CA SER I 85 5.86 13.50 -49.01
C SER I 85 5.35 14.12 -50.31
N LEU I 86 4.30 13.51 -50.85
CA LEU I 86 3.86 13.83 -52.19
C LEU I 86 3.55 15.31 -52.34
N ARG I 87 3.86 15.85 -53.52
CA ARG I 87 3.58 17.23 -53.85
C ARG I 87 2.83 17.28 -55.16
N SER I 88 2.09 18.38 -55.37
CA SER I 88 1.29 18.50 -56.59
C SER I 88 2.15 18.48 -57.84
N GLU I 89 3.44 18.81 -57.71
CA GLU I 89 4.36 18.74 -58.83
C GLU I 89 4.88 17.34 -59.11
N ASP I 90 4.96 16.46 -58.09
CA ASP I 90 5.24 15.06 -58.33
C ASP I 90 4.26 14.42 -59.29
N THR I 91 3.10 15.04 -59.48
CA THR I 91 2.13 14.56 -60.45
C THR I 91 2.80 14.40 -61.80
N ALA I 92 2.75 13.19 -62.35
CA ALA I 92 3.63 12.80 -63.44
C ALA I 92 3.37 11.34 -63.78
N VAL I 93 4.01 10.89 -64.85
CA VAL I 93 3.96 9.50 -65.28
C VAL I 93 5.28 8.84 -64.91
N TYR I 94 5.23 7.89 -63.99
CA TYR I 94 6.43 7.29 -63.44
C TYR I 94 6.76 6.04 -64.25
N TYR I 95 7.84 6.11 -65.01
CA TYR I 95 8.34 4.94 -65.72
C TYR I 95 9.38 4.23 -64.86
N CYS I 96 9.36 2.92 -64.92
CA CYS I 96 10.49 2.12 -64.48
C CYS I 96 11.20 1.59 -65.71
N ALA I 97 12.52 1.58 -65.66
CA ALA I 97 13.31 1.28 -66.84
C ALA I 97 14.32 0.20 -66.53
N ARG I 98 14.38 -0.81 -67.39
CA ARG I 98 15.33 -1.88 -67.20
C ARG I 98 16.75 -1.35 -67.40
N SER I 99 17.60 -1.55 -66.41
CA SER I 99 18.98 -1.10 -66.45
C SER I 99 19.90 -2.30 -66.46
N GLU I 100 21.11 -2.10 -66.98
CA GLU I 100 22.11 -3.14 -66.88
C GLU I 100 22.50 -3.34 -65.43
N TYR I 101 23.00 -4.54 -65.12
CA TYR I 101 23.46 -4.84 -63.77
C TYR I 101 24.76 -4.11 -63.44
N ASP I 102 25.30 -3.39 -64.43
CA ASP I 102 26.58 -2.64 -64.25
C ASP I 102 26.61 -1.46 -65.23
N PRO I 103 27.80 -1.01 -65.70
CA PRO I 103 28.10 0.42 -65.82
C PRO I 103 27.29 1.08 -66.95
N TYR I 104 27.15 0.38 -68.08
CA TYR I 104 26.38 0.90 -69.25
C TYR I 104 24.92 1.07 -68.84
N TYR I 105 24.57 2.25 -68.30
CA TYR I 105 23.20 2.55 -67.85
C TYR I 105 22.27 2.72 -69.06
N VAL I 106 21.91 1.61 -69.71
CA VAL I 106 21.02 1.66 -70.85
C VAL I 106 19.65 1.35 -70.29
N MET I 107 18.65 2.07 -70.71
CA MET I 107 17.32 1.60 -70.51
C MET I 107 16.74 1.32 -71.90
N ASP I 108 16.72 0.02 -72.23
CA ASP I 108 16.14 -0.41 -73.49
C ASP I 108 14.63 -0.52 -73.37
N TYR I 109 14.17 -1.18 -72.31
CA TYR I 109 12.76 -1.50 -72.16
C TYR I 109 12.25 -1.06 -70.81
N TRP I 110 10.99 -0.61 -70.78
CA TRP I 110 10.43 0.06 -69.61
C TRP I 110 9.08 -0.49 -69.17
N GLY I 111 8.55 0.08 -68.08
CA GLY I 111 7.15 -0.11 -67.74
C GLY I 111 6.28 0.65 -68.72
N GLN I 112 4.98 0.67 -68.42
CA GLN I 112 4.07 1.43 -69.28
C GLN I 112 3.88 2.86 -68.81
N GLY I 113 4.41 3.20 -67.65
CA GLY I 113 4.26 4.49 -67.01
C GLY I 113 3.09 4.51 -66.05
N THR I 114 3.26 5.24 -64.96
CA THR I 114 2.23 5.36 -63.93
C THR I 114 1.97 6.82 -63.65
N THR I 115 0.81 7.31 -64.08
CA THR I 115 0.39 8.65 -63.71
C THR I 115 0.09 8.66 -62.24
N VAL I 116 0.60 9.65 -61.53
CA VAL I 116 0.19 9.91 -60.16
C VAL I 116 -0.33 11.34 -60.15
N THR I 117 -1.56 11.52 -59.69
CA THR I 117 -2.12 12.84 -59.53
C THR I 117 -2.09 13.17 -58.04
N VAL I 118 -1.19 14.06 -57.66
CA VAL I 118 -1.04 14.48 -56.27
C VAL I 118 -1.75 15.82 -56.14
N SER I 119 -2.89 15.82 -55.45
CA SER I 119 -3.68 17.02 -55.32
C SER I 119 -4.59 16.86 -54.12
N SER I 120 -5.07 17.99 -53.58
CA SER I 120 -6.19 17.92 -52.65
C SER I 120 -7.48 17.62 -53.39
N ALA I 121 -7.46 17.68 -54.71
CA ALA I 121 -8.63 17.33 -55.51
C ALA I 121 -8.75 15.82 -55.63
N SER I 122 -9.83 15.30 -55.08
CA SER I 122 -10.14 13.88 -55.16
C SER I 122 -10.70 13.54 -56.55
N THR I 123 -10.62 12.25 -56.88
CA THR I 123 -11.06 11.80 -58.19
C THR I 123 -12.57 11.92 -58.34
C1 NAG J . -3.93 -41.03 6.94
C2 NAG J . -3.23 -40.73 5.66
C3 NAG J . -4.11 -41.18 4.51
C4 NAG J . -5.01 -42.39 4.84
C5 NAG J . -4.96 -42.96 6.27
C6 NAG J . -4.73 -44.46 6.29
C7 NAG J . -1.74 -38.89 5.11
C8 NAG J . -1.57 -37.40 5.01
N2 NAG J . -2.91 -39.33 5.54
O3 NAG J . -3.29 -41.48 3.38
O4 NAG J . -6.37 -41.99 4.67
O5 NAG J . -3.97 -42.37 7.13
O6 NAG J . -5.89 -45.14 6.77
O7 NAG J . -0.83 -39.67 4.81
C1 NAG J . -7.02 -42.46 3.48
C2 NAG J . -8.53 -42.44 3.75
C3 NAG J . -9.32 -42.74 2.47
C4 NAG J . -8.90 -41.78 1.37
C5 NAG J . -7.40 -41.89 1.15
C6 NAG J . -6.88 -40.91 0.13
C7 NAG J . -9.55 -43.04 5.90
C8 NAG J . -9.85 -44.14 6.86
N2 NAG J . -8.89 -43.39 4.79
O3 NAG J . -10.70 -42.62 2.73
O4 NAG J . -9.61 -42.06 0.17
O5 NAG J . -6.71 -41.60 2.38
O6 NAG J . -6.08 -41.54 -0.86
O7 NAG J . -9.90 -41.88 6.11
C1 NAG K . -23.16 24.11 62.13
C2 NAG K . -23.61 24.07 63.55
C3 NAG K . -22.58 23.37 64.38
C4 NAG K . -22.32 21.98 63.83
C5 NAG K . -22.01 22.08 62.34
C6 NAG K . -21.91 20.76 61.67
C7 NAG K . -25.10 25.86 64.20
C8 NAG K . -25.23 27.25 64.71
N2 NAG K . -23.87 25.40 64.05
O3 NAG K . -23.02 23.29 65.72
O4 NAG K . -21.17 21.45 64.46
O5 NAG K . -23.03 22.82 61.65
O6 NAG K . -21.92 20.94 60.26
O7 NAG K . -26.08 25.18 63.93
C1 NAG K . -21.52 20.50 65.46
C2 NAG K . -20.21 19.99 66.03
C3 NAG K . -20.48 19.04 67.18
C4 NAG K . -21.43 19.67 68.19
C5 NAG K . -22.65 20.27 67.49
C6 NAG K . -23.51 21.09 68.42
C7 NAG K . -18.21 19.70 64.67
C8 NAG K . -17.55 18.90 63.59
N2 NAG K . -19.44 19.32 65.00
O3 NAG K . -19.25 18.79 67.85
O4 NAG K . -21.88 18.66 69.09
O5 NAG K . -22.21 21.17 66.47
O6 NAG K . -23.29 22.47 68.21
O7 NAG K . -17.65 20.63 65.22
C1 NAG L . -1.92 17.92 62.07
C2 NAG L . -1.49 17.76 63.50
C3 NAG L . -0.58 16.57 63.64
C4 NAG L . -1.23 15.33 63.05
C5 NAG L . -1.60 15.63 61.62
C6 NAG L . -2.34 14.48 60.99
C7 NAG L . -1.44 20.11 64.10
C8 NAG L . -0.61 21.25 64.59
N2 NAG L . -0.81 18.96 63.94
O3 NAG L . -0.30 16.37 65.01
O4 NAG L . -0.35 14.22 63.01
O5 NAG L . -2.49 16.75 61.61
O6 NAG L . -3.74 14.69 61.06
O7 NAG L . -2.64 20.24 63.87
C1 NAG L . -0.65 13.36 64.11
C2 NAG L . 0.37 12.23 63.97
C3 NAG L . 0.46 11.40 65.25
C4 NAG L . 0.54 12.26 66.49
C5 NAG L . -0.60 13.26 66.46
C6 NAG L . -0.58 14.22 67.62
C7 NAG L . 0.77 11.26 61.77
C8 NAG L . 0.24 10.36 60.69
N2 NAG L . 0.00 11.40 62.85
O3 NAG L . 1.64 10.61 65.18
O4 NAG L . 0.45 11.45 67.65
O5 NAG L . -0.45 14.04 65.28
O6 NAG L . -1.91 14.53 68.04
O7 NAG L . 1.85 11.82 61.66
C1 NAG M . -38.38 35.84 65.29
C2 NAG M . -39.13 35.31 66.45
C3 NAG M . -39.44 36.45 67.39
C4 NAG M . -38.14 37.09 67.82
C5 NAG M . -37.26 37.44 66.63
C6 NAG M . -35.84 37.76 67.04
C7 NAG M . -40.44 33.32 66.06
C8 NAG M . -41.75 32.75 65.62
N2 NAG M . -40.35 34.65 66.04
O3 NAG M . -40.09 35.92 68.52
O4 NAG M . -38.43 38.26 68.58
O5 NAG M . -37.16 36.34 65.71
O6 NAG M . -35.42 36.93 68.11
O7 NAG M . -39.51 32.62 66.40
C1 NAG M . -37.77 37.95 69.82
C2 NAG M . -38.01 39.04 70.82
C3 NAG M . -37.30 38.71 72.11
C4 NAG M . -37.77 37.36 72.61
C5 NAG M . -37.63 36.30 71.52
C6 NAG M . -38.22 34.98 71.92
C7 NAG M . -38.34 41.41 70.33
C8 NAG M . -37.73 42.67 69.79
N2 NAG M . -37.56 40.34 70.32
O3 NAG M . -37.55 39.72 73.08
O4 NAG M . -36.99 36.97 73.74
O5 NAG M . -38.30 36.72 70.33
O6 NAG M . -37.72 34.57 73.18
O7 NAG M . -39.50 41.38 70.74
C1 NAG N . -48.88 49.01 54.68
C2 NAG N . -50.01 48.39 53.96
C3 NAG N . -50.81 49.46 53.25
C4 NAG N . -51.23 50.52 54.26
C5 NAG N . -50.02 50.98 55.07
C6 NAG N . -50.39 51.89 56.20
C7 NAG N . -50.09 46.20 52.90
C8 NAG N . -49.47 45.30 51.89
N2 NAG N . -49.53 47.41 53.02
O3 NAG N . -51.96 48.86 52.68
O4 NAG N . -51.71 51.65 53.54
O5 NAG N . -49.36 49.86 55.64
O6 NAG N . -49.24 52.51 56.75
O7 NAG N . -51.04 45.86 53.58
C1 NAG N . -53.12 51.59 53.59
C2 NAG N . -53.61 53.01 53.72
C3 NAG N . -55.12 53.04 53.71
C4 NAG N . -55.62 52.39 52.43
C5 NAG N . -55.03 50.99 52.29
C6 NAG N . -55.33 50.35 50.95
C7 NAG N . -52.20 54.62 54.92
C8 NAG N . -51.75 55.12 56.24
N2 NAG N . -53.09 53.62 54.94
O3 NAG N . -55.56 54.38 53.78
O4 NAG N . -57.04 52.31 52.46
O5 NAG N . -53.60 51.03 52.40
O6 NAG N . -54.23 50.44 50.07
O7 NAG N . -51.80 55.10 53.86
C1 NAG O . 39.55 -1.92 -13.59
C2 NAG O . 38.65 -2.85 -14.32
C3 NAG O . 39.05 -4.29 -13.99
C4 NAG O . 40.55 -4.47 -13.69
C5 NAG O . 41.45 -3.21 -13.70
C6 NAG O . 42.68 -3.39 -14.56
C7 NAG O . 36.30 -2.59 -14.92
C8 NAG O . 34.91 -2.36 -14.40
N2 NAG O . 37.26 -2.63 -13.99
O3 NAG O . 38.67 -5.13 -15.08
O4 NAG O . 40.67 -4.98 -12.36
O5 NAG O . 40.80 -2.00 -14.11
O6 NAG O . 43.85 -3.41 -13.77
O7 NAG O . 36.54 -2.71 -16.11
C1 NAG O . 40.98 -6.38 -12.25
C2 NAG O . 41.63 -6.59 -10.87
C3 NAG O . 41.81 -8.08 -10.59
C4 NAG O . 40.48 -8.80 -10.74
C5 NAG O . 39.94 -8.57 -12.14
C6 NAG O . 38.59 -9.19 -12.36
C7 NAG O . 43.17 -5.00 -9.80
C8 NAG O . 44.53 -4.38 -9.86
N2 NAG O . 42.89 -5.89 -10.77
O3 NAG O . 42.32 -8.25 -9.27
O4 NAG O . 40.66 -10.19 -10.49
O5 NAG O . 39.78 -7.16 -12.35
O6 NAG O . 38.55 -9.98 -13.54
O7 NAG O . 42.35 -4.71 -8.95
C1 NAG P . 5.98 55.09 43.70
C2 NAG P . 6.61 56.25 44.36
C3 NAG P . 7.06 57.23 43.32
C4 NAG P . 8.02 56.55 42.37
C5 NAG P . 7.37 55.28 41.83
C6 NAG P . 8.30 54.44 41.00
C7 NAG P . 5.80 56.72 46.59
C8 NAG P . 4.77 57.40 47.43
N2 NAG P . 5.69 56.88 45.28
O3 NAG P . 7.69 58.33 43.94
O4 NAG P . 8.22 57.40 41.25
O5 NAG P . 6.92 54.45 42.91
O6 NAG P . 7.74 53.17 40.82
O7 NAG P . 6.69 56.04 47.09
C1 NAG P . 9.50 58.07 41.34
C2 NAG P . 9.60 58.92 40.08
C3 NAG P . 10.87 59.75 40.13
C4 NAG P . 10.98 60.50 41.45
C5 NAG P . 10.71 59.58 42.63
C6 NAG P . 10.59 60.32 43.94
C7 NAG P . 8.69 58.21 37.93
C8 NAG P . 8.82 57.28 36.77
N2 NAG P . 9.59 58.08 38.90
O3 NAG P . 10.82 60.71 39.08
O4 NAG P . 12.30 61.03 41.56
O5 NAG P . 9.47 58.91 42.45
O6 NAG P . 9.24 60.43 44.32
O7 NAG P . 7.81 59.06 37.98
C1 NAG Q . 3.23 60.54 22.43
C2 NAG Q . 3.62 61.98 22.28
C3 NAG Q . 4.37 62.18 20.97
C4 NAG Q . 5.52 61.21 20.87
C5 NAG Q . 5.00 59.82 21.03
C6 NAG Q . 6.10 58.80 21.04
C7 NAG Q . 1.72 62.97 23.42
C8 NAG Q . 0.56 63.88 23.30
N2 NAG Q . 2.45 62.81 22.31
O3 NAG Q . 4.85 63.52 20.93
O4 NAG Q . 6.16 61.25 19.60
O5 NAG Q . 4.35 59.72 22.31
O6 NAG Q . 6.48 58.47 22.36
O7 NAG Q . 2.01 62.40 24.48
C1 NAG Q . 7.34 62.03 19.70
C2 NAG Q . 7.90 62.03 18.29
C3 NAG Q . 8.97 63.10 18.09
C4 NAG Q . 8.54 64.44 18.66
C5 NAG Q . 8.10 64.23 20.09
C6 NAG Q . 7.60 65.49 20.75
C7 NAG Q . 7.97 59.92 17.04
C8 NAG Q . 8.63 58.60 16.88
N2 NAG Q . 8.44 60.72 18.00
O3 NAG Q . 9.19 63.26 16.69
O4 NAG Q . 9.64 65.35 18.61
O5 NAG Q . 7.00 63.31 20.07
O6 NAG Q . 7.95 65.53 22.12
O7 NAG Q . 7.03 60.27 16.33
C1 NAG R . 2.47 55.35 62.86
C2 NAG R . 3.55 56.12 63.51
C3 NAG R . 2.95 57.10 64.47
C4 NAG R . 2.02 58.03 63.73
C5 NAG R . 1.02 57.24 62.87
C6 NAG R . 0.33 58.12 61.86
C7 NAG R . 5.69 55.00 63.67
C8 NAG R . 6.56 54.08 64.46
N2 NAG R . 4.48 55.25 64.18
O3 NAG R . 4.00 57.87 65.04
O4 NAG R . 1.33 58.85 64.65
O5 NAG R . 1.68 56.23 62.10
O6 NAG R . 1.21 59.10 61.35
O7 NAG R . 6.03 55.49 62.61
C1 NAG R . 1.70 60.15 64.20
C2 NAG R . 1.12 61.20 65.11
C3 NAG R . 1.53 62.57 64.60
C4 NAG R . 3.04 62.65 64.50
C5 NAG R . 3.59 61.51 63.68
C6 NAG R . 5.09 61.45 63.68
C7 NAG R . -0.96 61.05 66.36
C8 NAG R . -2.45 60.96 66.28
N2 NAG R . -0.32 61.10 65.19
O3 NAG R . 1.02 63.58 65.46
O4 NAG R . 3.40 63.88 63.89
O5 NAG R . 3.12 60.25 64.20
O6 NAG R . 5.62 62.72 63.33
O7 NAG R . -0.37 61.08 67.42
C1 NAG S . -8.14 44.50 75.72
C2 NAG S . -7.38 43.36 76.28
C3 NAG S . -8.21 42.64 77.31
C4 NAG S . -8.70 43.64 78.36
C5 NAG S . -9.33 44.85 77.69
C6 NAG S . -9.65 45.96 78.64
C7 NAG S . -5.74 41.96 75.14
C8 NAG S . -5.48 41.06 73.99
N2 NAG S . -6.98 42.46 75.23
O3 NAG S . -7.41 41.64 77.92
O4 NAG S . -9.72 43.02 79.13
O5 NAG S . -8.42 45.39 76.72
O6 NAG S . -10.47 46.94 78.03
O7 NAG S . -4.88 42.25 75.96
C1 NAG S . -9.10 42.61 80.34
C2 NAG S . -10.12 42.84 81.44
C3 NAG S . -9.57 42.36 82.76
C4 NAG S . -9.18 40.90 82.64
C5 NAG S . -8.22 40.70 81.47
C6 NAG S . -7.94 39.24 81.17
C7 NAG S . -11.72 44.67 81.18
C8 NAG S . -11.94 46.15 81.28
N2 NAG S . -10.49 44.24 81.50
O3 NAG S . -10.56 42.53 83.76
O4 NAG S . -8.55 40.46 83.84
O5 NAG S . -8.79 41.26 80.26
O6 NAG S . -8.70 38.78 80.06
O7 NAG S . -12.60 43.89 80.84
C1 NAG T . -17.48 -0.79 -38.00
C2 NAG T . -16.55 -1.92 -37.79
C3 NAG T . -15.34 -1.75 -38.71
C4 NAG T . -15.67 -1.04 -40.03
C5 NAG T . -17.11 -0.54 -40.26
C6 NAG T . -17.68 -1.00 -41.57
C7 NAG T . -16.06 -3.17 -35.75
C8 NAG T . -15.57 -3.09 -34.32
N2 NAG T . -16.11 -2.01 -36.40
O3 NAG T . -14.77 -3.03 -38.97
O4 NAG T . -14.88 0.15 -40.10
O5 NAG T . -18.05 -0.91 -39.23
O6 NAG T . -17.86 0.11 -42.45
O7 NAG T . -16.38 -4.23 -36.26
C1 NAG T . -13.74 0.10 -40.97
C2 NAG T . -13.38 1.55 -41.34
C3 NAG T . -12.07 1.60 -42.11
C4 NAG T . -10.97 0.92 -41.31
C5 NAG T . -11.39 -0.52 -41.02
C6 NAG T . -10.39 -1.26 -40.17
C7 NAG T . -15.05 3.30 -41.76
C8 NAG T . -16.13 3.80 -42.67
N2 NAG T . -14.45 2.16 -42.12
O3 NAG T . -11.73 2.96 -42.36
O4 NAG T . -9.75 0.95 -42.04
O5 NAG T . -12.63 -0.52 -40.30
O6 NAG T . -10.04 -2.51 -40.74
O7 NAG T . -14.74 3.91 -40.74
C1 NAG U . -37.67 52.42 28.47
C2 NAG U . -38.74 53.45 28.58
C3 NAG U . -40.08 52.79 28.42
C4 NAG U . -40.12 52.07 27.08
C5 NAG U . -38.92 51.15 26.97
C6 NAG U . -38.79 50.53 25.61
C7 NAG U . -38.18 55.36 29.95
C8 NAG U . -38.14 55.95 31.32
N2 NAG U . -38.66 54.14 29.85
O3 NAG U . -41.10 53.77 28.48
O4 NAG U . -41.28 51.25 27.05
O5 NAG U . -37.71 51.87 27.22
O6 NAG U . -37.51 49.94 25.48
O7 NAG U . -37.78 55.98 28.97
C1 NAG U . -42.32 51.85 26.27
C2 NAG U . -43.47 50.86 26.30
C3 NAG U . -44.67 51.45 25.58
C4 NAG U . -44.99 52.85 26.08
C5 NAG U . -43.73 53.71 26.15
C6 NAG U . -43.94 55.02 26.84
C7 NAG U . -43.15 48.44 26.34
C8 NAG U . -42.72 47.24 25.57
N2 NAG U . -43.09 49.61 25.69
O3 NAG U . -45.80 50.62 25.83
O4 NAG U . -45.91 53.46 25.19
O5 NAG U . -42.72 53.02 26.90
O6 NAG U . -43.41 54.97 28.16
O7 NAG U . -43.55 48.37 27.49
C1 NAG V . -47.68 32.71 28.96
C2 NAG V . -49.14 32.94 29.23
C3 NAG V . -49.98 31.99 28.42
C4 NAG V . -49.61 32.08 26.95
C5 NAG V . -48.13 31.82 26.81
C6 NAG V . -47.66 31.98 25.40
C7 NAG V . -48.93 33.59 31.57
C8 NAG V . -49.33 33.28 32.96
N2 NAG V . -49.40 32.75 30.63
O3 NAG V . -51.35 32.34 28.60
O4 NAG V . -50.27 31.10 26.16
O5 NAG V . -47.43 32.79 27.60
O6 NAG V . -47.12 33.28 25.20
O7 NAG V . -48.24 34.55 31.28
C1 NAG V . -51.37 31.69 25.50
C2 NAG V . -52.00 30.55 24.72
C3 NAG V . -53.40 30.90 24.23
C4 NAG V . -54.24 31.53 25.32
C5 NAG V . -53.46 32.69 25.90
C6 NAG V . -54.18 33.37 27.04
C7 NAG V . -50.54 29.03 23.46
C8 NAG V . -49.68 28.86 22.26
N2 NAG V . -51.14 30.21 23.59
O3 NAG V . -54.03 29.69 23.83
O4 NAG V . -55.47 31.99 24.77
O5 NAG V . -52.26 32.17 26.44
O6 NAG V . -53.94 34.78 27.03
O7 NAG V . -50.69 28.14 24.29
C1 NAG W . -30.90 69.25 35.56
C2 NAG W . -31.80 70.34 35.09
C3 NAG W . -32.14 71.23 36.25
C4 NAG W . -32.82 70.41 37.33
C5 NAG W . -32.00 69.16 37.66
C6 NAG W . -32.80 68.16 38.46
C7 NAG W . -31.58 70.95 32.77
C8 NAG W . -30.88 71.80 31.76
N2 NAG W . -31.18 71.10 34.03
O3 NAG W . -33.04 72.23 35.80
O4 NAG W . -32.99 71.20 38.49
O5 NAG W . -31.60 68.46 36.48
O6 NAG W . -34.15 68.13 38.03
O7 NAG W . -32.46 70.16 32.46
C1 NAG W . -34.42 71.14 38.64
C2 NAG W . -34.85 71.99 39.81
C3 NAG W . -36.35 71.88 39.97
C4 NAG W . -37.03 72.29 38.67
C5 NAG W . -36.47 71.48 37.51
C6 NAG W . -37.01 71.94 36.18
C7 NAG W . -33.55 72.48 41.81
C8 NAG W . -32.93 71.93 43.06
N2 NAG W . -34.19 71.60 41.03
O3 NAG W . -36.79 72.72 41.04
O4 NAG W . -38.43 72.04 38.78
O5 NAG W . -35.05 71.60 37.46
O6 NAG W . -38.42 72.00 36.21
O7 NAG W . -33.49 73.66 41.52
C1 NAG X . -13.55 76.03 42.57
C2 NAG X . -12.68 76.58 41.49
C3 NAG X . -11.42 77.15 42.11
C4 NAG X . -11.80 78.15 43.19
C5 NAG X . -12.82 77.54 44.15
C6 NAG X . -13.39 78.53 45.12
C7 NAG X . -12.42 75.77 39.21
C8 NAG X . -12.05 74.62 38.34
N2 NAG X . -12.35 75.55 40.53
O3 NAG X . -10.67 77.78 41.09
O4 NAG X . -10.64 78.45 43.96
O5 NAG X . -13.92 77.02 43.40
O6 NAG X . -14.11 77.88 46.15
O7 NAG X . -12.75 76.86 38.75
C1 NAG X . -10.17 79.69 43.48
C2 NAG X . -9.66 80.44 44.70
C3 NAG X . -9.05 81.76 44.27
C4 NAG X . -7.95 81.51 43.25
C5 NAG X . -8.50 80.67 42.09
C6 NAG X . -7.41 80.23 41.13
C7 NAG X . -10.72 80.03 46.85
C8 NAG X . -11.89 80.32 47.74
N2 NAG X . -10.71 80.63 45.67
O3 NAG X . -8.52 82.41 45.41
O4 NAG X . -7.45 82.75 42.76
O5 NAG X . -9.11 79.47 42.58
O6 NAG X . -7.04 78.88 41.36
O7 NAG X . -9.80 79.29 47.21
C1 NAG Y . -22.39 -35.42 28.21
C2 NAG Y . -23.07 -34.10 27.98
C3 NAG Y . -24.49 -34.16 28.49
C4 NAG Y . -25.23 -35.34 27.89
C5 NAG Y . -24.42 -36.61 28.14
C6 NAG Y . -24.99 -37.83 27.48
C7 NAG Y . -21.71 -32.05 27.89
C8 NAG Y . -21.03 -30.98 28.69
N2 NAG Y . -22.35 -32.99 28.59
O3 NAG Y . -25.16 -32.96 28.12
O4 NAG Y . -26.50 -35.49 28.51
O5 NAG Y . -23.12 -36.43 27.59
O6 NAG Y . -24.50 -39.01 28.09
O7 NAG Y . -21.66 -32.05 26.66
C1 NAG Z . 9.69 -54.46 29.13
C2 NAG Z . 10.80 -55.40 29.59
C3 NAG Z . 11.95 -55.37 28.61
C4 NAG Z . 11.46 -55.70 27.21
C5 NAG Z . 10.31 -54.78 26.84
C6 NAG Z . 9.68 -55.11 25.51
C7 NAG Z . 11.83 -53.90 31.27
C8 NAG Z . 12.24 -53.77 32.71
N2 NAG Z . 11.26 -55.07 30.94
O3 NAG Z . 12.93 -56.32 29.02
O4 NAG Z . 12.52 -55.51 26.28
O5 NAG Z . 9.26 -54.84 27.83
O6 NAG Z . 10.52 -54.71 24.44
O7 NAG Z . 12.00 -53.00 30.46
C1 NAG AA . 8.74 -21.24 42.70
C2 NAG AA . 7.70 -20.61 43.59
C3 NAG AA . 8.35 -20.15 44.86
C4 NAG AA . 9.05 -21.31 45.54
C5 NAG AA . 9.97 -22.07 44.58
C6 NAG AA . 10.46 -23.37 45.14
C7 NAG AA . 6.02 -19.74 42.05
C8 NAG AA . 5.40 -18.51 41.46
N2 NAG AA . 7.01 -19.53 42.93
O3 NAG AA . 7.35 -19.60 45.71
O4 NAG AA . 9.84 -20.84 46.64
O5 NAG AA . 9.29 -22.37 43.35
O6 NAG AA . 10.56 -23.33 46.55
O7 NAG AA . 5.68 -20.86 41.73
C1 NAG BA . -45.17 -18.30 -14.34
C2 NAG BA . -45.86 -17.08 -14.92
C3 NAG BA . -46.91 -16.59 -13.96
C4 NAG BA . -47.95 -17.69 -13.76
C5 NAG BA . -47.26 -18.93 -13.21
C6 NAG BA . -48.18 -20.12 -13.18
C7 NAG BA . -44.29 -15.92 -16.41
C8 NAG BA . -43.39 -14.75 -16.57
N2 NAG BA . -44.93 -16.02 -15.24
O3 NAG BA . -47.52 -15.42 -14.48
O4 NAG BA . -48.95 -17.28 -12.84
O5 NAG BA . -46.16 -19.31 -14.05
O6 NAG BA . -49.45 -19.78 -12.63
O7 NAG BA . -44.41 -16.78 -17.27
C1 NAG CA . -46.02 -33.53 -31.61
C2 NAG CA . -45.40 -33.15 -30.25
C3 NAG CA . -45.78 -34.18 -29.18
C4 NAG CA . -47.28 -34.43 -29.17
C5 NAG CA . -47.76 -34.77 -30.58
C6 NAG CA . -49.26 -34.95 -30.66
C7 NAG CA . -43.34 -32.13 -31.09
C8 NAG CA . -41.86 -32.19 -31.08
N2 NAG CA . -43.96 -33.07 -30.37
O3 NAG CA . -45.35 -33.69 -27.92
O4 NAG CA . -47.59 -35.50 -28.29
O5 NAG CA . -47.42 -33.70 -31.46
O6 NAG CA . -49.61 -36.30 -30.91
O7 NAG CA . -43.96 -31.29 -31.72
C1 NAG DA . -12.97 -7.90 46.03
C2 NAG DA . -12.96 -7.11 47.31
C3 NAG DA . -11.52 -7.01 47.80
C4 NAG DA . -10.81 -8.36 47.74
C5 NAG DA . -11.14 -9.11 46.45
C6 NAG DA . -10.67 -10.56 46.40
C7 NAG DA . -14.17 -5.13 48.12
C8 NAG DA . -14.69 -3.77 47.79
N2 NAG DA . -13.51 -5.77 47.14
O3 NAG DA . -11.47 -6.51 49.12
O4 NAG DA . -9.39 -8.19 47.80
O5 NAG DA . -12.54 -9.14 46.27
O6 NAG DA . -10.98 -11.15 45.15
O7 NAG DA . -14.32 -5.62 49.23
C1 NAG EA . -40.08 -8.25 17.04
C2 NAG EA . -40.89 -7.18 16.35
C3 NAG EA . -42.37 -7.54 16.29
C4 NAG EA . -42.55 -8.94 15.73
C5 NAG EA . -41.73 -9.91 16.57
C6 NAG EA . -41.81 -11.33 16.06
C7 NAG EA . -39.56 -5.23 17.00
C8 NAG EA . -39.56 -3.93 17.75
N2 NAG EA . -40.71 -5.90 17.02
O3 NAG EA . -43.04 -6.60 15.45
O4 NAG EA . -43.93 -9.31 15.76
O5 NAG EA . -40.36 -9.51 16.49
O6 NAG EA . -41.58 -12.27 17.10
O7 NAG EA . -38.58 -5.64 16.41
C1 NAG FA . -44.63 -3.65 36.24
C2 NAG FA . -44.32 -5.07 35.81
C3 NAG FA . -45.26 -5.51 34.73
C4 NAG FA . -46.70 -5.34 35.18
C5 NAG FA . -46.93 -3.93 35.73
C6 NAG FA . -48.27 -3.81 36.42
C7 NAG FA . -42.26 -6.39 35.51
C8 NAG FA . -40.85 -6.38 35.02
N2 NAG FA . -42.93 -5.23 35.39
O3 NAG FA . -45.02 -6.89 34.45
O4 NAG FA . -47.58 -5.58 34.09
O5 NAG FA . -45.94 -3.58 36.70
O6 NAG FA . -48.77 -2.48 36.36
O7 NAG FA . -42.78 -7.38 35.99
C1 NAG GA . -47.93 35.89 46.12
C2 NAG GA . -48.53 37.28 45.97
C3 NAG GA . -49.92 37.35 46.59
C4 NAG GA . -50.78 36.18 46.14
C5 NAG GA . -50.01 34.90 46.38
C6 NAG GA . -50.77 33.67 45.95
C7 NAG GA . -46.46 38.53 46.10
C8 NAG GA . -45.68 39.57 46.84
N2 NAG GA . -47.67 38.26 46.57
O3 NAG GA . -50.52 38.56 46.16
O4 NAG GA . -51.98 36.17 46.89
O5 NAG GA . -48.80 34.94 45.63
O6 NAG GA . -51.39 33.06 47.08
O7 NAG GA . -45.99 37.93 45.14
C1 NAG HA . -40.26 25.12 54.22
C2 NAG HA . -39.72 23.87 54.86
C3 NAG HA . -39.65 22.77 53.82
C4 NAG HA . -41.04 22.56 53.22
C5 NAG HA . -41.63 23.88 52.72
C6 NAG HA . -43.08 23.74 52.36
C7 NAG HA . -38.17 23.64 56.72
C8 NAG HA . -36.80 23.91 57.24
N2 NAG HA . -38.43 24.08 55.49
O3 NAG HA . -39.22 21.58 54.44
O4 NAG HA . -40.94 21.67 52.12
O5 NAG HA . -41.57 24.88 53.75
O6 NAG HA . -43.35 22.40 51.95
O7 NAG HA . -39.00 23.05 57.39
C1 NAG IA . 47.93 13.19 9.34
C2 NAG IA . 46.96 12.99 10.48
C3 NAG IA . 47.71 13.03 11.80
C4 NAG IA . 48.87 12.02 11.79
C5 NAG IA . 49.73 12.29 10.57
C6 NAG IA . 50.83 11.27 10.38
C7 NAG IA . 44.62 13.69 10.19
C8 NAG IA . 43.66 14.84 10.26
N2 NAG IA . 45.90 13.98 10.48
O3 NAG IA . 46.81 12.68 12.84
O4 NAG IA . 49.66 12.18 12.94
O5 NAG IA . 48.92 12.21 9.40
O6 NAG IA . 51.86 11.79 9.54
O7 NAG IA . 44.25 12.56 9.90
C1 NAG JA . 52.57 20.68 -26.91
C2 NAG JA . 53.11 21.29 -28.21
C3 NAG JA . 52.36 20.74 -29.41
C4 NAG JA . 52.42 19.22 -29.41
C5 NAG JA . 51.95 18.67 -28.06
C6 NAG JA . 52.10 17.17 -27.94
C7 NAG JA . 51.90 23.44 -28.09
C8 NAG JA . 52.04 24.93 -28.09
N2 NAG JA . 53.04 22.74 -28.18
O3 NAG JA . 52.93 21.25 -30.60
O4 NAG JA . 51.58 18.71 -30.43
O5 NAG JA . 52.70 19.26 -26.99
O6 NAG JA . 51.11 16.52 -28.71
O7 NAG JA . 50.79 22.89 -28.00
C1 NAG KA . 27.81 38.88 -8.38
C2 NAG KA . 27.92 39.50 -7.01
C3 NAG KA . 27.62 40.99 -7.11
C4 NAG KA . 28.58 41.63 -8.11
C5 NAG KA . 28.60 40.87 -9.45
C6 NAG KA . 29.73 41.33 -10.34
C7 NAG KA . 27.34 37.70 -5.48
C8 NAG KA . 26.33 37.17 -4.52
N2 NAG KA . 27.03 38.86 -6.06
O3 NAG KA . 27.77 41.56 -5.83
O4 NAG KA . 28.19 42.97 -8.36
O5 NAG KA . 28.77 39.46 -9.25
O6 NAG KA . 30.06 42.69 -10.12
O7 NAG KA . 28.36 37.09 -5.77
C1 NAG LA . 29.24 -30.63 28.12
C2 NAG LA . 28.27 -31.18 29.15
C3 NAG LA . 28.52 -30.52 30.49
C4 NAG LA . 29.94 -30.85 30.93
C5 NAG LA . 30.92 -30.35 29.89
C6 NAG LA . 32.33 -30.81 30.18
C7 NAG LA . 26.22 -31.88 28.01
C8 NAG LA . 24.80 -31.54 27.72
N2 NAG LA . 26.88 -30.99 28.76
O3 NAG LA . 27.57 -30.99 31.43
O4 NAG LA . 30.24 -30.24 32.18
O5 NAG LA . 30.58 -30.85 28.58
O6 NAG LA . 32.68 -30.62 31.53
O7 NAG LA . 26.77 -32.87 27.55
C1 NAG MA . 37.86 -49.70 18.48
C2 NAG MA . 37.69 -48.18 18.40
C3 NAG MA . 39.05 -47.47 18.48
C4 NAG MA . 39.85 -47.98 19.68
C5 NAG MA . 39.92 -49.49 19.65
C6 NAG MA . 40.63 -50.07 20.86
C7 NAG MA . 35.76 -48.14 16.89
C8 NAG MA . 35.25 -47.68 15.57
N2 NAG MA . 37.03 -47.82 17.15
O3 NAG MA . 38.83 -46.07 18.58
O4 NAG MA . 41.16 -47.43 19.65
O5 NAG MA . 38.60 -50.03 19.66
O6 NAG MA . 41.87 -50.65 20.50
O7 NAG MA . 35.08 -48.78 17.67
C1 NAG NA . 24.94 37.63 17.46
C2 NAG NA . 24.89 38.44 18.75
C3 NAG NA . 24.09 39.72 18.51
C4 NAG NA . 24.47 40.39 17.21
C5 NAG NA . 24.64 39.37 16.09
C6 NAG NA . 25.17 39.92 14.78
C7 NAG NA . 25.03 36.99 20.73
C8 NAG NA . 24.24 36.19 21.74
N2 NAG NA . 24.30 37.67 19.83
O3 NAG NA . 24.22 40.63 19.60
O4 NAG NA . 23.45 41.30 16.81
O5 NAG NA . 25.54 38.35 16.51
O6 NAG NA . 25.12 38.92 13.77
O7 NAG NA . 26.25 37.03 20.74
C1 NAG OA . 27.65 2.03 34.64
C2 NAG OA . 26.81 1.31 35.68
C3 NAG OA . 27.68 0.74 36.79
C4 NAG OA . 28.82 -0.09 36.21
C5 NAG OA . 29.59 0.77 35.24
C6 NAG OA . 30.73 0.03 34.56
C7 NAG OA . 24.79 2.68 35.54
C8 NAG OA . 23.87 3.60 36.27
N2 NAG OA . 25.83 2.21 36.24
O3 NAG OA . 26.87 -0.08 37.63
O4 NAG OA . 29.69 -0.55 37.25
O5 NAG OA . 28.69 1.20 34.21
O6 NAG OA . 31.77 0.91 34.15
O7 NAG OA . 24.61 2.37 34.37
C1 NAG PA . 31.06 19.55 44.88
C2 NAG PA . 32.51 19.27 44.59
C3 NAG PA . 33.18 18.65 45.80
C4 NAG PA . 32.96 19.48 47.04
C5 NAG PA . 31.48 19.78 47.24
C6 NAG PA . 31.22 20.84 48.28
C7 NAG PA . 33.79 18.18 42.79
C8 NAG PA . 33.70 17.28 41.60
N2 NAG PA . 32.63 18.41 43.43
O3 NAG PA . 34.58 18.55 45.56
O4 NAG PA . 33.46 18.79 48.19
O5 NAG PA . 30.94 20.31 46.02
O6 NAG PA . 30.61 21.99 47.70
O7 NAG PA . 34.84 18.68 43.15
C1 NAG QA . 0.49 34.50 67.24
C2 NAG QA . -0.55 34.40 68.36
C3 NAG QA . 0.10 34.57 69.73
C4 NAG QA . 1.32 33.68 69.86
C5 NAG QA . 2.23 33.92 68.67
C6 NAG QA . 3.47 33.07 68.68
C7 NAG QA . -2.39 35.40 67.14
C8 NAG QA . -3.39 36.51 67.09
N2 NAG QA . -1.57 35.41 68.18
O3 NAG QA . -0.85 34.20 70.71
O4 NAG QA . 2.03 34.01 71.05
O5 NAG QA . 1.51 33.60 67.48
O6 NAG QA . 4.57 33.81 69.18
O7 NAG QA . -2.33 34.54 66.27
C1 NAG RA . 9.33 42.56 57.40
C2 NAG RA . 10.42 43.10 56.51
C3 NAG RA . 11.05 41.96 55.74
C4 NAG RA . 11.59 40.93 56.72
C5 NAG RA . 10.53 40.52 57.73
C6 NAG RA . 11.09 39.70 58.85
C7 NAG RA . 10.57 45.28 55.43
C8 NAG RA . 9.96 46.25 54.47
N2 NAG RA . 9.92 44.13 55.60
O3 NAG RA . 12.11 42.47 54.95
O4 NAG RA . 12.02 39.78 56.02
O5 NAG RA . 9.92 41.67 58.34
O6 NAG RA . 12.25 39.00 58.41
O7 NAG RA . 11.60 45.54 56.03
C1 NAG SA . -27.14 25.92 -33.83
C2 NAG SA . -26.26 26.65 -32.86
C3 NAG SA . -26.19 28.12 -33.22
C4 NAG SA . -25.76 28.28 -34.67
C5 NAG SA . -26.68 27.46 -35.56
C6 NAG SA . -26.26 27.44 -37.01
C7 NAG SA . -26.07 25.78 -30.55
C8 NAG SA . -26.69 25.74 -29.19
N2 NAG SA . -26.72 26.49 -31.48
O3 NAG SA . -25.24 28.74 -32.38
O4 NAG SA . -25.86 29.65 -35.05
O5 NAG SA . -26.65 26.10 -35.12
O6 NAG SA . -27.36 27.08 -37.84
O7 NAG SA . -25.02 25.18 -30.81
C1 NAG TA . -46.19 -5.14 -41.93
C2 NAG TA . -47.31 -6.06 -42.38
C3 NAG TA . -46.89 -7.51 -42.22
C4 NAG TA . -45.58 -7.76 -42.96
C5 NAG TA . -44.53 -6.75 -42.52
C6 NAG TA . -43.24 -6.87 -43.29
C7 NAG TA . -48.69 -5.95 -40.34
C8 NAG TA . -50.05 -5.63 -39.80
N2 NAG TA . -48.55 -5.80 -41.66
O3 NAG TA . -47.92 -8.35 -42.74
O4 NAG TA . -45.12 -9.08 -42.66
O5 NAG TA . -45.01 -5.41 -42.68
O6 NAG TA . -42.52 -8.02 -42.88
O7 NAG TA . -47.77 -6.31 -39.61
C1 NAG UA . -47.20 7.71 -8.43
C2 NAG UA . -47.38 9.13 -7.96
C3 NAG UA . -48.59 9.22 -7.06
C4 NAG UA . -49.81 8.70 -7.81
C5 NAG UA . -49.56 7.32 -8.44
C6 NAG UA . -50.65 6.92 -9.40
C7 NAG UA . -45.13 10.06 -7.95
C8 NAG UA . -44.00 10.56 -7.12
N2 NAG UA . -46.20 9.63 -7.28
O3 NAG UA . -48.77 10.57 -6.68
O4 NAG UA . -50.92 8.59 -6.92
O5 NAG UA . -48.33 7.31 -9.19
O6 NAG UA . -51.91 7.47 -9.04
O7 NAG UA . -45.07 10.02 -9.17
C1 NAG VA . 23.92 29.78 -33.38
C2 NAG VA . 25.07 30.34 -32.56
C3 NAG VA . 24.80 31.78 -32.23
C4 NAG VA . 24.67 32.58 -33.51
C5 NAG VA . 23.54 32.00 -34.35
C6 NAG VA . 23.50 32.62 -35.74
C7 NAG VA . 26.13 28.51 -31.33
C8 NAG VA . 26.30 27.85 -30.01
N2 NAG VA . 25.32 29.57 -31.36
O3 NAG VA . 25.85 32.29 -31.41
O4 NAG VA . 24.38 33.94 -33.23
O5 NAG VA . 23.72 30.59 -34.56
O6 NAG VA . 23.60 34.03 -35.68
O7 NAG VA . 26.65 28.08 -32.34
C1 NAG WA . 34.47 20.05 -51.40
C2 NAG WA . 33.18 20.18 -50.59
C3 NAG WA . 32.07 20.81 -51.43
C4 NAG WA . 32.56 22.09 -52.10
C5 NAG WA . 33.86 21.82 -52.85
C6 NAG WA . 34.45 23.06 -53.48
C7 NAG WA . 33.44 18.18 -49.21
C8 NAG WA . 32.85 16.88 -48.81
N2 NAG WA . 32.76 18.88 -50.10
O3 NAG WA . 30.96 21.10 -50.59
O4 NAG WA . 31.58 22.57 -53.01
O5 NAG WA . 34.84 21.32 -51.93
O6 NAG WA . 34.37 23.01 -54.91
O7 NAG WA . 34.49 18.58 -48.72
C1 NAG XA . -35.96 30.74 -0.62
C2 NAG XA . -36.02 32.25 -0.29
C3 NAG XA . -37.03 32.54 0.81
C4 NAG XA . -38.41 32.06 0.42
C5 NAG XA . -38.34 30.54 0.34
C6 NAG XA . -39.62 29.92 -0.17
C7 NAG XA . -33.85 33.27 -0.78
C8 NAG XA . -32.54 33.73 -0.20
N2 NAG XA . -34.72 32.75 0.10
O3 NAG XA . -37.08 33.94 1.09
O4 NAG XA . -39.38 32.44 1.39
O5 NAG XA . -37.31 30.14 -0.58
O6 NAG XA . -39.37 29.03 -1.25
O7 NAG XA . -34.13 33.38 -1.96
C1 NAG YA . -2.16 41.21 -16.03
C2 NAG YA . -0.90 41.80 -15.40
C3 NAG YA . -0.40 43.00 -16.19
C4 NAG YA . -0.28 42.67 -17.67
C5 NAG YA . -1.62 42.15 -18.16
C6 NAG YA . -1.60 41.74 -19.61
C7 NAG YA . -1.37 41.28 -13.06
C8 NAG YA . -1.61 41.84 -11.69
N2 NAG YA . -1.16 42.18 -14.03
O3 NAG YA . 0.87 43.38 -15.69
O4 NAG YA . 0.10 43.82 -18.42
O5 NAG YA . -1.96 40.98 -17.40
O6 NAG YA . -2.89 41.84 -20.21
O7 NAG YA . -1.36 40.08 -13.28
C1 NAG ZA . -15.56 54.70 -8.96
C2 NAG ZA . -15.57 54.99 -10.46
C3 NAG ZA . -14.51 56.04 -10.82
C4 NAG ZA . -14.61 57.26 -9.93
C5 NAG ZA . -14.51 56.80 -8.49
C6 NAG ZA . -14.71 57.90 -7.48
C7 NAG ZA . -16.17 52.73 -11.23
C8 NAG ZA . -15.75 51.57 -12.08
N2 NAG ZA . -15.33 53.78 -11.21
O3 NAG ZA . -14.70 56.45 -12.18
O4 NAG ZA . -13.57 58.19 -10.21
O5 NAG ZA . -15.59 55.90 -8.25
O6 NAG ZA . -15.59 57.46 -6.45
O7 NAG ZA . -17.23 52.74 -10.60
C1 NAG AB . -10.58 69.00 28.84
C2 NAG AB . -9.78 69.71 29.92
C3 NAG AB . -9.77 71.21 29.70
C4 NAG AB . -9.42 71.56 28.27
C5 NAG AB . -10.33 70.77 27.35
C6 NAG AB . -10.05 71.02 25.89
C7 NAG AB . -10.31 68.17 31.72
C8 NAG AB . -10.91 68.01 33.07
N2 NAG AB . -10.33 69.40 31.22
O3 NAG AB . -8.79 71.76 30.57
O4 NAG AB . -9.62 72.95 28.04
O5 NAG AB . -10.12 69.38 27.58
O6 NAG AB . -10.97 71.95 25.36
O7 NAG AB . -9.83 67.23 31.10
C1 NAG BB . -23.93 64.02 22.73
C2 NAG BB . -25.09 63.61 21.86
C3 NAG BB . -24.55 62.90 20.64
C4 NAG BB . -23.57 63.79 19.90
C5 NAG BB . -22.49 64.32 20.85
C6 NAG BB . -21.67 65.41 20.21
C7 NAG BB . -27.37 63.05 22.48
C8 NAG BB . -28.26 62.13 23.25
N2 NAG BB . -26.07 62.80 22.56
O3 NAG BB . -25.63 62.57 19.77
O4 NAG BB . -22.92 63.06 18.87
O5 NAG BB . -23.10 64.91 22.01
O6 NAG BB . -21.64 65.22 18.80
O7 NAG BB . -27.82 63.98 21.82
#